data_4I3T
#
_entry.id   4I3T
#
_cell.length_a   95.720
_cell.length_b   172.790
_cell.length_c   142.580
_cell.angle_alpha   90.000
_cell.angle_beta   107.570
_cell.angle_gamma   90.000
#
_symmetry.space_group_name_H-M   'P 1 21 1'
#
loop_
_entity.id
_entity.type
_entity.pdbx_description
1 polymer 'Aldehyde dehydrogenase (NAD+)'
2 non-polymer 'PHOSPHATE ION'
3 water water
#
_entity_poly.entity_id   1
_entity_poly.type   'polypeptide(L)'
_entity_poly.pdbx_seq_one_letter_code
;GSHMTNAEVTIAVRHEPMRIAGRLVDTDDRVEVRYPWNDTVVGTVPAGRAEHAREAFAIAAAYQPKLTRYERQKILLATA
EALAARKEEISDVITLELGISKADSLYEVGRAFDVFTLAGQMCIRDDGEIFSCDLTPHGKARKIFTMREPLTAISAITPF
NHPLNMVAHKVAPAIATNNCVVVKPTELTPMTALLLADILYEAGLPPEMLSVVTGWPADIGMEMITNPHVDLVTFTGSVP
VGKLIAANAHYKRQVLELGGNDPLIILNDLSDDDLARAADLAVAGATKNSGQRCTAVKRILCQESVADRFVPLVLERAKR
LRFGDPMDRSTDLGTVIHEKAAALFEERVMRAAEEGADILYHPGRSGALLPPIVVDRVPHQSDLVLEETFGPIIPIVRVP
DDDDATITLSNSTAFGLSSGVCTNDYRRMQKYIAGLKVGTVNIWEVPGYRIEMSPFGGIKDSGNGYKEGVIEAMKSFTNV
KTFSLPWP
;
_entity_poly.pdbx_strand_id   A,B,C,D,E,F,G,H
#
# COMPACT_ATOMS: atom_id res chain seq x y z
N ARG A 14 38.98 17.68 1.33
CA ARG A 14 38.42 16.59 0.51
C ARG A 14 37.16 15.97 1.10
N HIS A 15 36.05 16.14 0.41
CA HIS A 15 34.81 15.49 0.80
C HIS A 15 34.56 14.32 -0.09
N GLU A 16 34.30 13.18 0.52
CA GLU A 16 34.15 11.94 -0.21
C GLU A 16 32.81 11.36 0.13
N PRO A 17 32.05 10.96 -0.89
CA PRO A 17 30.80 10.24 -0.64
C PRO A 17 31.07 8.77 -0.32
N MET A 18 30.06 8.07 0.16
CA MET A 18 30.11 6.62 0.25
C MET A 18 30.17 6.02 -1.15
N ARG A 19 30.65 4.78 -1.24
CA ARG A 19 30.59 4.01 -2.48
C ARG A 19 29.63 2.86 -2.29
N ILE A 20 28.42 2.98 -2.81
CA ILE A 20 27.43 1.91 -2.71
C ILE A 20 27.25 1.26 -4.06
N ALA A 21 27.87 0.09 -4.22
CA ALA A 21 27.86 -0.64 -5.48
C ALA A 21 28.23 0.27 -6.65
N GLY A 22 29.30 1.05 -6.47
CA GLY A 22 29.85 1.88 -7.54
C GLY A 22 29.22 3.27 -7.64
N ARG A 23 28.12 3.45 -6.93
CA ARG A 23 27.43 4.74 -6.92
C ARG A 23 27.97 5.62 -5.81
N LEU A 24 28.27 6.87 -6.13
CA LEU A 24 28.63 7.84 -5.10
C LEU A 24 27.37 8.31 -4.36
N VAL A 25 27.30 8.00 -3.08
CA VAL A 25 26.12 8.31 -2.30
C VAL A 25 26.47 9.23 -1.16
N ASP A 26 25.83 10.39 -1.14
CA ASP A 26 26.15 11.41 -0.19
C ASP A 26 25.09 11.56 0.87
N THR A 27 25.42 12.35 1.89
CA THR A 27 24.54 12.59 3.02
C THR A 27 24.79 14.02 3.53
N ASP A 28 23.75 14.65 4.09
CA ASP A 28 23.84 16.03 4.54
C ASP A 28 24.83 16.16 5.70
N ASP A 29 24.59 15.44 6.77
CA ASP A 29 25.52 15.46 7.90
C ASP A 29 26.84 14.80 7.49
N ARG A 30 27.92 15.28 8.07
CA ARG A 30 29.24 14.81 7.70
C ARG A 30 29.98 14.28 8.91
N VAL A 31 30.91 13.36 8.66
CA VAL A 31 31.88 12.96 9.67
C VAL A 31 33.22 13.61 9.31
N GLU A 32 33.77 14.38 10.24
CA GLU A 32 35.03 15.06 9.96
C GLU A 32 36.19 14.12 10.23
N VAL A 33 37.13 14.04 9.28
CA VAL A 33 38.32 13.24 9.43
C VAL A 33 39.51 14.17 9.73
N ARG A 34 40.16 13.95 10.88
CA ARG A 34 41.27 14.79 11.28
C ARG A 34 42.65 14.14 11.23
N TYR A 35 43.64 14.95 10.86
CA TYR A 35 45.06 14.59 10.84
C TYR A 35 45.61 14.74 12.25
N PRO A 36 45.97 13.62 12.91
CA PRO A 36 46.36 13.68 14.32
C PRO A 36 47.62 14.50 14.58
N TRP A 37 48.41 14.75 13.55
CA TRP A 37 49.62 15.55 13.70
C TRP A 37 49.31 16.98 14.17
N ASN A 38 48.26 17.59 13.63
CA ASN A 38 47.92 18.96 13.98
C ASN A 38 46.43 19.13 14.26
N ASP A 39 45.72 18.02 14.34
CA ASP A 39 44.29 18.01 14.63
C ASP A 39 43.46 18.86 13.65
N THR A 40 43.93 18.99 12.41
CA THR A 40 43.16 19.72 11.40
C THR A 40 42.32 18.76 10.56
N VAL A 41 41.18 19.25 10.10
CA VAL A 41 40.30 18.47 9.23
C VAL A 41 40.96 18.34 7.88
N VAL A 42 41.14 17.11 7.41
CA VAL A 42 41.72 16.89 6.09
C VAL A 42 40.69 16.31 5.14
N GLY A 43 39.57 15.88 5.69
CA GLY A 43 38.57 15.25 4.87
C GLY A 43 37.24 15.12 5.56
N THR A 44 36.23 14.74 4.79
CA THR A 44 34.91 14.52 5.32
C THR A 44 34.28 13.34 4.57
N VAL A 45 33.49 12.54 5.29
CA VAL A 45 32.73 11.45 4.69
C VAL A 45 31.30 11.52 5.24
N PRO A 46 30.35 10.86 4.57
CA PRO A 46 28.96 10.92 5.02
C PRO A 46 28.72 10.30 6.39
N ALA A 47 27.86 10.93 7.17
CA ALA A 47 27.33 10.30 8.36
C ALA A 47 26.21 9.34 7.93
N GLY A 48 26.58 8.20 7.36
CA GLY A 48 25.63 7.25 6.86
C GLY A 48 24.73 6.66 7.92
N ARG A 49 23.56 6.16 7.50
CA ARG A 49 22.61 5.58 8.44
C ARG A 49 22.32 4.11 8.13
N ALA A 50 21.60 3.45 9.04
CA ALA A 50 21.22 2.05 8.86
C ALA A 50 20.70 1.76 7.45
N GLU A 51 19.91 2.68 6.92
CA GLU A 51 19.30 2.51 5.60
C GLU A 51 20.33 2.37 4.47
N HIS A 52 21.45 3.07 4.59
CA HIS A 52 22.52 2.96 3.61
C HIS A 52 23.19 1.59 3.61
N ALA A 53 23.50 1.09 4.80
CA ALA A 53 24.05 -0.24 4.92
C ALA A 53 23.02 -1.24 4.40
N ARG A 54 21.77 -1.03 4.81
CA ARG A 54 20.67 -1.90 4.40
C ARG A 54 20.59 -2.00 2.87
N GLU A 55 20.71 -0.87 2.18
CA GLU A 55 20.67 -0.91 0.73
C GLU A 55 21.87 -1.64 0.15
N ALA A 56 23.04 -1.36 0.70
CA ALA A 56 24.26 -2.03 0.25
C ALA A 56 24.12 -3.54 0.38
N PHE A 57 23.54 -4.00 1.50
CA PHE A 57 23.38 -5.44 1.74
C PHE A 57 22.35 -6.07 0.78
N ALA A 58 21.32 -5.32 0.44
CA ALA A 58 20.29 -5.84 -0.46
C ALA A 58 20.89 -6.03 -1.84
N ILE A 59 21.70 -5.07 -2.27
CA ILE A 59 22.39 -5.19 -3.55
C ILE A 59 23.34 -6.37 -3.53
N ALA A 60 24.06 -6.53 -2.44
CA ALA A 60 25.02 -7.63 -2.30
C ALA A 60 24.30 -8.97 -2.38
N ALA A 61 23.21 -9.09 -1.63
CA ALA A 61 22.43 -10.33 -1.60
C ALA A 61 21.88 -10.69 -2.97
N ALA A 62 21.35 -9.70 -3.67
CA ALA A 62 20.71 -9.97 -4.97
C ALA A 62 21.70 -10.33 -6.07
N TYR A 63 22.93 -9.86 -5.95
CA TYR A 63 23.92 -10.12 -6.99
C TYR A 63 24.66 -11.44 -6.77
N GLN A 64 24.76 -12.25 -7.83
CA GLN A 64 25.50 -13.51 -7.80
C GLN A 64 26.69 -13.46 -8.74
N PRO A 65 27.87 -13.16 -8.19
CA PRO A 65 29.10 -13.11 -9.01
C PRO A 65 29.30 -14.39 -9.81
N LYS A 66 29.72 -14.24 -11.07
CA LYS A 66 29.94 -15.37 -11.97
C LYS A 66 31.31 -15.26 -12.61
N LEU A 67 32.21 -14.53 -11.98
CA LEU A 67 33.54 -14.35 -12.52
C LEU A 67 34.24 -15.69 -12.62
N THR A 68 34.94 -15.94 -13.73
CA THR A 68 35.80 -17.10 -13.79
C THR A 68 37.00 -16.88 -12.89
N ARG A 69 37.69 -17.96 -12.55
CA ARG A 69 38.88 -17.83 -11.73
C ARG A 69 39.88 -16.92 -12.44
N TYR A 70 39.97 -17.02 -13.76
CA TYR A 70 40.88 -16.15 -14.51
C TYR A 70 40.50 -14.67 -14.35
N GLU A 71 39.22 -14.37 -14.50
CA GLU A 71 38.76 -12.99 -14.36
C GLU A 71 39.06 -12.42 -12.98
N ARG A 72 38.84 -13.23 -11.95
CA ARG A 72 39.12 -12.77 -10.60
C ARG A 72 40.61 -12.49 -10.46
N GLN A 73 41.42 -13.38 -11.01
CA GLN A 73 42.87 -13.21 -10.91
C GLN A 73 43.27 -11.90 -11.56
N LYS A 74 42.60 -11.59 -12.66
CA LYS A 74 42.94 -10.41 -13.44
C LYS A 74 42.61 -9.16 -12.63
N ILE A 75 41.41 -9.09 -12.08
CA ILE A 75 41.01 -7.99 -11.25
C ILE A 75 41.96 -7.81 -10.07
N LEU A 76 42.26 -8.91 -9.39
CA LEU A 76 43.11 -8.86 -8.21
C LEU A 76 44.56 -8.42 -8.53
N LEU A 77 45.09 -8.92 -9.64
CA LEU A 77 46.45 -8.56 -10.03
C LEU A 77 46.51 -7.12 -10.56
N ALA A 78 45.45 -6.68 -11.22
CA ALA A 78 45.38 -5.30 -11.69
C ALA A 78 45.31 -4.35 -10.49
N THR A 79 44.59 -4.77 -9.45
CA THR A 79 44.48 -3.97 -8.24
C THR A 79 45.84 -3.81 -7.59
N ALA A 80 46.61 -4.90 -7.54
CA ALA A 80 47.95 -4.87 -6.98
C ALA A 80 48.79 -3.89 -7.77
N GLU A 81 48.68 -3.95 -9.09
CA GLU A 81 49.46 -3.07 -9.95
C GLU A 81 49.09 -1.63 -9.68
N ALA A 82 47.81 -1.36 -9.49
CA ALA A 82 47.37 0.00 -9.24
C ALA A 82 47.86 0.49 -7.87
N LEU A 83 47.89 -0.40 -6.88
CA LEU A 83 48.44 -0.05 -5.57
C LEU A 83 49.91 0.35 -5.69
N ALA A 84 50.68 -0.42 -6.44
CA ALA A 84 52.10 -0.12 -6.66
C ALA A 84 52.26 1.23 -7.37
N ALA A 85 51.51 1.43 -8.45
CA ALA A 85 51.61 2.65 -9.25
C ALA A 85 51.20 3.88 -8.45
N ARG A 86 50.26 3.71 -7.54
CA ARG A 86 49.71 4.85 -6.81
C ARG A 86 50.13 4.90 -5.35
N LYS A 87 51.22 4.21 -5.01
CA LYS A 87 51.60 4.07 -3.61
C LYS A 87 51.80 5.40 -2.89
N GLU A 88 52.41 6.38 -3.56
CA GLU A 88 52.68 7.66 -2.91
C GLU A 88 51.35 8.35 -2.55
N GLU A 89 50.45 8.39 -3.52
CA GLU A 89 49.11 8.93 -3.30
C GLU A 89 48.34 8.19 -2.19
N ILE A 90 48.37 6.87 -2.21
CA ILE A 90 47.62 6.10 -1.22
C ILE A 90 48.21 6.26 0.19
N SER A 91 49.53 6.19 0.28
CA SER A 91 50.17 6.38 1.58
C SER A 91 49.93 7.80 2.12
N ASP A 92 49.86 8.79 1.23
CA ASP A 92 49.50 10.14 1.67
C ASP A 92 48.15 10.14 2.39
N VAL A 93 47.15 9.51 1.76
CA VAL A 93 45.82 9.44 2.35
C VAL A 93 45.87 8.73 3.71
N ILE A 94 46.62 7.64 3.78
CA ILE A 94 46.71 6.90 5.04
C ILE A 94 47.32 7.75 6.14
N THR A 95 48.45 8.38 5.82
CA THR A 95 49.18 9.17 6.81
C THR A 95 48.32 10.34 7.29
N LEU A 96 47.63 10.99 6.35
CA LEU A 96 46.83 12.17 6.70
C LEU A 96 45.66 11.87 7.62
N GLU A 97 45.12 10.64 7.58
CA GLU A 97 44.00 10.34 8.47
C GLU A 97 44.43 9.55 9.72
N LEU A 98 45.53 8.83 9.62
CA LEU A 98 45.99 8.00 10.75
C LEU A 98 47.13 8.66 11.52
N GLY A 99 48.06 9.29 10.81
CA GLY A 99 49.16 9.98 11.47
C GLY A 99 50.42 9.15 11.56
N ILE A 100 50.37 7.89 11.11
CA ILE A 100 51.61 7.11 11.02
C ILE A 100 52.53 7.76 10.00
N SER A 101 53.84 7.54 10.16
CA SER A 101 54.84 8.09 9.25
C SER A 101 54.60 7.55 7.83
N LYS A 102 55.04 8.32 6.84
CA LYS A 102 55.05 7.87 5.46
C LYS A 102 55.83 6.56 5.31
N ALA A 103 56.89 6.40 6.11
CA ALA A 103 57.65 5.16 6.03
C ALA A 103 56.72 3.99 6.37
N ASP A 104 55.94 4.13 7.43
CA ASP A 104 54.99 3.09 7.83
C ASP A 104 53.82 2.96 6.83
N SER A 105 53.33 4.07 6.30
CA SER A 105 52.18 3.98 5.39
C SER A 105 52.57 3.42 4.03
N LEU A 106 53.74 3.75 3.54
CA LEU A 106 54.25 3.14 2.32
C LEU A 106 54.44 1.63 2.53
N TYR A 107 54.97 1.25 3.69
CA TYR A 107 55.10 -0.15 4.02
C TYR A 107 53.72 -0.82 3.96
N GLU A 108 52.69 -0.12 4.47
CA GLU A 108 51.35 -0.68 4.44
C GLU A 108 50.86 -0.93 3.02
N VAL A 109 51.15 0.00 2.12
CA VAL A 109 50.80 -0.22 0.75
C VAL A 109 51.48 -1.49 0.21
N GLY A 110 52.74 -1.69 0.60
CA GLY A 110 53.45 -2.91 0.22
C GLY A 110 52.73 -4.17 0.69
N ARG A 111 52.30 -4.19 1.95
CA ARG A 111 51.52 -5.34 2.44
C ARG A 111 50.27 -5.56 1.61
N ALA A 112 49.52 -4.49 1.37
CA ALA A 112 48.28 -4.63 0.62
C ALA A 112 48.58 -5.15 -0.78
N PHE A 113 49.69 -4.70 -1.36
CA PHE A 113 50.14 -5.21 -2.66
C PHE A 113 50.33 -6.73 -2.59
N ASP A 114 50.99 -7.21 -1.53
CA ASP A 114 51.15 -8.66 -1.32
C ASP A 114 49.79 -9.38 -1.18
N VAL A 115 48.89 -8.82 -0.39
CA VAL A 115 47.58 -9.41 -0.18
C VAL A 115 46.86 -9.64 -1.52
N PHE A 116 46.73 -8.58 -2.31
CA PHE A 116 46.07 -8.72 -3.59
C PHE A 116 46.81 -9.67 -4.54
N THR A 117 48.14 -9.61 -4.53
CA THR A 117 48.91 -10.50 -5.38
C THR A 117 48.68 -11.96 -4.99
N LEU A 118 48.79 -12.24 -3.70
CA LEU A 118 48.69 -13.63 -3.27
C LEU A 118 47.26 -14.14 -3.44
N ALA A 119 46.28 -13.29 -3.19
CA ALA A 119 44.89 -13.66 -3.44
C ALA A 119 44.68 -13.99 -4.92
N GLY A 120 45.29 -13.20 -5.79
CA GLY A 120 45.19 -13.46 -7.21
C GLY A 120 45.76 -14.81 -7.58
N GLN A 121 46.92 -15.13 -7.02
CA GLN A 121 47.57 -16.39 -7.33
C GLN A 121 46.79 -17.57 -6.74
N MET A 122 46.11 -17.36 -5.61
CA MET A 122 45.30 -18.42 -4.98
C MET A 122 44.05 -18.81 -5.75
N CYS A 123 43.62 -17.94 -6.65
CA CYS A 123 42.52 -18.23 -7.58
C CYS A 123 42.69 -19.49 -8.41
N ILE A 124 43.92 -19.88 -8.69
CA ILE A 124 44.14 -21.06 -9.53
C ILE A 124 44.02 -22.36 -8.72
N ARG A 125 43.87 -22.24 -7.40
CA ARG A 125 43.83 -23.43 -6.57
C ARG A 125 42.41 -23.89 -6.29
N ASP A 126 42.18 -25.19 -6.51
CA ASP A 126 40.93 -25.82 -6.15
C ASP A 126 41.30 -26.86 -5.10
N ASP A 127 40.85 -26.65 -3.87
CA ASP A 127 41.19 -27.59 -2.79
C ASP A 127 40.18 -28.74 -2.62
N GLY A 128 39.41 -29.03 -3.66
CA GLY A 128 38.43 -30.10 -3.59
C GLY A 128 39.06 -31.44 -3.25
N GLU A 129 38.31 -32.26 -2.53
CA GLU A 129 38.77 -33.60 -2.14
C GLU A 129 37.92 -34.68 -2.75
N ILE A 130 38.48 -35.89 -2.81
CA ILE A 130 37.72 -37.05 -3.27
C ILE A 130 37.78 -38.13 -2.21
N PHE A 131 36.64 -38.76 -1.92
CA PHE A 131 36.56 -39.88 -1.00
C PHE A 131 36.02 -41.10 -1.73
N SER A 132 36.66 -42.24 -1.52
CA SER A 132 36.12 -43.51 -1.97
C SER A 132 35.23 -44.07 -0.87
N CYS A 133 34.16 -44.77 -1.24
CA CYS A 133 33.09 -45.06 -0.27
C CYS A 133 33.00 -46.51 0.17
N ASP A 134 33.84 -47.35 -0.41
CA ASP A 134 33.80 -48.80 -0.15
C ASP A 134 34.74 -49.13 1.01
N LEU A 135 34.52 -48.46 2.14
CA LEU A 135 35.46 -48.39 3.25
C LEU A 135 35.14 -49.27 4.43
N THR A 136 33.86 -49.62 4.59
CA THR A 136 33.38 -50.36 5.75
C THR A 136 32.54 -51.51 5.21
N PRO A 137 32.04 -52.39 6.10
CA PRO A 137 31.27 -53.56 5.63
C PRO A 137 30.07 -53.11 4.82
N HIS A 138 29.71 -51.85 5.01
CA HIS A 138 28.48 -51.35 4.43
C HIS A 138 28.79 -50.10 3.58
N GLY A 139 29.93 -50.21 2.88
CA GLY A 139 30.33 -49.24 1.89
C GLY A 139 29.72 -49.50 0.53
N LYS A 140 29.80 -48.48 -0.34
CA LYS A 140 29.17 -48.54 -1.64
C LYS A 140 30.25 -48.28 -2.69
N ALA A 141 30.05 -48.80 -3.90
CA ALA A 141 30.91 -48.48 -5.02
C ALA A 141 30.56 -47.07 -5.52
N ARG A 142 31.18 -46.06 -4.91
CA ARG A 142 30.72 -44.69 -5.05
C ARG A 142 31.88 -43.74 -4.70
N LYS A 143 31.86 -42.53 -5.25
CA LYS A 143 32.84 -41.52 -4.86
C LYS A 143 32.12 -40.27 -4.42
N ILE A 144 32.66 -39.63 -3.39
CA ILE A 144 32.18 -38.34 -2.93
C ILE A 144 33.21 -37.30 -3.34
N PHE A 145 32.74 -36.17 -3.84
CA PHE A 145 33.59 -35.08 -4.29
C PHE A 145 33.15 -33.83 -3.52
N THR A 146 34.08 -32.91 -3.43
CA THR A 146 33.95 -31.75 -2.57
C THR A 146 34.21 -30.49 -3.41
N MET A 147 33.50 -29.41 -3.09
CA MET A 147 33.50 -28.23 -3.93
C MET A 147 33.11 -27.02 -3.08
N ARG A 148 33.52 -25.82 -3.46
CA ARG A 148 33.16 -24.64 -2.68
C ARG A 148 32.25 -23.67 -3.41
N GLU A 149 31.34 -23.05 -2.67
CA GLU A 149 30.43 -22.04 -3.21
C GLU A 149 30.43 -20.81 -2.32
N PRO A 150 30.17 -19.63 -2.92
CA PRO A 150 30.21 -18.36 -2.16
C PRO A 150 28.98 -18.19 -1.28
N LEU A 151 29.03 -17.19 -0.40
CA LEU A 151 27.94 -16.89 0.49
C LEU A 151 27.01 -15.87 -0.16
N THR A 152 25.98 -15.46 0.58
CA THR A 152 25.03 -14.48 0.08
C THR A 152 25.58 -13.05 0.18
N ALA A 153 26.09 -12.72 1.36
CA ALA A 153 26.69 -11.41 1.59
C ALA A 153 27.63 -11.45 2.78
N ILE A 154 28.76 -10.74 2.67
CA ILE A 154 29.70 -10.63 3.76
C ILE A 154 29.74 -9.20 4.32
N SER A 155 29.72 -9.09 5.64
CA SER A 155 29.87 -7.81 6.32
C SER A 155 31.28 -7.71 6.89
N ALA A 156 31.99 -6.63 6.54
CA ALA A 156 33.38 -6.45 6.97
C ALA A 156 33.53 -5.17 7.74
N ILE A 157 34.02 -5.26 8.97
CA ILE A 157 34.17 -4.10 9.84
C ILE A 157 35.66 -3.94 10.18
N THR A 158 36.24 -2.83 9.75
CA THR A 158 37.70 -2.70 9.73
C THR A 158 38.22 -1.63 10.70
N PRO A 159 39.42 -1.86 11.24
CA PRO A 159 40.01 -1.04 12.31
C PRO A 159 40.80 0.16 11.79
N PHE A 160 41.13 1.10 12.68
CA PHE A 160 41.85 2.31 12.26
C PHE A 160 43.33 2.08 11.99
N ASN A 161 43.91 1.04 12.57
CA ASN A 161 45.38 0.93 12.55
C ASN A 161 46.01 0.53 11.20
N HIS A 162 45.24 -0.10 10.32
CA HIS A 162 45.71 -0.36 8.95
C HIS A 162 44.60 -0.04 7.98
N PRO A 163 44.40 1.25 7.73
CA PRO A 163 43.24 1.73 6.96
C PRO A 163 43.19 1.12 5.58
N LEU A 164 44.32 0.71 5.02
CA LEU A 164 44.34 0.03 3.74
C LEU A 164 44.39 -1.50 3.87
N ASN A 165 45.43 -2.01 4.54
CA ASN A 165 45.69 -3.44 4.50
C ASN A 165 44.61 -4.30 5.16
N MET A 166 44.00 -3.79 6.21
CA MET A 166 42.97 -4.54 6.89
C MET A 166 41.68 -4.57 6.07
N VAL A 167 41.50 -3.58 5.20
CA VAL A 167 40.41 -3.67 4.23
C VAL A 167 40.76 -4.71 3.17
N ALA A 168 42.00 -4.64 2.64
CA ALA A 168 42.49 -5.63 1.69
C ALA A 168 42.31 -7.09 2.19
N HIS A 169 42.69 -7.36 3.43
CA HIS A 169 42.60 -8.72 3.97
C HIS A 169 41.18 -9.26 3.98
N LYS A 170 40.20 -8.37 4.03
CA LYS A 170 38.82 -8.78 4.03
C LYS A 170 38.20 -8.78 2.62
N VAL A 171 38.65 -7.87 1.78
CA VAL A 171 38.02 -7.72 0.48
C VAL A 171 38.63 -8.63 -0.59
N ALA A 172 39.95 -8.70 -0.65
CA ALA A 172 40.62 -9.54 -1.64
C ALA A 172 40.14 -11.00 -1.60
N PRO A 173 40.06 -11.60 -0.40
CA PRO A 173 39.61 -13.00 -0.35
C PRO A 173 38.16 -13.15 -0.79
N ALA A 174 37.34 -12.14 -0.52
CA ALA A 174 35.94 -12.15 -0.94
C ALA A 174 35.84 -12.13 -2.46
N ILE A 175 36.62 -11.26 -3.10
CA ILE A 175 36.65 -11.21 -4.56
C ILE A 175 37.13 -12.54 -5.13
N ALA A 176 38.22 -13.05 -4.58
CA ALA A 176 38.81 -14.27 -5.07
C ALA A 176 37.82 -15.42 -5.02
N THR A 177 36.76 -15.21 -4.25
CA THR A 177 35.88 -16.32 -3.94
C THR A 177 34.45 -16.04 -4.45
N ASN A 178 34.31 -15.02 -5.28
CA ASN A 178 33.01 -14.65 -5.86
C ASN A 178 31.96 -14.25 -4.84
N ASN A 179 32.39 -13.58 -3.77
CA ASN A 179 31.49 -13.04 -2.78
C ASN A 179 31.28 -11.54 -2.94
N CYS A 180 30.11 -11.05 -2.55
CA CYS A 180 29.88 -9.62 -2.44
C CYS A 180 30.14 -9.21 -1.00
N VAL A 181 30.83 -8.09 -0.80
CA VAL A 181 31.15 -7.64 0.55
C VAL A 181 30.79 -6.18 0.75
N VAL A 182 30.29 -5.86 1.93
CA VAL A 182 30.07 -4.49 2.34
C VAL A 182 31.02 -4.18 3.47
N VAL A 183 31.79 -3.10 3.31
CA VAL A 183 32.79 -2.68 4.29
C VAL A 183 32.37 -1.40 5.00
N LYS A 184 32.45 -1.40 6.33
CA LYS A 184 32.34 -0.17 7.10
C LYS A 184 33.64 0.06 7.86
N PRO A 185 34.45 1.01 7.41
CA PRO A 185 35.68 1.33 8.15
C PRO A 185 35.34 2.16 9.38
N THR A 186 36.32 2.37 10.24
CA THR A 186 36.15 3.26 11.38
C THR A 186 35.95 4.71 10.89
N GLU A 187 35.24 5.50 11.67
CA GLU A 187 35.05 6.90 11.34
C GLU A 187 36.35 7.69 11.50
N LEU A 188 37.33 7.09 12.16
CA LEU A 188 38.62 7.74 12.33
C LEU A 188 39.46 7.71 11.06
N THR A 189 39.38 6.62 10.31
CA THR A 189 40.21 6.47 9.11
C THR A 189 39.44 5.84 7.95
N PRO A 190 38.37 6.52 7.47
CA PRO A 190 37.51 5.90 6.45
C PRO A 190 37.92 6.21 5.02
N MET A 191 38.82 7.17 4.83
CA MET A 191 39.05 7.66 3.45
C MET A 191 39.84 6.67 2.61
N THR A 192 40.75 5.95 3.24
CA THR A 192 41.52 4.96 2.53
C THR A 192 40.63 3.89 1.92
N ALA A 193 39.64 3.43 2.67
CA ALA A 193 38.74 2.39 2.18
C ALA A 193 37.98 2.87 0.93
N LEU A 194 37.55 4.12 0.97
CA LEU A 194 36.84 4.72 -0.16
C LEU A 194 37.71 4.74 -1.39
N LEU A 195 38.98 5.10 -1.21
CA LEU A 195 39.94 5.11 -2.32
C LEU A 195 40.18 3.71 -2.90
N LEU A 196 40.29 2.72 -2.02
CA LEU A 196 40.48 1.34 -2.46
C LEU A 196 39.29 0.89 -3.30
N ALA A 197 38.09 1.26 -2.87
CA ALA A 197 36.89 0.90 -3.64
C ALA A 197 37.01 1.44 -5.07
N ASP A 198 37.38 2.71 -5.19
CA ASP A 198 37.56 3.32 -6.52
C ASP A 198 38.56 2.55 -7.35
N ILE A 199 39.70 2.21 -6.74
CA ILE A 199 40.73 1.45 -7.43
C ILE A 199 40.16 0.10 -7.89
N LEU A 200 39.37 -0.55 -7.04
CA LEU A 200 38.82 -1.86 -7.39
C LEU A 200 37.85 -1.77 -8.58
N TYR A 201 36.93 -0.81 -8.53
CA TYR A 201 36.02 -0.60 -9.67
C TYR A 201 36.81 -0.38 -10.96
N GLU A 202 37.84 0.48 -10.91
CA GLU A 202 38.68 0.72 -12.07
C GLU A 202 39.38 -0.52 -12.57
N ALA A 203 39.72 -1.41 -11.64
CA ALA A 203 40.44 -2.63 -12.00
C ALA A 203 39.52 -3.68 -12.61
N GLY A 204 38.22 -3.38 -12.67
CA GLY A 204 37.27 -4.23 -13.36
C GLY A 204 36.27 -4.95 -12.48
N LEU A 205 36.30 -4.67 -11.18
CA LEU A 205 35.43 -5.38 -10.28
C LEU A 205 33.98 -4.99 -10.57
N PRO A 206 33.11 -5.99 -10.78
CA PRO A 206 31.68 -5.68 -10.87
C PRO A 206 31.28 -4.94 -9.61
N PRO A 207 30.67 -3.77 -9.76
CA PRO A 207 30.46 -2.83 -8.66
C PRO A 207 29.57 -3.40 -7.57
N GLU A 208 28.63 -4.28 -7.93
CA GLU A 208 27.76 -4.89 -6.92
C GLU A 208 28.57 -5.68 -5.87
N MET A 209 29.78 -6.09 -6.20
CA MET A 209 30.54 -6.94 -5.27
C MET A 209 31.21 -6.16 -4.13
N LEU A 210 31.13 -4.83 -4.15
CA LEU A 210 31.76 -4.04 -3.12
C LEU A 210 31.00 -2.75 -2.80
N SER A 211 30.69 -2.57 -1.54
CA SER A 211 30.27 -1.28 -1.07
C SER A 211 31.14 -0.88 0.12
N VAL A 212 31.42 0.41 0.20
CA VAL A 212 32.02 1.00 1.40
C VAL A 212 31.11 2.07 1.99
N VAL A 213 30.58 1.81 3.19
CA VAL A 213 29.70 2.78 3.82
C VAL A 213 30.35 3.34 5.04
N THR A 214 29.98 4.56 5.40
CA THR A 214 30.59 5.25 6.52
C THR A 214 29.51 5.84 7.42
N GLY A 215 29.88 6.12 8.67
CA GLY A 215 28.99 6.80 9.59
C GLY A 215 29.40 6.56 11.02
N TRP A 216 28.63 7.11 11.94
CA TRP A 216 28.88 6.91 13.36
C TRP A 216 28.43 5.52 13.76
N PRO A 217 29.15 4.91 14.70
CA PRO A 217 28.80 3.59 15.21
C PRO A 217 27.33 3.51 15.62
N ALA A 218 26.83 4.59 16.22
CA ALA A 218 25.47 4.63 16.73
C ALA A 218 24.40 4.68 15.64
N ASP A 219 24.78 5.10 14.44
CA ASP A 219 23.84 5.17 13.32
C ASP A 219 23.85 3.92 12.43
N ILE A 220 25.04 3.43 12.10
CA ILE A 220 25.17 2.46 11.03
C ILE A 220 25.91 1.19 11.46
N GLY A 221 26.49 1.24 12.65
CA GLY A 221 27.25 0.10 13.15
C GLY A 221 26.46 -1.18 13.33
N MET A 222 25.28 -1.05 13.94
CA MET A 222 24.50 -2.22 14.29
C MET A 222 23.95 -2.93 13.05
N GLU A 223 23.61 -2.17 12.02
CA GLU A 223 23.13 -2.78 10.77
C GLU A 223 24.17 -3.70 10.14
N MET A 224 25.45 -3.42 10.39
CA MET A 224 26.54 -4.28 9.90
C MET A 224 26.55 -5.64 10.60
N ILE A 225 25.99 -5.69 11.81
CA ILE A 225 26.04 -6.89 12.63
C ILE A 225 24.78 -7.71 12.42
N THR A 226 23.73 -7.03 12.01
CA THR A 226 22.38 -7.47 12.25
C THR A 226 21.58 -7.70 10.96
N ASN A 227 22.03 -7.13 9.85
CA ASN A 227 21.32 -7.28 8.59
C ASN A 227 21.05 -8.73 8.24
N PRO A 228 19.79 -9.03 7.86
CA PRO A 228 19.36 -10.44 7.66
C PRO A 228 20.01 -11.15 6.48
N HIS A 229 20.54 -10.40 5.50
CA HIS A 229 21.22 -11.01 4.36
C HIS A 229 22.64 -11.45 4.66
N VAL A 230 23.20 -10.98 5.77
CA VAL A 230 24.60 -11.24 6.07
C VAL A 230 24.83 -12.67 6.57
N ASP A 231 25.64 -13.43 5.85
CA ASP A 231 25.97 -14.79 6.27
C ASP A 231 27.15 -14.85 7.21
N LEU A 232 28.06 -13.88 7.09
CA LEU A 232 29.29 -13.88 7.85
C LEU A 232 29.73 -12.44 8.15
N VAL A 233 30.10 -12.20 9.41
CA VAL A 233 30.69 -10.93 9.82
C VAL A 233 32.16 -11.16 10.10
N THR A 234 33.02 -10.40 9.41
CA THR A 234 34.44 -10.45 9.69
C THR A 234 34.87 -9.11 10.27
N PHE A 235 35.49 -9.15 11.44
CA PHE A 235 35.79 -7.96 12.22
C PHE A 235 37.21 -8.00 12.77
N THR A 236 37.88 -6.86 12.71
CA THR A 236 39.13 -6.67 13.43
C THR A 236 38.98 -5.37 14.21
N GLY A 237 39.26 -5.42 15.50
CA GLY A 237 39.13 -4.25 16.35
C GLY A 237 39.28 -4.55 17.83
N SER A 238 38.64 -3.74 18.67
CA SER A 238 38.81 -3.82 20.13
C SER A 238 38.04 -4.98 20.77
N VAL A 239 38.51 -5.42 21.93
CA VAL A 239 37.85 -6.50 22.66
C VAL A 239 36.38 -6.17 22.97
N PRO A 240 36.12 -4.96 23.51
CA PRO A 240 34.74 -4.58 23.82
C PRO A 240 33.83 -4.68 22.59
N VAL A 241 34.24 -4.08 21.48
CA VAL A 241 33.39 -4.09 20.28
C VAL A 241 33.20 -5.51 19.73
N GLY A 242 34.27 -6.28 19.74
CA GLY A 242 34.21 -7.68 19.37
C GLY A 242 33.21 -8.47 20.20
N LYS A 243 33.26 -8.31 21.52
CA LYS A 243 32.32 -9.01 22.40
C LYS A 243 30.89 -8.54 22.11
N LEU A 244 30.75 -7.28 21.71
CA LEU A 244 29.44 -6.74 21.36
C LEU A 244 28.89 -7.40 20.10
N ILE A 245 29.75 -7.53 19.09
CA ILE A 245 29.37 -8.21 17.87
C ILE A 245 29.00 -9.67 18.15
N ALA A 246 29.79 -10.33 19.00
CA ALA A 246 29.57 -11.74 19.32
C ALA A 246 28.20 -11.92 19.97
N ALA A 247 27.73 -10.87 20.63
CA ALA A 247 26.49 -10.90 21.39
C ALA A 247 25.26 -10.64 20.51
N ASN A 248 25.48 -10.02 19.35
CA ASN A 248 24.37 -9.58 18.52
C ASN A 248 24.31 -10.18 17.12
N ALA A 249 25.41 -10.77 16.66
CA ALA A 249 25.45 -11.37 15.32
C ALA A 249 24.92 -12.80 15.40
N HIS A 250 23.66 -12.93 15.79
CA HIS A 250 23.14 -14.19 16.31
C HIS A 250 23.42 -15.47 15.50
N TYR A 251 22.69 -15.68 14.41
CA TYR A 251 22.83 -16.93 13.69
C TYR A 251 23.71 -16.67 12.46
N LYS A 252 24.94 -16.22 12.71
CA LYS A 252 25.84 -15.80 11.65
C LYS A 252 27.23 -16.29 11.97
N ARG A 253 28.01 -16.66 10.95
CA ARG A 253 29.40 -16.99 11.19
C ARG A 253 30.10 -15.70 11.59
N GLN A 254 31.04 -15.81 12.51
CA GLN A 254 31.76 -14.66 13.00
C GLN A 254 33.26 -14.95 12.96
N VAL A 255 34.02 -14.05 12.33
CA VAL A 255 35.47 -14.12 12.41
C VAL A 255 35.91 -12.86 13.14
N LEU A 256 36.31 -13.02 14.40
CA LEU A 256 36.61 -11.88 15.25
C LEU A 256 38.07 -11.90 15.62
N GLU A 257 38.79 -10.86 15.19
CA GLU A 257 40.18 -10.70 15.61
C GLU A 257 40.25 -9.47 16.49
N LEU A 258 40.66 -9.68 17.73
CA LEU A 258 40.68 -8.60 18.70
C LEU A 258 42.16 -8.25 19.01
N GLY A 259 42.40 -7.57 20.11
CA GLY A 259 43.76 -7.15 20.39
C GLY A 259 44.74 -8.28 20.71
N GLY A 260 45.99 -7.90 20.81
CA GLY A 260 47.00 -8.80 21.33
C GLY A 260 47.68 -8.07 22.47
N ASN A 261 48.59 -8.76 23.14
CA ASN A 261 49.43 -8.15 24.13
C ASN A 261 50.70 -8.97 24.08
N ASP A 262 51.40 -8.87 22.95
CA ASP A 262 52.34 -9.89 22.56
C ASP A 262 53.72 -9.63 23.12
N PRO A 263 54.36 -10.69 23.62
CA PRO A 263 55.68 -10.63 24.23
C PRO A 263 56.80 -10.87 23.23
N LEU A 264 57.93 -10.22 23.44
CA LEU A 264 59.16 -10.65 22.85
C LEU A 264 59.99 -11.15 24.04
N ILE A 265 60.35 -12.42 24.00
CA ILE A 265 60.98 -13.05 25.15
C ILE A 265 62.48 -13.24 24.93
N ILE A 266 63.30 -12.73 25.85
CA ILE A 266 64.75 -12.80 25.69
C ILE A 266 65.34 -13.79 26.69
N LEU A 267 65.87 -14.90 26.19
CA LEU A 267 66.34 -15.97 27.07
C LEU A 267 67.80 -15.76 27.47
N ASN A 268 68.19 -16.37 28.60
CA ASN A 268 69.50 -16.06 29.17
C ASN A 268 70.66 -16.85 28.59
N ASP A 269 70.44 -17.59 27.50
CA ASP A 269 71.56 -18.26 26.82
C ASP A 269 72.27 -17.35 25.83
N LEU A 270 71.71 -16.17 25.55
CA LEU A 270 72.21 -15.34 24.45
C LEU A 270 73.53 -14.66 24.76
N SER A 271 74.43 -14.63 23.78
CA SER A 271 75.66 -13.85 23.82
C SER A 271 75.33 -12.37 23.73
N ASP A 272 76.32 -11.51 23.97
CA ASP A 272 76.13 -10.08 23.83
C ASP A 272 75.77 -9.65 22.40
N ASP A 273 76.36 -10.31 21.40
CA ASP A 273 76.05 -10.02 19.98
C ASP A 273 74.58 -10.34 19.73
N ASP A 274 74.16 -11.51 20.23
CA ASP A 274 72.76 -11.89 20.09
C ASP A 274 71.83 -10.93 20.84
N LEU A 275 72.27 -10.43 21.99
CA LEU A 275 71.43 -9.43 22.68
C LEU A 275 71.20 -8.19 21.82
N ALA A 276 72.24 -7.78 21.10
CA ALA A 276 72.14 -6.64 20.20
C ALA A 276 71.09 -6.92 19.11
N ARG A 277 71.12 -8.14 18.55
CA ARG A 277 70.15 -8.50 17.51
C ARG A 277 68.75 -8.55 18.13
N ALA A 278 68.66 -9.10 19.33
CA ALA A 278 67.37 -9.12 20.02
C ALA A 278 66.84 -7.70 20.33
N ALA A 279 67.76 -6.79 20.65
CA ALA A 279 67.39 -5.42 20.92
C ALA A 279 66.82 -4.79 19.65
N ASP A 280 67.40 -5.11 18.50
CA ASP A 280 66.92 -4.56 17.24
C ASP A 280 65.46 -4.98 17.02
N LEU A 281 65.18 -6.25 17.28
CA LEU A 281 63.82 -6.79 17.18
C LEU A 281 62.89 -6.09 18.15
N ALA A 282 63.36 -5.92 19.38
CA ALA A 282 62.51 -5.33 20.42
C ALA A 282 62.08 -3.92 20.03
N VAL A 283 63.03 -3.11 19.56
CA VAL A 283 62.73 -1.72 19.26
C VAL A 283 61.83 -1.62 18.03
N ALA A 284 62.14 -2.38 16.99
CA ALA A 284 61.31 -2.39 15.78
C ALA A 284 59.90 -2.90 16.10
N GLY A 285 59.83 -3.99 16.85
CA GLY A 285 58.55 -4.59 17.15
C GLY A 285 57.64 -3.72 18.01
N ALA A 286 58.24 -2.97 18.93
CA ALA A 286 57.44 -2.18 19.88
C ALA A 286 56.95 -0.90 19.22
N THR A 287 57.52 -0.61 18.07
CA THR A 287 57.52 0.74 17.58
C THR A 287 56.94 0.90 16.15
N LYS A 288 57.02 -0.14 15.34
CA LYS A 288 56.44 -0.07 14.00
C LYS A 288 54.96 0.28 13.99
N ASN A 289 54.55 1.05 12.98
CA ASN A 289 53.17 1.55 12.89
C ASN A 289 52.78 2.31 14.15
N SER A 290 53.75 2.99 14.76
CA SER A 290 53.54 3.68 16.03
C SER A 290 53.09 2.72 17.13
N GLY A 291 53.54 1.48 17.04
CA GLY A 291 53.13 0.49 18.04
C GLY A 291 51.68 0.03 17.87
N GLN A 292 51.02 0.46 16.79
CA GLN A 292 49.60 0.19 16.61
C GLN A 292 49.39 -1.06 15.75
N ARG A 293 49.82 -2.20 16.27
CA ARG A 293 49.54 -3.48 15.65
C ARG A 293 48.98 -4.41 16.71
N CYS A 294 48.02 -5.25 16.33
CA CYS A 294 47.54 -6.29 17.22
C CYS A 294 48.71 -7.15 17.69
N THR A 295 49.68 -7.37 16.80
CA THR A 295 50.85 -8.19 17.10
C THR A 295 52.12 -7.37 17.40
N ALA A 296 51.94 -6.11 17.78
CA ALA A 296 53.07 -5.30 18.21
C ALA A 296 53.73 -5.89 19.46
N VAL A 297 55.03 -5.72 19.59
CA VAL A 297 55.67 -6.05 20.87
C VAL A 297 55.16 -5.08 21.94
N LYS A 298 54.49 -5.62 22.95
CA LYS A 298 53.93 -4.79 24.01
C LYS A 298 54.52 -5.14 25.37
N ARG A 299 55.29 -6.24 25.41
CA ARG A 299 55.92 -6.68 26.65
C ARG A 299 57.24 -7.29 26.26
N ILE A 300 58.34 -6.71 26.71
CA ILE A 300 59.62 -7.35 26.46
C ILE A 300 60.01 -8.11 27.72
N LEU A 301 59.91 -9.43 27.66
CA LEU A 301 60.21 -10.25 28.84
C LEU A 301 61.68 -10.68 28.80
N CYS A 302 62.50 -10.03 29.62
CA CYS A 302 63.92 -10.29 29.58
C CYS A 302 64.33 -11.04 30.84
N GLN A 303 64.91 -12.22 30.67
CA GLN A 303 65.38 -12.97 31.83
C GLN A 303 66.45 -12.17 32.60
N GLU A 304 66.30 -12.15 33.93
CA GLU A 304 67.07 -11.26 34.80
C GLU A 304 68.57 -11.24 34.53
N SER A 305 69.18 -12.42 34.41
CA SER A 305 70.63 -12.49 34.30
C SER A 305 71.22 -11.82 33.05
N VAL A 306 70.40 -11.49 32.05
CA VAL A 306 70.93 -10.80 30.88
C VAL A 306 70.37 -9.39 30.72
N ALA A 307 69.47 -9.02 31.62
CA ALA A 307 68.81 -7.72 31.53
C ALA A 307 69.75 -6.53 31.57
N ASP A 308 70.76 -6.58 32.44
CA ASP A 308 71.70 -5.46 32.56
C ASP A 308 72.52 -5.23 31.29
N ARG A 309 72.77 -6.29 30.53
CA ARG A 309 73.43 -6.17 29.24
C ARG A 309 72.44 -5.82 28.11
N PHE A 310 71.21 -6.33 28.22
CA PHE A 310 70.19 -6.14 27.17
C PHE A 310 69.66 -4.73 27.13
N VAL A 311 69.31 -4.19 28.30
CA VAL A 311 68.62 -2.90 28.38
C VAL A 311 69.38 -1.73 27.71
N PRO A 312 70.70 -1.59 27.97
CA PRO A 312 71.45 -0.50 27.34
C PRO A 312 71.43 -0.61 25.81
N LEU A 313 71.40 -1.83 25.30
CA LEU A 313 71.37 -2.03 23.86
C LEU A 313 70.04 -1.53 23.29
N VAL A 314 68.94 -1.83 23.99
CA VAL A 314 67.62 -1.32 23.63
C VAL A 314 67.58 0.20 23.65
N LEU A 315 68.09 0.79 24.75
CA LEU A 315 68.08 2.25 24.94
C LEU A 315 68.78 2.92 23.78
N GLU A 316 69.96 2.41 23.45
CA GLU A 316 70.75 3.00 22.39
C GLU A 316 70.00 3.02 21.04
N ARG A 317 69.33 1.92 20.73
CA ARG A 317 68.57 1.84 19.49
C ARG A 317 67.33 2.70 19.50
N ALA A 318 66.63 2.75 20.62
CA ALA A 318 65.46 3.61 20.74
C ALA A 318 65.82 5.07 20.47
N LYS A 319 66.97 5.51 20.96
CA LYS A 319 67.37 6.92 20.84
C LYS A 319 67.67 7.30 19.38
N ARG A 320 67.95 6.31 18.55
CA ARG A 320 68.20 6.59 17.14
C ARG A 320 66.94 6.85 16.33
N LEU A 321 65.77 6.49 16.86
CA LEU A 321 64.52 6.71 16.14
C LEU A 321 64.18 8.20 15.95
N ARG A 322 63.87 8.56 14.72
CA ARG A 322 63.38 9.91 14.45
C ARG A 322 61.87 9.92 14.52
N PHE A 323 61.35 10.69 15.46
CA PHE A 323 59.91 10.80 15.64
C PHE A 323 59.50 12.24 15.39
N GLY A 324 58.40 12.44 14.67
CA GLY A 324 57.93 13.77 14.37
C GLY A 324 56.99 13.80 13.18
N ASP A 325 57.10 14.83 12.37
CA ASP A 325 56.20 15.09 11.25
C ASP A 325 56.03 13.84 10.36
N PRO A 326 54.85 13.22 10.39
CA PRO A 326 54.59 11.99 9.63
C PRO A 326 54.83 12.13 8.13
N MET A 327 54.59 13.30 7.56
CA MET A 327 54.83 13.51 6.12
C MET A 327 56.30 13.74 5.74
N ASP A 328 57.16 13.97 6.72
CA ASP A 328 58.59 14.04 6.45
C ASP A 328 59.09 12.62 6.20
N ARG A 329 59.69 12.39 5.03
CA ARG A 329 60.24 11.09 4.67
C ARG A 329 61.37 10.60 5.56
N SER A 330 61.94 11.47 6.38
CA SER A 330 63.02 11.01 7.24
C SER A 330 62.50 10.64 8.61
N THR A 331 61.19 10.82 8.83
CA THR A 331 60.56 10.39 10.07
C THR A 331 60.43 8.86 10.10
N ASP A 332 60.83 8.25 11.20
CA ASP A 332 60.58 6.83 11.43
C ASP A 332 59.22 6.66 12.08
N LEU A 333 59.01 7.39 13.16
CA LEU A 333 57.85 7.22 14.00
C LEU A 333 56.96 8.45 13.92
N GLY A 334 55.75 8.27 13.37
CA GLY A 334 54.73 9.31 13.38
C GLY A 334 53.94 9.32 14.67
N THR A 335 52.72 9.87 14.63
CA THR A 335 51.89 9.97 15.83
C THR A 335 51.14 8.66 16.06
N VAL A 336 50.46 8.56 17.20
CA VAL A 336 49.38 7.58 17.36
C VAL A 336 48.05 8.17 16.89
N ILE A 337 46.97 7.40 17.02
CA ILE A 337 45.69 7.74 16.37
C ILE A 337 45.09 9.10 16.79
N HIS A 338 45.25 9.46 18.05
CA HIS A 338 44.83 10.77 18.53
C HIS A 338 45.46 11.12 19.88
N GLU A 339 45.30 12.38 20.28
CA GLU A 339 45.96 12.87 21.48
C GLU A 339 45.47 12.17 22.73
N LYS A 340 44.18 11.85 22.79
CA LYS A 340 43.63 11.13 23.93
C LYS A 340 44.36 9.82 24.13
N ALA A 341 44.59 9.08 23.04
CA ALA A 341 45.29 7.81 23.11
C ALA A 341 46.71 8.03 23.60
N ALA A 342 47.39 9.02 23.01
CA ALA A 342 48.76 9.33 23.38
C ALA A 342 48.88 9.68 24.87
N ALA A 343 47.95 10.49 25.37
CA ALA A 343 47.96 10.90 26.77
C ALA A 343 47.73 9.70 27.69
N LEU A 344 46.78 8.84 27.35
CA LEU A 344 46.54 7.63 28.11
C LEU A 344 47.81 6.78 28.23
N PHE A 345 48.52 6.58 27.12
CA PHE A 345 49.68 5.71 27.12
C PHE A 345 50.79 6.30 28.01
N GLU A 346 50.97 7.62 27.91
CA GLU A 346 51.95 8.32 28.74
C GLU A 346 51.62 8.19 30.23
N GLU A 347 50.35 8.35 30.55
CA GLU A 347 49.83 8.10 31.88
C GLU A 347 50.22 6.72 32.41
N ARG A 348 50.07 5.68 31.58
CA ARG A 348 50.37 4.33 32.04
C ARG A 348 51.86 4.19 32.34
N VAL A 349 52.67 4.87 31.54
CA VAL A 349 54.10 4.92 31.77
C VAL A 349 54.41 5.60 33.12
N MET A 350 53.84 6.78 33.32
CA MET A 350 53.96 7.47 34.61
C MET A 350 53.56 6.59 35.79
N ARG A 351 52.43 5.92 35.71
CA ARG A 351 51.96 5.08 36.82
C ARG A 351 52.90 3.91 37.05
N ALA A 352 53.36 3.29 35.96
CA ALA A 352 54.30 2.18 36.09
C ALA A 352 55.56 2.63 36.84
N ALA A 353 56.01 3.85 36.55
CA ALA A 353 57.17 4.40 37.22
C ALA A 353 56.94 4.61 38.72
N GLU A 354 55.76 5.10 39.07
CA GLU A 354 55.37 5.19 40.49
C GLU A 354 55.31 3.83 41.17
N GLU A 355 55.10 2.79 40.39
CA GLU A 355 54.94 1.45 40.95
C GLU A 355 56.26 0.69 40.93
N GLY A 356 57.33 1.39 40.56
CA GLY A 356 58.66 0.81 40.62
C GLY A 356 59.41 0.76 39.30
N ALA A 357 58.75 1.12 38.20
CA ALA A 357 59.43 1.11 36.92
C ALA A 357 60.44 2.23 36.77
N ASP A 358 61.30 2.10 35.78
CA ASP A 358 62.41 3.01 35.59
C ASP A 358 62.38 3.61 34.18
N ILE A 359 61.94 4.85 34.06
CA ILE A 359 61.90 5.50 32.76
C ILE A 359 63.30 5.88 32.34
N LEU A 360 63.75 5.34 31.23
CA LEU A 360 65.13 5.51 30.79
C LEU A 360 65.26 6.51 29.65
N TYR A 361 64.19 6.69 28.88
CA TYR A 361 64.19 7.62 27.76
C TYR A 361 62.77 8.10 27.51
N HIS A 362 62.56 9.40 27.67
CA HIS A 362 61.26 10.03 27.47
C HIS A 362 61.47 11.50 27.16
N PRO A 363 61.76 11.82 25.91
CA PRO A 363 61.97 13.22 25.51
C PRO A 363 60.71 14.08 25.49
N GLY A 364 59.57 13.52 25.88
CA GLY A 364 58.37 14.32 26.07
C GLY A 364 57.36 14.14 24.95
N ARG A 365 56.09 14.04 25.35
CA ARG A 365 54.98 13.93 24.44
C ARG A 365 54.57 15.31 23.90
N SER A 366 54.15 15.34 22.64
CA SER A 366 53.53 16.54 22.12
C SER A 366 52.26 16.21 21.32
N GLY A 367 51.11 16.40 21.95
CA GLY A 367 49.84 16.07 21.32
C GLY A 367 49.75 14.58 21.09
N ALA A 368 49.47 14.17 19.85
CA ALA A 368 49.33 12.76 19.54
C ALA A 368 50.71 12.13 19.27
N LEU A 369 51.75 12.94 19.33
CA LEU A 369 53.10 12.45 19.06
C LEU A 369 53.80 11.92 20.30
N LEU A 370 53.92 10.60 20.36
CA LEU A 370 54.59 9.94 21.47
C LEU A 370 55.95 9.49 20.99
N PRO A 371 57.01 9.82 21.75
CA PRO A 371 58.33 9.29 21.41
C PRO A 371 58.40 7.81 21.75
N PRO A 372 59.44 7.08 21.29
CA PRO A 372 59.58 5.67 21.65
C PRO A 372 60.11 5.51 23.08
N ILE A 373 59.23 5.74 24.05
CA ILE A 373 59.60 5.75 25.45
C ILE A 373 60.18 4.39 25.89
N VAL A 374 61.38 4.40 26.46
CA VAL A 374 61.95 3.18 27.03
C VAL A 374 61.78 3.13 28.56
N VAL A 375 61.19 2.04 29.05
CA VAL A 375 60.94 1.86 30.48
C VAL A 375 61.45 0.49 30.88
N ASP A 376 62.22 0.44 31.96
CA ASP A 376 62.82 -0.82 32.43
C ASP A 376 62.17 -1.18 33.77
N ARG A 377 62.37 -2.40 34.24
CA ARG A 377 61.79 -2.88 35.49
C ARG A 377 60.28 -2.64 35.58
N VAL A 378 59.59 -2.82 34.48
CA VAL A 378 58.15 -2.67 34.51
C VAL A 378 57.50 -3.81 35.28
N PRO A 379 56.65 -3.49 36.27
CA PRO A 379 55.93 -4.55 37.01
C PRO A 379 54.92 -5.20 36.07
N HIS A 380 54.88 -6.53 36.03
CA HIS A 380 54.05 -7.20 35.04
C HIS A 380 52.57 -6.97 35.27
N GLN A 381 52.20 -6.54 36.47
CA GLN A 381 50.80 -6.29 36.78
C GLN A 381 50.37 -4.85 36.53
N SER A 382 51.32 -3.99 36.14
CA SER A 382 50.98 -2.59 35.88
C SER A 382 50.09 -2.49 34.64
N ASP A 383 49.25 -1.46 34.58
CA ASP A 383 48.36 -1.29 33.43
C ASP A 383 49.11 -1.24 32.11
N LEU A 384 50.30 -0.66 32.14
CA LEU A 384 51.13 -0.51 30.96
C LEU A 384 51.29 -1.80 30.17
N VAL A 385 51.54 -2.91 30.86
CA VAL A 385 51.79 -4.19 30.21
C VAL A 385 50.75 -5.25 30.45
N LEU A 386 49.79 -4.99 31.34
CA LEU A 386 48.75 -5.97 31.64
C LEU A 386 47.57 -5.74 30.69
N GLU A 387 47.23 -4.47 30.51
CA GLU A 387 46.33 -4.05 29.46
C GLU A 387 47.11 -3.97 28.15
N GLU A 388 46.40 -3.97 27.03
CA GLU A 388 47.00 -3.69 25.73
C GLU A 388 47.28 -2.19 25.59
N THR A 389 48.55 -1.83 25.40
CA THR A 389 48.93 -0.42 25.24
C THR A 389 49.37 -0.14 23.80
N PHE A 390 48.47 0.47 23.04
CA PHE A 390 48.53 0.48 21.59
C PHE A 390 49.36 1.66 21.08
N GLY A 391 50.59 1.80 21.61
CA GLY A 391 51.47 2.91 21.27
C GLY A 391 52.95 2.48 21.29
N PRO A 392 53.86 3.37 20.87
CA PRO A 392 55.26 2.98 20.66
C PRO A 392 56.07 2.94 21.96
N ILE A 393 55.49 2.40 23.03
CA ILE A 393 56.22 2.26 24.29
C ILE A 393 57.11 1.03 24.17
N ILE A 394 58.30 1.10 24.77
CA ILE A 394 59.23 -0.01 24.74
C ILE A 394 59.43 -0.47 26.20
N PRO A 395 58.61 -1.41 26.67
CA PRO A 395 58.61 -1.71 28.10
C PRO A 395 59.30 -3.04 28.40
N ILE A 396 60.39 -2.99 29.15
CA ILE A 396 61.08 -4.22 29.57
C ILE A 396 60.60 -4.71 30.93
N VAL A 397 60.06 -5.93 30.93
CA VAL A 397 59.69 -6.60 32.16
C VAL A 397 60.79 -7.62 32.49
N ARG A 398 61.42 -7.48 33.64
CA ARG A 398 62.44 -8.43 34.04
C ARG A 398 61.78 -9.68 34.59
N VAL A 399 62.16 -10.83 34.07
CA VAL A 399 61.53 -12.06 34.50
C VAL A 399 62.59 -13.01 35.01
N PRO A 400 62.17 -14.01 35.80
CA PRO A 400 63.11 -14.95 36.43
C PRO A 400 63.89 -15.75 35.41
N ASP A 401 65.11 -16.14 35.78
CA ASP A 401 65.91 -17.07 35.00
C ASP A 401 65.35 -18.48 35.17
N ASP A 402 64.11 -18.65 34.73
CA ASP A 402 63.40 -19.93 34.83
C ASP A 402 62.28 -19.94 33.81
N ASP A 403 62.34 -20.91 32.90
CA ASP A 403 61.44 -20.93 31.75
C ASP A 403 59.98 -21.15 32.15
N ASP A 404 59.76 -22.05 33.11
CA ASP A 404 58.40 -22.32 33.57
C ASP A 404 57.76 -21.04 34.10
N ALA A 405 58.50 -20.29 34.92
CA ALA A 405 57.99 -19.06 35.47
C ALA A 405 57.78 -18.00 34.38
N THR A 406 58.65 -18.00 33.38
CA THR A 406 58.58 -17.02 32.29
C THR A 406 57.34 -17.32 31.44
N ILE A 407 57.16 -18.58 31.11
CA ILE A 407 56.00 -19.02 30.34
C ILE A 407 54.69 -18.70 31.07
N THR A 408 54.67 -18.95 32.37
CA THR A 408 53.48 -18.65 33.18
C THR A 408 53.18 -17.16 33.16
N LEU A 409 54.20 -16.35 33.34
CA LEU A 409 54.06 -14.90 33.28
C LEU A 409 53.58 -14.47 31.89
N SER A 410 54.18 -15.04 30.85
CA SER A 410 53.80 -14.70 29.49
C SER A 410 52.31 -15.00 29.23
N ASN A 411 51.85 -16.13 29.77
CA ASN A 411 50.46 -16.56 29.57
C ASN A 411 49.47 -15.93 30.54
N SER A 412 49.92 -15.00 31.37
CA SER A 412 49.09 -14.52 32.48
C SER A 412 48.09 -13.41 32.11
N THR A 413 48.14 -12.91 30.88
CA THR A 413 47.18 -11.86 30.51
C THR A 413 45.94 -12.46 29.86
N ALA A 414 45.00 -11.60 29.49
CA ALA A 414 43.76 -12.07 28.88
C ALA A 414 43.95 -12.40 27.40
N PHE A 415 45.11 -12.05 26.86
CA PHE A 415 45.36 -12.16 25.43
C PHE A 415 46.17 -13.39 25.03
N GLY A 416 46.10 -13.74 23.75
CA GLY A 416 46.88 -14.85 23.23
C GLY A 416 46.89 -14.79 21.72
N LEU A 417 47.73 -13.93 21.15
CA LEU A 417 47.75 -13.74 19.71
C LEU A 417 49.08 -14.27 19.13
N SER A 418 50.13 -13.46 19.22
CA SER A 418 51.41 -13.93 18.72
C SER A 418 52.47 -13.78 19.80
N SER A 419 53.74 -14.03 19.43
CA SER A 419 54.85 -13.97 20.37
C SER A 419 56.15 -14.15 19.59
N GLY A 420 57.24 -13.66 20.18
CA GLY A 420 58.57 -13.93 19.66
C GLY A 420 59.47 -14.41 20.80
N VAL A 421 60.39 -15.33 20.51
CA VAL A 421 61.33 -15.84 21.50
C VAL A 421 62.73 -15.86 20.92
N CYS A 422 63.67 -15.21 21.60
CA CYS A 422 65.05 -15.19 21.15
C CYS A 422 65.90 -16.11 22.01
N THR A 423 66.48 -17.14 21.39
CA THR A 423 67.29 -18.14 22.09
C THR A 423 67.92 -19.01 21.04
N ASN A 424 69.00 -19.69 21.39
CA ASN A 424 69.71 -20.58 20.46
C ASN A 424 69.62 -22.02 20.91
N ASP A 425 68.96 -22.21 22.04
CA ASP A 425 68.88 -23.52 22.67
C ASP A 425 67.60 -24.22 22.20
N TYR A 426 67.75 -25.30 21.43
CA TYR A 426 66.60 -25.91 20.75
C TYR A 426 65.59 -26.42 21.75
N ARG A 427 66.08 -27.03 22.81
CA ARG A 427 65.21 -27.61 23.81
C ARG A 427 64.29 -26.54 24.41
N ARG A 428 64.84 -25.36 24.63
CA ARG A 428 64.08 -24.27 25.19
C ARG A 428 63.11 -23.69 24.14
N MET A 429 63.59 -23.53 22.91
CA MET A 429 62.75 -23.16 21.79
C MET A 429 61.46 -23.98 21.80
N GLN A 430 61.61 -25.31 21.77
CA GLN A 430 60.49 -26.22 21.60
C GLN A 430 59.55 -26.12 22.81
N LYS A 431 60.15 -25.95 23.98
CA LYS A 431 59.38 -25.74 25.20
C LYS A 431 58.49 -24.50 25.13
N TYR A 432 59.04 -23.41 24.64
CA TYR A 432 58.21 -22.21 24.48
C TYR A 432 57.17 -22.36 23.38
N ILE A 433 57.54 -23.00 22.27
CA ILE A 433 56.59 -23.20 21.18
C ILE A 433 55.38 -23.99 21.68
N ALA A 434 55.66 -25.02 22.47
CA ALA A 434 54.58 -25.85 23.02
C ALA A 434 53.83 -25.16 24.13
N GLY A 435 54.53 -24.36 24.93
CA GLY A 435 53.97 -23.86 26.17
C GLY A 435 53.27 -22.51 26.12
N LEU A 436 53.59 -21.67 25.14
CA LEU A 436 52.97 -20.35 25.06
C LEU A 436 51.55 -20.50 24.55
N LYS A 437 50.60 -19.87 25.23
CA LYS A 437 49.19 -20.01 24.85
C LYS A 437 48.79 -18.90 23.90
N VAL A 438 49.11 -19.10 22.61
CA VAL A 438 49.04 -18.06 21.60
C VAL A 438 48.79 -18.75 20.26
N GLY A 439 48.43 -17.98 19.25
CA GLY A 439 48.22 -18.50 17.92
C GLY A 439 49.51 -18.70 17.14
N THR A 440 50.56 -17.98 17.53
CA THR A 440 51.81 -18.01 16.77
C THR A 440 53.02 -17.81 17.69
N VAL A 441 54.08 -18.57 17.44
CA VAL A 441 55.34 -18.40 18.15
C VAL A 441 56.46 -18.27 17.15
N ASN A 442 57.03 -17.07 17.06
CA ASN A 442 58.15 -16.81 16.14
C ASN A 442 59.49 -16.89 16.86
N ILE A 443 60.38 -17.75 16.39
CA ILE A 443 61.69 -17.87 17.01
C ILE A 443 62.62 -16.90 16.31
N TRP A 444 63.20 -15.99 17.09
CA TRP A 444 64.09 -14.98 16.51
C TRP A 444 63.42 -14.04 15.49
N GLU A 445 62.17 -13.69 15.75
CA GLU A 445 61.49 -12.64 14.99
C GLU A 445 60.47 -12.01 15.89
N VAL A 446 59.93 -10.86 15.49
CA VAL A 446 58.96 -10.19 16.33
C VAL A 446 57.64 -10.94 16.23
N PRO A 447 56.77 -10.76 17.23
CA PRO A 447 55.48 -11.44 17.18
C PRO A 447 54.70 -11.07 15.92
N GLY A 448 54.97 -9.88 15.37
CA GLY A 448 54.27 -9.41 14.18
C GLY A 448 54.62 -10.11 12.90
N TYR A 449 55.68 -10.92 12.91
CA TYR A 449 56.15 -11.50 11.67
C TYR A 449 55.23 -12.60 11.17
N ARG A 450 54.88 -12.54 9.89
CA ARG A 450 54.10 -13.59 9.22
C ARG A 450 54.15 -13.30 7.71
N ILE A 451 53.72 -14.24 6.88
CA ILE A 451 53.49 -13.94 5.45
C ILE A 451 51.97 -13.82 5.24
N GLU A 452 51.54 -13.21 4.13
CA GLU A 452 50.12 -12.84 4.02
C GLU A 452 49.20 -14.05 3.88
N MET A 453 49.77 -15.19 3.53
CA MET A 453 49.02 -16.41 3.38
C MET A 453 49.25 -17.51 4.45
N SER A 454 49.97 -17.21 5.53
CA SER A 454 50.05 -18.16 6.64
C SER A 454 48.83 -17.95 7.55
N PRO A 455 48.39 -19.01 8.25
CA PRO A 455 47.20 -18.85 9.11
C PRO A 455 47.45 -17.86 10.24
N PHE A 456 46.52 -16.91 10.39
CA PHE A 456 46.67 -15.85 11.39
C PHE A 456 45.44 -15.73 12.25
N GLY A 457 45.63 -15.77 13.56
CA GLY A 457 44.52 -15.59 14.48
C GLY A 457 44.90 -16.02 15.89
N GLY A 458 44.20 -15.50 16.89
CA GLY A 458 44.57 -15.78 18.26
C GLY A 458 43.52 -16.54 19.03
N ILE A 459 43.77 -16.68 20.31
CA ILE A 459 42.83 -17.36 21.20
C ILE A 459 42.56 -16.46 22.39
N LYS A 460 41.86 -16.99 23.39
CA LYS A 460 41.51 -16.20 24.56
C LYS A 460 40.77 -14.93 24.12
N ASP A 461 41.13 -13.78 24.67
CA ASP A 461 40.49 -12.53 24.27
C ASP A 461 41.02 -11.96 22.96
N SER A 462 41.97 -12.64 22.33
CA SER A 462 42.55 -12.14 21.08
C SER A 462 41.73 -12.53 19.84
N GLY A 463 40.86 -13.50 19.99
CA GLY A 463 40.05 -13.92 18.87
C GLY A 463 39.17 -15.10 19.19
N ASN A 464 38.07 -15.26 18.43
CA ASN A 464 37.13 -16.34 18.70
C ASN A 464 37.56 -17.68 18.14
N GLY A 465 38.79 -17.77 17.65
CA GLY A 465 39.38 -19.05 17.33
C GLY A 465 39.37 -19.44 15.86
N TYR A 466 38.99 -18.52 14.99
CA TYR A 466 39.09 -18.80 13.56
C TYR A 466 40.34 -18.16 12.99
N LYS A 467 40.92 -18.78 11.97
CA LYS A 467 42.12 -18.23 11.36
C LYS A 467 41.80 -17.32 10.18
N GLU A 468 42.67 -16.34 9.98
CA GLU A 468 42.55 -15.37 8.91
C GLU A 468 43.81 -15.52 8.06
N GLY A 469 44.09 -14.54 7.23
CA GLY A 469 45.12 -14.67 6.21
C GLY A 469 44.37 -15.05 4.96
N VAL A 470 44.96 -14.77 3.81
CA VAL A 470 44.26 -14.94 2.54
C VAL A 470 43.67 -16.36 2.34
N ILE A 471 44.49 -17.38 2.53
CA ILE A 471 44.05 -18.77 2.32
C ILE A 471 42.90 -19.17 3.25
N GLU A 472 43.07 -18.94 4.54
CA GLU A 472 42.02 -19.31 5.50
C GLU A 472 40.78 -18.46 5.33
N ALA A 473 40.96 -17.21 4.95
CA ALA A 473 39.82 -16.32 4.73
C ALA A 473 39.01 -16.81 3.52
N MET A 474 39.69 -17.24 2.48
CA MET A 474 38.98 -17.80 1.32
C MET A 474 38.12 -19.01 1.70
N LYS A 475 38.64 -19.84 2.60
CA LYS A 475 37.87 -20.99 3.07
C LYS A 475 36.70 -20.51 3.91
N SER A 476 36.95 -19.57 4.81
CA SER A 476 35.89 -19.02 5.67
C SER A 476 34.76 -18.44 4.85
N PHE A 477 35.10 -17.86 3.70
CA PHE A 477 34.12 -17.12 2.92
C PHE A 477 33.31 -18.03 1.97
N THR A 478 33.40 -19.35 2.17
CA THR A 478 32.67 -20.26 1.30
C THR A 478 31.94 -21.33 2.08
N ASN A 479 31.00 -21.97 1.41
CA ASN A 479 30.36 -23.17 1.92
C ASN A 479 30.90 -24.34 1.11
N VAL A 480 31.17 -25.44 1.79
CA VAL A 480 31.58 -26.65 1.12
C VAL A 480 30.34 -27.43 0.74
N LYS A 481 30.24 -27.80 -0.52
CA LYS A 481 29.18 -28.70 -0.97
C LYS A 481 29.83 -30.02 -1.37
N THR A 482 29.25 -31.14 -0.93
CA THR A 482 29.71 -32.43 -1.43
C THR A 482 28.69 -32.99 -2.42
N PHE A 483 29.18 -33.83 -3.34
CA PHE A 483 28.29 -34.61 -4.20
C PHE A 483 28.88 -35.98 -4.42
N SER A 484 28.01 -36.96 -4.62
CA SER A 484 28.48 -38.33 -4.79
C SER A 484 27.93 -38.95 -6.06
N LEU A 485 28.76 -39.75 -6.71
CA LEU A 485 28.41 -40.37 -7.98
C LEU A 485 28.59 -41.87 -7.90
N PRO A 486 27.67 -42.63 -8.52
CA PRO A 486 27.88 -44.07 -8.59
C PRO A 486 29.25 -44.33 -9.24
N TRP A 487 30.01 -45.24 -8.68
CA TRP A 487 31.30 -45.54 -9.27
C TRP A 487 31.55 -47.06 -9.39
N ARG B 14 46.12 30.17 -1.60
CA ARG B 14 45.56 29.95 -2.94
C ARG B 14 45.57 31.21 -3.79
N HIS B 15 46.31 31.18 -4.89
CA HIS B 15 46.30 32.31 -5.81
C HIS B 15 45.48 31.89 -7.01
N GLU B 16 44.51 32.71 -7.38
CA GLU B 16 43.63 32.41 -8.49
C GLU B 16 43.69 33.51 -9.54
N PRO B 17 43.94 33.13 -10.79
CA PRO B 17 43.90 34.12 -11.88
C PRO B 17 42.46 34.46 -12.26
N MET B 18 42.30 35.54 -13.01
CA MET B 18 41.02 35.84 -13.62
C MET B 18 40.69 34.75 -14.64
N ARG B 19 39.39 34.62 -14.93
CA ARG B 19 38.94 33.76 -16.01
C ARG B 19 38.37 34.62 -17.12
N ILE B 20 39.16 34.81 -18.18
CA ILE B 20 38.71 35.60 -19.31
C ILE B 20 38.42 34.68 -20.48
N ALA B 21 37.14 34.40 -20.70
CA ALA B 21 36.71 33.48 -21.74
C ALA B 21 37.43 32.15 -21.66
N GLY B 22 37.57 31.60 -20.45
CA GLY B 22 38.18 30.30 -20.27
C GLY B 22 39.68 30.33 -20.07
N ARG B 23 40.31 31.45 -20.39
CA ARG B 23 41.76 31.61 -20.22
C ARG B 23 42.08 32.11 -18.81
N LEU B 24 43.07 31.48 -18.18
CA LEU B 24 43.57 31.97 -16.91
C LEU B 24 44.46 33.18 -17.17
N VAL B 25 44.03 34.35 -16.69
CA VAL B 25 44.78 35.57 -16.92
C VAL B 25 45.25 36.17 -15.61
N ASP B 26 46.56 36.36 -15.51
CA ASP B 26 47.17 36.82 -14.27
C ASP B 26 47.69 38.24 -14.36
N THR B 27 48.09 38.77 -13.21
CA THR B 27 48.53 40.13 -13.12
C THR B 27 49.59 40.19 -12.02
N ASP B 28 50.52 41.14 -12.10
CA ASP B 28 51.60 41.23 -11.12
C ASP B 28 51.08 41.59 -9.73
N ASP B 29 50.42 42.74 -9.63
CA ASP B 29 49.84 43.16 -8.36
C ASP B 29 48.71 42.21 -8.01
N ARG B 30 48.48 42.03 -6.72
CA ARG B 30 47.46 41.09 -6.26
C ARG B 30 46.49 41.77 -5.33
N VAL B 31 45.27 41.24 -5.27
CA VAL B 31 44.33 41.62 -4.24
C VAL B 31 44.32 40.48 -3.23
N GLU B 32 44.54 40.79 -1.96
CA GLU B 32 44.51 39.81 -0.91
C GLU B 32 43.09 39.56 -0.45
N VAL B 33 42.73 38.30 -0.30
CA VAL B 33 41.42 37.94 0.23
C VAL B 33 41.55 37.38 1.64
N ARG B 34 40.87 38.01 2.59
CA ARG B 34 41.01 37.64 3.99
C ARG B 34 39.77 36.98 4.59
N TYR B 35 40.04 36.04 5.49
CA TYR B 35 39.04 35.32 6.26
C TYR B 35 38.71 36.17 7.48
N PRO B 36 37.48 36.70 7.54
CA PRO B 36 37.14 37.67 8.59
C PRO B 36 37.21 37.10 10.01
N TRP B 37 37.21 35.78 10.12
CA TRP B 37 37.28 35.13 11.42
C TRP B 37 38.59 35.46 12.16
N ASN B 38 39.70 35.43 11.43
CA ASN B 38 41.00 35.70 12.06
C ASN B 38 41.84 36.66 11.24
N ASP B 39 41.22 37.29 10.26
CA ASP B 39 41.85 38.30 9.43
C ASP B 39 43.12 37.82 8.74
N THR B 40 43.17 36.52 8.44
CA THR B 40 44.32 35.97 7.73
C THR B 40 44.05 35.83 6.24
N VAL B 41 45.09 35.99 5.44
CA VAL B 41 44.97 35.89 4.00
C VAL B 41 44.71 34.44 3.64
N VAL B 42 43.62 34.17 2.92
CA VAL B 42 43.32 32.81 2.51
C VAL B 42 43.47 32.64 1.02
N GLY B 43 43.60 33.75 0.32
CA GLY B 43 43.72 33.68 -1.12
C GLY B 43 44.12 35.00 -1.74
N THR B 44 44.41 34.93 -3.02
CA THR B 44 44.78 36.13 -3.75
C THR B 44 44.20 36.04 -5.16
N VAL B 45 43.80 37.18 -5.72
CA VAL B 45 43.35 37.27 -7.10
C VAL B 45 44.02 38.48 -7.74
N PRO B 46 44.02 38.55 -9.08
CA PRO B 46 44.68 39.67 -9.77
C PRO B 46 44.06 41.02 -9.49
N ALA B 47 44.92 42.03 -9.37
CA ALA B 47 44.45 43.41 -9.40
C ALA B 47 44.25 43.78 -10.87
N GLY B 48 43.16 43.28 -11.46
CA GLY B 48 42.83 43.56 -12.84
C GLY B 48 42.58 45.03 -13.16
N ARG B 49 42.77 45.38 -14.44
CA ARG B 49 42.63 46.77 -14.87
C ARG B 49 41.61 46.91 -15.99
N ALA B 50 41.24 48.15 -16.29
CA ALA B 50 40.23 48.45 -17.30
C ALA B 50 40.43 47.60 -18.55
N GLU B 51 41.69 47.43 -18.94
CA GLU B 51 42.02 46.71 -20.15
C GLU B 51 41.56 45.24 -20.11
N HIS B 52 41.52 44.65 -18.91
CA HIS B 52 41.12 43.26 -18.79
C HIS B 52 39.62 43.12 -19.02
N ALA B 53 38.85 43.98 -18.38
CA ALA B 53 37.40 44.05 -18.60
C ALA B 53 37.13 44.34 -20.07
N ARG B 54 37.91 45.27 -20.62
CA ARG B 54 37.72 45.71 -22.00
C ARG B 54 37.87 44.53 -22.97
N GLU B 55 38.88 43.71 -22.73
CA GLU B 55 39.08 42.54 -23.55
C GLU B 55 37.93 41.53 -23.37
N ALA B 56 37.53 41.29 -22.13
CA ALA B 56 36.43 40.39 -21.84
C ALA B 56 35.18 40.84 -22.62
N PHE B 57 34.92 42.16 -22.60
CA PHE B 57 33.71 42.66 -23.25
C PHE B 57 33.79 42.51 -24.77
N ALA B 58 34.99 42.69 -25.33
CA ALA B 58 35.19 42.53 -26.78
C ALA B 58 34.91 41.09 -27.19
N ILE B 59 35.44 40.15 -26.42
CA ILE B 59 35.20 38.74 -26.69
C ILE B 59 33.69 38.43 -26.59
N ALA B 60 33.04 38.96 -25.55
CA ALA B 60 31.60 38.77 -25.34
C ALA B 60 30.80 39.33 -26.52
N ALA B 61 31.17 40.54 -26.95
CA ALA B 61 30.46 41.20 -28.04
C ALA B 61 30.61 40.44 -29.34
N ALA B 62 31.84 39.98 -29.63
CA ALA B 62 32.10 39.28 -30.89
C ALA B 62 31.43 37.91 -31.00
N TYR B 63 31.21 37.26 -29.86
CA TYR B 63 30.68 35.90 -29.87
C TYR B 63 29.15 35.88 -29.89
N GLN B 64 28.58 35.11 -30.81
CA GLN B 64 27.13 34.94 -30.86
C GLN B 64 26.71 33.53 -30.50
N PRO B 65 26.32 33.31 -29.23
CA PRO B 65 25.90 31.96 -28.81
C PRO B 65 24.84 31.39 -29.75
N LYS B 66 24.97 30.11 -30.08
CA LYS B 66 24.01 29.41 -30.91
C LYS B 66 23.50 28.12 -30.25
N LEU B 67 23.64 28.05 -28.92
CA LEU B 67 23.20 26.86 -28.21
C LEU B 67 21.71 26.65 -28.45
N THR B 68 21.31 25.41 -28.69
CA THR B 68 19.90 25.10 -28.70
C THR B 68 19.37 25.22 -27.28
N ARG B 69 18.05 25.29 -27.15
CA ARG B 69 17.46 25.29 -25.83
C ARG B 69 17.88 24.04 -25.05
N TYR B 70 17.91 22.89 -25.73
CA TYR B 70 18.31 21.64 -25.08
C TYR B 70 19.75 21.73 -24.55
N GLU B 71 20.65 22.22 -25.39
CA GLU B 71 22.04 22.36 -24.97
C GLU B 71 22.18 23.25 -23.75
N ARG B 72 21.41 24.35 -23.71
CA ARG B 72 21.46 25.24 -22.57
C ARG B 72 20.97 24.54 -21.32
N GLN B 73 19.87 23.82 -21.43
CA GLN B 73 19.32 23.11 -20.30
C GLN B 73 20.36 22.12 -19.78
N LYS B 74 21.07 21.48 -20.70
CA LYS B 74 22.06 20.48 -20.32
C LYS B 74 23.18 21.11 -19.50
N ILE B 75 23.74 22.20 -20.01
CA ILE B 75 24.79 22.92 -19.29
C ILE B 75 24.30 23.36 -17.91
N LEU B 76 23.13 23.98 -17.86
CA LEU B 76 22.59 24.48 -16.60
C LEU B 76 22.28 23.38 -15.57
N LEU B 77 21.73 22.26 -16.04
CA LEU B 77 21.44 21.14 -15.14
C LEU B 77 22.73 20.44 -14.67
N ALA B 78 23.72 20.35 -15.56
CA ALA B 78 25.00 19.76 -15.20
C ALA B 78 25.70 20.63 -14.14
N THR B 79 25.54 21.95 -14.27
CA THR B 79 26.10 22.89 -13.30
C THR B 79 25.43 22.70 -11.93
N ALA B 80 24.11 22.55 -11.93
CA ALA B 80 23.41 22.26 -10.69
C ALA B 80 23.96 20.98 -10.06
N GLU B 81 24.13 19.94 -10.87
CA GLU B 81 24.66 18.68 -10.39
C GLU B 81 26.05 18.85 -9.79
N ALA B 82 26.88 19.68 -10.43
CA ALA B 82 28.25 19.85 -9.95
C ALA B 82 28.20 20.63 -8.63
N LEU B 83 27.26 21.57 -8.52
CA LEU B 83 27.13 22.33 -7.27
C LEU B 83 26.75 21.41 -6.12
N ALA B 84 25.82 20.49 -6.38
CA ALA B 84 25.42 19.52 -5.36
C ALA B 84 26.56 18.60 -4.97
N ALA B 85 27.26 18.07 -5.98
CA ALA B 85 28.38 17.17 -5.76
C ALA B 85 29.54 17.85 -5.01
N ARG B 86 29.76 19.13 -5.26
CA ARG B 86 30.91 19.82 -4.68
C ARG B 86 30.51 20.80 -3.59
N LYS B 87 29.33 20.61 -3.00
CA LYS B 87 28.83 21.61 -2.07
C LYS B 87 29.73 21.89 -0.87
N GLU B 88 30.38 20.85 -0.34
CA GLU B 88 31.24 21.05 0.83
C GLU B 88 32.44 21.91 0.44
N GLU B 89 33.07 21.57 -0.68
CA GLU B 89 34.20 22.32 -1.22
C GLU B 89 33.82 23.78 -1.51
N ILE B 90 32.67 23.99 -2.13
CA ILE B 90 32.24 25.35 -2.50
C ILE B 90 31.90 26.16 -1.28
N SER B 91 31.19 25.55 -0.33
CA SER B 91 30.83 26.27 0.88
C SER B 91 32.07 26.59 1.73
N ASP B 92 33.09 25.73 1.69
CA ASP B 92 34.35 26.07 2.32
C ASP B 92 34.92 27.38 1.77
N VAL B 93 34.95 27.50 0.43
CA VAL B 93 35.45 28.71 -0.21
C VAL B 93 34.63 29.93 0.22
N ILE B 94 33.31 29.77 0.25
CA ILE B 94 32.44 30.88 0.62
C ILE B 94 32.74 31.33 2.06
N THR B 95 32.73 30.38 2.98
CA THR B 95 32.98 30.68 4.38
C THR B 95 34.35 31.31 4.63
N LEU B 96 35.37 30.81 3.95
CA LEU B 96 36.72 31.33 4.10
C LEU B 96 36.90 32.78 3.62
N GLU B 97 36.09 33.23 2.66
CA GLU B 97 36.25 34.62 2.21
C GLU B 97 35.22 35.58 2.83
N LEU B 98 34.08 35.04 3.24
CA LEU B 98 32.97 35.87 3.74
C LEU B 98 32.86 35.79 5.26
N GLY B 99 33.08 34.60 5.81
CA GLY B 99 33.00 34.45 7.25
C GLY B 99 31.66 33.99 7.78
N ILE B 100 30.66 33.82 6.91
CA ILE B 100 29.41 33.22 7.37
C ILE B 100 29.64 31.76 7.77
N SER B 101 28.80 31.26 8.66
CA SER B 101 28.90 29.88 9.09
C SER B 101 28.74 28.90 7.94
N LYS B 102 29.31 27.71 8.10
CA LYS B 102 29.14 26.63 7.13
C LYS B 102 27.66 26.32 6.94
N ALA B 103 26.88 26.40 8.02
CA ALA B 103 25.45 26.16 7.89
C ALA B 103 24.87 27.15 6.86
N ASP B 104 25.20 28.43 7.00
CA ASP B 104 24.76 29.44 6.04
C ASP B 104 25.34 29.24 4.63
N SER B 105 26.63 28.89 4.53
CA SER B 105 27.23 28.77 3.20
C SER B 105 26.74 27.51 2.47
N LEU B 106 26.50 26.43 3.22
CA LEU B 106 25.90 25.25 2.60
C LEU B 106 24.49 25.58 2.09
N TYR B 107 23.74 26.31 2.91
CA TYR B 107 22.43 26.79 2.48
C TYR B 107 22.54 27.60 1.18
N GLU B 108 23.56 28.45 1.08
CA GLU B 108 23.76 29.24 -0.13
C GLU B 108 23.96 28.36 -1.37
N VAL B 109 24.74 27.30 -1.23
CA VAL B 109 24.94 26.38 -2.34
C VAL B 109 23.60 25.76 -2.76
N GLY B 110 22.75 25.48 -1.78
CA GLY B 110 21.43 24.93 -2.05
C GLY B 110 20.60 25.89 -2.89
N ARG B 111 20.64 27.17 -2.53
CA ARG B 111 19.93 28.16 -3.31
CA ARG B 111 19.98 28.23 -3.29
C ARG B 111 20.49 28.28 -4.74
N ALA B 112 21.81 28.26 -4.88
CA ALA B 112 22.41 28.32 -6.22
C ALA B 112 21.99 27.10 -7.04
N PHE B 113 21.88 25.95 -6.37
CA PHE B 113 21.46 24.72 -7.02
C PHE B 113 20.04 24.92 -7.61
N ASP B 114 19.16 25.55 -6.83
CA ASP B 114 17.82 25.86 -7.28
C ASP B 114 17.83 26.83 -8.48
N VAL B 115 18.62 27.91 -8.36
CA VAL B 115 18.76 28.85 -9.47
C VAL B 115 19.12 28.18 -10.78
N PHE B 116 20.17 27.36 -10.76
CA PHE B 116 20.57 26.67 -11.98
C PHE B 116 19.53 25.67 -12.48
N THR B 117 18.91 24.97 -11.55
CA THR B 117 17.91 23.98 -11.91
C THR B 117 16.71 24.66 -12.56
N LEU B 118 16.21 25.71 -11.93
CA LEU B 118 15.01 26.36 -12.44
C LEU B 118 15.31 27.10 -13.75
N ALA B 119 16.52 27.66 -13.86
CA ALA B 119 16.92 28.26 -15.14
C ALA B 119 16.95 27.23 -16.24
N GLY B 120 17.46 26.05 -15.92
CA GLY B 120 17.50 24.97 -16.88
C GLY B 120 16.11 24.56 -17.30
N GLN B 121 15.18 24.47 -16.37
CA GLN B 121 13.82 24.06 -16.71
C GLN B 121 13.10 25.15 -17.50
N MET B 122 13.43 26.43 -17.24
CA MET B 122 12.83 27.54 -17.97
C MET B 122 13.20 27.62 -19.45
N CYS B 123 14.30 26.97 -19.82
CA CYS B 123 14.71 26.83 -21.21
C CYS B 123 13.67 26.27 -22.17
N ILE B 124 12.77 25.46 -21.68
CA ILE B 124 11.78 24.84 -22.55
C ILE B 124 10.62 25.79 -22.82
N ARG B 125 10.62 26.95 -22.16
CA ARG B 125 9.50 27.86 -22.29
C ARG B 125 9.73 28.94 -23.35
N ASP B 126 8.77 29.07 -24.25
CA ASP B 126 8.75 30.16 -25.23
C ASP B 126 7.50 30.98 -24.89
N ASP B 127 7.71 32.22 -24.45
CA ASP B 127 6.59 33.08 -24.08
C ASP B 127 6.10 33.94 -25.26
N GLY B 128 6.36 33.50 -26.49
CA GLY B 128 5.95 34.29 -27.63
C GLY B 128 4.44 34.44 -27.68
N GLU B 129 3.99 35.57 -28.22
CA GLU B 129 2.56 35.87 -28.31
C GLU B 129 2.13 36.01 -29.75
N ILE B 130 0.83 35.91 -29.98
CA ILE B 130 0.27 36.07 -31.31
C ILE B 130 -0.86 37.10 -31.27
N PHE B 131 -0.81 38.07 -32.17
CA PHE B 131 -1.89 39.05 -32.27
C PHE B 131 -2.59 38.91 -33.61
N SER B 132 -3.92 38.93 -33.62
CA SER B 132 -4.68 39.07 -34.87
C SER B 132 -4.86 40.57 -35.19
N CYS B 133 -4.85 40.92 -36.46
CA CYS B 133 -4.77 42.34 -36.82
C CYS B 133 -6.05 42.98 -37.37
N ASP B 134 -7.09 42.16 -37.54
CA ASP B 134 -8.35 42.69 -38.08
C ASP B 134 -9.28 43.23 -36.97
N LEU B 135 -8.76 44.16 -36.17
CA LEU B 135 -9.31 44.54 -34.86
C LEU B 135 -10.10 45.86 -34.88
N THR B 136 -9.78 46.72 -35.83
CA THR B 136 -10.34 48.06 -35.86
C THR B 136 -10.82 48.27 -37.29
N PRO B 137 -11.48 49.43 -37.56
CA PRO B 137 -12.06 49.63 -38.90
C PRO B 137 -10.99 49.55 -39.95
N HIS B 138 -9.75 49.69 -39.50
CA HIS B 138 -8.64 49.76 -40.41
C HIS B 138 -7.58 48.68 -40.07
N GLY B 139 -8.11 47.51 -39.74
CA GLY B 139 -7.29 46.33 -39.52
C GLY B 139 -7.02 45.58 -40.81
N LYS B 140 -6.08 44.65 -40.73
CA LYS B 140 -5.63 43.90 -41.90
C LYS B 140 -5.79 42.40 -41.62
N ALA B 141 -5.94 41.60 -42.68
CA ALA B 141 -5.93 40.15 -42.49
C ALA B 141 -4.47 39.69 -42.33
N ARG B 142 -4.01 39.67 -41.09
CA ARG B 142 -2.59 39.60 -40.80
C ARG B 142 -2.39 39.15 -39.35
N LYS B 143 -1.27 38.50 -39.08
CA LYS B 143 -0.95 38.10 -37.72
C LYS B 143 0.41 38.67 -37.35
N ILE B 144 0.52 39.16 -36.12
CA ILE B 144 1.80 39.55 -35.55
C ILE B 144 2.28 38.49 -34.54
N PHE B 145 3.56 38.14 -34.62
CA PHE B 145 4.16 37.13 -33.77
C PHE B 145 5.30 37.77 -33.05
N THR B 146 5.65 37.19 -31.91
CA THR B 146 6.56 37.79 -30.98
C THR B 146 7.66 36.76 -30.64
N MET B 147 8.88 37.23 -30.45
CA MET B 147 10.01 36.33 -30.29
C MET B 147 11.13 37.07 -29.54
N ARG B 148 12.04 36.35 -28.90
CA ARG B 148 13.09 37.00 -28.11
C ARG B 148 14.48 36.69 -28.62
N GLU B 149 15.35 37.70 -28.60
CA GLU B 149 16.73 37.56 -29.02
C GLU B 149 17.67 38.06 -27.93
N PRO B 150 18.88 37.51 -27.86
CA PRO B 150 19.82 37.91 -26.81
C PRO B 150 20.45 39.29 -27.11
N LEU B 151 21.14 39.84 -26.11
CA LEU B 151 21.82 41.12 -26.27
C LEU B 151 23.25 40.89 -26.75
N THR B 152 24.02 41.98 -26.84
CA THR B 152 25.39 41.91 -27.33
C THR B 152 26.31 41.46 -26.22
N ALA B 153 26.19 42.07 -25.06
CA ALA B 153 27.02 41.73 -23.90
C ALA B 153 26.35 42.25 -22.65
N ILE B 154 26.45 41.47 -21.59
CA ILE B 154 25.89 41.84 -20.29
C ILE B 154 27.01 42.01 -19.27
N SER B 155 26.92 43.08 -18.48
CA SER B 155 27.85 43.36 -17.40
C SER B 155 27.17 43.07 -16.07
N ALA B 156 27.78 42.20 -15.26
CA ALA B 156 27.23 41.80 -13.97
C ALA B 156 28.18 42.16 -12.84
N ILE B 157 27.68 42.93 -11.88
CA ILE B 157 28.48 43.38 -10.75
C ILE B 157 27.85 42.84 -9.47
N THR B 158 28.58 42.01 -8.75
CA THR B 158 27.99 41.19 -7.68
C THR B 158 28.50 41.52 -6.29
N PRO B 159 27.64 41.40 -5.29
CA PRO B 159 27.91 41.84 -3.91
C PRO B 159 28.62 40.76 -3.08
N PHE B 160 29.14 41.14 -1.92
CA PHE B 160 29.88 40.21 -1.06
C PHE B 160 28.98 39.25 -0.29
N ASN B 161 27.72 39.61 -0.08
CA ASN B 161 26.90 38.83 0.86
C ASN B 161 26.44 37.44 0.38
N HIS B 162 26.39 37.22 -0.93
CA HIS B 162 26.16 35.88 -1.49
C HIS B 162 27.14 35.62 -2.61
N PRO B 163 28.38 35.26 -2.24
CA PRO B 163 29.47 35.21 -3.22
C PRO B 163 29.18 34.18 -4.31
N LEU B 164 28.27 33.24 -4.04
CA LEU B 164 27.89 32.24 -5.04
C LEU B 164 26.53 32.55 -5.68
N ASN B 165 25.49 32.66 -4.84
CA ASN B 165 24.15 32.74 -5.36
C ASN B 165 23.86 33.98 -6.18
N MET B 166 24.46 35.10 -5.79
CA MET B 166 24.24 36.34 -6.50
C MET B 166 24.94 36.33 -7.86
N VAL B 167 26.00 35.56 -7.96
CA VAL B 167 26.58 35.33 -9.28
C VAL B 167 25.66 34.43 -10.11
N ALA B 168 25.16 33.35 -9.48
CA ALA B 168 24.22 32.45 -10.13
C ALA B 168 23.00 33.18 -10.72
N HIS B 169 22.42 34.07 -9.93
CA HIS B 169 21.22 34.81 -10.34
C HIS B 169 21.43 35.67 -11.56
N LYS B 170 22.67 36.06 -11.82
CA LYS B 170 22.98 36.89 -12.96
C LYS B 170 23.48 36.07 -14.14
N VAL B 171 24.16 34.97 -13.85
CA VAL B 171 24.79 34.19 -14.90
C VAL B 171 23.87 33.11 -15.49
N ALA B 172 23.13 32.41 -14.62
CA ALA B 172 22.23 31.37 -15.11
C ALA B 172 21.21 31.90 -16.13
N PRO B 173 20.54 33.02 -15.83
CA PRO B 173 19.58 33.55 -16.80
C PRO B 173 20.25 34.00 -18.10
N ALA B 174 21.47 34.49 -18.00
CA ALA B 174 22.24 34.84 -19.20
C ALA B 174 22.49 33.64 -20.09
N ILE B 175 22.94 32.55 -19.48
CA ILE B 175 23.19 31.32 -20.22
C ILE B 175 21.88 30.84 -20.85
N ALA B 176 20.81 30.82 -20.06
CA ALA B 176 19.54 30.25 -20.51
C ALA B 176 19.02 31.01 -21.71
N THR B 177 19.63 32.16 -21.96
CA THR B 177 19.09 33.09 -22.92
C THR B 177 20.09 33.39 -24.04
N ASN B 178 21.18 32.62 -24.08
CA ASN B 178 22.20 32.75 -25.11
C ASN B 178 22.90 34.11 -25.09
N ASN B 179 23.10 34.65 -23.89
CA ASN B 179 23.87 35.86 -23.72
C ASN B 179 25.29 35.57 -23.28
N CYS B 180 26.22 36.48 -23.59
CA CYS B 180 27.55 36.44 -23.04
C CYS B 180 27.58 37.41 -21.86
N VAL B 181 28.18 37.01 -20.76
CA VAL B 181 28.21 37.88 -19.59
C VAL B 181 29.63 38.01 -19.04
N VAL B 182 29.94 39.19 -18.51
CA VAL B 182 31.21 39.41 -17.83
C VAL B 182 30.89 39.80 -16.41
N VAL B 183 31.46 39.07 -15.45
CA VAL B 183 31.18 39.26 -14.04
C VAL B 183 32.37 39.91 -13.33
N LYS B 184 32.11 40.96 -12.56
CA LYS B 184 33.11 41.46 -11.60
C LYS B 184 32.57 41.36 -10.18
N PRO B 185 33.08 40.41 -9.41
CA PRO B 185 32.65 40.27 -8.01
C PRO B 185 33.39 41.29 -7.17
N THR B 186 32.93 41.50 -5.95
CA THR B 186 33.61 42.39 -5.02
C THR B 186 34.99 41.82 -4.73
N GLU B 187 35.93 42.71 -4.44
CA GLU B 187 37.30 42.31 -4.08
C GLU B 187 37.33 41.58 -2.73
N LEU B 188 36.25 41.71 -1.97
CA LEU B 188 36.15 41.08 -0.66
C LEU B 188 35.88 39.58 -0.78
N THR B 189 35.17 39.16 -1.83
CA THR B 189 34.77 37.75 -1.91
C THR B 189 34.76 37.26 -3.36
N PRO B 190 35.92 37.33 -4.02
CA PRO B 190 35.94 37.07 -5.46
C PRO B 190 36.17 35.62 -5.82
N MET B 191 36.62 34.82 -4.87
CA MET B 191 37.11 33.50 -5.23
C MET B 191 35.99 32.53 -5.60
N THR B 192 34.86 32.66 -4.93
CA THR B 192 33.71 31.84 -5.25
C THR B 192 33.27 32.01 -6.71
N ALA B 193 33.29 33.24 -7.21
CA ALA B 193 32.91 33.49 -8.61
C ALA B 193 33.84 32.78 -9.57
N LEU B 194 35.13 32.80 -9.27
CA LEU B 194 36.13 32.20 -10.14
C LEU B 194 35.90 30.69 -10.16
N LEU B 195 35.59 30.13 -9.01
CA LEU B 195 35.29 28.70 -8.93
C LEU B 195 34.05 28.35 -9.76
N LEU B 196 33.01 29.17 -9.66
CA LEU B 196 31.80 28.90 -10.42
C LEU B 196 32.09 28.94 -11.92
N ALA B 197 32.96 29.85 -12.34
CA ALA B 197 33.32 29.91 -13.75
C ALA B 197 33.93 28.59 -14.19
N ASP B 198 34.85 28.05 -13.40
CA ASP B 198 35.49 26.78 -13.71
C ASP B 198 34.44 25.67 -13.82
N ILE B 199 33.52 25.64 -12.87
CA ILE B 199 32.45 24.67 -12.88
C ILE B 199 31.64 24.78 -14.16
N LEU B 200 31.35 26.02 -14.57
CA LEU B 200 30.57 26.24 -15.79
C LEU B 200 31.27 25.76 -17.05
N TYR B 201 32.55 26.12 -17.20
CA TYR B 201 33.32 25.67 -18.34
C TYR B 201 33.31 24.13 -18.38
N GLU B 202 33.49 23.50 -17.23
CA GLU B 202 33.51 22.03 -17.17
C GLU B 202 32.16 21.46 -17.57
N ALA B 203 31.09 22.20 -17.30
CA ALA B 203 29.75 21.69 -17.56
C ALA B 203 29.42 21.88 -19.03
N GLY B 204 30.36 22.44 -19.77
CA GLY B 204 30.18 22.52 -21.21
C GLY B 204 29.86 23.91 -21.77
N LEU B 205 29.84 24.92 -20.92
CA LEU B 205 29.58 26.28 -21.40
C LEU B 205 30.69 26.73 -22.37
N PRO B 206 30.31 27.20 -23.55
CA PRO B 206 31.29 27.82 -24.45
C PRO B 206 31.93 28.98 -23.70
N PRO B 207 33.27 28.98 -23.64
CA PRO B 207 34.02 29.84 -22.73
C PRO B 207 33.79 31.31 -23.02
N GLU B 208 33.54 31.65 -24.27
CA GLU B 208 33.30 33.04 -24.65
C GLU B 208 32.10 33.63 -23.93
N MET B 209 31.20 32.77 -23.46
CA MET B 209 29.96 33.25 -22.83
C MET B 209 30.13 33.73 -21.39
N LEU B 210 31.30 33.52 -20.81
CA LEU B 210 31.52 33.93 -19.42
C LEU B 210 32.96 34.37 -19.18
N SER B 211 33.11 35.55 -18.60
CA SER B 211 34.38 35.97 -18.03
C SER B 211 34.13 36.43 -16.60
N VAL B 212 35.10 36.17 -15.73
CA VAL B 212 35.07 36.72 -14.39
C VAL B 212 36.37 37.47 -14.18
N VAL B 213 36.28 38.78 -14.02
CA VAL B 213 37.46 39.61 -13.83
C VAL B 213 37.45 40.15 -12.42
N THR B 214 38.61 40.50 -11.91
CA THR B 214 38.73 40.97 -10.53
C THR B 214 39.66 42.17 -10.47
N GLY B 215 39.55 42.97 -9.41
CA GLY B 215 40.42 44.12 -9.24
C GLY B 215 39.84 45.13 -8.28
N TRP B 216 40.56 46.22 -8.06
CA TRP B 216 40.05 47.29 -7.23
C TRP B 216 39.01 48.07 -8.02
N PRO B 217 37.95 48.56 -7.32
CA PRO B 217 36.93 49.41 -7.91
C PRO B 217 37.56 50.53 -8.74
N ALA B 218 38.65 51.10 -8.23
CA ALA B 218 39.28 52.27 -8.86
C ALA B 218 39.99 51.95 -10.17
N ASP B 219 40.32 50.68 -10.36
CA ASP B 219 41.01 50.24 -11.57
C ASP B 219 40.08 49.71 -12.65
N ILE B 220 39.11 48.89 -12.25
CA ILE B 220 38.37 48.11 -13.22
C ILE B 220 36.84 48.29 -13.12
N GLY B 221 36.39 48.95 -12.06
CA GLY B 221 34.97 49.11 -11.81
C GLY B 221 34.28 49.91 -12.90
N MET B 222 34.89 51.01 -13.33
CA MET B 222 34.21 51.94 -14.21
C MET B 222 34.03 51.34 -15.61
N GLU B 223 34.98 50.52 -16.01
CA GLU B 223 34.89 49.83 -17.29
C GLU B 223 33.67 48.91 -17.36
N MET B 224 33.25 48.38 -16.21
CA MET B 224 32.06 47.52 -16.15
C MET B 224 30.80 48.33 -16.42
N ILE B 225 30.87 49.64 -16.21
CA ILE B 225 29.66 50.49 -16.28
C ILE B 225 29.61 51.14 -17.64
N THR B 226 30.76 51.22 -18.28
CA THR B 226 31.01 52.22 -19.29
C THR B 226 31.40 51.62 -20.64
N ASN B 227 31.80 50.37 -20.65
CA ASN B 227 32.20 49.72 -21.87
C ASN B 227 31.13 49.81 -22.95
N PRO B 228 31.54 50.22 -24.16
CA PRO B 228 30.57 50.50 -25.24
C PRO B 228 29.81 49.28 -25.75
N HIS B 229 30.32 48.07 -25.53
CA HIS B 229 29.60 46.87 -25.97
C HIS B 229 28.47 46.46 -25.03
N VAL B 230 28.47 47.01 -23.83
CA VAL B 230 27.51 46.57 -22.82
C VAL B 230 26.10 47.09 -23.06
N ASP B 231 25.15 46.18 -23.24
CA ASP B 231 23.77 46.58 -23.48
C ASP B 231 23.00 46.70 -22.17
N LEU B 232 23.48 46.02 -21.14
CA LEU B 232 22.75 45.97 -19.89
C LEU B 232 23.70 45.77 -18.72
N VAL B 233 23.52 46.56 -17.67
CA VAL B 233 24.28 46.41 -16.45
C VAL B 233 23.35 45.90 -15.38
N THR B 234 23.70 44.75 -14.79
CA THR B 234 22.91 44.24 -13.69
C THR B 234 23.78 44.25 -12.46
N PHE B 235 23.27 44.86 -11.41
CA PHE B 235 24.05 45.17 -10.22
C PHE B 235 23.26 44.92 -8.96
N THR B 236 23.91 44.33 -7.98
CA THR B 236 23.34 44.22 -6.65
C THR B 236 24.41 44.74 -5.70
N GLY B 237 24.03 45.63 -4.79
CA GLY B 237 24.96 46.20 -3.84
C GLY B 237 24.42 47.41 -3.11
N SER B 238 25.32 48.30 -2.71
CA SER B 238 24.96 49.45 -1.84
C SER B 238 24.26 50.57 -2.59
N VAL B 239 23.48 51.36 -1.87
CA VAL B 239 22.77 52.50 -2.47
C VAL B 239 23.75 53.48 -3.15
N PRO B 240 24.80 53.88 -2.43
CA PRO B 240 25.79 54.79 -3.03
C PRO B 240 26.35 54.29 -4.35
N VAL B 241 26.80 53.04 -4.40
CA VAL B 241 27.38 52.52 -5.64
C VAL B 241 26.34 52.42 -6.74
N GLY B 242 25.13 51.98 -6.37
CA GLY B 242 24.03 51.91 -7.31
C GLY B 242 23.76 53.27 -7.94
N LYS B 243 23.69 54.31 -7.11
CA LYS B 243 23.39 55.65 -7.61
C LYS B 243 24.50 56.14 -8.52
N LEU B 244 25.71 55.69 -8.24
CA LEU B 244 26.86 56.00 -9.08
C LEU B 244 26.78 55.31 -10.44
N ILE B 245 26.39 54.05 -10.45
CA ILE B 245 26.15 53.35 -11.71
C ILE B 245 25.05 54.04 -12.52
N ALA B 246 23.97 54.40 -11.83
CA ALA B 246 22.83 55.02 -12.49
C ALA B 246 23.24 56.31 -13.18
N ALA B 247 24.25 56.96 -12.62
CA ALA B 247 24.73 58.25 -13.11
C ALA B 247 25.72 58.12 -14.26
N ASN B 248 26.31 56.95 -14.41
CA ASN B 248 27.33 56.75 -15.44
C ASN B 248 27.03 55.72 -16.55
N ALA B 249 26.02 54.88 -16.33
CA ALA B 249 25.67 53.85 -17.30
C ALA B 249 24.70 54.41 -18.32
N HIS B 250 25.13 55.43 -19.05
CA HIS B 250 24.23 56.33 -19.76
C HIS B 250 23.12 55.72 -20.61
N TYR B 251 23.45 55.27 -21.79
CA TYR B 251 22.41 54.77 -22.69
C TYR B 251 22.39 53.25 -22.62
N LYS B 252 22.24 52.74 -21.40
CA LYS B 252 22.25 51.31 -21.14
C LYS B 252 21.08 50.93 -20.24
N ARG B 253 20.51 49.74 -20.44
CA ARG B 253 19.54 49.24 -19.50
C ARG B 253 20.27 49.00 -18.19
N GLN B 254 19.57 49.21 -17.09
CA GLN B 254 20.15 49.04 -15.77
C GLN B 254 19.17 48.28 -14.91
N VAL B 255 19.64 47.21 -14.30
CA VAL B 255 18.86 46.51 -13.30
C VAL B 255 19.64 46.69 -12.01
N LEU B 256 19.15 47.56 -11.15
CA LEU B 256 19.83 47.88 -9.90
C LEU B 256 19.04 47.40 -8.70
N GLU B 257 19.61 46.47 -7.94
CA GLU B 257 19.03 46.06 -6.67
C GLU B 257 19.92 46.56 -5.56
N LEU B 258 19.37 47.42 -4.72
CA LEU B 258 20.14 48.03 -3.67
C LEU B 258 19.66 47.47 -2.33
N GLY B 259 19.98 48.14 -1.23
CA GLY B 259 19.63 47.59 0.07
C GLY B 259 18.13 47.48 0.36
N GLY B 260 17.82 46.79 1.44
CA GLY B 260 16.50 46.82 2.00
C GLY B 260 16.62 47.31 3.43
N ASN B 261 15.48 47.51 4.08
CA ASN B 261 15.45 47.78 5.52
C ASN B 261 14.13 47.18 6.01
N ASP B 262 14.06 45.87 5.93
CA ASP B 262 12.76 45.22 5.87
C ASP B 262 12.20 44.90 7.25
N PRO B 263 10.93 45.18 7.44
CA PRO B 263 10.26 44.96 8.72
C PRO B 263 9.67 43.57 8.81
N LEU B 264 9.65 43.02 10.02
CA LEU B 264 8.75 41.93 10.34
C LEU B 264 7.75 42.54 11.30
N ILE B 265 6.49 42.52 10.92
CA ILE B 265 5.47 43.25 11.68
C ILE B 265 4.59 42.30 12.49
N ILE B 266 4.47 42.55 13.78
CA ILE B 266 3.75 41.65 14.69
C ILE B 266 2.46 42.30 15.18
N LEU B 267 1.32 41.81 14.71
CA LEU B 267 0.05 42.45 15.01
C LEU B 267 -0.53 41.96 16.33
N ASN B 268 -1.39 42.78 16.93
CA ASN B 268 -1.87 42.51 18.29
C ASN B 268 -3.01 41.50 18.39
N ASP B 269 -3.39 40.86 17.29
CA ASP B 269 -4.41 39.81 17.36
C ASP B 269 -3.83 38.46 17.72
N LEU B 270 -2.51 38.35 17.75
CA LEU B 270 -1.88 37.04 17.93
C LEU B 270 -1.96 36.46 19.34
N SER B 271 -2.19 35.14 19.40
CA SER B 271 -2.18 34.39 20.65
C SER B 271 -0.73 34.22 21.11
N ASP B 272 -0.56 33.72 22.33
CA ASP B 272 0.79 33.51 22.85
C ASP B 272 1.56 32.46 22.05
N ASP B 273 0.87 31.41 21.64
CA ASP B 273 1.45 30.40 20.74
C ASP B 273 1.94 31.05 19.44
N ASP B 274 1.10 31.89 18.85
CA ASP B 274 1.46 32.58 17.63
C ASP B 274 2.65 33.52 17.84
N LEU B 275 2.69 34.16 19.02
CA LEU B 275 3.81 35.04 19.31
C LEU B 275 5.12 34.26 19.32
N ALA B 276 5.07 33.04 19.82
CA ALA B 276 6.26 32.20 19.82
C ALA B 276 6.69 31.84 18.39
N ARG B 277 5.73 31.51 17.53
CA ARG B 277 6.04 31.26 16.11
C ARG B 277 6.62 32.51 15.46
N ALA B 278 6.03 33.67 15.77
CA ALA B 278 6.49 34.93 15.22
C ALA B 278 7.91 35.23 15.70
N ALA B 279 8.18 34.89 16.96
CA ALA B 279 9.51 35.11 17.52
C ALA B 279 10.54 34.25 16.80
N ASP B 280 10.16 33.01 16.47
CA ASP B 280 11.02 32.17 15.64
C ASP B 280 11.40 32.86 14.33
N LEU B 281 10.41 33.42 13.65
CA LEU B 281 10.62 34.12 12.37
C LEU B 281 11.52 35.33 12.58
N ALA B 282 11.26 36.07 13.65
CA ALA B 282 12.05 37.26 13.92
C ALA B 282 13.54 36.95 14.07
N VAL B 283 13.84 35.96 14.90
CA VAL B 283 15.22 35.61 15.17
C VAL B 283 15.94 35.05 13.94
N ALA B 284 15.29 34.12 13.23
CA ALA B 284 15.85 33.58 12.01
C ALA B 284 16.05 34.69 10.98
N GLY B 285 15.03 35.52 10.78
CA GLY B 285 15.10 36.56 9.77
C GLY B 285 16.16 37.61 10.05
N ALA B 286 16.34 37.97 11.31
CA ALA B 286 17.29 39.02 11.67
C ALA B 286 18.74 38.54 11.57
N THR B 287 18.88 37.24 11.50
CA THR B 287 20.12 36.60 11.86
C THR B 287 20.75 35.72 10.75
N LYS B 288 19.93 35.18 9.86
CA LYS B 288 20.47 34.34 8.78
C LYS B 288 21.51 35.07 7.93
N ASN B 289 22.52 34.32 7.50
CA ASN B 289 23.61 34.88 6.73
C ASN B 289 24.29 36.00 7.51
N SER B 290 24.26 35.89 8.84
CA SER B 290 24.81 36.94 9.72
C SER B 290 24.09 38.26 9.51
N GLY B 291 22.81 38.18 9.16
CA GLY B 291 21.99 39.35 8.93
C GLY B 291 22.33 40.04 7.63
N GLN B 292 23.21 39.43 6.84
CA GLN B 292 23.66 40.06 5.60
C GLN B 292 22.80 39.67 4.39
N ARG B 293 21.54 40.10 4.41
CA ARG B 293 20.66 39.94 3.27
C ARG B 293 19.97 41.27 2.99
N CYS B 294 19.73 41.57 1.73
CA CYS B 294 18.98 42.76 1.40
C CYS B 294 17.61 42.68 2.05
N THR B 295 17.10 41.45 2.14
CA THR B 295 15.76 41.21 2.68
C THR B 295 15.80 40.65 4.12
N ALA B 296 16.92 40.82 4.82
CA ALA B 296 16.99 40.45 6.23
C ALA B 296 15.96 41.22 7.05
N VAL B 297 15.48 40.63 8.13
CA VAL B 297 14.67 41.39 9.09
C VAL B 297 15.59 42.40 9.76
N LYS B 298 15.34 43.69 9.55
CA LYS B 298 16.17 44.73 10.16
C LYS B 298 15.38 45.59 11.16
N ARG B 299 14.07 45.41 11.18
CA ARG B 299 13.20 46.16 12.08
C ARG B 299 12.09 45.21 12.46
N ILE B 300 11.98 44.90 13.75
CA ILE B 300 10.84 44.13 14.20
C ILE B 300 9.82 45.09 14.80
N LEU B 301 8.73 45.32 14.07
CA LEU B 301 7.73 46.27 14.49
C LEU B 301 6.67 45.53 15.27
N CYS B 302 6.69 45.66 16.59
CA CYS B 302 5.76 44.91 17.43
C CYS B 302 4.73 45.82 18.06
N GLN B 303 3.46 45.56 17.81
CA GLN B 303 2.41 46.41 18.38
C GLN B 303 2.44 46.36 19.90
N GLU B 304 2.33 47.54 20.53
CA GLU B 304 2.61 47.71 21.96
C GLU B 304 1.93 46.66 22.84
N SER B 305 0.65 46.41 22.59
CA SER B 305 -0.11 45.56 23.51
C SER B 305 0.35 44.12 23.57
N VAL B 306 1.17 43.67 22.63
CA VAL B 306 1.70 42.31 22.72
C VAL B 306 3.22 42.24 22.94
N ALA B 307 3.86 43.40 23.01
CA ALA B 307 5.31 43.48 23.10
C ALA B 307 5.84 42.82 24.37
N ASP B 308 5.12 42.99 25.48
CA ASP B 308 5.61 42.43 26.75
C ASP B 308 5.62 40.91 26.74
N ARG B 309 4.70 40.31 26.00
CA ARG B 309 4.73 38.86 25.82
C ARG B 309 5.70 38.44 24.70
N PHE B 310 5.82 39.25 23.65
CA PHE B 310 6.65 38.93 22.49
C PHE B 310 8.14 38.98 22.77
N VAL B 311 8.59 40.07 23.38
CA VAL B 311 10.02 40.28 23.57
C VAL B 311 10.75 39.14 24.31
N PRO B 312 10.19 38.64 25.42
CA PRO B 312 10.86 37.52 26.12
C PRO B 312 11.01 36.30 25.23
N LEU B 313 10.02 36.03 24.38
CA LEU B 313 10.11 34.87 23.47
C LEU B 313 11.29 35.05 22.52
N VAL B 314 11.45 36.28 22.02
CA VAL B 314 12.55 36.58 21.13
C VAL B 314 13.88 36.42 21.84
N LEU B 315 13.97 36.98 23.05
CA LEU B 315 15.20 36.90 23.84
C LEU B 315 15.64 35.44 24.05
N GLU B 316 14.69 34.60 24.46
CA GLU B 316 14.95 33.19 24.72
C GLU B 316 15.54 32.50 23.49
N ARG B 317 14.95 32.76 22.32
CA ARG B 317 15.41 32.14 21.08
C ARG B 317 16.78 32.70 20.66
N ALA B 318 16.98 34.00 20.84
CA ALA B 318 18.26 34.58 20.49
C ALA B 318 19.39 33.94 21.28
N LYS B 319 19.14 33.65 22.55
CA LYS B 319 20.17 33.09 23.42
C LYS B 319 20.58 31.68 23.02
N ARG B 320 19.70 30.95 22.32
CA ARG B 320 20.01 29.59 21.89
C ARG B 320 21.03 29.56 20.75
N LEU B 321 21.19 30.69 20.06
CA LEU B 321 22.03 30.70 18.86
C LEU B 321 23.49 30.51 19.21
N ARG B 322 24.14 29.58 18.51
CA ARG B 322 25.57 29.39 18.67
C ARG B 322 26.27 30.30 17.66
N PHE B 323 27.06 31.25 18.18
CA PHE B 323 27.85 32.12 17.34
C PHE B 323 29.35 31.92 17.63
N GLY B 324 30.16 31.89 16.58
CA GLY B 324 31.58 31.59 16.72
C GLY B 324 32.23 31.11 15.45
N ASP B 325 33.19 30.21 15.59
CA ASP B 325 33.97 29.70 14.48
C ASP B 325 33.07 29.28 13.32
N PRO B 326 33.15 30.00 12.19
CA PRO B 326 32.34 29.70 11.01
C PRO B 326 32.54 28.28 10.50
N MET B 327 33.75 27.74 10.58
CA MET B 327 34.04 26.41 10.05
C MET B 327 33.57 25.28 10.96
N ASP B 328 33.14 25.62 12.17
CA ASP B 328 32.57 24.62 13.06
C ASP B 328 31.13 24.33 12.66
N ARG B 329 30.83 23.07 12.42
CA ARG B 329 29.53 22.69 11.86
C ARG B 329 28.38 22.92 12.83
N SER B 330 28.72 23.18 14.08
CA SER B 330 27.67 23.41 15.06
C SER B 330 27.42 24.91 15.25
N THR B 331 28.22 25.73 14.59
CA THR B 331 27.97 27.18 14.60
C THR B 331 26.72 27.56 13.79
N ASP B 332 25.85 28.38 14.36
CA ASP B 332 24.70 28.90 13.63
C ASP B 332 25.11 30.18 12.97
N LEU B 333 25.74 31.05 13.75
CA LEU B 333 26.05 32.39 13.32
C LEU B 333 27.56 32.65 13.26
N GLY B 334 28.07 32.89 12.06
CA GLY B 334 29.48 33.22 11.84
C GLY B 334 29.70 34.72 12.00
N THR B 335 30.73 35.23 11.37
CA THR B 335 31.06 36.65 11.47
C THR B 335 30.27 37.45 10.45
N VAL B 336 30.38 38.79 10.54
CA VAL B 336 30.02 39.63 9.41
C VAL B 336 31.26 39.87 8.52
N ILE B 337 31.10 40.64 7.45
CA ILE B 337 32.09 40.71 6.38
C ILE B 337 33.47 41.16 6.89
N HIS B 338 33.51 42.10 7.84
CA HIS B 338 34.79 42.50 8.43
C HIS B 338 34.59 43.24 9.74
N GLU B 339 35.70 43.50 10.44
CA GLU B 339 35.62 44.06 11.78
C GLU B 339 35.05 45.48 11.80
N LYS B 340 35.42 46.25 10.80
CA LYS B 340 34.90 47.60 10.67
C LYS B 340 33.37 47.60 10.60
N ALA B 341 32.81 46.71 9.81
CA ALA B 341 31.37 46.58 9.73
C ALA B 341 30.81 46.23 11.11
N ALA B 342 31.42 45.23 11.73
CA ALA B 342 30.94 44.75 13.03
C ALA B 342 30.97 45.87 14.06
N ALA B 343 32.05 46.64 14.06
CA ALA B 343 32.21 47.72 15.05
C ALA B 343 31.15 48.79 14.82
N LEU B 344 30.94 49.14 13.55
CA LEU B 344 29.89 50.09 13.20
C LEU B 344 28.51 49.66 13.72
N PHE B 345 28.17 48.38 13.53
CA PHE B 345 26.84 47.92 13.95
C PHE B 345 26.70 47.99 15.47
N GLU B 346 27.76 47.63 16.21
CA GLU B 346 27.74 47.65 17.66
C GLU B 346 27.54 49.09 18.14
N GLU B 347 28.25 49.99 17.48
CA GLU B 347 28.12 51.41 17.73
C GLU B 347 26.68 51.90 17.64
N ARG B 348 25.97 51.46 16.62
CA ARG B 348 24.58 51.87 16.43
C ARG B 348 23.72 51.32 17.56
N VAL B 349 24.04 50.11 18.01
CA VAL B 349 23.32 49.53 19.15
C VAL B 349 23.56 50.40 20.39
N MET B 350 24.83 50.70 20.66
CA MET B 350 25.18 51.55 21.79
C MET B 350 24.43 52.87 21.72
N ARG B 351 24.45 53.52 20.56
CA ARG B 351 23.79 54.83 20.44
C ARG B 351 22.27 54.74 20.62
N ALA B 352 21.66 53.71 20.06
CA ALA B 352 20.25 53.48 20.28
C ALA B 352 19.96 53.40 21.78
N ALA B 353 20.84 52.72 22.52
CA ALA B 353 20.62 52.53 23.95
C ALA B 353 20.66 53.88 24.66
N GLU B 354 21.61 54.72 24.26
CA GLU B 354 21.68 56.07 24.83
C GLU B 354 20.46 56.89 24.48
N GLU B 355 19.77 56.51 23.41
CA GLU B 355 18.60 57.26 22.99
C GLU B 355 17.31 56.66 23.54
N GLY B 356 17.44 55.67 24.42
CA GLY B 356 16.29 55.11 25.10
C GLY B 356 16.04 53.64 24.88
N ALA B 357 16.84 53.02 24.01
CA ALA B 357 16.68 51.59 23.75
C ALA B 357 17.19 50.75 24.92
N ASP B 358 16.77 49.49 24.95
CA ASP B 358 17.05 48.58 26.04
C ASP B 358 17.78 47.34 25.52
N ILE B 359 19.11 47.30 25.68
CA ILE B 359 19.86 46.10 25.32
C ILE B 359 19.56 44.95 26.27
N LEU B 360 19.03 43.86 25.73
CA LEU B 360 18.60 42.73 26.54
C LEU B 360 19.58 41.57 26.49
N TYR B 361 20.37 41.50 25.43
CA TYR B 361 21.33 40.43 25.24
C TYR B 361 22.48 40.95 24.39
N HIS B 362 23.68 40.93 24.95
CA HIS B 362 24.87 41.36 24.24
C HIS B 362 26.12 40.78 24.90
N PRO B 363 26.41 39.50 24.62
CA PRO B 363 27.55 38.83 25.26
C PRO B 363 28.91 39.41 24.81
N GLY B 364 28.86 40.40 23.93
CA GLY B 364 30.08 41.08 23.52
C GLY B 364 30.63 40.68 22.17
N ARG B 365 31.18 41.68 21.50
CA ARG B 365 31.73 41.53 20.16
C ARG B 365 33.20 41.13 20.21
N SER B 366 33.63 40.32 19.25
CA SER B 366 35.04 39.97 19.13
C SER B 366 35.46 40.04 17.66
N GLY B 367 36.09 41.15 17.31
CA GLY B 367 36.54 41.36 15.95
C GLY B 367 35.34 41.50 15.02
N ALA B 368 35.28 40.67 13.99
CA ALA B 368 34.16 40.69 13.06
C ALA B 368 33.00 39.82 13.57
N LEU B 369 33.18 39.19 14.74
CA LEU B 369 32.14 38.32 15.26
C LEU B 369 31.18 39.08 16.16
N LEU B 370 29.97 39.24 15.67
CA LEU B 370 28.91 39.90 16.41
C LEU B 370 27.93 38.84 16.89
N PRO B 371 27.57 38.87 18.17
CA PRO B 371 26.50 37.98 18.65
C PRO B 371 25.14 38.46 18.17
N PRO B 372 24.10 37.61 18.27
CA PRO B 372 22.76 38.07 17.84
C PRO B 372 22.16 39.03 18.86
N ILE B 373 22.67 40.25 18.89
CA ILE B 373 22.28 41.24 19.90
C ILE B 373 20.78 41.56 19.91
N VAL B 374 20.15 41.46 21.07
CA VAL B 374 18.72 41.75 21.17
C VAL B 374 18.53 43.11 21.84
N VAL B 375 17.81 44.00 21.17
CA VAL B 375 17.54 45.33 21.69
C VAL B 375 16.04 45.62 21.60
N ASP B 376 15.46 46.09 22.70
CA ASP B 376 14.02 46.36 22.78
C ASP B 376 13.84 47.87 22.88
N ARG B 377 12.60 48.33 22.70
CA ARG B 377 12.31 49.76 22.74
C ARG B 377 13.23 50.60 21.85
N VAL B 378 13.58 50.10 20.67
CA VAL B 378 14.39 50.87 19.76
C VAL B 378 13.61 52.04 19.18
N PRO B 379 14.15 53.26 19.32
CA PRO B 379 13.51 54.41 18.70
C PRO B 379 13.57 54.28 17.18
N HIS B 380 12.44 54.44 16.49
CA HIS B 380 12.43 54.20 15.05
C HIS B 380 13.32 55.16 14.27
N GLN B 381 13.67 56.29 14.86
CA GLN B 381 14.54 57.25 14.18
C GLN B 381 16.02 57.04 14.46
N SER B 382 16.36 56.06 15.29
CA SER B 382 17.77 55.80 15.58
C SER B 382 18.46 55.22 14.34
N ASP B 383 19.75 55.49 14.21
CA ASP B 383 20.52 54.99 13.07
C ASP B 383 20.37 53.49 12.89
N LEU B 384 20.30 52.78 14.01
CA LEU B 384 20.21 51.32 14.02
C LEU B 384 19.13 50.81 13.08
N VAL B 385 17.95 51.43 13.11
CA VAL B 385 16.82 50.94 12.33
C VAL B 385 16.36 51.88 11.23
N LEU B 386 16.92 53.09 11.21
CA LEU B 386 16.56 54.03 10.16
C LEU B 386 17.49 53.85 8.96
N GLU B 387 18.77 53.63 9.24
CA GLU B 387 19.73 53.19 8.24
C GLU B 387 19.60 51.68 8.12
N GLU B 388 20.12 51.14 7.01
CA GLU B 388 20.24 49.69 6.85
C GLU B 388 21.42 49.22 7.69
N THR B 389 21.15 48.34 8.65
CA THR B 389 22.20 47.75 9.48
C THR B 389 22.39 46.29 9.10
N PHE B 390 23.52 46.02 8.43
CA PHE B 390 23.71 44.77 7.69
C PHE B 390 24.40 43.72 8.56
N GLY B 391 23.86 43.49 9.75
CA GLY B 391 24.41 42.52 10.69
C GLY B 391 23.31 41.84 11.49
N PRO B 392 23.69 40.88 12.35
CA PRO B 392 22.71 40.03 13.03
C PRO B 392 22.08 40.68 14.26
N ILE B 393 21.78 41.98 14.19
CA ILE B 393 21.07 42.65 15.28
C ILE B 393 19.57 42.30 15.23
N ILE B 394 18.99 42.06 16.41
CA ILE B 394 17.57 41.73 16.53
C ILE B 394 16.88 42.90 17.23
N PRO B 395 16.43 43.90 16.47
CA PRO B 395 15.96 45.13 17.10
C PRO B 395 14.43 45.26 17.10
N ILE B 396 13.86 45.35 18.29
CA ILE B 396 12.41 45.48 18.39
C ILE B 396 11.99 46.93 18.56
N VAL B 397 11.15 47.39 17.64
CA VAL B 397 10.57 48.72 17.70
C VAL B 397 9.13 48.55 18.13
N ARG B 398 8.78 49.17 19.25
CA ARG B 398 7.39 49.07 19.71
C ARG B 398 6.59 50.12 18.98
N VAL B 399 5.48 49.68 18.41
CA VAL B 399 4.68 50.58 17.59
C VAL B 399 3.27 50.58 18.12
N PRO B 400 2.49 51.61 17.76
CA PRO B 400 1.14 51.77 18.29
C PRO B 400 0.22 50.62 17.93
N ASP B 401 -0.77 50.38 18.76
CA ASP B 401 -1.84 49.45 18.43
C ASP B 401 -2.80 50.11 17.47
N ASP B 402 -2.29 50.47 16.30
CA ASP B 402 -3.07 51.12 15.27
C ASP B 402 -2.38 50.86 13.93
N ASP B 403 -3.10 50.23 13.02
CA ASP B 403 -2.51 49.78 11.77
C ASP B 403 -2.05 50.91 10.86
N ASP B 404 -2.85 51.99 10.79
CA ASP B 404 -2.49 53.15 10.00
C ASP B 404 -1.15 53.72 10.44
N ALA B 405 -1.00 53.87 11.74
CA ALA B 405 0.24 54.40 12.29
C ALA B 405 1.39 53.42 12.05
N THR B 406 1.08 52.12 12.13
CA THR B 406 2.12 51.11 11.96
C THR B 406 2.61 51.10 10.53
N ILE B 407 1.64 51.13 9.60
CA ILE B 407 1.96 51.19 8.18
C ILE B 407 2.78 52.44 7.83
N THR B 408 2.37 53.58 8.36
CA THR B 408 3.10 54.83 8.16
C THR B 408 4.55 54.73 8.63
N LEU B 409 4.72 54.17 9.82
CA LEU B 409 6.04 54.00 10.39
C LEU B 409 6.87 53.04 9.54
N SER B 410 6.24 51.96 9.11
CA SER B 410 6.92 50.97 8.28
C SER B 410 7.40 51.60 6.96
N ASN B 411 6.57 52.46 6.39
CA ASN B 411 6.88 53.15 5.14
C ASN B 411 7.78 54.37 5.27
N SER B 412 8.26 54.66 6.49
CA SER B 412 8.94 55.93 6.75
C SER B 412 10.44 55.96 6.43
N THR B 413 11.02 54.85 6.01
CA THR B 413 12.44 54.88 5.64
C THR B 413 12.62 55.09 4.15
N ALA B 414 13.88 55.17 3.71
CA ALA B 414 14.18 55.39 2.29
C ALA B 414 14.01 54.11 1.49
N PHE B 415 13.80 52.98 2.17
CA PHE B 415 13.80 51.68 1.52
C PHE B 415 12.41 51.11 1.29
N GLY B 416 12.31 50.15 0.37
CA GLY B 416 11.06 49.49 0.08
C GLY B 416 11.31 48.23 -0.73
N LEU B 417 11.71 47.17 -0.04
CA LEU B 417 12.06 45.93 -0.71
C LEU B 417 11.04 44.85 -0.37
N SER B 418 11.23 44.23 0.78
CA SER B 418 10.27 43.22 1.20
C SER B 418 9.73 43.48 2.61
N SER B 419 8.93 42.56 3.11
CA SER B 419 8.33 42.71 4.44
C SER B 419 7.66 41.41 4.83
N GLY B 420 7.46 41.23 6.13
CA GLY B 420 6.67 40.14 6.66
C GLY B 420 5.66 40.67 7.64
N VAL B 421 4.47 40.08 7.65
CA VAL B 421 3.43 40.50 8.59
C VAL B 421 2.82 39.27 9.24
N CYS B 422 2.82 39.23 10.58
CA CYS B 422 2.21 38.10 11.29
C CYS B 422 0.89 38.49 11.92
N THR B 423 -0.20 37.88 11.44
CA THR B 423 -1.55 38.17 11.92
C THR B 423 -2.46 37.06 11.40
N ASN B 424 -3.64 36.89 11.99
CA ASN B 424 -4.58 35.89 11.50
C ASN B 424 -5.85 36.57 10.98
N ASP B 425 -5.90 37.88 11.11
CA ASP B 425 -7.07 38.67 10.73
C ASP B 425 -6.95 39.03 9.24
N TYR B 426 -7.81 38.45 8.42
CA TYR B 426 -7.72 38.68 6.96
C TYR B 426 -7.81 40.14 6.59
N ARG B 427 -8.74 40.86 7.19
CA ARG B 427 -8.95 42.27 6.86
C ARG B 427 -7.66 43.02 7.04
N ARG B 428 -6.94 42.72 8.11
CA ARG B 428 -5.71 43.45 8.41
C ARG B 428 -4.59 43.01 7.47
N MET B 429 -4.54 41.71 7.18
CA MET B 429 -3.64 41.17 6.19
C MET B 429 -3.70 41.96 4.88
N GLN B 430 -4.90 42.03 4.32
CA GLN B 430 -5.14 42.71 3.06
C GLN B 430 -4.77 44.19 3.14
N LYS B 431 -5.05 44.81 4.29
CA LYS B 431 -4.70 46.22 4.49
C LYS B 431 -3.20 46.42 4.42
N TYR B 432 -2.44 45.54 5.09
CA TYR B 432 -0.98 45.65 5.01
C TYR B 432 -0.43 45.30 3.61
N ILE B 433 -1.00 44.28 2.98
CA ILE B 433 -0.57 43.96 1.62
C ILE B 433 -0.78 45.16 0.70
N ALA B 434 -1.92 45.82 0.80
CA ALA B 434 -2.19 46.99 -0.03
C ALA B 434 -1.38 48.22 0.37
N GLY B 435 -1.18 48.42 1.66
CA GLY B 435 -0.61 49.65 2.18
C GLY B 435 0.91 49.75 2.34
N LEU B 436 1.61 48.63 2.49
CA LEU B 436 3.08 48.68 2.60
C LEU B 436 3.72 49.06 1.27
N LYS B 437 4.65 50.01 1.29
CA LYS B 437 5.27 50.45 0.06
C LYS B 437 6.54 49.66 -0.16
N VAL B 438 6.37 48.46 -0.72
CA VAL B 438 7.44 47.50 -0.86
C VAL B 438 7.17 46.66 -2.09
N GLY B 439 8.16 45.86 -2.49
CA GLY B 439 8.02 44.97 -3.64
C GLY B 439 7.32 43.67 -3.27
N THR B 440 7.38 43.30 -2.00
CA THR B 440 6.88 42.01 -1.55
C THR B 440 6.34 42.07 -0.14
N VAL B 441 5.18 41.48 0.08
CA VAL B 441 4.61 41.36 1.42
C VAL B 441 4.36 39.88 1.69
N ASN B 442 5.12 39.32 2.62
CA ASN B 442 4.90 37.92 3.03
C ASN B 442 4.06 37.79 4.29
N ILE B 443 2.96 37.07 4.20
CA ILE B 443 2.12 36.88 5.39
C ILE B 443 2.64 35.65 6.16
N TRP B 444 3.03 35.84 7.41
CA TRP B 444 3.53 34.74 8.24
C TRP B 444 4.82 34.10 7.70
N GLU B 445 5.69 34.92 7.12
CA GLU B 445 7.02 34.49 6.76
C GLU B 445 7.94 35.69 6.84
N VAL B 446 9.24 35.46 6.85
CA VAL B 446 10.18 36.56 6.92
C VAL B 446 10.16 37.32 5.60
N PRO B 447 10.57 38.59 5.61
CA PRO B 447 10.66 39.33 4.33
C PRO B 447 11.54 38.61 3.31
N GLY B 448 12.51 37.83 3.79
CA GLY B 448 13.46 37.17 2.92
C GLY B 448 12.87 36.03 2.12
N TYR B 449 11.66 35.60 2.46
CA TYR B 449 11.11 34.42 1.80
C TYR B 449 10.69 34.69 0.36
N ARG B 450 11.11 33.80 -0.54
CA ARG B 450 10.73 33.85 -1.95
CA ARG B 450 10.68 33.83 -1.93
C ARG B 450 11.14 32.53 -2.57
N ILE B 451 10.65 32.23 -3.77
CA ILE B 451 11.21 31.11 -4.54
C ILE B 451 12.07 31.72 -5.63
N GLU B 452 12.99 30.95 -6.22
CA GLU B 452 14.01 31.56 -7.08
C GLU B 452 13.44 32.10 -8.39
N MET B 453 12.21 31.72 -8.71
CA MET B 453 11.57 32.19 -9.93
C MET B 453 10.39 33.16 -9.74
N SER B 454 10.14 33.62 -8.52
CA SER B 454 9.12 34.63 -8.33
C SER B 454 9.74 36.02 -8.61
N PRO B 455 8.92 36.99 -9.02
CA PRO B 455 9.50 38.31 -9.30
C PRO B 455 10.07 38.94 -8.04
N PHE B 456 11.29 39.43 -8.12
CA PHE B 456 11.97 39.99 -6.97
C PHE B 456 12.56 41.36 -7.29
N GLY B 457 12.26 42.33 -6.44
CA GLY B 457 12.84 43.65 -6.63
C GLY B 457 12.06 44.69 -5.86
N GLY B 458 12.72 45.80 -5.53
CA GLY B 458 12.13 46.78 -4.65
C GLY B 458 11.87 48.10 -5.34
N ILE B 459 11.46 49.08 -4.55
CA ILE B 459 11.18 50.42 -5.05
C ILE B 459 11.90 51.39 -4.16
N LYS B 460 11.63 52.69 -4.34
CA LYS B 460 12.32 53.72 -3.57
C LYS B 460 13.84 53.55 -3.70
N ASP B 461 14.58 53.63 -2.61
CA ASP B 461 16.04 53.42 -2.66
C ASP B 461 16.48 51.95 -2.74
N SER B 462 15.52 51.02 -2.75
CA SER B 462 15.83 49.59 -2.78
C SER B 462 16.08 49.07 -4.19
N GLY B 463 15.65 49.82 -5.19
CA GLY B 463 15.85 49.40 -6.57
C GLY B 463 15.23 50.36 -7.56
N ASN B 464 15.74 50.36 -8.79
CA ASN B 464 15.24 51.25 -9.82
C ASN B 464 13.94 50.77 -10.48
N GLY B 465 13.31 49.76 -9.91
CA GLY B 465 11.97 49.35 -10.33
C GLY B 465 11.86 48.20 -11.34
N TYR B 466 12.96 47.52 -11.63
CA TYR B 466 12.90 46.31 -12.45
C TYR B 466 12.92 45.04 -11.59
N LYS B 467 12.23 44.01 -12.03
CA LYS B 467 12.20 42.78 -11.27
C LYS B 467 13.33 41.83 -11.70
N GLU B 468 13.81 41.06 -10.73
CA GLU B 468 14.82 40.04 -10.92
C GLU B 468 14.16 38.71 -10.57
N GLY B 469 14.97 37.70 -10.25
CA GLY B 469 14.49 36.34 -10.23
C GLY B 469 14.74 35.75 -11.61
N VAL B 470 14.85 34.43 -11.69
CA VAL B 470 15.21 33.77 -12.93
C VAL B 470 14.33 34.15 -14.12
N ILE B 471 13.02 34.07 -13.96
CA ILE B 471 12.08 34.36 -15.04
C ILE B 471 12.18 35.82 -15.54
N GLU B 472 12.09 36.77 -14.62
CA GLU B 472 12.14 38.17 -15.01
C GLU B 472 13.52 38.55 -15.55
N ALA B 473 14.58 37.94 -14.99
CA ALA B 473 15.92 38.20 -15.50
C ALA B 473 16.05 37.72 -16.95
N MET B 474 15.49 36.56 -17.25
CA MET B 474 15.55 36.06 -18.62
C MET B 474 14.87 37.02 -19.57
N LYS B 475 13.76 37.62 -19.15
CA LYS B 475 13.10 38.61 -19.98
C LYS B 475 13.96 39.86 -20.12
N SER B 476 14.50 40.32 -19.00
CA SER B 476 15.34 41.52 -19.01
C SER B 476 16.52 41.37 -19.93
N PHE B 477 17.01 40.14 -20.09
CA PHE B 477 18.25 39.86 -20.80
C PHE B 477 18.03 39.67 -22.31
N THR B 478 16.83 39.97 -22.80
CA THR B 478 16.54 39.77 -24.21
C THR B 478 15.85 41.00 -24.80
N ASN B 479 15.84 41.08 -26.13
CA ASN B 479 15.06 42.06 -26.86
C ASN B 479 13.92 41.31 -27.50
N VAL B 480 12.72 41.87 -27.44
CA VAL B 480 11.58 41.27 -28.11
C VAL B 480 11.55 41.77 -29.55
N LYS B 481 11.51 40.83 -30.50
CA LYS B 481 11.31 41.17 -31.89
C LYS B 481 9.91 40.71 -32.28
N THR B 482 9.19 41.56 -33.02
CA THR B 482 7.93 41.15 -33.59
C THR B 482 8.09 40.96 -35.08
N PHE B 483 7.25 40.10 -35.68
CA PHE B 483 7.18 39.98 -37.13
C PHE B 483 5.73 39.74 -37.48
N SER B 484 5.32 40.20 -38.67
CA SER B 484 3.94 39.98 -39.10
C SER B 484 3.89 39.31 -40.47
N LEU B 485 2.90 38.45 -40.64
CA LEU B 485 2.69 37.72 -41.88
C LEU B 485 1.29 37.99 -42.41
N PRO B 486 1.16 38.11 -43.73
CA PRO B 486 -0.17 38.12 -44.35
C PRO B 486 -0.94 36.87 -43.92
N TRP B 487 -2.19 37.06 -43.52
CA TRP B 487 -3.01 35.93 -43.10
C TRP B 487 -4.43 36.01 -43.69
N ARG C 14 8.55 -15.77 -20.47
CA ARG C 14 8.30 -14.78 -19.40
C ARG C 14 6.83 -14.66 -19.08
N HIS C 15 6.44 -15.01 -17.87
CA HIS C 15 5.08 -14.82 -17.42
C HIS C 15 5.07 -13.63 -16.48
N GLU C 16 4.18 -12.68 -16.75
CA GLU C 16 4.11 -11.47 -15.96
C GLU C 16 2.72 -11.31 -15.40
N PRO C 17 2.62 -11.11 -14.07
CA PRO C 17 1.33 -10.81 -13.46
C PRO C 17 0.90 -9.36 -13.73
N MET C 18 -0.36 -9.06 -13.48
CA MET C 18 -0.81 -7.68 -13.45
C MET C 18 -0.14 -6.94 -12.30
N ARG C 19 -0.11 -5.61 -12.42
CA ARG C 19 0.35 -4.77 -11.32
C ARG C 19 -0.85 -3.97 -10.81
N ILE C 20 -1.41 -4.40 -9.69
CA ILE C 20 -2.52 -3.67 -9.08
C ILE C 20 -2.04 -2.95 -7.83
N ALA C 21 -1.83 -1.64 -7.97
CA ALA C 21 -1.32 -0.82 -6.88
C ALA C 21 -0.05 -1.42 -6.26
N GLY C 22 0.87 -1.88 -7.11
CA GLY C 22 2.14 -2.39 -6.65
C GLY C 22 2.14 -3.88 -6.31
N ARG C 23 0.97 -4.47 -6.22
CA ARG C 23 0.83 -5.90 -5.95
C ARG C 23 0.83 -6.70 -7.24
N LEU C 24 1.63 -7.76 -7.27
CA LEU C 24 1.60 -8.69 -8.38
C LEU C 24 0.35 -9.56 -8.26
N VAL C 25 -0.57 -9.42 -9.21
CA VAL C 25 -1.82 -10.17 -9.17
C VAL C 25 -1.94 -11.08 -10.38
N ASP C 26 -2.12 -12.36 -10.11
CA ASP C 26 -2.10 -13.37 -11.16
C ASP C 26 -3.48 -13.94 -11.41
N THR C 27 -3.58 -14.75 -12.46
CA THR C 27 -4.84 -15.33 -12.87
C THR C 27 -4.53 -16.68 -13.52
N ASP C 28 -5.48 -17.62 -13.44
CA ASP C 28 -5.26 -18.96 -13.98
C ASP C 28 -5.11 -18.94 -15.50
N ASP C 29 -6.15 -18.46 -16.18
CA ASP C 29 -6.08 -18.33 -17.63
C ASP C 29 -5.04 -17.28 -18.01
N ARG C 30 -4.38 -17.49 -19.14
CA ARG C 30 -3.34 -16.59 -19.58
C ARG C 30 -3.66 -16.01 -20.95
N VAL C 31 -3.11 -14.84 -21.23
CA VAL C 31 -3.09 -14.32 -22.58
C VAL C 31 -1.67 -14.49 -23.09
N GLU C 32 -1.54 -15.12 -24.24
CA GLU C 32 -0.22 -15.36 -24.83
C GLU C 32 0.22 -14.17 -25.66
N VAL C 33 1.46 -13.74 -25.46
CA VAL C 33 2.00 -12.65 -26.24
C VAL C 33 3.00 -13.17 -27.26
N ARG C 34 2.76 -12.87 -28.53
CA ARG C 34 3.60 -13.41 -29.60
C ARG C 34 4.45 -12.37 -30.32
N TYR C 35 5.64 -12.82 -30.71
CA TYR C 35 6.61 -12.07 -31.48
C TYR C 35 6.24 -12.20 -32.94
N PRO C 36 5.80 -11.11 -33.58
CA PRO C 36 5.27 -11.23 -34.94
C PRO C 36 6.31 -11.66 -35.97
N TRP C 37 7.58 -11.57 -35.62
CA TRP C 37 8.65 -11.97 -36.53
C TRP C 37 8.58 -13.47 -36.88
N ASN C 38 8.32 -14.30 -35.88
CA ASN C 38 8.24 -15.75 -36.09
C ASN C 38 7.02 -16.38 -35.43
N ASP C 39 6.10 -15.53 -34.97
CA ASP C 39 4.85 -15.98 -34.35
C ASP C 39 5.07 -16.90 -33.15
N THR C 40 6.18 -16.75 -32.45
CA THR C 40 6.40 -17.55 -31.24
C THR C 40 5.97 -16.81 -29.98
N VAL C 41 5.51 -17.57 -28.99
CA VAL C 41 5.14 -16.98 -27.71
C VAL C 41 6.41 -16.50 -27.01
N VAL C 42 6.43 -15.22 -26.63
CA VAL C 42 7.59 -14.67 -25.90
C VAL C 42 7.20 -14.33 -24.49
N GLY C 43 5.90 -14.37 -24.20
CA GLY C 43 5.46 -14.01 -22.88
C GLY C 43 4.01 -14.29 -22.64
N THR C 44 3.61 -14.14 -21.40
CA THR C 44 2.24 -14.37 -21.02
C THR C 44 1.83 -13.38 -19.92
N VAL C 45 0.57 -12.95 -19.97
CA VAL C 45 0.02 -12.07 -18.94
C VAL C 45 -1.37 -12.60 -18.56
N PRO C 46 -1.88 -12.17 -17.40
CA PRO C 46 -3.17 -12.69 -16.94
C PRO C 46 -4.32 -12.32 -17.85
N ALA C 47 -5.26 -13.25 -17.98
CA ALA C 47 -6.54 -12.95 -18.59
C ALA C 47 -7.41 -12.32 -17.51
N GLY C 48 -7.13 -11.06 -17.19
CA GLY C 48 -7.85 -10.37 -16.14
C GLY C 48 -9.33 -10.16 -16.43
N ARG C 49 -10.11 -9.98 -15.37
CA ARG C 49 -11.57 -9.82 -15.50
C ARG C 49 -12.05 -8.49 -14.91
N ALA C 50 -13.31 -8.16 -15.18
CA ALA C 50 -13.91 -6.93 -14.68
C ALA C 50 -13.55 -6.65 -13.22
N GLU C 51 -13.55 -7.71 -12.42
CA GLU C 51 -13.32 -7.57 -11.00
C GLU C 51 -11.94 -6.99 -10.69
N HIS C 52 -10.96 -7.29 -11.56
CA HIS C 52 -9.60 -6.82 -11.34
C HIS C 52 -9.50 -5.32 -11.61
N ALA C 53 -10.09 -4.89 -12.71
CA ALA C 53 -10.19 -3.48 -13.01
C ALA C 53 -10.96 -2.76 -11.89
N ARG C 54 -12.06 -3.39 -11.48
CA ARG C 54 -12.91 -2.82 -10.43
C ARG C 54 -12.10 -2.56 -9.15
N GLU C 55 -11.27 -3.53 -8.77
CA GLU C 55 -10.45 -3.36 -7.59
C GLU C 55 -9.44 -2.23 -7.78
N ALA C 56 -8.79 -2.22 -8.93
CA ALA C 56 -7.83 -1.18 -9.24
C ALA C 56 -8.47 0.21 -9.15
N PHE C 57 -9.68 0.34 -9.66
CA PHE C 57 -10.38 1.62 -9.61
C PHE C 57 -10.78 2.03 -8.19
N ALA C 58 -11.13 1.04 -7.36
CA ALA C 58 -11.51 1.34 -5.99
C ALA C 58 -10.30 1.86 -5.24
N ILE C 59 -9.15 1.22 -5.45
CA ILE C 59 -7.93 1.67 -4.80
C ILE C 59 -7.58 3.09 -5.29
N ALA C 60 -7.72 3.32 -6.59
CA ALA C 60 -7.43 4.64 -7.15
C ALA C 60 -8.33 5.71 -6.54
N ALA C 61 -9.63 5.42 -6.50
CA ALA C 61 -10.61 6.34 -5.93
C ALA C 61 -10.32 6.68 -4.47
N ALA C 62 -9.97 5.67 -3.69
CA ALA C 62 -9.80 5.87 -2.25
C ALA C 62 -8.54 6.66 -1.92
N TYR C 63 -7.53 6.55 -2.77
CA TYR C 63 -6.26 7.19 -2.48
C TYR C 63 -6.22 8.64 -2.97
N GLN C 64 -5.74 9.55 -2.12
CA GLN C 64 -5.61 10.96 -2.48
C GLN C 64 -4.14 11.38 -2.46
N PRO C 65 -3.50 11.38 -3.62
CA PRO C 65 -2.09 11.78 -3.71
C PRO C 65 -1.84 13.14 -3.07
N LYS C 66 -0.75 13.26 -2.31
CA LYS C 66 -0.41 14.49 -1.62
C LYS C 66 1.05 14.88 -1.95
N LEU C 67 1.57 14.36 -3.05
CA LEU C 67 2.95 14.66 -3.43
C LEU C 67 3.12 16.14 -3.64
N THR C 68 4.20 16.70 -3.13
CA THR C 68 4.53 18.07 -3.48
C THR C 68 4.96 18.13 -4.95
N ARG C 69 4.96 19.32 -5.51
CA ARG C 69 5.42 19.48 -6.87
C ARG C 69 6.85 18.96 -6.99
N TYR C 70 7.69 19.25 -5.99
CA TYR C 70 9.07 18.75 -6.01
C TYR C 70 9.15 17.22 -6.05
N GLU C 71 8.35 16.56 -5.21
CA GLU C 71 8.36 15.11 -5.16
C GLU C 71 7.95 14.50 -6.50
N ARG C 72 6.94 15.09 -7.12
CA ARG C 72 6.46 14.59 -8.41
C ARG C 72 7.58 14.74 -9.43
N GLN C 73 8.23 15.91 -9.44
CA GLN C 73 9.33 16.14 -10.36
C GLN C 73 10.41 15.07 -10.16
N LYS C 74 10.65 14.73 -8.90
CA LYS C 74 11.71 13.79 -8.57
C LYS C 74 11.38 12.39 -9.14
N ILE C 75 10.17 11.92 -8.87
CA ILE C 75 9.73 10.64 -9.42
C ILE C 75 9.81 10.64 -10.95
N LEU C 76 9.27 11.68 -11.58
CA LEU C 76 9.24 11.75 -13.04
C LEU C 76 10.64 11.81 -13.65
N LEU C 77 11.54 12.56 -13.01
CA LEU C 77 12.89 12.64 -13.55
C LEU C 77 13.65 11.34 -13.31
N ALA C 78 13.36 10.67 -12.20
CA ALA C 78 14.04 9.41 -11.91
C ALA C 78 13.59 8.37 -12.92
N THR C 79 12.32 8.43 -13.28
CA THR C 79 11.76 7.51 -14.27
C THR C 79 12.45 7.74 -15.61
N ALA C 80 12.59 8.99 -16.00
CA ALA C 80 13.34 9.30 -17.22
C ALA C 80 14.74 8.70 -17.18
N GLU C 81 15.45 8.88 -16.06
CA GLU C 81 16.80 8.34 -15.92
C GLU C 81 16.80 6.82 -16.02
N ALA C 82 15.79 6.18 -15.43
CA ALA C 82 15.71 4.73 -15.49
C ALA C 82 15.45 4.26 -16.93
N LEU C 83 14.63 5.01 -17.67
CA LEU C 83 14.39 4.67 -19.07
C LEU C 83 15.67 4.74 -19.87
N ALA C 84 16.47 5.79 -19.65
CA ALA C 84 17.72 5.94 -20.36
C ALA C 84 18.67 4.78 -20.01
N ALA C 85 18.77 4.47 -18.72
CA ALA C 85 19.70 3.45 -18.24
C ALA C 85 19.32 2.07 -18.73
N ARG C 86 18.02 1.83 -18.86
CA ARG C 86 17.53 0.52 -19.24
C ARG C 86 17.03 0.43 -20.67
N LYS C 87 17.46 1.34 -21.54
CA LYS C 87 16.83 1.46 -22.86
C LYS C 87 16.97 0.18 -23.70
N GLU C 88 18.10 -0.50 -23.60
CA GLU C 88 18.31 -1.71 -24.40
C GLU C 88 17.32 -2.78 -23.96
N GLU C 89 17.22 -2.96 -22.65
CA GLU C 89 16.28 -3.90 -22.07
C GLU C 89 14.82 -3.59 -22.43
N ILE C 90 14.44 -2.32 -22.34
CA ILE C 90 13.05 -1.94 -22.58
C ILE C 90 12.71 -2.09 -24.07
N SER C 91 13.64 -1.67 -24.93
CA SER C 91 13.40 -1.73 -26.36
C SER C 91 13.34 -3.19 -26.83
N ASP C 92 14.09 -4.07 -26.15
CA ASP C 92 13.98 -5.51 -26.41
C ASP C 92 12.54 -5.98 -26.17
N VAL C 93 12.00 -5.65 -25.01
CA VAL C 93 10.61 -6.01 -24.69
C VAL C 93 9.64 -5.46 -25.75
N ILE C 94 9.85 -4.22 -26.16
CA ILE C 94 8.96 -3.63 -27.15
C ILE C 94 9.04 -4.40 -28.47
N THR C 95 10.26 -4.62 -28.93
CA THR C 95 10.45 -5.29 -30.22
C THR C 95 9.88 -6.71 -30.20
N LEU C 96 10.06 -7.42 -29.09
CA LEU C 96 9.61 -8.81 -29.01
C LEU C 96 8.10 -8.96 -28.99
N GLU C 97 7.37 -7.94 -28.56
CA GLU C 97 5.91 -8.04 -28.58
C GLU C 97 5.25 -7.34 -29.77
N LEU C 98 5.93 -6.32 -30.30
CA LEU C 98 5.37 -5.53 -31.41
C LEU C 98 5.95 -5.91 -32.76
N GLY C 99 7.25 -6.19 -32.78
CA GLY C 99 7.90 -6.57 -34.02
C GLY C 99 8.55 -5.43 -34.77
N ILE C 100 8.43 -4.20 -34.26
CA ILE C 100 9.17 -3.09 -34.89
C ILE C 100 10.66 -3.28 -34.67
N SER C 101 11.46 -2.72 -35.56
CA SER C 101 12.92 -2.82 -35.45
C SER C 101 13.46 -2.25 -34.13
N LYS C 102 14.61 -2.72 -33.70
CA LYS C 102 15.28 -2.14 -32.55
C LYS C 102 15.54 -0.65 -32.77
N ALA C 103 15.83 -0.26 -34.01
CA ALA C 103 16.02 1.17 -34.28
C ALA C 103 14.76 1.94 -33.87
N ASP C 104 13.60 1.44 -34.27
CA ASP C 104 12.32 2.08 -33.94
C ASP C 104 12.00 1.97 -32.48
N SER C 105 12.31 0.83 -31.86
CA SER C 105 11.96 0.67 -30.45
C SER C 105 12.90 1.48 -29.54
N LEU C 106 14.18 1.59 -29.89
CA LEU C 106 15.08 2.46 -29.15
C LEU C 106 14.58 3.91 -29.27
N TYR C 107 14.17 4.30 -30.47
CA TYR C 107 13.65 5.63 -30.69
C TYR C 107 12.45 5.86 -29.76
N GLU C 108 11.61 4.84 -29.61
CA GLU C 108 10.43 5.00 -28.74
C GLU C 108 10.84 5.27 -27.29
N VAL C 109 11.86 4.57 -26.81
CA VAL C 109 12.35 4.82 -25.46
C VAL C 109 12.81 6.27 -25.34
N GLY C 110 13.45 6.79 -26.39
CA GLY C 110 13.85 8.19 -26.43
C GLY C 110 12.67 9.14 -26.27
N ARG C 111 11.57 8.87 -26.98
CA ARG C 111 10.35 9.67 -26.85
CA ARG C 111 10.36 9.68 -26.84
C ARG C 111 9.82 9.60 -25.43
N ALA C 112 9.71 8.39 -24.89
CA ALA C 112 9.24 8.25 -23.52
C ALA C 112 10.13 9.00 -22.52
N PHE C 113 11.43 8.99 -22.77
CA PHE C 113 12.37 9.74 -21.94
C PHE C 113 12.00 11.23 -21.95
N ASP C 114 11.72 11.78 -23.14
CA ASP C 114 11.29 13.16 -23.29
C ASP C 114 9.98 13.41 -22.56
N VAL C 115 9.02 12.50 -22.71
CA VAL C 115 7.72 12.68 -22.06
C VAL C 115 7.88 12.83 -20.55
N PHE C 116 8.62 11.92 -19.94
CA PHE C 116 8.79 11.95 -18.50
C PHE C 116 9.60 13.16 -18.04
N THR C 117 10.63 13.51 -18.80
CA THR C 117 11.42 14.70 -18.51
C THR C 117 10.59 15.98 -18.56
N LEU C 118 9.84 16.14 -19.65
CA LEU C 118 9.10 17.39 -19.83
C LEU C 118 7.95 17.47 -18.82
N ALA C 119 7.34 16.34 -18.51
CA ALA C 119 6.31 16.29 -17.46
C ALA C 119 6.90 16.70 -16.12
N GLY C 120 8.10 16.21 -15.85
CA GLY C 120 8.79 16.58 -14.63
C GLY C 120 9.02 18.08 -14.55
N GLN C 121 9.51 18.66 -15.63
CA GLN C 121 9.79 20.09 -15.69
C GLN C 121 8.50 20.93 -15.58
N MET C 122 7.40 20.40 -16.11
CA MET C 122 6.10 21.11 -16.07
C MET C 122 5.52 21.21 -14.65
N CYS C 123 6.01 20.37 -13.74
CA CYS C 123 5.60 20.43 -12.34
C CYS C 123 5.83 21.77 -11.65
N ILE C 124 6.78 22.54 -12.14
CA ILE C 124 7.09 23.79 -11.47
C ILE C 124 6.14 24.90 -11.93
N ARG C 125 5.28 24.59 -12.90
CA ARG C 125 4.40 25.61 -13.45
C ARG C 125 3.04 25.63 -12.78
N ASP C 126 2.62 26.82 -12.36
CA ASP C 126 1.27 27.05 -11.84
C ASP C 126 0.59 28.02 -12.81
N ASP C 127 -0.41 27.55 -13.55
CA ASP C 127 -1.05 28.41 -14.56
C ASP C 127 -2.26 29.19 -13.98
N GLY C 128 -2.33 29.29 -12.66
CA GLY C 128 -3.39 30.03 -12.00
C GLY C 128 -3.53 31.45 -12.54
N GLU C 129 -4.77 31.93 -12.61
CA GLU C 129 -5.04 33.29 -13.06
C GLU C 129 -5.65 34.14 -11.96
N ILE C 130 -5.59 35.44 -12.15
CA ILE C 130 -6.21 36.37 -11.22
C ILE C 130 -7.12 37.32 -11.98
N PHE C 131 -8.35 37.51 -11.48
CA PHE C 131 -9.30 38.43 -12.08
C PHE C 131 -9.64 39.52 -11.09
N SER C 132 -9.61 40.77 -11.54
CA SER C 132 -10.16 41.86 -10.76
C SER C 132 -11.66 42.00 -11.06
N CYS C 133 -12.45 42.39 -10.07
CA CYS C 133 -13.91 42.27 -10.18
C CYS C 133 -14.67 43.57 -10.35
N ASP C 134 -13.96 44.69 -10.27
CA ASP C 134 -14.59 46.00 -10.36
C ASP C 134 -14.68 46.48 -11.81
N LEU C 135 -15.29 45.63 -12.66
CA LEU C 135 -15.20 45.72 -14.11
C LEU C 135 -16.42 46.32 -14.82
N THR C 136 -17.58 46.23 -14.16
CA THR C 136 -18.83 46.67 -14.73
C THR C 136 -19.49 47.59 -13.70
N PRO C 137 -20.65 48.19 -14.05
CA PRO C 137 -21.30 49.14 -13.12
C PRO C 137 -21.60 48.45 -11.80
N HIS C 138 -21.65 47.14 -11.85
CA HIS C 138 -22.02 46.36 -10.70
C HIS C 138 -20.92 45.37 -10.30
N GLY C 139 -19.69 45.88 -10.39
CA GLY C 139 -18.52 45.15 -9.94
C GLY C 139 -18.28 45.36 -8.46
N LYS C 140 -17.38 44.55 -7.90
CA LYS C 140 -17.09 44.55 -6.47
C LYS C 140 -15.60 44.75 -6.29
N ALA C 141 -15.20 45.30 -5.14
CA ALA C 141 -13.78 45.37 -4.79
C ALA C 141 -13.31 44.00 -4.26
N ARG C 142 -12.88 43.15 -5.19
CA ARG C 142 -12.74 41.73 -4.94
C ARG C 142 -11.82 41.16 -6.02
N LYS C 143 -11.11 40.08 -5.70
CA LYS C 143 -10.33 39.35 -6.67
C LYS C 143 -10.75 37.89 -6.71
N ILE C 144 -10.81 37.34 -7.90
CA ILE C 144 -11.01 35.91 -8.09
C ILE C 144 -9.67 35.29 -8.46
N PHE C 145 -9.37 34.13 -7.88
CA PHE C 145 -8.15 33.39 -8.13
C PHE C 145 -8.53 32.00 -8.58
N THR C 146 -7.61 31.37 -9.29
CA THR C 146 -7.86 30.16 -10.02
C THR C 146 -6.81 29.12 -9.62
N MET C 147 -7.19 27.87 -9.56
CA MET C 147 -6.33 26.84 -9.02
C MET C 147 -6.79 25.49 -9.57
N ARG C 148 -5.88 24.52 -9.64
CA ARG C 148 -6.24 23.20 -10.16
C ARG C 148 -6.21 22.09 -9.12
N GLU C 149 -7.16 21.17 -9.19
CA GLU C 149 -7.19 19.98 -8.33
C GLU C 149 -7.33 18.72 -9.17
N PRO C 150 -6.84 17.58 -8.64
CA PRO C 150 -6.86 16.33 -9.39
C PRO C 150 -8.24 15.68 -9.36
N LEU C 151 -8.42 14.65 -10.17
CA LEU C 151 -9.68 13.96 -10.29
C LEU C 151 -9.69 12.77 -9.33
N THR C 152 -10.77 11.99 -9.35
CA THR C 152 -10.89 10.84 -8.46
C THR C 152 -10.07 9.66 -9.00
N ALA C 153 -10.28 9.36 -10.28
CA ALA C 153 -9.60 8.25 -10.92
C ALA C 153 -9.60 8.44 -12.42
N ILE C 154 -8.48 8.09 -13.06
CA ILE C 154 -8.40 8.16 -14.51
C ILE C 154 -8.25 6.77 -15.13
N SER C 155 -9.01 6.51 -16.17
CA SER C 155 -8.90 5.27 -16.93
C SER C 155 -8.14 5.51 -18.22
N ALA C 156 -7.05 4.75 -18.42
CA ALA C 156 -6.24 4.91 -19.62
C ALA C 156 -6.22 3.63 -20.45
N ILE C 157 -6.58 3.75 -21.72
CA ILE C 157 -6.64 2.59 -22.61
C ILE C 157 -5.68 2.82 -23.78
N THR C 158 -4.65 1.99 -23.88
CA THR C 158 -3.50 2.30 -24.73
C THR C 158 -3.36 1.34 -25.91
N PRO C 159 -2.82 1.84 -27.03
CA PRO C 159 -2.77 1.11 -28.29
C PRO C 159 -1.49 0.26 -28.44
N PHE C 160 -1.47 -0.61 -29.45
CA PHE C 160 -0.33 -1.51 -29.63
C PHE C 160 0.87 -0.85 -30.28
N ASN C 161 0.64 0.24 -31.02
CA ASN C 161 1.71 0.77 -31.86
C ASN C 161 2.84 1.49 -31.11
N HIS C 162 2.59 1.98 -29.90
CA HIS C 162 3.67 2.53 -29.06
C HIS C 162 3.51 1.99 -27.65
N PRO C 163 3.93 0.75 -27.43
CA PRO C 163 3.66 0.04 -26.18
C PRO C 163 4.25 0.74 -24.98
N LEU C 164 5.27 1.58 -25.20
CA LEU C 164 5.84 2.36 -24.11
C LEU C 164 5.34 3.81 -24.10
N ASN C 165 5.58 4.53 -25.20
CA ASN C 165 5.35 5.96 -25.21
C ASN C 165 3.91 6.40 -25.03
N MET C 166 2.98 5.61 -25.55
CA MET C 166 1.56 5.91 -25.39
C MET C 166 1.07 5.66 -23.98
N VAL C 167 1.78 4.79 -23.26
CA VAL C 167 1.50 4.65 -21.84
C VAL C 167 2.07 5.86 -21.12
N ALA C 168 3.31 6.22 -21.47
CA ALA C 168 3.95 7.40 -20.91
C ALA C 168 3.10 8.66 -21.03
N HIS C 169 2.58 8.92 -22.23
CA HIS C 169 1.75 10.11 -22.48
C HIS C 169 0.51 10.20 -21.61
N LYS C 170 0.04 9.06 -21.11
CA LYS C 170 -1.15 9.06 -20.29
C LYS C 170 -0.82 9.05 -18.81
N VAL C 171 0.30 8.41 -18.45
CA VAL C 171 0.63 8.22 -17.05
C VAL C 171 1.47 9.38 -16.46
N ALA C 172 2.44 9.87 -17.23
CA ALA C 172 3.29 10.96 -16.75
C ALA C 172 2.46 12.20 -16.36
N PRO C 173 1.53 12.63 -17.24
CA PRO C 173 0.71 13.81 -16.86
C PRO C 173 -0.17 13.54 -15.66
N ALA C 174 -0.62 12.31 -15.49
CA ALA C 174 -1.40 11.94 -14.31
C ALA C 174 -0.56 12.09 -13.05
N ILE C 175 0.66 11.58 -13.09
CA ILE C 175 1.54 11.68 -11.93
C ILE C 175 1.84 13.13 -11.64
N ALA C 176 2.18 13.89 -12.68
CA ALA C 176 2.53 15.30 -12.53
C ALA C 176 1.40 16.09 -11.88
N THR C 177 0.22 15.49 -11.88
CA THR C 177 -0.95 16.24 -11.51
C THR C 177 -1.64 15.63 -10.27
N ASN C 178 -0.93 14.70 -9.62
CA ASN C 178 -1.43 14.02 -8.43
C ASN C 178 -2.71 13.24 -8.66
N ASN C 179 -2.81 12.60 -9.81
CA ASN C 179 -3.94 11.71 -10.12
C ASN C 179 -3.55 10.25 -9.96
N CYS C 180 -4.53 9.39 -9.71
CA CYS C 180 -4.33 7.95 -9.76
C CYS C 180 -4.85 7.46 -11.10
N VAL C 181 -4.08 6.60 -11.76
CA VAL C 181 -4.51 6.13 -13.06
C VAL C 181 -4.47 4.61 -13.14
N VAL C 182 -5.45 4.03 -13.85
CA VAL C 182 -5.43 2.61 -14.14
C VAL C 182 -5.28 2.44 -15.64
N VAL C 183 -4.25 1.69 -16.04
CA VAL C 183 -3.96 1.47 -17.46
C VAL C 183 -4.34 0.05 -17.91
N LYS C 184 -5.05 -0.06 -19.02
CA LYS C 184 -5.22 -1.35 -19.70
C LYS C 184 -4.62 -1.29 -21.09
N PRO C 185 -3.47 -1.95 -21.29
CA PRO C 185 -2.87 -1.96 -22.62
C PRO C 185 -3.59 -3.00 -23.46
N THR C 186 -3.31 -2.99 -24.76
CA THR C 186 -3.83 -4.00 -25.67
C THR C 186 -3.25 -5.37 -25.30
N GLU C 187 -4.01 -6.43 -25.58
CA GLU C 187 -3.54 -7.78 -25.30
C GLU C 187 -2.40 -8.16 -26.22
N LEU C 188 -2.25 -7.42 -27.31
CA LEU C 188 -1.17 -7.65 -28.25
C LEU C 188 0.19 -7.23 -27.75
N THR C 189 0.26 -6.16 -26.95
CA THR C 189 1.55 -5.63 -26.50
C THR C 189 1.50 -5.14 -25.05
N PRO C 190 1.13 -6.02 -24.11
CA PRO C 190 0.88 -5.56 -22.74
C PRO C 190 2.12 -5.57 -21.84
N MET C 191 3.19 -6.22 -22.27
CA MET C 191 4.32 -6.42 -21.39
C MET C 191 5.11 -5.15 -21.08
N THR C 192 5.22 -4.26 -22.07
CA THR C 192 5.93 -3.01 -21.88
C THR C 192 5.30 -2.17 -20.78
N ALA C 193 3.98 -2.16 -20.74
CA ALA C 193 3.27 -1.38 -19.72
C ALA C 193 3.58 -1.90 -18.33
N LEU C 194 3.66 -3.23 -18.21
CA LEU C 194 3.93 -3.85 -16.92
C LEU C 194 5.32 -3.49 -16.44
N LEU C 195 6.25 -3.47 -17.39
CA LEU C 195 7.61 -3.08 -17.08
C LEU C 195 7.71 -1.61 -16.65
N LEU C 196 6.97 -0.74 -17.33
CA LEU C 196 6.98 0.67 -16.97
C LEU C 196 6.43 0.86 -15.55
N ALA C 197 5.39 0.10 -15.20
CA ALA C 197 4.86 0.19 -13.85
C ALA C 197 5.95 -0.12 -12.82
N ASP C 198 6.70 -1.20 -13.05
CA ASP C 198 7.78 -1.58 -12.13
C ASP C 198 8.79 -0.45 -12.01
N ILE C 199 9.17 0.12 -13.14
CA ILE C 199 10.10 1.21 -13.14
C ILE C 199 9.57 2.38 -12.33
N LEU C 200 8.27 2.66 -12.49
CA LEU C 200 7.65 3.76 -11.75
C LEU C 200 7.67 3.54 -10.24
N TYR C 201 7.26 2.34 -9.81
CA TYR C 201 7.27 2.02 -8.39
C TYR C 201 8.69 2.20 -7.83
N GLU C 202 9.67 1.68 -8.56
CA GLU C 202 11.06 1.81 -8.16
C GLU C 202 11.53 3.26 -8.07
N ALA C 203 10.98 4.11 -8.93
CA ALA C 203 11.37 5.51 -8.95
C ALA C 203 10.71 6.28 -7.81
N GLY C 204 9.83 5.61 -7.07
CA GLY C 204 9.29 6.20 -5.85
C GLY C 204 7.82 6.52 -5.92
N LEU C 205 7.17 6.16 -7.00
CA LEU C 205 5.74 6.45 -7.12
C LEU C 205 4.96 5.68 -6.06
N PRO C 206 4.14 6.38 -5.25
CA PRO C 206 3.20 5.69 -4.36
C PRO C 206 2.38 4.73 -5.20
N PRO C 207 2.38 3.45 -4.84
CA PRO C 207 1.84 2.37 -5.68
C PRO C 207 0.37 2.55 -5.99
N GLU C 208 -0.38 3.16 -5.09
CA GLU C 208 -1.81 3.35 -5.31
C GLU C 208 -2.09 4.21 -6.55
N MET C 209 -1.10 4.99 -6.99
CA MET C 209 -1.32 5.92 -8.08
C MET C 209 -1.27 5.25 -9.46
N LEU C 210 -0.84 3.99 -9.50
CA LEU C 210 -0.77 3.31 -10.78
C LEU C 210 -1.15 1.84 -10.70
N SER C 211 -2.07 1.43 -11.57
CA SER C 211 -2.31 0.00 -11.80
C SER C 211 -2.25 -0.27 -13.28
N VAL C 212 -1.68 -1.41 -13.65
CA VAL C 212 -1.75 -1.91 -15.02
C VAL C 212 -2.46 -3.27 -15.06
N VAL C 213 -3.65 -3.32 -15.66
CA VAL C 213 -4.39 -4.58 -15.72
C VAL C 213 -4.42 -5.06 -17.16
N THR C 214 -4.52 -6.37 -17.33
CA THR C 214 -4.52 -6.98 -18.66
C THR C 214 -5.66 -7.96 -18.80
N GLY C 215 -6.03 -8.27 -20.03
CA GLY C 215 -7.05 -9.26 -20.28
C GLY C 215 -7.65 -9.11 -21.67
N TRP C 216 -8.64 -9.94 -21.98
CA TRP C 216 -9.34 -9.84 -23.25
C TRP C 216 -10.32 -8.69 -23.17
N PRO C 217 -10.52 -7.98 -24.29
CA PRO C 217 -11.49 -6.88 -24.37
C PRO C 217 -12.85 -7.30 -23.82
N ALA C 218 -13.24 -8.55 -24.09
CA ALA C 218 -14.57 -9.04 -23.72
C ALA C 218 -14.72 -9.25 -22.22
N ASP C 219 -13.60 -9.40 -21.51
CA ASP C 219 -13.64 -9.64 -20.08
C ASP C 219 -13.49 -8.36 -19.26
N ILE C 220 -12.57 -7.49 -19.67
CA ILE C 220 -12.13 -6.41 -18.78
C ILE C 220 -12.22 -5.04 -19.45
N GLY C 221 -12.43 -5.02 -20.75
CA GLY C 221 -12.47 -3.78 -21.51
C GLY C 221 -13.58 -2.83 -21.07
N MET C 222 -14.77 -3.37 -20.87
CA MET C 222 -15.94 -2.55 -20.60
C MET C 222 -15.86 -1.88 -19.22
N GLU C 223 -15.24 -2.56 -18.27
CA GLU C 223 -15.09 -2.01 -16.92
C GLU C 223 -14.22 -0.73 -16.95
N MET C 224 -13.34 -0.64 -17.95
CA MET C 224 -12.46 0.52 -18.11
C MET C 224 -13.26 1.74 -18.58
N ILE C 225 -14.41 1.47 -19.20
CA ILE C 225 -15.22 2.53 -19.77
C ILE C 225 -16.28 2.95 -18.76
N THR C 226 -16.61 2.02 -17.87
CA THR C 226 -17.90 2.02 -17.22
C THR C 226 -17.84 2.16 -15.71
N ASN C 227 -16.66 1.87 -15.13
CA ASN C 227 -16.49 1.96 -13.69
C ASN C 227 -16.96 3.30 -13.13
N PRO C 228 -17.77 3.26 -12.06
CA PRO C 228 -18.39 4.48 -11.54
C PRO C 228 -17.41 5.49 -10.91
N HIS C 229 -16.22 5.04 -10.52
CA HIS C 229 -15.22 5.94 -9.92
C HIS C 229 -14.48 6.78 -10.98
N VAL C 230 -14.58 6.38 -12.24
CA VAL C 230 -13.78 6.99 -13.30
C VAL C 230 -14.33 8.36 -13.72
N ASP C 231 -13.51 9.39 -13.57
CA ASP C 231 -13.93 10.73 -13.96
C ASP C 231 -13.60 11.02 -15.41
N LEU C 232 -12.56 10.37 -15.92
CA LEU C 232 -12.06 10.64 -17.26
C LEU C 232 -11.47 9.41 -17.91
N VAL C 233 -11.88 9.14 -19.14
CA VAL C 233 -11.32 8.05 -19.92
C VAL C 233 -10.45 8.66 -21.00
N THR C 234 -9.20 8.25 -21.05
CA THR C 234 -8.31 8.70 -22.10
C THR C 234 -7.89 7.48 -22.92
N PHE C 235 -8.08 7.58 -24.23
CA PHE C 235 -7.98 6.43 -25.11
C PHE C 235 -7.30 6.81 -26.39
N THR C 236 -6.40 5.95 -26.84
CA THR C 236 -5.83 6.07 -28.17
C THR C 236 -6.02 4.72 -28.85
N GLY C 237 -6.52 4.73 -30.08
CA GLY C 237 -6.79 3.48 -30.79
C GLY C 237 -7.68 3.63 -32.01
N SER C 238 -8.42 2.57 -32.33
CA SER C 238 -9.14 2.50 -33.62
C SER C 238 -10.44 3.30 -33.57
N VAL C 239 -10.89 3.75 -34.74
CA VAL C 239 -12.15 4.49 -34.81
C VAL C 239 -13.33 3.69 -34.24
N PRO C 240 -13.47 2.42 -34.62
CA PRO C 240 -14.57 1.61 -34.09
C PRO C 240 -14.58 1.56 -32.56
N VAL C 241 -13.44 1.26 -31.94
CA VAL C 241 -13.38 1.15 -30.48
C VAL C 241 -13.62 2.51 -29.81
N GLY C 242 -13.10 3.56 -30.43
CA GLY C 242 -13.33 4.91 -29.95
C GLY C 242 -14.80 5.30 -29.96
N LYS C 243 -15.49 5.00 -31.06
CA LYS C 243 -16.93 5.28 -31.14
C LYS C 243 -17.69 4.45 -30.12
N LEU C 244 -17.18 3.25 -29.84
CA LEU C 244 -17.79 2.39 -28.81
C LEU C 244 -17.63 3.01 -27.42
N ILE C 245 -16.45 3.53 -27.13
CA ILE C 245 -16.21 4.18 -25.85
C ILE C 245 -17.12 5.42 -25.72
N ALA C 246 -17.21 6.19 -26.80
CA ALA C 246 -18.00 7.41 -26.79
C ALA C 246 -19.46 7.09 -26.48
N ALA C 247 -19.86 5.88 -26.84
CA ALA C 247 -21.26 5.46 -26.70
C ALA C 247 -21.59 4.94 -25.32
N ASN C 248 -20.57 4.57 -24.56
CA ASN C 248 -20.78 3.91 -23.27
C ASN C 248 -20.19 4.63 -22.05
N ALA C 249 -19.27 5.57 -22.28
CA ALA C 249 -18.62 6.29 -21.19
C ALA C 249 -19.48 7.48 -20.80
N HIS C 250 -20.68 7.20 -20.33
CA HIS C 250 -21.76 8.19 -20.34
C HIS C 250 -21.47 9.57 -19.75
N TYR C 251 -21.44 9.68 -18.44
CA TYR C 251 -21.28 10.99 -17.82
C TYR C 251 -19.82 11.15 -17.39
N LYS C 252 -18.92 11.03 -18.36
CA LYS C 252 -17.48 11.04 -18.09
C LYS C 252 -16.80 11.89 -19.14
N ARG C 253 -15.72 12.56 -18.75
CA ARG C 253 -14.91 13.24 -19.73
C ARG C 253 -14.22 12.18 -20.56
N GLN C 254 -14.09 12.46 -21.85
CA GLN C 254 -13.48 11.52 -22.78
C GLN C 254 -12.44 12.23 -23.60
N VAL C 255 -11.23 11.68 -23.62
CA VAL C 255 -10.21 12.13 -24.54
C VAL C 255 -9.97 10.98 -25.50
N LEU C 256 -10.40 11.14 -26.74
CA LEU C 256 -10.34 10.05 -27.70
C LEU C 256 -9.47 10.45 -28.87
N GLU C 257 -8.35 9.76 -29.03
CA GLU C 257 -7.50 9.96 -30.20
C GLU C 257 -7.62 8.72 -31.05
N LEU C 258 -8.11 8.91 -32.26
CA LEU C 258 -8.33 7.78 -33.16
C LEU C 258 -7.31 7.83 -34.31
N GLY C 259 -7.58 7.13 -35.40
CA GLY C 259 -6.60 7.08 -36.47
C GLY C 259 -6.40 8.42 -37.19
N GLY C 260 -5.38 8.45 -38.04
CA GLY C 260 -5.21 9.53 -38.97
C GLY C 260 -5.15 8.92 -40.36
N ASN C 261 -5.07 9.77 -41.37
CA ASN C 261 -4.83 9.33 -42.72
C ASN C 261 -4.08 10.46 -43.38
N ASP C 262 -2.87 10.68 -42.89
CA ASP C 262 -2.23 11.97 -43.05
C ASP C 262 -1.44 12.08 -44.34
N PRO C 263 -1.62 13.21 -45.04
CA PRO C 263 -0.96 13.47 -46.31
C PRO C 263 0.40 14.14 -46.11
N LEU C 264 1.34 13.81 -47.00
CA LEU C 264 2.48 14.67 -47.25
C LEU C 264 2.24 15.25 -48.62
N ILE C 265 2.17 16.57 -48.69
CA ILE C 265 1.79 17.22 -49.94
C ILE C 265 3.01 17.85 -50.61
N ILE C 266 3.23 17.52 -51.88
CA ILE C 266 4.38 18.03 -52.62
C ILE C 266 3.93 19.04 -53.68
N LEU C 267 4.25 20.32 -53.46
CA LEU C 267 3.79 21.35 -54.37
C LEU C 267 4.72 21.51 -55.57
N ASN C 268 4.20 22.07 -56.65
CA ASN C 268 4.94 22.10 -57.91
C ASN C 268 5.95 23.25 -58.05
N ASP C 269 6.22 23.99 -56.97
CA ASP C 269 7.20 25.06 -57.05
C ASP C 269 8.60 24.54 -56.75
N LEU C 270 8.71 23.30 -56.32
CA LEU C 270 9.97 22.78 -55.80
C LEU C 270 11.01 22.46 -56.87
N SER C 271 12.25 22.80 -56.57
CA SER C 271 13.38 22.45 -57.40
C SER C 271 13.68 20.96 -57.28
N ASP C 272 14.57 20.45 -58.14
CA ASP C 272 14.93 19.03 -58.07
C ASP C 272 15.62 18.68 -56.75
N ASP C 273 16.46 19.58 -56.24
CA ASP C 273 17.09 19.36 -54.94
C ASP C 273 16.04 19.27 -53.84
N ASP C 274 15.07 20.17 -53.88
CA ASP C 274 13.99 20.15 -52.91
C ASP C 274 13.16 18.88 -53.03
N LEU C 275 12.94 18.42 -54.27
CA LEU C 275 12.19 17.15 -54.44
C LEU C 275 12.90 16.00 -53.72
N ALA C 276 14.23 15.99 -53.78
CA ALA C 276 15.00 14.95 -53.11
C ALA C 276 14.80 15.06 -51.60
N ARG C 277 14.79 16.28 -51.07
CA ARG C 277 14.54 16.45 -49.65
C ARG C 277 13.14 15.98 -49.29
N ALA C 278 12.16 16.35 -50.13
CA ALA C 278 10.79 15.93 -49.93
C ALA C 278 10.65 14.41 -50.01
N ALA C 279 11.40 13.79 -50.92
CA ALA C 279 11.39 12.33 -51.03
C ALA C 279 11.91 11.68 -49.75
N ASP C 280 12.94 12.26 -49.16
CA ASP C 280 13.45 11.79 -47.88
C ASP C 280 12.34 11.79 -46.82
N LEU C 281 11.60 12.89 -46.73
CA LEU C 281 10.48 13.00 -45.77
C LEU C 281 9.39 11.98 -46.07
N ALA C 282 9.08 11.80 -47.34
CA ALA C 282 8.03 10.87 -47.73
C ALA C 282 8.35 9.44 -47.26
N VAL C 283 9.56 8.98 -47.58
CA VAL C 283 9.96 7.62 -47.24
C VAL C 283 10.06 7.40 -45.74
N ALA C 284 10.69 8.34 -45.03
CA ALA C 284 10.76 8.23 -43.57
C ALA C 284 9.38 8.27 -42.96
N GLY C 285 8.55 9.20 -43.43
CA GLY C 285 7.23 9.37 -42.83
C GLY C 285 6.29 8.20 -43.08
N ALA C 286 6.42 7.55 -44.23
CA ALA C 286 5.49 6.46 -44.59
C ALA C 286 5.89 5.17 -43.87
N THR C 287 7.09 5.18 -43.31
CA THR C 287 7.80 3.95 -43.05
C THR C 287 8.24 3.81 -41.59
N LYS C 288 8.44 4.91 -40.87
CA LYS C 288 8.83 4.82 -39.47
C LYS C 288 7.82 4.07 -38.61
N ASN C 289 8.33 3.32 -37.63
CA ASN C 289 7.52 2.47 -36.79
C ASN C 289 6.73 1.47 -37.65
N SER C 290 7.31 1.07 -38.79
CA SER C 290 6.64 0.17 -39.74
C SER C 290 5.34 0.81 -40.24
N GLY C 291 5.33 2.14 -40.33
CA GLY C 291 4.14 2.84 -40.80
C GLY C 291 3.02 2.86 -39.77
N GLN C 292 3.29 2.36 -38.56
CA GLN C 292 2.27 2.27 -37.53
C GLN C 292 2.23 3.50 -36.59
N ARG C 293 1.85 4.64 -37.15
CA ARG C 293 1.64 5.84 -36.36
C ARG C 293 0.30 6.42 -36.82
N CYS C 294 -0.43 6.98 -35.87
CA CYS C 294 -1.63 7.74 -36.23
C CYS C 294 -1.27 8.83 -37.24
N THR C 295 -0.08 9.40 -37.09
CA THR C 295 0.34 10.53 -37.94
C THR C 295 1.37 10.10 -39.00
N ALA C 296 1.42 8.80 -39.30
CA ALA C 296 2.28 8.32 -40.38
C ALA C 296 1.86 8.95 -41.72
N VAL C 297 2.80 9.12 -42.62
CA VAL C 297 2.43 9.49 -43.98
C VAL C 297 1.69 8.31 -44.61
N LYS C 298 0.44 8.51 -44.98
CA LYS C 298 -0.34 7.43 -45.57
C LYS C 298 -0.82 7.78 -46.99
N ARG C 299 -0.61 9.03 -47.38
CA ARG C 299 -0.98 9.52 -48.69
C ARG C 299 0.07 10.54 -49.10
N ILE C 300 0.77 10.29 -50.19
CA ILE C 300 1.71 11.29 -50.67
C ILE C 300 1.06 11.95 -51.87
N LEU C 301 0.60 13.18 -51.67
CA LEU C 301 -0.11 13.90 -52.71
C LEU C 301 0.88 14.74 -53.48
N CYS C 302 1.25 14.26 -54.67
CA CYS C 302 2.25 14.94 -55.48
C CYS C 302 1.61 15.64 -56.69
N GLN C 303 1.79 16.95 -56.78
CA GLN C 303 1.20 17.68 -57.90
C GLN C 303 1.78 17.16 -59.22
N GLU C 304 0.90 16.98 -60.20
CA GLU C 304 1.23 16.26 -61.43
C GLU C 304 2.54 16.70 -62.07
N SER C 305 2.74 18.00 -62.21
CA SER C 305 3.85 18.51 -63.00
C SER C 305 5.25 18.20 -62.42
N VAL C 306 5.32 17.73 -61.18
CA VAL C 306 6.62 17.37 -60.62
C VAL C 306 6.71 15.89 -60.26
N ALA C 307 5.63 15.16 -60.51
CA ALA C 307 5.56 13.75 -60.14
C ALA C 307 6.63 12.92 -60.84
N ASP C 308 6.87 13.19 -62.12
CA ASP C 308 7.82 12.39 -62.90
C ASP C 308 9.24 12.54 -62.38
N ARG C 309 9.56 13.71 -61.83
CA ARG C 309 10.83 13.89 -61.18
C ARG C 309 10.84 13.39 -59.73
N PHE C 310 9.71 13.54 -59.04
CA PHE C 310 9.58 13.15 -57.64
C PHE C 310 9.61 11.64 -57.41
N VAL C 311 8.83 10.91 -58.19
CA VAL C 311 8.65 9.48 -57.95
C VAL C 311 9.97 8.68 -57.94
N PRO C 312 10.84 8.90 -58.96
CA PRO C 312 12.09 8.14 -59.00
C PRO C 312 12.94 8.38 -57.76
N LEU C 313 12.90 9.61 -57.24
CA LEU C 313 13.64 9.93 -56.01
C LEU C 313 13.12 9.13 -54.84
N VAL C 314 11.80 9.01 -54.75
CA VAL C 314 11.21 8.19 -53.69
C VAL C 314 11.60 6.72 -53.83
N LEU C 315 11.51 6.22 -55.06
CA LEU C 315 11.83 4.82 -55.35
C LEU C 315 13.24 4.49 -54.90
N GLU C 316 14.17 5.34 -55.30
CA GLU C 316 15.57 5.13 -54.96
C GLU C 316 15.76 5.03 -53.44
N ARG C 317 15.12 5.93 -52.70
CA ARG C 317 15.26 5.94 -51.25
C ARG C 317 14.60 4.72 -50.61
N ALA C 318 13.45 4.34 -51.14
CA ALA C 318 12.74 3.20 -50.57
C ALA C 318 13.62 1.95 -50.70
N LYS C 319 14.34 1.83 -51.82
CA LYS C 319 15.13 0.62 -52.06
C LYS C 319 16.32 0.50 -51.11
N ARG C 320 16.73 1.60 -50.51
CA ARG C 320 17.84 1.58 -49.57
C ARG C 320 17.46 1.01 -48.21
N LEU C 321 16.17 0.99 -47.90
CA LEU C 321 15.72 0.53 -46.59
C LEU C 321 16.03 -0.95 -46.37
N ARG C 322 16.62 -1.27 -45.24
CA ARG C 322 16.81 -2.65 -44.84
C ARG C 322 15.60 -3.10 -44.03
N PHE C 323 14.88 -4.09 -44.53
CA PHE C 323 13.75 -4.66 -43.81
C PHE C 323 14.04 -6.12 -43.51
N GLY C 324 13.71 -6.54 -42.30
CA GLY C 324 13.97 -7.90 -41.88
C GLY C 324 13.94 -8.08 -40.37
N ASP C 325 14.82 -8.96 -39.89
CA ASP C 325 14.88 -9.30 -38.49
C ASP C 325 14.90 -8.05 -37.58
N PRO C 326 13.82 -7.85 -36.80
CA PRO C 326 13.69 -6.66 -35.95
C PRO C 326 14.82 -6.54 -34.92
N MET C 327 15.33 -7.68 -34.46
CA MET C 327 16.41 -7.65 -33.45
C MET C 327 17.78 -7.38 -34.05
N ASP C 328 17.87 -7.40 -35.36
CA ASP C 328 19.13 -7.03 -36.00
C ASP C 328 19.28 -5.50 -35.99
N ARG C 329 20.35 -5.01 -35.36
CA ARG C 329 20.56 -3.56 -35.24
C ARG C 329 20.76 -2.82 -36.56
N SER C 330 20.99 -3.56 -37.63
CA SER C 330 21.13 -2.92 -38.93
C SER C 330 19.80 -2.89 -39.69
N THR C 331 18.77 -3.51 -39.13
CA THR C 331 17.43 -3.43 -39.71
C THR C 331 16.83 -2.02 -39.54
N ASP C 332 16.32 -1.44 -40.62
CA ASP C 332 15.56 -0.20 -40.50
C ASP C 332 14.12 -0.51 -40.18
N LEU C 333 13.54 -1.43 -40.95
CA LEU C 333 12.11 -1.72 -40.92
C LEU C 333 11.86 -3.14 -40.46
N GLY C 334 11.20 -3.28 -39.30
CA GLY C 334 10.77 -4.55 -38.80
C GLY C 334 9.43 -4.96 -39.39
N THR C 335 8.69 -5.81 -38.68
CA THR C 335 7.39 -6.27 -39.13
C THR C 335 6.29 -5.28 -38.75
N VAL C 336 5.07 -5.53 -39.23
CA VAL C 336 3.89 -4.91 -38.64
C VAL C 336 3.35 -5.80 -37.51
N ILE C 337 2.24 -5.40 -36.90
CA ILE C 337 1.76 -6.01 -35.66
C ILE C 337 1.49 -7.53 -35.78
N HIS C 338 0.99 -7.97 -36.93
CA HIS C 338 0.75 -9.40 -37.16
C HIS C 338 0.54 -9.69 -38.63
N GLU C 339 0.51 -10.98 -38.98
CA GLU C 339 0.47 -11.37 -40.38
C GLU C 339 -0.84 -11.01 -41.04
N LYS C 340 -1.93 -11.11 -40.29
CA LYS C 340 -3.23 -10.71 -40.81
C LYS C 340 -3.22 -9.25 -41.28
N ALA C 341 -2.64 -8.37 -40.46
CA ALA C 341 -2.52 -6.97 -40.82
C ALA C 341 -1.69 -6.83 -42.09
N ALA C 342 -0.56 -7.51 -42.10
CA ALA C 342 0.34 -7.42 -43.25
C ALA C 342 -0.33 -7.89 -44.53
N ALA C 343 -1.08 -8.99 -44.45
CA ALA C 343 -1.76 -9.53 -45.63
C ALA C 343 -2.84 -8.56 -46.14
N LEU C 344 -3.59 -7.98 -45.20
CA LEU C 344 -4.57 -6.97 -45.56
C LEU C 344 -3.94 -5.81 -46.34
N PHE C 345 -2.79 -5.31 -45.89
CA PHE C 345 -2.19 -4.13 -46.50
C PHE C 345 -1.70 -4.46 -47.90
N GLU C 346 -1.13 -5.65 -48.06
CA GLU C 346 -0.67 -6.10 -49.37
C GLU C 346 -1.85 -6.21 -50.33
N GLU C 347 -2.94 -6.78 -49.82
CA GLU C 347 -4.19 -6.87 -50.56
C GLU C 347 -4.64 -5.52 -51.11
N ARG C 348 -4.61 -4.49 -50.27
CA ARG C 348 -5.01 -3.16 -50.71
C ARG C 348 -4.07 -2.66 -51.82
N VAL C 349 -2.80 -3.00 -51.71
CA VAL C 349 -1.85 -2.64 -52.75
C VAL C 349 -2.21 -3.32 -54.07
N MET C 350 -2.43 -4.63 -54.01
CA MET C 350 -2.87 -5.38 -55.18
C MET C 350 -4.14 -4.79 -55.82
N ARG C 351 -5.16 -4.52 -55.01
CA ARG C 351 -6.40 -3.95 -55.54
C ARG C 351 -6.19 -2.58 -56.19
N ALA C 352 -5.39 -1.74 -55.55
CA ALA C 352 -5.10 -0.42 -56.11
C ALA C 352 -4.45 -0.59 -57.48
N ALA C 353 -3.58 -1.57 -57.61
CA ALA C 353 -2.91 -1.82 -58.89
C ALA C 353 -3.92 -2.24 -59.98
N GLU C 354 -4.87 -3.10 -59.62
CA GLU C 354 -5.96 -3.45 -60.54
C GLU C 354 -6.81 -2.25 -60.91
N GLU C 355 -6.85 -1.25 -60.04
CA GLU C 355 -7.69 -0.09 -60.28
C GLU C 355 -6.90 1.03 -60.98
N GLY C 356 -5.67 0.72 -61.37
CA GLY C 356 -4.87 1.63 -62.18
C GLY C 356 -3.56 2.08 -61.57
N ALA C 357 -3.29 1.68 -60.33
CA ALA C 357 -2.04 2.02 -59.68
C ALA C 357 -0.86 1.26 -60.26
N ASP C 358 0.33 1.76 -59.98
CA ASP C 358 1.55 1.24 -60.58
C ASP C 358 2.51 0.82 -59.47
N ILE C 359 2.62 -0.49 -59.22
CA ILE C 359 3.57 -0.98 -58.22
C ILE C 359 4.98 -0.87 -58.76
N LEU C 360 5.82 -0.09 -58.07
CA LEU C 360 7.18 0.18 -58.55
C LEU C 360 8.23 -0.61 -57.79
N TYR C 361 7.90 -1.02 -56.57
CA TYR C 361 8.84 -1.77 -55.76
C TYR C 361 8.06 -2.62 -54.78
N HIS C 362 8.23 -3.93 -54.90
CA HIS C 362 7.57 -4.88 -54.02
C HIS C 362 8.35 -6.18 -54.05
N PRO C 363 9.40 -6.26 -53.23
CA PRO C 363 10.22 -7.48 -53.16
C PRO C 363 9.52 -8.66 -52.50
N GLY C 364 8.26 -8.47 -52.08
CA GLY C 364 7.48 -9.58 -51.55
C GLY C 364 7.34 -9.60 -50.05
N ARG C 365 6.15 -9.97 -49.60
CA ARG C 365 5.83 -10.07 -48.19
C ARG C 365 6.23 -11.44 -47.64
N SER C 366 6.66 -11.46 -46.39
CA SER C 366 6.89 -12.72 -45.70
C SER C 366 6.30 -12.68 -44.29
N GLY C 367 5.12 -13.28 -44.14
CA GLY C 367 4.42 -13.27 -42.86
C GLY C 367 4.03 -11.85 -42.50
N ALA C 368 4.41 -11.41 -41.30
CA ALA C 368 4.12 -10.06 -40.84
C ALA C 368 5.12 -9.04 -41.39
N LEU C 369 6.12 -9.51 -42.10
CA LEU C 369 7.14 -8.62 -42.64
C LEU C 369 6.79 -8.04 -44.00
N LEU C 370 6.47 -6.75 -44.01
CA LEU C 370 6.10 -6.05 -45.22
C LEU C 370 7.27 -5.18 -45.64
N PRO C 371 7.70 -5.26 -46.89
CA PRO C 371 8.75 -4.35 -47.35
C PRO C 371 8.13 -2.96 -47.56
N PRO C 372 8.97 -1.93 -47.75
CA PRO C 372 8.42 -0.58 -47.95
C PRO C 372 7.92 -0.43 -49.38
N ILE C 373 6.77 -1.01 -49.65
CA ILE C 373 6.21 -1.05 -51.00
C ILE C 373 5.97 0.34 -51.59
N VAL C 374 6.47 0.58 -52.79
CA VAL C 374 6.23 1.85 -53.46
C VAL C 374 5.20 1.71 -54.58
N VAL C 375 4.15 2.51 -54.52
CA VAL C 375 3.07 2.46 -55.51
C VAL C 375 2.79 3.87 -55.98
N ASP C 376 2.77 4.04 -57.31
CA ASP C 376 2.55 5.34 -57.94
C ASP C 376 1.15 5.35 -58.59
N ARG C 377 0.70 6.54 -59.01
CA ARG C 377 -0.62 6.68 -59.62
C ARG C 377 -1.73 5.99 -58.83
N VAL C 378 -1.66 6.07 -57.51
CA VAL C 378 -2.71 5.50 -56.68
C VAL C 378 -4.00 6.32 -56.82
N PRO C 379 -5.12 5.65 -57.14
CA PRO C 379 -6.41 6.35 -57.21
C PRO C 379 -6.80 6.78 -55.79
N HIS C 380 -7.22 8.03 -55.62
CA HIS C 380 -7.45 8.53 -54.28
C HIS C 380 -8.64 7.85 -53.61
N GLN C 381 -9.50 7.20 -54.41
CA GLN C 381 -10.65 6.51 -53.83
C GLN C 381 -10.38 5.04 -53.50
N SER C 382 -9.18 4.56 -53.81
CA SER C 382 -8.86 3.16 -53.51
C SER C 382 -8.78 2.95 -52.01
N ASP C 383 -9.07 1.74 -51.55
CA ASP C 383 -9.02 1.43 -50.13
C ASP C 383 -7.66 1.77 -49.52
N LEU C 384 -6.61 1.57 -50.32
CA LEU C 384 -5.26 1.79 -49.88
C LEU C 384 -5.07 3.15 -49.23
N VAL C 385 -5.63 4.20 -49.84
CA VAL C 385 -5.43 5.56 -49.35
C VAL C 385 -6.69 6.23 -48.80
N LEU C 386 -7.84 5.61 -49.00
CA LEU C 386 -9.08 6.18 -48.51
C LEU C 386 -9.33 5.73 -47.08
N GLU C 387 -9.12 4.44 -46.85
CA GLU C 387 -9.04 3.90 -45.50
C GLU C 387 -7.67 4.21 -44.94
N GLU C 388 -7.55 4.11 -43.62
CA GLU C 388 -6.25 4.17 -42.97
C GLU C 388 -5.52 2.83 -43.13
N THR C 389 -4.36 2.87 -43.78
CA THR C 389 -3.54 1.66 -43.96
C THR C 389 -2.26 1.73 -43.09
N PHE C 390 -2.29 0.94 -42.03
CA PHE C 390 -1.38 1.12 -40.90
C PHE C 390 -0.10 0.30 -41.09
N GLY C 391 0.55 0.47 -42.24
CA GLY C 391 1.75 -0.27 -42.56
C GLY C 391 2.69 0.56 -43.42
N PRO C 392 3.88 0.02 -43.72
CA PRO C 392 4.94 0.80 -44.37
C PRO C 392 4.80 0.96 -45.88
N ILE C 393 3.58 1.13 -46.36
CA ILE C 393 3.35 1.39 -47.78
C ILE C 393 3.69 2.85 -48.08
N ILE C 394 4.26 3.07 -49.26
CA ILE C 394 4.65 4.40 -49.71
C ILE C 394 3.81 4.70 -50.96
N PRO C 395 2.61 5.28 -50.77
CA PRO C 395 1.70 5.41 -51.88
C PRO C 395 1.63 6.84 -52.42
N ILE C 396 1.96 7.01 -53.70
CA ILE C 396 1.91 8.35 -54.32
C ILE C 396 0.60 8.54 -55.08
N VAL C 397 -0.12 9.58 -54.70
CA VAL C 397 -1.34 9.96 -55.38
C VAL C 397 -1.01 11.20 -56.20
N ARG C 398 -1.17 11.12 -57.51
CA ARG C 398 -0.92 12.30 -58.33
C ARG C 398 -2.14 13.20 -58.29
N VAL C 399 -1.92 14.47 -57.99
CA VAL C 399 -3.04 15.39 -57.84
C VAL C 399 -2.81 16.56 -58.78
N PRO C 400 -3.88 17.28 -59.10
CA PRO C 400 -3.80 18.40 -60.07
C PRO C 400 -2.81 19.48 -59.65
N ASP C 401 -2.27 20.18 -60.63
CA ASP C 401 -1.51 21.39 -60.38
C ASP C 401 -2.47 22.54 -60.07
N ASP C 402 -3.21 22.38 -58.98
CA ASP C 402 -4.17 23.38 -58.53
C ASP C 402 -4.40 23.19 -57.04
N ASP C 403 -4.13 24.22 -56.25
CA ASP C 403 -4.16 24.10 -54.80
C ASP C 403 -5.55 23.84 -54.24
N ASP C 404 -6.55 24.54 -54.77
CA ASP C 404 -7.92 24.31 -54.34
C ASP C 404 -8.31 22.84 -54.53
N ALA C 405 -7.99 22.27 -55.68
CA ALA C 405 -8.34 20.89 -55.93
C ALA C 405 -7.52 19.96 -55.02
N THR C 406 -6.27 20.32 -54.79
CA THR C 406 -5.42 19.51 -53.91
C THR C 406 -5.96 19.52 -52.47
N ILE C 407 -6.29 20.70 -51.99
CA ILE C 407 -6.82 20.85 -50.64
C ILE C 407 -8.13 20.10 -50.47
N THR C 408 -9.00 20.21 -51.47
CA THR C 408 -10.26 19.47 -51.45
C THR C 408 -10.03 17.97 -51.37
N LEU C 409 -9.09 17.49 -52.19
CA LEU C 409 -8.75 16.07 -52.20
C LEU C 409 -8.17 15.65 -50.84
N SER C 410 -7.29 16.48 -50.31
CA SER C 410 -6.68 16.19 -49.03
C SER C 410 -7.73 16.08 -47.92
N ASN C 411 -8.73 16.96 -47.98
CA ASN C 411 -9.80 16.98 -46.99
C ASN C 411 -10.91 15.96 -47.22
N SER C 412 -10.78 15.13 -48.24
CA SER C 412 -11.91 14.30 -48.66
C SER C 412 -12.09 13.00 -47.88
N THR C 413 -11.20 12.68 -46.95
CA THR C 413 -11.37 11.44 -46.18
C THR C 413 -12.10 11.71 -44.87
N ALA C 414 -12.33 10.67 -44.09
CA ALA C 414 -13.06 10.83 -42.83
C ALA C 414 -12.14 11.35 -41.73
N PHE C 415 -10.85 11.42 -42.03
CA PHE C 415 -9.86 11.74 -40.99
C PHE C 415 -9.38 13.19 -41.04
N GLY C 416 -8.85 13.69 -39.93
CA GLY C 416 -8.25 15.01 -39.87
C GLY C 416 -7.31 15.12 -38.68
N LEU C 417 -6.10 14.58 -38.83
CA LEU C 417 -5.19 14.59 -37.72
C LEU C 417 -4.07 15.57 -38.00
N SER C 418 -3.06 15.13 -38.75
CA SER C 418 -1.94 16.01 -39.09
C SER C 418 -1.68 16.02 -40.57
N SER C 419 -0.62 16.71 -40.98
CA SER C 419 -0.30 16.86 -42.39
C SER C 419 1.08 17.48 -42.53
N GLY C 420 1.68 17.32 -43.70
CA GLY C 420 2.90 18.02 -44.04
C GLY C 420 2.80 18.56 -45.44
N VAL C 421 3.38 19.74 -45.66
CA VAL C 421 3.33 20.36 -46.98
C VAL C 421 4.72 20.84 -47.33
N CYS C 422 5.22 20.44 -48.50
CA CYS C 422 6.54 20.90 -48.96
C CYS C 422 6.41 21.92 -50.08
N THR C 423 6.81 23.16 -49.80
CA THR C 423 6.75 24.27 -50.76
C THR C 423 7.63 25.39 -50.22
N ASN C 424 8.05 26.30 -51.08
CA ASN C 424 8.83 27.47 -50.62
C ASN C 424 8.05 28.76 -50.82
N ASP C 425 6.83 28.63 -51.34
CA ASP C 425 6.00 29.78 -51.68
C ASP C 425 5.13 30.12 -50.47
N TYR C 426 5.41 31.25 -49.82
CA TYR C 426 4.71 31.57 -48.57
C TYR C 426 3.21 31.64 -48.76
N ARG C 427 2.77 32.28 -49.83
CA ARG C 427 1.35 32.45 -50.08
C ARG C 427 0.65 31.09 -50.07
N ARG C 428 1.28 30.10 -50.68
CA ARG C 428 0.69 28.78 -50.80
C ARG C 428 0.73 28.05 -49.46
N MET C 429 1.85 28.22 -48.74
CA MET C 429 1.99 27.73 -47.37
C MET C 429 0.78 28.11 -46.53
N GLN C 430 0.51 29.41 -46.47
CA GLN C 430 -0.53 29.96 -45.61
C GLN C 430 -1.89 29.45 -46.06
N LYS C 431 -2.05 29.31 -47.37
CA LYS C 431 -3.30 28.80 -47.92
C LYS C 431 -3.56 27.37 -47.45
N TYR C 432 -2.53 26.53 -47.47
CA TYR C 432 -2.68 25.17 -46.95
C TYR C 432 -2.85 25.12 -45.43
N ILE C 433 -2.10 25.94 -44.70
CA ILE C 433 -2.25 25.97 -43.26
C ILE C 433 -3.71 26.33 -42.90
N ALA C 434 -4.26 27.31 -43.59
CA ALA C 434 -5.64 27.74 -43.30
C ALA C 434 -6.68 26.74 -43.81
N GLY C 435 -6.39 26.10 -44.94
CA GLY C 435 -7.40 25.30 -45.66
C GLY C 435 -7.48 23.82 -45.34
N LEU C 436 -6.38 23.22 -44.87
CA LEU C 436 -6.43 21.80 -44.50
C LEU C 436 -7.25 21.59 -43.23
N LYS C 437 -8.16 20.64 -43.28
CA LYS C 437 -9.01 20.40 -42.11
C LYS C 437 -8.41 19.35 -41.21
N VAL C 438 -7.43 19.78 -40.40
CA VAL C 438 -6.62 18.89 -39.59
C VAL C 438 -6.27 19.58 -38.29
N GLY C 439 -5.71 18.84 -37.35
CA GLY C 439 -5.23 19.42 -36.11
C GLY C 439 -3.87 20.11 -36.23
N THR C 440 -3.07 19.69 -37.21
CA THR C 440 -1.69 20.16 -37.35
C THR C 440 -1.27 20.23 -38.81
N VAL C 441 -0.60 21.31 -39.18
CA VAL C 441 0.00 21.42 -40.52
C VAL C 441 1.49 21.73 -40.37
N ASN C 442 2.34 20.77 -40.74
CA ASN C 442 3.80 20.99 -40.70
C ASN C 442 4.36 21.39 -42.06
N ILE C 443 4.98 22.56 -42.13
CA ILE C 443 5.61 22.98 -43.36
C ILE C 443 7.00 22.36 -43.42
N TRP C 444 7.27 21.57 -44.45
CA TRP C 444 8.58 20.96 -44.65
C TRP C 444 8.97 19.97 -43.54
N GLU C 445 7.98 19.25 -43.02
CA GLU C 445 8.24 18.13 -42.11
C GLU C 445 7.12 17.12 -42.32
N VAL C 446 7.32 15.91 -41.83
CA VAL C 446 6.29 14.90 -41.95
C VAL C 446 5.13 15.23 -41.03
N PRO C 447 3.94 14.73 -41.34
CA PRO C 447 2.80 14.98 -40.45
C PRO C 447 3.06 14.51 -39.02
N GLY C 448 3.94 13.54 -38.84
CA GLY C 448 4.21 13.03 -37.51
C GLY C 448 5.07 13.91 -36.62
N TYR C 449 5.64 14.97 -37.19
CA TYR C 449 6.53 15.82 -36.40
C TYR C 449 5.77 16.65 -35.36
N ARG C 450 6.28 16.63 -34.13
CA ARG C 450 5.80 17.50 -33.05
C ARG C 450 6.77 17.37 -31.89
N ILE C 451 6.63 18.21 -30.87
CA ILE C 451 7.41 18.05 -29.64
C ILE C 451 6.45 17.51 -28.58
N GLU C 452 6.96 16.94 -27.50
CA GLU C 452 6.09 16.18 -26.60
C GLU C 452 5.13 17.10 -25.85
N MET C 453 5.41 18.40 -25.88
CA MET C 453 4.56 19.33 -25.15
C MET C 453 3.74 20.27 -26.00
N SER C 454 3.72 20.08 -27.32
CA SER C 454 2.86 20.91 -28.17
C SER C 454 1.46 20.27 -28.20
N PRO C 455 0.42 21.08 -28.44
CA PRO C 455 -0.93 20.51 -28.44
C PRO C 455 -1.11 19.51 -29.57
N PHE C 456 -1.60 18.31 -29.22
CA PHE C 456 -1.75 17.24 -30.20
C PHE C 456 -3.15 16.66 -30.18
N GLY C 457 -3.76 16.59 -31.35
CA GLY C 457 -5.08 16.01 -31.46
C GLY C 457 -5.74 16.36 -32.77
N GLY C 458 -6.72 15.56 -33.16
CA GLY C 458 -7.33 15.72 -34.47
C GLY C 458 -8.81 16.07 -34.40
N ILE C 459 -9.42 16.12 -35.56
CA ILE C 459 -10.84 16.41 -35.65
C ILE C 459 -11.50 15.33 -36.52
N LYS C 460 -12.78 15.52 -36.83
CA LYS C 460 -13.50 14.55 -37.66
C LYS C 460 -13.40 13.16 -37.02
N ASP C 461 -13.11 12.13 -37.78
CA ASP C 461 -12.94 10.80 -37.19
C ASP C 461 -11.61 10.54 -36.49
N SER C 462 -10.72 11.53 -36.49
CA SER C 462 -9.41 11.36 -35.86
C SER C 462 -9.41 11.61 -34.36
N GLY C 463 -10.45 12.28 -33.86
CA GLY C 463 -10.50 12.59 -32.44
C GLY C 463 -11.73 13.42 -32.10
N ASN C 464 -12.17 13.32 -30.84
CA ASN C 464 -13.36 14.05 -30.40
C ASN C 464 -13.11 15.52 -30.06
N GLY C 465 -11.92 16.01 -30.41
CA GLY C 465 -11.65 17.44 -30.37
C GLY C 465 -10.91 17.99 -29.16
N TYR C 466 -10.43 17.11 -28.30
CA TYR C 466 -9.58 17.55 -27.19
C TYR C 466 -8.10 17.38 -27.53
N LYS C 467 -7.27 18.27 -27.03
CA LYS C 467 -5.84 18.17 -27.27
C LYS C 467 -5.13 17.31 -26.23
N GLU C 468 -4.11 16.60 -26.68
CA GLU C 468 -3.23 15.80 -25.83
C GLU C 468 -1.85 16.44 -25.86
N GLY C 469 -0.82 15.66 -25.52
CA GLY C 469 0.50 16.20 -25.25
C GLY C 469 0.57 16.51 -23.78
N VAL C 470 1.78 16.55 -23.22
CA VAL C 470 1.96 16.68 -21.79
C VAL C 470 1.21 17.87 -21.16
N ILE C 471 1.36 19.05 -21.76
CA ILE C 471 0.74 20.26 -21.20
C ILE C 471 -0.80 20.21 -21.21
N GLU C 472 -1.37 19.90 -22.37
CA GLU C 472 -2.83 19.83 -22.45
C GLU C 472 -3.42 18.65 -21.65
N ALA C 473 -2.68 17.55 -21.60
CA ALA C 473 -3.11 16.41 -20.79
C ALA C 473 -3.16 16.77 -19.30
N MET C 474 -2.14 17.50 -18.83
CA MET C 474 -2.15 17.95 -17.43
C MET C 474 -3.37 18.82 -17.11
N LYS C 475 -3.74 19.69 -18.06
CA LYS C 475 -4.97 20.47 -17.90
C LYS C 475 -6.21 19.59 -17.90
N SER C 476 -6.27 18.63 -18.83
CA SER C 476 -7.44 17.74 -18.93
C SER C 476 -7.63 16.93 -17.67
N PHE C 477 -6.52 16.59 -17.01
CA PHE C 477 -6.56 15.71 -15.85
C PHE C 477 -6.87 16.45 -14.54
N THR C 478 -7.30 17.71 -14.64
CA THR C 478 -7.60 18.46 -13.44
C THR C 478 -8.95 19.15 -13.53
N ASN C 479 -9.44 19.57 -12.38
CA ASN C 479 -10.60 20.45 -12.33
C ASN C 479 -10.08 21.80 -11.89
N VAL C 480 -10.62 22.86 -12.49
CA VAL C 480 -10.27 24.20 -12.06
C VAL C 480 -11.24 24.60 -10.93
N LYS C 481 -10.67 25.10 -9.84
CA LYS C 481 -11.46 25.66 -8.76
C LYS C 481 -11.10 27.12 -8.71
N THR C 482 -12.11 27.97 -8.61
CA THR C 482 -11.90 29.40 -8.39
C THR C 482 -12.26 29.75 -6.95
N PHE C 483 -11.62 30.79 -6.42
CA PHE C 483 -12.03 31.35 -5.14
C PHE C 483 -11.91 32.87 -5.18
N SER C 484 -12.74 33.58 -4.43
CA SER C 484 -12.68 35.02 -4.42
C SER C 484 -12.51 35.56 -3.00
N LEU C 485 -11.74 36.62 -2.90
CA LEU C 485 -11.46 37.29 -1.65
C LEU C 485 -11.85 38.75 -1.72
N PRO C 486 -12.42 39.28 -0.63
CA PRO C 486 -12.64 40.73 -0.53
C PRO C 486 -11.31 41.45 -0.77
N TRP C 487 -11.34 42.49 -1.60
CA TRP C 487 -10.11 43.23 -1.87
C TRP C 487 -10.32 44.75 -1.83
N ARG D 14 -28.87 -9.83 -16.61
CA ARG D 14 -28.49 -9.17 -17.85
C ARG D 14 -29.56 -8.21 -18.32
N HIS D 15 -29.23 -6.93 -18.37
CA HIS D 15 -30.15 -5.94 -18.92
C HIS D 15 -29.65 -5.57 -20.31
N GLU D 16 -30.55 -5.62 -21.28
CA GLU D 16 -30.19 -5.36 -22.67
C GLU D 16 -31.04 -4.26 -23.22
N PRO D 17 -30.41 -3.24 -23.81
CA PRO D 17 -31.18 -2.18 -24.45
C PRO D 17 -31.68 -2.65 -25.83
N MET D 18 -32.64 -1.91 -26.39
CA MET D 18 -33.00 -2.09 -27.79
C MET D 18 -31.81 -1.77 -28.69
N ARG D 19 -31.84 -2.30 -29.90
CA ARG D 19 -30.86 -1.92 -30.92
C ARG D 19 -31.58 -1.15 -32.02
N ILE D 20 -31.46 0.17 -32.02
CA ILE D 20 -32.08 0.96 -33.06
C ILE D 20 -31.00 1.50 -33.99
N ALA D 21 -30.88 0.85 -35.15
CA ALA D 21 -29.89 1.22 -36.14
C ALA D 21 -28.47 1.24 -35.56
N GLY D 22 -28.16 0.26 -34.71
CA GLY D 22 -26.84 0.16 -34.12
C GLY D 22 -26.66 0.87 -32.80
N ARG D 23 -27.61 1.76 -32.48
CA ARG D 23 -27.59 2.50 -31.22
C ARG D 23 -28.28 1.72 -30.11
N LEU D 24 -27.63 1.60 -28.96
CA LEU D 24 -28.27 1.05 -27.77
C LEU D 24 -29.25 2.08 -27.21
N VAL D 25 -30.53 1.73 -27.23
CA VAL D 25 -31.57 2.65 -26.77
C VAL D 25 -32.31 2.05 -25.59
N ASP D 26 -32.29 2.76 -24.47
CA ASP D 26 -32.87 2.23 -23.24
C ASP D 26 -34.16 2.92 -22.85
N THR D 27 -34.79 2.40 -21.82
CA THR D 27 -36.07 2.90 -21.39
C THR D 27 -36.19 2.65 -19.89
N ASP D 28 -36.97 3.48 -19.19
CA ASP D 28 -37.06 3.37 -17.74
C ASP D 28 -37.75 2.08 -17.32
N ASP D 29 -38.99 1.91 -17.75
CA ASP D 29 -39.71 0.67 -17.47
C ASP D 29 -39.04 -0.49 -18.18
N ARG D 30 -39.10 -1.67 -17.57
CA ARG D 30 -38.44 -2.84 -18.12
C ARG D 30 -39.44 -3.98 -18.35
N VAL D 31 -39.09 -4.87 -19.26
CA VAL D 31 -39.82 -6.12 -19.42
C VAL D 31 -38.91 -7.20 -18.88
N GLU D 32 -39.42 -7.96 -17.93
CA GLU D 32 -38.61 -9.01 -17.31
C GLU D 32 -38.69 -10.26 -18.17
N VAL D 33 -37.54 -10.87 -18.43
CA VAL D 33 -37.48 -12.13 -19.15
C VAL D 33 -37.20 -13.29 -18.19
N ARG D 34 -38.07 -14.29 -18.19
CA ARG D 34 -37.95 -15.39 -17.23
C ARG D 34 -37.60 -16.73 -17.87
N TYR D 35 -36.77 -17.48 -17.16
CA TYR D 35 -36.37 -18.84 -17.48
C TYR D 35 -37.46 -19.79 -17.00
N PRO D 36 -38.18 -20.44 -17.92
CA PRO D 36 -39.38 -21.21 -17.54
C PRO D 36 -39.06 -22.41 -16.68
N TRP D 37 -37.81 -22.82 -16.66
CA TRP D 37 -37.39 -23.95 -15.83
C TRP D 37 -37.67 -23.69 -14.34
N ASN D 38 -37.34 -22.49 -13.85
CA ASN D 38 -37.49 -22.15 -12.44
C ASN D 38 -38.14 -20.80 -12.22
N ASP D 39 -38.72 -20.28 -13.29
CA ASP D 39 -39.44 -19.00 -13.27
C ASP D 39 -38.62 -17.83 -12.72
N THR D 40 -37.31 -17.88 -12.87
CA THR D 40 -36.46 -16.79 -12.37
C THR D 40 -36.14 -15.80 -13.48
N VAL D 41 -36.02 -14.52 -13.12
CA VAL D 41 -35.64 -13.50 -14.08
C VAL D 41 -34.20 -13.76 -14.51
N VAL D 42 -33.95 -13.85 -15.82
CA VAL D 42 -32.59 -14.04 -16.32
C VAL D 42 -32.13 -12.83 -17.11
N GLY D 43 -33.06 -11.96 -17.45
CA GLY D 43 -32.72 -10.76 -18.17
C GLY D 43 -33.84 -9.76 -18.22
N THR D 44 -33.53 -8.61 -18.77
CA THR D 44 -34.50 -7.55 -18.88
C THR D 44 -34.26 -6.79 -20.20
N VAL D 45 -35.33 -6.29 -20.79
CA VAL D 45 -35.24 -5.48 -22.01
C VAL D 45 -36.20 -4.32 -21.85
N PRO D 46 -36.02 -3.26 -22.65
CA PRO D 46 -36.86 -2.07 -22.51
C PRO D 46 -38.32 -2.30 -22.81
N ALA D 47 -39.19 -1.63 -22.06
CA ALA D 47 -40.60 -1.59 -22.41
C ALA D 47 -40.77 -0.49 -23.45
N GLY D 48 -40.33 -0.77 -24.67
CA GLY D 48 -40.37 0.20 -25.76
C GLY D 48 -41.78 0.64 -26.11
N ARG D 49 -41.89 1.84 -26.69
CA ARG D 49 -43.17 2.41 -27.06
C ARG D 49 -43.26 2.69 -28.57
N ALA D 50 -44.47 3.03 -29.02
CA ALA D 50 -44.71 3.32 -30.43
C ALA D 50 -43.64 4.23 -31.03
N GLU D 51 -43.20 5.21 -30.24
CA GLU D 51 -42.25 6.19 -30.71
C GLU D 51 -40.91 5.53 -31.08
N HIS D 52 -40.55 4.45 -30.40
CA HIS D 52 -39.28 3.79 -30.69
C HIS D 52 -39.32 3.05 -32.03
N ALA D 53 -40.42 2.33 -32.26
CA ALA D 53 -40.64 1.66 -33.53
C ALA D 53 -40.71 2.71 -34.62
N ARG D 54 -41.41 3.80 -34.34
CA ARG D 54 -41.59 4.88 -35.29
C ARG D 54 -40.23 5.41 -35.75
N GLU D 55 -39.32 5.60 -34.80
CA GLU D 55 -38.00 6.10 -35.15
C GLU D 55 -37.24 5.06 -35.98
N ALA D 56 -37.32 3.80 -35.56
CA ALA D 56 -36.65 2.74 -36.29
C ALA D 56 -37.13 2.71 -37.75
N PHE D 57 -38.43 2.86 -37.93
CA PHE D 57 -38.99 2.82 -39.30
C PHE D 57 -38.58 4.03 -40.13
N ALA D 58 -38.42 5.18 -39.48
CA ALA D 58 -38.00 6.38 -40.17
C ALA D 58 -36.57 6.21 -40.67
N ILE D 59 -35.72 5.68 -39.81
CA ILE D 59 -34.35 5.42 -40.19
C ILE D 59 -34.30 4.40 -41.33
N ALA D 60 -35.15 3.37 -41.24
CA ALA D 60 -35.18 2.35 -42.28
C ALA D 60 -35.62 2.95 -43.62
N ALA D 61 -36.69 3.73 -43.60
CA ALA D 61 -37.22 4.35 -44.79
C ALA D 61 -36.18 5.27 -45.46
N ALA D 62 -35.47 6.06 -44.66
CA ALA D 62 -34.54 7.05 -45.20
C ALA D 62 -33.29 6.43 -45.80
N TYR D 63 -32.91 5.26 -45.31
CA TYR D 63 -31.68 4.63 -45.77
C TYR D 63 -31.91 3.75 -46.99
N GLN D 64 -31.06 3.90 -47.99
CA GLN D 64 -31.14 3.11 -49.23
C GLN D 64 -29.89 2.26 -49.38
N PRO D 65 -29.96 1.00 -48.96
CA PRO D 65 -28.80 0.10 -49.05
C PRO D 65 -28.24 0.07 -50.48
N LYS D 66 -26.92 0.06 -50.61
CA LYS D 66 -26.24 0.04 -51.89
C LYS D 66 -25.21 -1.08 -51.92
N LEU D 67 -25.38 -2.07 -51.05
CA LEU D 67 -24.41 -3.14 -50.99
C LEU D 67 -24.38 -3.88 -52.30
N THR D 68 -23.20 -4.25 -52.76
CA THR D 68 -23.09 -5.14 -53.89
C THR D 68 -23.53 -6.54 -53.47
N ARG D 69 -23.83 -7.38 -54.45
CA ARG D 69 -24.16 -8.75 -54.16
C ARG D 69 -23.02 -9.43 -53.42
N TYR D 70 -21.78 -9.12 -53.81
CA TYR D 70 -20.63 -9.69 -53.09
C TYR D 70 -20.62 -9.26 -51.62
N GLU D 71 -20.79 -7.97 -51.37
CA GLU D 71 -20.75 -7.44 -50.02
C GLU D 71 -21.81 -8.14 -49.16
N ARG D 72 -23.02 -8.29 -49.69
CA ARG D 72 -24.08 -8.94 -48.97
C ARG D 72 -23.72 -10.38 -48.64
N GLN D 73 -23.13 -11.07 -49.63
CA GLN D 73 -22.73 -12.45 -49.41
C GLN D 73 -21.71 -12.53 -48.28
N LYS D 74 -20.82 -11.54 -48.22
CA LYS D 74 -19.76 -11.49 -47.22
C LYS D 74 -20.39 -11.34 -45.82
N ILE D 75 -21.20 -10.31 -45.64
CA ILE D 75 -21.89 -10.11 -44.38
C ILE D 75 -22.64 -11.39 -43.94
N LEU D 76 -23.39 -11.97 -44.86
CA LEU D 76 -24.21 -13.14 -44.54
C LEU D 76 -23.38 -14.37 -44.21
N LEU D 77 -22.28 -14.55 -44.91
CA LEU D 77 -21.42 -15.69 -44.63
C LEU D 77 -20.61 -15.51 -43.33
N ALA D 78 -20.23 -14.27 -43.05
CA ALA D 78 -19.53 -13.94 -41.80
C ALA D 78 -20.47 -14.18 -40.61
N THR D 79 -21.75 -13.83 -40.81
CA THR D 79 -22.76 -14.03 -39.77
C THR D 79 -22.90 -15.51 -39.49
N ALA D 80 -22.94 -16.30 -40.55
CA ALA D 80 -23.01 -17.74 -40.37
C ALA D 80 -21.80 -18.25 -39.57
N GLU D 81 -20.62 -17.74 -39.91
CA GLU D 81 -19.39 -18.14 -39.21
C GLU D 81 -19.46 -17.76 -37.72
N ALA D 82 -19.94 -16.56 -37.43
CA ALA D 82 -20.09 -16.10 -36.07
C ALA D 82 -21.07 -16.99 -35.31
N LEU D 83 -22.15 -17.41 -35.97
CA LEU D 83 -23.13 -18.26 -35.31
C LEU D 83 -22.51 -19.59 -34.93
N ALA D 84 -21.70 -20.15 -35.85
CA ALA D 84 -20.99 -21.40 -35.58
C ALA D 84 -19.98 -21.25 -34.44
N ALA D 85 -19.18 -20.19 -34.49
CA ALA D 85 -18.18 -19.91 -33.46
C ALA D 85 -18.79 -19.65 -32.07
N ARG D 86 -19.97 -19.04 -32.03
CA ARG D 86 -20.57 -18.65 -30.76
C ARG D 86 -21.78 -19.50 -30.39
N LYS D 87 -21.88 -20.70 -30.94
CA LYS D 87 -23.12 -21.47 -30.80
C LYS D 87 -23.44 -21.81 -29.33
N GLU D 88 -22.43 -22.07 -28.52
CA GLU D 88 -22.67 -22.44 -27.11
C GLU D 88 -23.28 -21.25 -26.38
N GLU D 89 -22.68 -20.10 -26.59
CA GLU D 89 -23.16 -18.85 -26.01
C GLU D 89 -24.59 -18.51 -26.47
N ILE D 90 -24.85 -18.65 -27.76
CA ILE D 90 -26.17 -18.29 -28.32
C ILE D 90 -27.24 -19.26 -27.86
N SER D 91 -26.92 -20.55 -27.88
CA SER D 91 -27.90 -21.54 -27.43
C SER D 91 -28.18 -21.39 -25.92
N ASP D 92 -27.19 -20.99 -25.15
CA ASP D 92 -27.43 -20.65 -23.73
C ASP D 92 -28.51 -19.58 -23.62
N VAL D 93 -28.37 -18.50 -24.38
CA VAL D 93 -29.34 -17.42 -24.33
C VAL D 93 -30.74 -17.93 -24.71
N ILE D 94 -30.79 -18.76 -25.74
CA ILE D 94 -32.07 -19.29 -26.20
C ILE D 94 -32.73 -20.14 -25.10
N THR D 95 -31.96 -21.07 -24.56
CA THR D 95 -32.48 -21.98 -23.56
C THR D 95 -32.94 -21.21 -22.30
N LEU D 96 -32.19 -20.20 -21.91
CA LEU D 96 -32.50 -19.44 -20.71
C LEU D 96 -33.78 -18.62 -20.82
N GLU D 97 -34.17 -18.21 -22.02
CA GLU D 97 -35.42 -17.46 -22.15
C GLU D 97 -36.60 -18.32 -22.60
N LEU D 98 -36.31 -19.43 -23.29
CA LEU D 98 -37.38 -20.25 -23.84
C LEU D 98 -37.60 -21.52 -23.03
N GLY D 99 -36.52 -22.11 -22.54
CA GLY D 99 -36.67 -23.32 -21.74
C GLY D 99 -36.46 -24.61 -22.50
N ILE D 100 -36.31 -24.56 -23.82
CA ILE D 100 -36.00 -25.78 -24.57
C ILE D 100 -34.62 -26.29 -24.18
N SER D 101 -34.43 -27.59 -24.29
CA SER D 101 -33.15 -28.20 -23.97
C SER D 101 -32.02 -27.61 -24.81
N LYS D 102 -30.80 -27.67 -24.28
CA LYS D 102 -29.61 -27.29 -25.03
C LYS D 102 -29.51 -28.06 -26.34
N ALA D 103 -29.91 -29.33 -26.33
CA ALA D 103 -29.87 -30.12 -27.55
C ALA D 103 -30.71 -29.43 -28.62
N ASP D 104 -31.94 -29.05 -28.25
CA ASP D 104 -32.82 -28.31 -29.15
C ASP D 104 -32.29 -26.93 -29.53
N SER D 105 -31.71 -26.21 -28.56
CA SER D 105 -31.29 -24.85 -28.86
C SER D 105 -29.99 -24.83 -29.71
N LEU D 106 -29.11 -25.79 -29.48
CA LEU D 106 -27.95 -25.94 -30.35
C LEU D 106 -28.39 -26.28 -31.77
N TYR D 107 -29.36 -27.19 -31.89
CA TYR D 107 -29.94 -27.50 -33.18
C TYR D 107 -30.48 -26.23 -33.86
N GLU D 108 -31.11 -25.36 -33.09
CA GLU D 108 -31.64 -24.13 -33.66
C GLU D 108 -30.52 -23.26 -34.24
N VAL D 109 -29.41 -23.18 -33.54
CA VAL D 109 -28.28 -22.41 -34.05
C VAL D 109 -27.82 -23.00 -35.39
N GLY D 110 -27.84 -24.32 -35.48
CA GLY D 110 -27.49 -25.00 -36.72
C GLY D 110 -28.41 -24.61 -37.88
N ARG D 111 -29.71 -24.53 -37.61
CA ARG D 111 -30.68 -24.08 -38.61
CA ARG D 111 -30.64 -24.11 -38.64
C ARG D 111 -30.36 -22.67 -39.06
N ALA D 112 -30.13 -21.79 -38.10
CA ALA D 112 -29.87 -20.39 -38.43
C ALA D 112 -28.58 -20.26 -39.23
N PHE D 113 -27.61 -21.11 -38.92
CA PHE D 113 -26.36 -21.17 -39.69
C PHE D 113 -26.66 -21.52 -41.15
N ASP D 114 -27.54 -22.49 -41.36
CA ASP D 114 -28.00 -22.84 -42.71
C ASP D 114 -28.74 -21.70 -43.41
N VAL D 115 -29.63 -21.03 -42.69
CA VAL D 115 -30.36 -19.89 -43.23
C VAL D 115 -29.42 -18.82 -43.78
N PHE D 116 -28.42 -18.43 -42.98
CA PHE D 116 -27.52 -17.34 -43.36
C PHE D 116 -26.59 -17.79 -44.50
N THR D 117 -26.17 -19.05 -44.45
CA THR D 117 -25.32 -19.59 -45.48
C THR D 117 -26.04 -19.65 -46.83
N LEU D 118 -27.26 -20.19 -46.84
CA LEU D 118 -27.97 -20.33 -48.08
C LEU D 118 -28.42 -18.96 -48.62
N ALA D 119 -28.79 -18.04 -47.73
CA ALA D 119 -29.08 -16.69 -48.15
C ALA D 119 -27.84 -16.07 -48.81
N GLY D 120 -26.67 -16.33 -48.23
CA GLY D 120 -25.42 -15.78 -48.76
C GLY D 120 -25.15 -16.33 -50.15
N GLN D 121 -25.36 -17.63 -50.32
CA GLN D 121 -25.16 -18.23 -51.63
C GLN D 121 -26.19 -17.73 -52.68
N MET D 122 -27.40 -17.40 -52.23
CA MET D 122 -28.48 -16.95 -53.14
C MET D 122 -28.25 -15.57 -53.69
N CYS D 123 -27.40 -14.79 -53.04
CA CYS D 123 -26.94 -13.51 -53.55
C CYS D 123 -26.38 -13.49 -54.97
N ILE D 124 -25.80 -14.60 -55.40
CA ILE D 124 -25.18 -14.63 -56.72
C ILE D 124 -26.23 -14.84 -57.81
N ARG D 125 -27.46 -15.14 -57.40
CA ARG D 125 -28.49 -15.45 -58.38
C ARG D 125 -29.31 -14.24 -58.80
N ASP D 126 -29.44 -14.07 -60.11
CA ASP D 126 -30.31 -13.04 -60.69
C ASP D 126 -31.38 -13.80 -61.46
N ASP D 127 -32.62 -13.72 -60.99
CA ASP D 127 -33.70 -14.46 -61.65
C ASP D 127 -34.42 -13.65 -62.74
N GLY D 128 -33.75 -12.64 -63.26
CA GLY D 128 -34.35 -11.80 -64.28
C GLY D 128 -34.73 -12.57 -65.53
N GLU D 129 -35.79 -12.13 -66.20
CA GLU D 129 -36.27 -12.83 -67.38
C GLU D 129 -36.20 -11.93 -68.60
N ILE D 130 -36.31 -12.55 -69.76
CA ILE D 130 -36.31 -11.78 -71.00
C ILE D 130 -37.48 -12.22 -71.85
N PHE D 131 -38.23 -11.25 -72.37
CA PHE D 131 -39.35 -11.55 -73.26
C PHE D 131 -39.10 -10.94 -74.62
N SER D 132 -39.37 -11.71 -75.67
CA SER D 132 -39.36 -11.16 -77.03
C SER D 132 -40.77 -10.64 -77.35
N CYS D 133 -40.87 -9.55 -78.09
CA CYS D 133 -42.18 -8.88 -78.23
C CYS D 133 -42.88 -9.05 -79.58
N ASP D 134 -42.25 -9.73 -80.53
CA ASP D 134 -42.84 -9.91 -81.85
C ASP D 134 -43.74 -11.16 -81.94
N LEU D 135 -44.70 -11.25 -81.01
CA LEU D 135 -45.40 -12.49 -80.65
C LEU D 135 -46.80 -12.63 -81.25
N THR D 136 -47.39 -11.51 -81.57
CA THR D 136 -48.76 -11.48 -82.03
C THR D 136 -48.78 -10.59 -83.27
N PRO D 137 -49.94 -10.50 -83.95
CA PRO D 137 -49.99 -9.76 -85.22
C PRO D 137 -49.52 -8.34 -85.00
N HIS D 138 -49.56 -7.95 -83.74
CA HIS D 138 -49.31 -6.57 -83.39
C HIS D 138 -48.17 -6.48 -82.35
N GLY D 139 -47.17 -7.32 -82.58
CA GLY D 139 -45.95 -7.30 -81.81
C GLY D 139 -44.95 -6.29 -82.37
N LYS D 140 -43.91 -6.01 -81.58
CA LYS D 140 -42.88 -5.05 -81.95
C LYS D 140 -41.52 -5.72 -81.93
N ALA D 141 -40.55 -5.17 -82.68
CA ALA D 141 -39.19 -5.65 -82.59
C ALA D 141 -38.55 -5.05 -81.33
N ARG D 142 -38.69 -5.76 -80.22
CA ARG D 142 -38.43 -5.17 -78.92
C ARG D 142 -38.22 -6.29 -77.90
N LYS D 143 -37.44 -6.03 -76.85
CA LYS D 143 -37.28 -7.00 -75.76
C LYS D 143 -37.68 -6.35 -74.45
N ILE D 144 -38.34 -7.15 -73.60
CA ILE D 144 -38.64 -6.73 -72.25
C ILE D 144 -37.69 -7.48 -71.32
N PHE D 145 -37.17 -6.76 -70.33
CA PHE D 145 -36.27 -7.36 -69.35
C PHE D 145 -36.81 -7.11 -67.96
N THR D 146 -36.40 -7.97 -67.04
CA THR D 146 -37.03 -8.02 -65.73
C THR D 146 -35.93 -7.90 -64.67
N MET D 147 -36.23 -7.20 -63.57
CA MET D 147 -35.20 -6.87 -62.59
C MET D 147 -35.87 -6.63 -61.23
N ARG D 148 -35.13 -6.80 -60.14
CA ARG D 148 -35.74 -6.63 -58.81
C ARG D 148 -35.14 -5.48 -58.02
N GLU D 149 -35.98 -4.79 -57.28
CA GLU D 149 -35.55 -3.68 -56.44
C GLU D 149 -36.14 -3.86 -55.04
N PRO D 150 -35.46 -3.31 -54.01
CA PRO D 150 -35.88 -3.49 -52.63
C PRO D 150 -37.04 -2.58 -52.28
N LEU D 151 -37.65 -2.82 -51.13
CA LEU D 151 -38.76 -2.02 -50.65
C LEU D 151 -38.22 -0.88 -49.80
N THR D 152 -39.14 -0.10 -49.25
CA THR D 152 -38.78 1.04 -48.42
C THR D 152 -38.40 0.59 -47.01
N ALA D 153 -39.26 -0.22 -46.40
CA ALA D 153 -39.03 -0.74 -45.06
C ALA D 153 -39.86 -1.98 -44.82
N ILE D 154 -39.25 -2.95 -44.13
CA ILE D 154 -39.93 -4.21 -43.80
C ILE D 154 -40.14 -4.32 -42.29
N SER D 155 -41.35 -4.70 -41.89
CA SER D 155 -41.68 -4.94 -40.49
C SER D 155 -41.73 -6.44 -40.24
N ALA D 156 -40.95 -6.91 -39.28
CA ALA D 156 -40.86 -8.34 -38.97
C ALA D 156 -41.27 -8.61 -37.51
N ILE D 157 -42.29 -9.44 -37.34
CA ILE D 157 -42.80 -9.79 -36.02
C ILE D 157 -42.62 -11.29 -35.77
N THR D 158 -41.81 -11.61 -34.76
CA THR D 158 -41.30 -12.97 -34.63
C THR D 158 -41.78 -13.67 -33.36
N PRO D 159 -41.93 -15.00 -33.43
CA PRO D 159 -42.57 -15.80 -32.39
C PRO D 159 -41.57 -16.30 -31.35
N PHE D 160 -42.08 -16.84 -30.25
CA PHE D 160 -41.24 -17.29 -29.15
C PHE D 160 -40.57 -18.63 -29.39
N ASN D 161 -41.15 -19.44 -30.27
CA ASN D 161 -40.71 -20.82 -30.37
C ASN D 161 -39.35 -21.05 -31.06
N HIS D 162 -38.91 -20.10 -31.89
CA HIS D 162 -37.53 -20.13 -32.43
C HIS D 162 -36.93 -18.74 -32.33
N PRO D 163 -36.45 -18.39 -31.12
CA PRO D 163 -36.03 -17.02 -30.84
C PRO D 163 -34.90 -16.58 -31.76
N LEU D 164 -34.14 -17.53 -32.30
CA LEU D 164 -33.06 -17.20 -33.23
C LEU D 164 -33.48 -17.44 -34.69
N ASN D 165 -33.82 -18.66 -35.03
CA ASN D 165 -34.04 -19.01 -36.43
C ASN D 165 -35.16 -18.26 -37.11
N MET D 166 -36.24 -17.98 -36.37
CA MET D 166 -37.36 -17.23 -36.95
C MET D 166 -36.99 -15.77 -37.20
N VAL D 167 -35.99 -15.27 -36.49
CA VAL D 167 -35.48 -13.93 -36.78
C VAL D 167 -34.61 -14.02 -38.03
N ALA D 168 -33.75 -15.03 -38.07
CA ALA D 168 -32.90 -15.29 -39.22
C ALA D 168 -33.71 -15.40 -40.54
N HIS D 169 -34.81 -16.15 -40.52
CA HIS D 169 -35.62 -16.36 -41.71
C HIS D 169 -36.21 -15.07 -42.25
N LYS D 170 -36.36 -14.07 -41.39
CA LYS D 170 -36.90 -12.79 -41.81
C LYS D 170 -35.81 -11.80 -42.15
N VAL D 171 -34.68 -11.87 -41.44
CA VAL D 171 -33.65 -10.84 -41.58
C VAL D 171 -32.67 -11.19 -42.70
N ALA D 172 -32.25 -12.45 -42.78
CA ALA D 172 -31.28 -12.85 -43.80
C ALA D 172 -31.75 -12.53 -45.24
N PRO D 173 -33.01 -12.85 -45.56
CA PRO D 173 -33.48 -12.54 -46.92
C PRO D 173 -33.59 -11.04 -47.17
N ALA D 174 -33.87 -10.27 -46.13
CA ALA D 174 -33.91 -8.82 -46.23
C ALA D 174 -32.55 -8.27 -46.57
N ILE D 175 -31.54 -8.72 -45.83
CA ILE D 175 -30.16 -8.29 -46.09
C ILE D 175 -29.77 -8.66 -47.53
N ALA D 176 -30.08 -9.90 -47.91
CA ALA D 176 -29.64 -10.45 -49.19
C ALA D 176 -30.21 -9.61 -50.31
N THR D 177 -31.19 -8.81 -49.96
CA THR D 177 -32.01 -8.18 -50.97
C THR D 177 -31.96 -6.65 -50.82
N ASN D 178 -31.01 -6.17 -50.01
CA ASN D 178 -30.81 -4.73 -49.78
C ASN D 178 -32.01 -4.02 -49.19
N ASN D 179 -32.71 -4.73 -48.31
CA ASN D 179 -33.80 -4.12 -47.56
C ASN D 179 -33.40 -3.69 -46.15
N CYS D 180 -34.10 -2.71 -45.59
CA CYS D 180 -33.95 -2.39 -44.19
C CYS D 180 -35.10 -3.05 -43.46
N VAL D 181 -34.79 -3.72 -42.35
CA VAL D 181 -35.85 -4.37 -41.59
C VAL D 181 -35.85 -3.96 -40.11
N VAL D 182 -37.06 -3.83 -39.56
CA VAL D 182 -37.23 -3.61 -38.14
C VAL D 182 -37.89 -4.85 -37.54
N VAL D 183 -37.24 -5.43 -36.52
CA VAL D 183 -37.74 -6.63 -35.88
C VAL D 183 -38.33 -6.33 -34.48
N LYS D 184 -39.54 -6.81 -34.22
CA LYS D 184 -40.04 -6.87 -32.85
C LYS D 184 -40.28 -8.33 -32.45
N PRO D 185 -39.41 -8.89 -31.59
CA PRO D 185 -39.63 -10.26 -31.10
C PRO D 185 -40.69 -10.24 -30.00
N THR D 186 -41.19 -11.41 -29.63
CA THR D 186 -42.08 -11.53 -28.48
C THR D 186 -41.36 -11.09 -27.20
N GLU D 187 -42.14 -10.54 -26.26
CA GLU D 187 -41.61 -10.13 -24.97
C GLU D 187 -41.17 -11.34 -24.14
N LEU D 188 -41.61 -12.53 -24.54
CA LEU D 188 -41.20 -13.75 -23.86
C LEU D 188 -39.77 -14.18 -24.15
N THR D 189 -39.29 -13.90 -25.37
CA THR D 189 -37.95 -14.37 -25.77
C THR D 189 -37.25 -13.36 -26.65
N PRO D 190 -37.00 -12.16 -26.12
CA PRO D 190 -36.49 -11.07 -26.97
C PRO D 190 -34.97 -11.00 -27.04
N MET D 191 -34.31 -11.67 -26.12
CA MET D 191 -32.87 -11.44 -25.96
C MET D 191 -32.03 -12.02 -27.09
N THR D 192 -32.47 -13.15 -27.64
CA THR D 192 -31.77 -13.76 -28.73
C THR D 192 -31.72 -12.82 -29.94
N ALA D 193 -32.83 -12.16 -30.23
CA ALA D 193 -32.89 -11.23 -31.34
C ALA D 193 -31.88 -10.08 -31.17
N LEU D 194 -31.76 -9.58 -29.95
CA LEU D 194 -30.83 -8.48 -29.64
C LEU D 194 -29.40 -8.95 -29.89
N LEU D 195 -29.09 -10.16 -29.45
CA LEU D 195 -27.78 -10.74 -29.69
C LEU D 195 -27.46 -10.91 -31.18
N LEU D 196 -28.46 -11.33 -31.96
CA LEU D 196 -28.25 -11.53 -33.38
C LEU D 196 -28.00 -10.19 -34.05
N ALA D 197 -28.71 -9.15 -33.61
CA ALA D 197 -28.43 -7.83 -34.15
C ALA D 197 -26.94 -7.49 -33.95
N ASP D 198 -26.43 -7.69 -32.73
CA ASP D 198 -25.03 -7.36 -32.44
C ASP D 198 -24.11 -8.13 -33.36
N ILE D 199 -24.38 -9.42 -33.49
CA ILE D 199 -23.58 -10.25 -34.38
C ILE D 199 -23.60 -9.72 -35.81
N LEU D 200 -24.76 -9.24 -36.25
CA LEU D 200 -24.88 -8.71 -37.61
C LEU D 200 -24.08 -7.43 -37.80
N TYR D 201 -24.22 -6.49 -36.86
CA TYR D 201 -23.44 -5.26 -36.92
C TYR D 201 -21.95 -5.62 -37.02
N GLU D 202 -21.51 -6.54 -36.18
CA GLU D 202 -20.10 -6.93 -36.13
C GLU D 202 -19.66 -7.54 -37.45
N ALA D 203 -20.58 -8.21 -38.13
CA ALA D 203 -20.26 -8.88 -39.38
C ALA D 203 -20.20 -7.90 -40.54
N GLY D 204 -20.54 -6.64 -40.27
CA GLY D 204 -20.34 -5.59 -41.25
C GLY D 204 -21.63 -5.00 -41.80
N LEU D 205 -22.76 -5.43 -41.26
CA LEU D 205 -24.02 -4.91 -41.75
C LEU D 205 -24.14 -3.43 -41.44
N PRO D 206 -24.43 -2.60 -42.46
CA PRO D 206 -24.74 -1.19 -42.19
C PRO D 206 -25.86 -1.13 -41.19
N PRO D 207 -25.66 -0.40 -40.08
CA PRO D 207 -26.57 -0.45 -38.94
C PRO D 207 -27.99 -0.03 -39.30
N GLU D 208 -28.13 0.90 -40.25
CA GLU D 208 -29.45 1.39 -40.62
C GLU D 208 -30.35 0.25 -41.15
N MET D 209 -29.75 -0.85 -41.58
CA MET D 209 -30.53 -1.92 -42.20
C MET D 209 -31.21 -2.84 -41.21
N LEU D 210 -30.91 -2.69 -39.91
CA LEU D 210 -31.52 -3.53 -38.90
C LEU D 210 -31.77 -2.80 -37.60
N SER D 211 -33.01 -2.84 -37.13
CA SER D 211 -33.33 -2.50 -35.75
C SER D 211 -34.09 -3.64 -35.08
N VAL D 212 -33.80 -3.86 -33.82
CA VAL D 212 -34.62 -4.74 -33.00
C VAL D 212 -35.22 -3.94 -31.83
N VAL D 213 -36.54 -3.79 -31.81
CA VAL D 213 -37.19 -3.08 -30.73
C VAL D 213 -38.01 -4.05 -29.89
N THR D 214 -38.20 -3.72 -28.61
CA THR D 214 -38.90 -4.60 -27.69
C THR D 214 -39.96 -3.81 -26.93
N GLY D 215 -40.93 -4.50 -26.36
CA GLY D 215 -41.96 -3.86 -25.56
C GLY D 215 -43.20 -4.71 -25.44
N TRP D 216 -44.18 -4.20 -24.70
CA TRP D 216 -45.45 -4.91 -24.57
C TRP D 216 -46.23 -4.72 -25.85
N PRO D 217 -46.98 -5.74 -26.24
CA PRO D 217 -47.85 -5.67 -27.42
C PRO D 217 -48.72 -4.41 -27.42
N ALA D 218 -49.16 -4.01 -26.23
CA ALA D 218 -50.11 -2.90 -26.10
C ALA D 218 -49.45 -1.55 -26.33
N ASP D 219 -48.13 -1.52 -26.19
CA ASP D 219 -47.39 -0.27 -26.35
C ASP D 219 -46.82 -0.10 -27.76
N ILE D 220 -46.24 -1.16 -28.30
CA ILE D 220 -45.41 -1.03 -29.49
C ILE D 220 -45.85 -1.94 -30.64
N GLY D 221 -46.72 -2.90 -30.33
CA GLY D 221 -47.15 -3.88 -31.31
C GLY D 221 -47.85 -3.29 -32.51
N MET D 222 -48.75 -2.33 -32.26
CA MET D 222 -49.58 -1.80 -33.33
C MET D 222 -48.78 -0.95 -34.31
N GLU D 223 -47.75 -0.27 -33.82
CA GLU D 223 -46.89 0.55 -34.67
C GLU D 223 -46.18 -0.32 -35.72
N MET D 224 -45.95 -1.59 -35.38
CA MET D 224 -45.31 -2.54 -36.28
C MET D 224 -46.21 -2.88 -37.45
N ILE D 225 -47.52 -2.73 -37.26
CA ILE D 225 -48.51 -3.13 -38.25
C ILE D 225 -48.89 -1.93 -39.10
N THR D 226 -48.69 -0.75 -38.54
CA THR D 226 -49.44 0.41 -38.94
C THR D 226 -48.55 1.56 -39.45
N ASN D 227 -47.26 1.51 -39.14
CA ASN D 227 -46.35 2.56 -39.56
C ASN D 227 -46.42 2.80 -41.07
N PRO D 228 -46.53 4.08 -41.47
CA PRO D 228 -46.77 4.42 -42.88
C PRO D 228 -45.61 4.10 -43.84
N HIS D 229 -44.40 3.99 -43.32
CA HIS D 229 -43.24 3.62 -44.14
C HIS D 229 -43.18 2.14 -44.50
N VAL D 230 -43.94 1.32 -43.78
CA VAL D 230 -43.84 -0.12 -43.95
C VAL D 230 -44.51 -0.62 -45.23
N ASP D 231 -43.74 -1.26 -46.11
CA ASP D 231 -44.29 -1.79 -47.35
C ASP D 231 -44.80 -3.20 -47.18
N LEU D 232 -44.22 -3.92 -46.22
CA LEU D 232 -44.52 -5.33 -46.03
C LEU D 232 -44.35 -5.75 -44.56
N VAL D 233 -45.35 -6.46 -44.06
CA VAL D 233 -45.30 -7.02 -42.71
C VAL D 233 -45.15 -8.53 -42.83
N THR D 234 -44.10 -9.06 -42.22
CA THR D 234 -43.91 -10.49 -42.22
C THR D 234 -44.01 -10.97 -40.78
N PHE D 235 -44.91 -11.91 -40.55
CA PHE D 235 -45.29 -12.32 -39.22
C PHE D 235 -45.38 -13.83 -39.11
N THR D 236 -44.88 -14.35 -38.00
CA THR D 236 -45.09 -15.75 -37.65
C THR D 236 -45.61 -15.76 -36.23
N GLY D 237 -46.73 -16.44 -36.00
CA GLY D 237 -47.32 -16.51 -34.68
C GLY D 237 -48.73 -17.09 -34.65
N SER D 238 -49.51 -16.66 -33.66
CA SER D 238 -50.81 -17.29 -33.39
C SER D 238 -51.90 -16.86 -34.37
N VAL D 239 -52.89 -17.72 -34.57
CA VAL D 239 -53.99 -17.38 -35.46
C VAL D 239 -54.67 -16.05 -35.09
N PRO D 240 -55.01 -15.87 -33.80
CA PRO D 240 -55.63 -14.62 -33.37
C PRO D 240 -54.82 -13.39 -33.73
N VAL D 241 -53.54 -13.41 -33.44
CA VAL D 241 -52.72 -12.21 -33.71
C VAL D 241 -52.55 -11.99 -35.22
N GLY D 242 -52.39 -13.06 -35.96
CA GLY D 242 -52.35 -12.99 -37.41
C GLY D 242 -53.61 -12.40 -38.02
N LYS D 243 -54.77 -12.81 -37.54
CA LYS D 243 -56.03 -12.26 -38.05
C LYS D 243 -56.15 -10.78 -37.67
N LEU D 244 -55.57 -10.43 -36.52
CA LEU D 244 -55.54 -9.05 -36.11
C LEU D 244 -54.67 -8.18 -37.03
N ILE D 245 -53.50 -8.70 -37.39
CA ILE D 245 -52.63 -8.01 -38.32
C ILE D 245 -53.32 -7.85 -39.66
N ALA D 246 -53.98 -8.91 -40.11
CA ALA D 246 -54.62 -8.91 -41.42
C ALA D 246 -55.68 -7.83 -41.48
N ALA D 247 -56.24 -7.53 -40.30
CA ALA D 247 -57.33 -6.58 -40.18
C ALA D 247 -56.86 -5.13 -40.12
N ASN D 248 -55.60 -4.93 -39.78
CA ASN D 248 -55.08 -3.59 -39.55
C ASN D 248 -53.92 -3.15 -40.46
N ALA D 249 -53.27 -4.10 -41.14
CA ALA D 249 -52.15 -3.78 -42.02
C ALA D 249 -52.67 -3.42 -43.40
N HIS D 250 -53.44 -2.35 -43.46
CA HIS D 250 -54.34 -2.12 -44.59
C HIS D 250 -53.79 -2.25 -46.00
N TYR D 251 -53.06 -1.23 -46.45
CA TYR D 251 -52.59 -1.26 -47.83
C TYR D 251 -51.13 -1.69 -47.83
N LYS D 252 -50.89 -2.87 -47.28
CA LYS D 252 -49.54 -3.39 -47.11
C LYS D 252 -49.52 -4.85 -47.52
N ARG D 253 -48.40 -5.30 -48.08
CA ARG D 253 -48.23 -6.72 -48.32
C ARG D 253 -48.11 -7.39 -46.96
N GLN D 254 -48.67 -8.58 -46.86
CA GLN D 254 -48.64 -9.33 -45.62
C GLN D 254 -48.22 -10.74 -45.90
N VAL D 255 -47.19 -11.20 -45.19
CA VAL D 255 -46.83 -12.60 -45.19
C VAL D 255 -47.12 -13.11 -43.78
N LEU D 256 -48.16 -13.93 -43.67
CA LEU D 256 -48.62 -14.38 -42.36
C LEU D 256 -48.50 -15.88 -42.27
N GLU D 257 -47.68 -16.35 -41.34
CA GLU D 257 -47.58 -17.78 -41.09
C GLU D 257 -48.13 -18.01 -39.69
N LEU D 258 -49.18 -18.81 -39.63
CA LEU D 258 -49.85 -19.04 -38.38
C LEU D 258 -49.61 -20.50 -37.96
N GLY D 259 -50.41 -21.01 -37.05
CA GLY D 259 -50.15 -22.35 -36.55
C GLY D 259 -50.36 -23.45 -37.58
N GLY D 260 -49.92 -24.64 -37.22
CA GLY D 260 -50.31 -25.84 -37.94
C GLY D 260 -50.96 -26.79 -36.96
N ASN D 261 -51.45 -27.90 -37.47
CA ASN D 261 -51.98 -28.96 -36.63
C ASN D 261 -51.70 -30.21 -37.43
N ASP D 262 -50.41 -30.51 -37.57
CA ASP D 262 -49.97 -31.38 -38.64
C ASP D 262 -50.00 -32.84 -38.23
N PRO D 263 -50.52 -33.69 -39.13
CA PRO D 263 -50.61 -35.13 -38.92
C PRO D 263 -49.35 -35.86 -39.35
N LEU D 264 -49.04 -36.95 -38.66
CA LEU D 264 -48.19 -37.99 -39.22
C LEU D 264 -49.13 -39.17 -39.40
N ILE D 265 -49.26 -39.61 -40.64
CA ILE D 265 -50.26 -40.62 -41.00
C ILE D 265 -49.57 -41.97 -41.21
N ILE D 266 -50.04 -43.00 -40.51
CA ILE D 266 -49.46 -44.33 -40.59
C ILE D 266 -50.39 -45.30 -41.32
N LEU D 267 -50.00 -45.73 -42.51
CA LEU D 267 -50.88 -46.54 -43.35
C LEU D 267 -50.74 -48.03 -43.05
N ASN D 268 -51.78 -48.81 -43.36
CA ASN D 268 -51.82 -50.19 -42.91
C ASN D 268 -51.03 -51.18 -43.78
N ASP D 269 -50.26 -50.67 -44.73
CA ASP D 269 -49.42 -51.56 -45.53
C ASP D 269 -48.07 -51.85 -44.87
N LEU D 270 -47.76 -51.14 -43.80
CA LEU D 270 -46.42 -51.23 -43.21
C LEU D 270 -46.13 -52.51 -42.44
N SER D 271 -44.90 -52.99 -42.59
CA SER D 271 -44.40 -54.13 -41.86
C SER D 271 -44.06 -53.69 -40.45
N ASP D 272 -43.77 -54.65 -39.58
CA ASP D 272 -43.46 -54.34 -38.20
C ASP D 272 -42.17 -53.51 -38.10
N ASP D 273 -41.18 -53.85 -38.92
CA ASP D 273 -39.96 -53.04 -39.00
C ASP D 273 -40.26 -51.59 -39.40
N ASP D 274 -41.12 -51.43 -40.40
CA ASP D 274 -41.51 -50.10 -40.83
C ASP D 274 -42.28 -49.36 -39.73
N LEU D 275 -43.12 -50.06 -38.99
CA LEU D 275 -43.85 -49.43 -37.90
C LEU D 275 -42.85 -48.86 -36.90
N ALA D 276 -41.77 -49.58 -36.65
CA ALA D 276 -40.77 -49.12 -35.72
C ALA D 276 -40.12 -47.85 -36.21
N ARG D 277 -39.80 -47.80 -37.51
CA ARG D 277 -39.27 -46.57 -38.10
C ARG D 277 -40.29 -45.44 -38.00
N ALA D 278 -41.55 -45.74 -38.27
CA ALA D 278 -42.60 -44.73 -38.20
C ALA D 278 -42.75 -44.22 -36.74
N ALA D 279 -42.61 -45.13 -35.79
CA ALA D 279 -42.71 -44.76 -34.38
C ALA D 279 -41.58 -43.80 -34.00
N ASP D 280 -40.39 -44.06 -34.53
CA ASP D 280 -39.30 -43.10 -34.36
C ASP D 280 -39.67 -41.69 -34.85
N LEU D 281 -40.25 -41.61 -36.05
CA LEU D 281 -40.65 -40.31 -36.60
C LEU D 281 -41.73 -39.68 -35.71
N ALA D 282 -42.69 -40.48 -35.27
CA ALA D 282 -43.81 -39.98 -34.49
C ALA D 282 -43.31 -39.31 -33.22
N VAL D 283 -42.43 -39.99 -32.51
CA VAL D 283 -41.93 -39.49 -31.24
C VAL D 283 -41.06 -38.26 -31.42
N ALA D 284 -40.14 -38.31 -32.38
CA ALA D 284 -39.30 -37.16 -32.64
C ALA D 284 -40.15 -35.97 -33.08
N GLY D 285 -41.08 -36.21 -33.98
CA GLY D 285 -41.88 -35.14 -34.52
C GLY D 285 -42.81 -34.49 -33.51
N ALA D 286 -43.34 -35.29 -32.57
CA ALA D 286 -44.30 -34.76 -31.59
C ALA D 286 -43.58 -33.96 -30.51
N THR D 287 -42.28 -34.14 -30.45
CA THR D 287 -41.55 -33.86 -29.25
C THR D 287 -40.39 -32.85 -29.43
N LYS D 288 -39.84 -32.76 -30.63
CA LYS D 288 -38.73 -31.81 -30.86
C LYS D 288 -39.13 -30.38 -30.55
N ASN D 289 -38.16 -29.62 -30.05
CA ASN D 289 -38.39 -28.26 -29.60
C ASN D 289 -39.53 -28.21 -28.58
N SER D 290 -39.67 -29.28 -27.80
CA SER D 290 -40.76 -29.41 -26.81
C SER D 290 -42.13 -29.35 -27.49
N GLY D 291 -42.21 -29.83 -28.71
CA GLY D 291 -43.46 -29.83 -29.45
C GLY D 291 -43.81 -28.44 -29.99
N GLN D 292 -42.94 -27.47 -29.78
CA GLN D 292 -43.27 -26.10 -30.14
C GLN D 292 -42.78 -25.72 -31.53
N ARG D 293 -43.35 -26.37 -32.54
CA ARG D 293 -43.11 -26.04 -33.94
C ARG D 293 -44.46 -25.93 -34.62
N CYS D 294 -44.61 -24.95 -35.51
CA CYS D 294 -45.81 -24.88 -36.34
C CYS D 294 -46.05 -26.20 -37.08
N THR D 295 -44.96 -26.86 -37.47
CA THR D 295 -45.04 -28.12 -38.19
C THR D 295 -44.76 -29.35 -37.30
N ALA D 296 -44.88 -29.20 -35.98
CA ALA D 296 -44.74 -30.35 -35.08
C ALA D 296 -45.81 -31.39 -35.39
N VAL D 297 -45.50 -32.65 -35.12
CA VAL D 297 -46.53 -33.67 -35.19
C VAL D 297 -47.48 -33.41 -34.02
N LYS D 298 -48.75 -33.15 -34.32
CA LYS D 298 -49.75 -32.89 -33.28
C LYS D 298 -50.89 -33.92 -33.32
N ARG D 299 -50.92 -34.72 -34.37
CA ARG D 299 -51.94 -35.75 -34.56
C ARG D 299 -51.26 -36.92 -35.23
N ILE D 300 -51.20 -38.06 -34.55
CA ILE D 300 -50.69 -39.25 -35.21
C ILE D 300 -51.90 -40.06 -35.63
N LEU D 301 -52.16 -40.07 -36.93
CA LEU D 301 -53.32 -40.78 -37.45
C LEU D 301 -52.88 -42.18 -37.86
N CYS D 302 -53.18 -43.16 -37.00
CA CYS D 302 -52.79 -44.54 -37.27
C CYS D 302 -54.00 -45.39 -37.70
N GLN D 303 -53.89 -46.00 -38.88
CA GLN D 303 -54.99 -46.83 -39.37
C GLN D 303 -55.21 -48.00 -38.43
N GLU D 304 -56.49 -48.29 -38.15
CA GLU D 304 -56.88 -49.23 -37.07
C GLU D 304 -56.10 -50.55 -37.10
N SER D 305 -56.01 -51.18 -38.26
CA SER D 305 -55.47 -52.54 -38.31
C SER D 305 -53.99 -52.67 -37.94
N VAL D 306 -53.28 -51.55 -37.83
CA VAL D 306 -51.88 -51.64 -37.40
C VAL D 306 -51.63 -50.94 -36.08
N ALA D 307 -52.68 -50.34 -35.52
CA ALA D 307 -52.53 -49.57 -34.29
C ALA D 307 -52.01 -50.42 -33.13
N ASP D 308 -52.49 -51.65 -33.01
CA ASP D 308 -52.10 -52.49 -31.87
C ASP D 308 -50.61 -52.82 -31.92
N ARG D 309 -50.06 -52.92 -33.13
CA ARG D 309 -48.62 -53.12 -33.24
C ARG D 309 -47.85 -51.79 -33.18
N PHE D 310 -48.44 -50.72 -33.69
CA PHE D 310 -47.79 -49.41 -33.70
C PHE D 310 -47.65 -48.76 -32.31
N VAL D 311 -48.75 -48.69 -31.58
CA VAL D 311 -48.76 -47.98 -30.30
C VAL D 311 -47.64 -48.42 -29.31
N PRO D 312 -47.45 -49.74 -29.10
CA PRO D 312 -46.40 -50.15 -28.16
C PRO D 312 -45.01 -49.65 -28.59
N LEU D 313 -44.77 -49.58 -29.90
CA LEU D 313 -43.48 -49.12 -30.38
C LEU D 313 -43.30 -47.64 -30.04
N VAL D 314 -44.38 -46.88 -30.15
CA VAL D 314 -44.35 -45.47 -29.79
C VAL D 314 -44.09 -45.30 -28.28
N LEU D 315 -44.84 -46.05 -27.48
CA LEU D 315 -44.71 -45.99 -26.02
C LEU D 315 -43.27 -46.23 -25.60
N GLU D 316 -42.70 -47.30 -26.13
CA GLU D 316 -41.34 -47.69 -25.77
C GLU D 316 -40.35 -46.56 -26.05
N ARG D 317 -40.48 -45.91 -27.20
CA ARG D 317 -39.57 -44.83 -27.60
C ARG D 317 -39.82 -43.58 -26.74
N ALA D 318 -41.09 -43.31 -26.44
CA ALA D 318 -41.39 -42.14 -25.63
C ALA D 318 -40.70 -42.27 -24.27
N LYS D 319 -40.69 -43.48 -23.72
CA LYS D 319 -40.16 -43.69 -22.37
C LYS D 319 -38.66 -43.49 -22.30
N ARG D 320 -37.98 -43.57 -23.44
CA ARG D 320 -36.53 -43.40 -23.47
C ARG D 320 -36.13 -41.94 -23.35
N LEU D 321 -37.06 -41.04 -23.64
CA LEU D 321 -36.73 -39.61 -23.65
C LEU D 321 -36.38 -39.10 -22.25
N ARG D 322 -35.26 -38.40 -22.15
CA ARG D 322 -34.89 -37.72 -20.94
C ARG D 322 -35.47 -36.32 -20.95
N PHE D 323 -36.38 -36.05 -20.01
CA PHE D 323 -36.95 -34.72 -19.86
C PHE D 323 -36.57 -34.12 -18.50
N GLY D 324 -36.22 -32.84 -18.49
CA GLY D 324 -35.76 -32.22 -17.26
C GLY D 324 -34.97 -30.95 -17.52
N ASP D 325 -33.96 -30.74 -16.69
CA ASP D 325 -33.15 -29.53 -16.72
C ASP D 325 -32.67 -29.22 -18.14
N PRO D 326 -33.16 -28.13 -18.73
CA PRO D 326 -32.80 -27.72 -20.10
C PRO D 326 -31.30 -27.54 -20.28
N MET D 327 -30.60 -27.06 -19.25
CA MET D 327 -29.17 -26.78 -19.38
C MET D 327 -28.32 -28.03 -19.24
N ASP D 328 -28.93 -29.15 -18.87
CA ASP D 328 -28.20 -30.40 -18.80
C ASP D 328 -28.08 -31.00 -20.21
N ARG D 329 -26.85 -31.20 -20.66
CA ARG D 329 -26.59 -31.66 -22.02
C ARG D 329 -27.15 -33.03 -22.34
N SER D 330 -27.56 -33.78 -21.32
CA SER D 330 -28.09 -35.10 -21.56
C SER D 330 -29.62 -35.06 -21.62
N THR D 331 -30.19 -33.88 -21.39
CA THR D 331 -31.63 -33.70 -21.52
C THR D 331 -32.05 -33.70 -23.00
N ASP D 332 -33.11 -34.43 -23.32
CA ASP D 332 -33.65 -34.40 -24.67
C ASP D 332 -34.71 -33.32 -24.73
N LEU D 333 -35.62 -33.39 -23.77
CA LEU D 333 -36.80 -32.55 -23.74
C LEU D 333 -36.77 -31.56 -22.57
N GLY D 334 -36.69 -30.27 -22.87
CA GLY D 334 -36.80 -29.22 -21.88
C GLY D 334 -38.25 -28.88 -21.52
N THR D 335 -38.48 -27.67 -21.04
CA THR D 335 -39.85 -27.25 -20.72
C THR D 335 -40.55 -26.69 -21.95
N VAL D 336 -41.84 -26.36 -21.81
CA VAL D 336 -42.53 -25.49 -22.76
C VAL D 336 -42.39 -24.02 -22.32
N ILE D 337 -43.04 -23.12 -23.03
CA ILE D 337 -42.74 -21.69 -22.89
C ILE D 337 -43.04 -21.13 -21.49
N HIS D 338 -44.10 -21.64 -20.85
CA HIS D 338 -44.40 -21.28 -19.46
C HIS D 338 -45.39 -22.25 -18.83
N GLU D 339 -45.57 -22.11 -17.52
CA GLU D 339 -46.37 -23.08 -16.77
C GLU D 339 -47.83 -23.07 -17.17
N LYS D 340 -48.34 -21.89 -17.47
CA LYS D 340 -49.72 -21.77 -17.94
C LYS D 340 -49.94 -22.61 -19.20
N ALA D 341 -49.01 -22.52 -20.15
CA ALA D 341 -49.11 -23.35 -21.37
C ALA D 341 -49.10 -24.84 -21.00
N ALA D 342 -48.16 -25.21 -20.15
CA ALA D 342 -47.99 -26.60 -19.76
C ALA D 342 -49.24 -27.14 -19.09
N ALA D 343 -49.83 -26.34 -18.21
CA ALA D 343 -51.03 -26.75 -17.49
C ALA D 343 -52.20 -26.92 -18.46
N LEU D 344 -52.34 -25.97 -19.38
CA LEU D 344 -53.37 -26.08 -20.41
C LEU D 344 -53.27 -27.39 -21.21
N PHE D 345 -52.05 -27.78 -21.59
CA PHE D 345 -51.88 -28.95 -22.43
C PHE D 345 -52.24 -30.21 -21.64
N GLU D 346 -51.82 -30.24 -20.38
CA GLU D 346 -52.12 -31.39 -19.51
C GLU D 346 -53.63 -31.53 -19.35
N GLU D 347 -54.28 -30.39 -19.19
CA GLU D 347 -55.73 -30.33 -19.10
C GLU D 347 -56.41 -30.98 -20.30
N ARG D 348 -55.91 -30.68 -21.49
CA ARG D 348 -56.49 -31.23 -22.70
C ARG D 348 -56.32 -32.74 -22.72
N VAL D 349 -55.18 -33.21 -22.23
CA VAL D 349 -54.93 -34.64 -22.12
C VAL D 349 -55.95 -35.27 -21.17
N MET D 350 -56.11 -34.67 -20.00
CA MET D 350 -57.08 -35.16 -19.02
C MET D 350 -58.48 -35.22 -19.61
N ARG D 351 -58.90 -34.14 -20.29
CA ARG D 351 -60.23 -34.13 -20.91
C ARG D 351 -60.41 -35.19 -22.00
N ALA D 352 -59.37 -35.37 -22.81
CA ALA D 352 -59.41 -36.40 -23.84
C ALA D 352 -59.64 -37.74 -23.18
N ALA D 353 -58.96 -37.98 -22.07
CA ALA D 353 -59.09 -39.25 -21.37
C ALA D 353 -60.52 -39.48 -20.87
N GLU D 354 -61.15 -38.41 -20.37
CA GLU D 354 -62.55 -38.50 -19.94
C GLU D 354 -63.47 -38.76 -21.12
N GLU D 355 -63.00 -38.40 -22.31
CA GLU D 355 -63.85 -38.55 -23.49
C GLU D 355 -63.56 -39.87 -24.20
N GLY D 356 -62.74 -40.71 -23.57
CA GLY D 356 -62.49 -42.04 -24.10
C GLY D 356 -61.05 -42.35 -24.46
N ALA D 357 -60.17 -41.38 -24.34
CA ALA D 357 -58.76 -41.61 -24.65
C ALA D 357 -58.07 -42.43 -23.57
N ASP D 358 -56.90 -42.95 -23.90
CA ASP D 358 -56.19 -43.86 -23.04
C ASP D 358 -54.78 -43.34 -22.77
N ILE D 359 -54.56 -42.76 -21.59
CA ILE D 359 -53.24 -42.28 -21.25
C ILE D 359 -52.33 -43.46 -20.94
N LEU D 360 -51.23 -43.59 -21.70
CA LEU D 360 -50.35 -44.74 -21.59
C LEU D 360 -49.06 -44.40 -20.87
N TYR D 361 -48.72 -43.12 -20.85
CA TYR D 361 -47.49 -42.69 -20.21
C TYR D 361 -47.64 -41.24 -19.81
N HIS D 362 -47.51 -40.99 -18.51
CA HIS D 362 -47.61 -39.64 -17.99
C HIS D 362 -47.00 -39.59 -16.61
N PRO D 363 -45.67 -39.49 -16.55
CA PRO D 363 -44.95 -39.48 -15.27
C PRO D 363 -45.22 -38.22 -14.46
N GLY D 364 -46.08 -37.35 -14.97
CA GLY D 364 -46.43 -36.16 -14.23
C GLY D 364 -45.72 -34.88 -14.63
N ARG D 365 -46.49 -33.79 -14.60
CA ARG D 365 -46.03 -32.46 -14.91
C ARG D 365 -45.41 -31.76 -13.71
N SER D 366 -44.38 -30.96 -13.96
CA SER D 366 -43.80 -30.13 -12.91
C SER D 366 -43.54 -28.71 -13.46
N GLY D 367 -44.45 -27.81 -13.16
CA GLY D 367 -44.34 -26.44 -13.61
C GLY D 367 -44.49 -26.38 -15.12
N ALA D 368 -43.50 -25.81 -15.79
CA ALA D 368 -43.51 -25.72 -17.25
C ALA D 368 -42.97 -26.99 -17.89
N LEU D 369 -42.54 -27.95 -17.08
CA LEU D 369 -41.94 -29.16 -17.59
C LEU D 369 -42.99 -30.23 -17.82
N LEU D 370 -43.21 -30.54 -19.09
CA LEU D 370 -44.17 -31.54 -19.48
C LEU D 370 -43.38 -32.72 -19.97
N PRO D 371 -43.72 -33.93 -19.50
CA PRO D 371 -43.08 -35.12 -20.07
C PRO D 371 -43.69 -35.41 -21.44
N PRO D 372 -43.07 -36.32 -22.22
CA PRO D 372 -43.64 -36.65 -23.54
C PRO D 372 -44.82 -37.58 -23.39
N ILE D 373 -45.95 -37.04 -22.97
CA ILE D 373 -47.14 -37.82 -22.65
C ILE D 373 -47.66 -38.62 -23.85
N VAL D 374 -47.86 -39.93 -23.66
CA VAL D 374 -48.44 -40.74 -24.72
C VAL D 374 -49.89 -41.06 -24.45
N VAL D 375 -50.75 -40.73 -25.40
CA VAL D 375 -52.19 -40.97 -25.29
C VAL D 375 -52.68 -41.68 -26.55
N ASP D 376 -53.40 -42.78 -26.35
CA ASP D 376 -53.94 -43.59 -27.45
C ASP D 376 -55.46 -43.40 -27.53
N ARG D 377 -56.06 -43.85 -28.62
CA ARG D 377 -57.50 -43.74 -28.82
C ARG D 377 -58.02 -42.32 -28.58
N VAL D 378 -57.25 -41.32 -28.99
CA VAL D 378 -57.71 -39.95 -28.88
C VAL D 378 -58.86 -39.69 -29.84
N PRO D 379 -59.99 -39.18 -29.30
CA PRO D 379 -61.10 -38.81 -30.19
C PRO D 379 -60.69 -37.62 -31.05
N HIS D 380 -60.94 -37.66 -32.35
CA HIS D 380 -60.42 -36.63 -33.23
C HIS D 380 -61.05 -35.27 -32.97
N GLN D 381 -62.19 -35.26 -32.30
CA GLN D 381 -62.88 -34.01 -32.01
C GLN D 381 -62.49 -33.42 -30.65
N SER D 382 -61.65 -34.11 -29.89
CA SER D 382 -61.22 -33.58 -28.61
C SER D 382 -60.32 -32.35 -28.81
N ASP D 383 -60.33 -31.45 -27.84
CA ASP D 383 -59.55 -30.22 -27.93
C ASP D 383 -58.08 -30.54 -28.17
N LEU D 384 -57.62 -31.64 -27.57
CA LEU D 384 -56.22 -32.02 -27.65
C LEU D 384 -55.69 -32.02 -29.09
N VAL D 385 -56.48 -32.56 -30.03
CA VAL D 385 -56.04 -32.74 -31.40
C VAL D 385 -56.83 -31.91 -32.41
N LEU D 386 -57.93 -31.31 -31.97
CA LEU D 386 -58.71 -30.45 -32.86
C LEU D 386 -58.16 -29.03 -32.85
N GLU D 387 -57.83 -28.54 -31.66
CA GLU D 387 -57.06 -27.31 -31.50
C GLU D 387 -55.59 -27.64 -31.69
N GLU D 388 -54.78 -26.62 -31.94
CA GLU D 388 -53.34 -26.77 -31.95
C GLU D 388 -52.84 -26.86 -30.50
N THR D 389 -52.21 -27.98 -30.16
CA THR D 389 -51.61 -28.14 -28.83
C THR D 389 -50.07 -28.10 -28.92
N PHE D 390 -49.52 -27.00 -28.45
CA PHE D 390 -48.14 -26.61 -28.75
C PHE D 390 -47.17 -27.14 -27.71
N GLY D 391 -47.23 -28.43 -27.44
CA GLY D 391 -46.39 -29.06 -26.44
C GLY D 391 -46.02 -30.47 -26.86
N PRO D 392 -45.20 -31.15 -26.06
CA PRO D 392 -44.67 -32.47 -26.45
C PRO D 392 -45.62 -33.63 -26.19
N ILE D 393 -46.91 -33.43 -26.44
CA ILE D 393 -47.86 -34.54 -26.35
C ILE D 393 -47.73 -35.43 -27.59
N ILE D 394 -47.79 -36.76 -27.37
CA ILE D 394 -47.75 -37.75 -28.42
C ILE D 394 -49.12 -38.41 -28.51
N PRO D 395 -50.02 -37.86 -29.33
CA PRO D 395 -51.40 -38.33 -29.34
C PRO D 395 -51.75 -39.20 -30.56
N ILE D 396 -52.14 -40.45 -30.30
CA ILE D 396 -52.52 -41.35 -31.39
C ILE D 396 -54.03 -41.37 -31.60
N VAL D 397 -54.45 -40.98 -32.80
CA VAL D 397 -55.84 -41.05 -33.21
C VAL D 397 -55.98 -42.27 -34.11
N ARG D 398 -56.83 -43.21 -33.73
CA ARG D 398 -57.03 -44.38 -34.56
C ARG D 398 -58.04 -44.01 -35.64
N VAL D 399 -57.67 -44.28 -36.89
CA VAL D 399 -58.51 -43.90 -38.01
C VAL D 399 -58.83 -45.13 -38.83
N PRO D 400 -59.88 -45.07 -39.65
CA PRO D 400 -60.34 -46.22 -40.42
C PRO D 400 -59.29 -46.74 -41.40
N ASP D 401 -59.31 -48.04 -41.65
CA ASP D 401 -58.54 -48.65 -42.71
C ASP D 401 -59.17 -48.30 -44.06
N ASP D 402 -59.26 -47.01 -44.33
CA ASP D 402 -59.81 -46.49 -45.56
C ASP D 402 -59.20 -45.11 -45.81
N ASP D 403 -58.56 -44.94 -46.95
CA ASP D 403 -57.80 -43.73 -47.24
C ASP D 403 -58.69 -42.49 -47.42
N ASP D 404 -59.81 -42.65 -48.10
CA ASP D 404 -60.74 -41.54 -48.26
C ASP D 404 -61.15 -40.97 -46.90
N ALA D 405 -61.50 -41.86 -45.99
CA ALA D 405 -61.96 -41.44 -44.66
C ALA D 405 -60.80 -40.83 -43.88
N THR D 406 -59.60 -41.40 -44.05
CA THR D 406 -58.44 -40.88 -43.37
C THR D 406 -58.11 -39.47 -43.85
N ILE D 407 -58.15 -39.28 -45.17
CA ILE D 407 -57.86 -37.98 -45.75
C ILE D 407 -58.90 -36.93 -45.32
N THR D 408 -60.15 -37.33 -45.29
CA THR D 408 -61.22 -36.45 -44.83
C THR D 408 -61.00 -36.04 -43.39
N LEU D 409 -60.67 -37.02 -42.56
CA LEU D 409 -60.36 -36.75 -41.17
C LEU D 409 -59.16 -35.81 -41.04
N SER D 410 -58.11 -36.10 -41.79
CA SER D 410 -56.91 -35.30 -41.74
C SER D 410 -57.22 -33.85 -42.13
N ASN D 411 -58.08 -33.69 -43.13
CA ASN D 411 -58.44 -32.35 -43.61
C ASN D 411 -59.50 -31.62 -42.77
N SER D 412 -59.90 -32.22 -41.66
CA SER D 412 -61.10 -31.75 -40.95
C SER D 412 -60.87 -30.60 -39.96
N THR D 413 -59.62 -30.20 -39.75
CA THR D 413 -59.34 -29.09 -38.84
C THR D 413 -59.29 -27.76 -39.60
N ALA D 414 -59.05 -26.68 -38.85
CA ALA D 414 -58.99 -25.36 -39.46
C ALA D 414 -57.63 -25.12 -40.07
N PHE D 415 -56.69 -26.04 -39.85
CA PHE D 415 -55.30 -25.84 -40.27
C PHE D 415 -54.94 -26.59 -41.56
N GLY D 416 -53.84 -26.15 -42.19
CA GLY D 416 -53.34 -26.80 -43.39
C GLY D 416 -51.93 -26.34 -43.68
N LEU D 417 -50.96 -26.88 -42.95
CA LEU D 417 -49.59 -26.46 -43.08
C LEU D 417 -48.78 -27.58 -43.71
N SER D 418 -48.33 -28.53 -42.89
CA SER D 418 -47.55 -29.65 -43.40
C SER D 418 -48.14 -30.98 -42.97
N SER D 419 -47.47 -32.07 -43.33
CA SER D 419 -47.95 -33.41 -43.07
C SER D 419 -46.85 -34.42 -43.39
N GLY D 420 -46.97 -35.61 -42.81
CA GLY D 420 -46.11 -36.71 -43.16
C GLY D 420 -46.96 -37.97 -43.33
N VAL D 421 -46.57 -38.80 -44.29
CA VAL D 421 -47.30 -40.05 -44.55
C VAL D 421 -46.30 -41.18 -44.66
N CYS D 422 -46.52 -42.23 -43.88
CA CYS D 422 -45.66 -43.41 -43.94
C CYS D 422 -46.35 -44.60 -44.61
N THR D 423 -45.83 -45.00 -45.76
CA THR D 423 -46.41 -46.07 -46.57
C THR D 423 -45.39 -46.45 -47.63
N ASN D 424 -45.52 -47.64 -48.21
CA ASN D 424 -44.61 -48.02 -49.28
C ASN D 424 -45.37 -48.19 -50.59
N ASP D 425 -46.68 -47.98 -50.52
CA ASP D 425 -47.56 -48.18 -51.66
C ASP D 425 -47.63 -46.87 -52.44
N TYR D 426 -47.02 -46.84 -53.63
CA TYR D 426 -46.95 -45.62 -54.43
C TYR D 426 -48.33 -45.03 -54.71
N ARG D 427 -49.29 -45.88 -55.06
CA ARG D 427 -50.61 -45.42 -55.42
C ARG D 427 -51.20 -44.61 -54.28
N ARG D 428 -50.98 -45.09 -53.07
CA ARG D 428 -51.53 -44.44 -51.89
C ARG D 428 -50.78 -43.16 -51.56
N MET D 429 -49.45 -43.22 -51.71
CA MET D 429 -48.61 -42.03 -51.60
C MET D 429 -49.18 -40.86 -52.42
N GLN D 430 -49.39 -41.14 -53.70
CA GLN D 430 -49.83 -40.11 -54.63
C GLN D 430 -51.22 -39.65 -54.24
N LYS D 431 -52.04 -40.57 -53.76
CA LYS D 431 -53.39 -40.20 -53.37
C LYS D 431 -53.35 -39.20 -52.21
N TYR D 432 -52.49 -39.45 -51.21
CA TYR D 432 -52.36 -38.51 -50.10
C TYR D 432 -51.68 -37.20 -50.51
N ILE D 433 -50.70 -37.28 -51.40
CA ILE D 433 -50.04 -36.06 -51.84
C ILE D 433 -51.07 -35.15 -52.50
N ALA D 434 -51.92 -35.74 -53.33
CA ALA D 434 -52.92 -34.96 -54.06
C ALA D 434 -54.08 -34.53 -53.16
N GLY D 435 -54.44 -35.36 -52.20
CA GLY D 435 -55.67 -35.13 -51.43
C GLY D 435 -55.56 -34.38 -50.12
N LEU D 436 -54.38 -34.37 -49.49
CA LEU D 436 -54.23 -33.60 -48.25
C LEU D 436 -54.24 -32.09 -48.54
N LYS D 437 -55.05 -31.35 -47.79
CA LYS D 437 -55.16 -29.91 -48.00
C LYS D 437 -54.16 -29.17 -47.13
N VAL D 438 -52.93 -29.12 -47.62
CA VAL D 438 -51.81 -28.63 -46.85
C VAL D 438 -50.80 -28.03 -47.81
N GLY D 439 -49.78 -27.36 -47.27
CA GLY D 439 -48.74 -26.75 -48.10
C GLY D 439 -47.64 -27.73 -48.46
N THR D 440 -47.50 -28.79 -47.67
CA THR D 440 -46.40 -29.75 -47.82
C THR D 440 -46.84 -31.15 -47.39
N VAL D 441 -46.49 -32.13 -48.21
CA VAL D 441 -46.68 -33.52 -47.84
C VAL D 441 -45.36 -34.25 -47.93
N ASN D 442 -44.85 -34.70 -46.78
CA ASN D 442 -43.60 -35.45 -46.74
C ASN D 442 -43.84 -36.95 -46.64
N ILE D 443 -43.33 -37.71 -47.61
CA ILE D 443 -43.44 -39.15 -47.55
C ILE D 443 -42.30 -39.70 -46.72
N TRP D 444 -42.63 -40.44 -45.66
CA TRP D 444 -41.63 -41.05 -44.79
C TRP D 444 -40.71 -40.03 -44.10
N GLU D 445 -41.27 -38.90 -43.71
CA GLU D 445 -40.57 -37.93 -42.85
C GLU D 445 -41.63 -37.21 -42.05
N VAL D 446 -41.20 -36.52 -41.00
CA VAL D 446 -42.16 -35.77 -40.19
C VAL D 446 -42.64 -34.54 -40.97
N PRO D 447 -43.81 -34.02 -40.59
CA PRO D 447 -44.29 -32.82 -41.28
C PRO D 447 -43.29 -31.66 -41.19
N GLY D 448 -42.48 -31.64 -40.14
CA GLY D 448 -41.54 -30.55 -39.96
C GLY D 448 -40.36 -30.57 -40.94
N TYR D 449 -40.20 -31.64 -41.70
CA TYR D 449 -39.02 -31.75 -42.55
C TYR D 449 -39.07 -30.80 -43.75
N ARG D 450 -37.96 -30.11 -43.97
CA ARG D 450 -37.79 -29.26 -45.15
C ARG D 450 -36.34 -28.79 -45.17
N ILE D 451 -35.90 -28.19 -46.27
CA ILE D 451 -34.60 -27.52 -46.30
C ILE D 451 -34.87 -26.02 -46.26
N GLU D 452 -33.88 -25.21 -45.87
CA GLU D 452 -34.15 -23.80 -45.59
C GLU D 452 -34.55 -23.01 -46.82
N MET D 453 -34.30 -23.56 -48.00
CA MET D 453 -34.62 -22.87 -49.23
C MET D 453 -35.79 -23.44 -50.05
N SER D 454 -36.51 -24.42 -49.52
CA SER D 454 -37.66 -24.94 -50.23
C SER D 454 -38.85 -24.08 -49.84
N PRO D 455 -39.87 -23.99 -50.72
CA PRO D 455 -41.00 -23.11 -50.40
C PRO D 455 -41.76 -23.60 -49.17
N PHE D 456 -42.04 -22.69 -48.24
CA PHE D 456 -42.67 -23.06 -46.98
C PHE D 456 -43.83 -22.14 -46.67
N GLY D 457 -44.99 -22.72 -46.39
CA GLY D 457 -46.16 -21.95 -46.00
C GLY D 457 -47.43 -22.76 -46.13
N GLY D 458 -48.46 -22.36 -45.42
CA GLY D 458 -49.67 -23.16 -45.33
C GLY D 458 -50.88 -22.50 -45.95
N ILE D 459 -52.03 -23.13 -45.80
CA ILE D 459 -53.28 -22.57 -46.31
C ILE D 459 -54.30 -22.57 -45.18
N LYS D 460 -55.56 -22.25 -45.49
CA LYS D 460 -56.60 -22.24 -44.47
C LYS D 460 -56.18 -21.32 -43.32
N ASP D 461 -56.30 -21.76 -42.07
CA ASP D 461 -55.87 -20.90 -40.96
C ASP D 461 -54.37 -20.94 -40.70
N SER D 462 -53.62 -21.72 -41.48
CA SER D 462 -52.17 -21.83 -41.25
C SER D 462 -51.38 -20.68 -41.89
N GLY D 463 -51.99 -20.00 -42.85
CA GLY D 463 -51.29 -18.92 -43.53
C GLY D 463 -52.13 -18.27 -44.60
N ASN D 464 -51.83 -17.02 -44.93
CA ASN D 464 -52.60 -16.30 -45.94
C ASN D 464 -52.21 -16.66 -47.38
N GLY D 465 -51.40 -17.70 -47.54
CA GLY D 465 -51.14 -18.24 -48.86
C GLY D 465 -49.87 -17.80 -49.57
N TYR D 466 -49.00 -17.07 -48.89
CA TYR D 466 -47.70 -16.75 -49.45
C TYR D 466 -46.61 -17.71 -48.93
N LYS D 467 -45.64 -18.00 -49.78
CA LYS D 467 -44.56 -18.90 -49.37
C LYS D 467 -43.41 -18.14 -48.74
N GLU D 468 -42.77 -18.81 -47.79
CA GLU D 468 -41.59 -18.33 -47.09
C GLU D 468 -40.44 -19.28 -47.42
N GLY D 469 -39.38 -19.25 -46.61
CA GLY D 469 -38.14 -19.90 -46.95
C GLY D 469 -37.29 -18.84 -47.63
N VAL D 470 -35.98 -19.04 -47.63
CA VAL D 470 -35.06 -17.99 -48.08
C VAL D 470 -35.38 -17.50 -49.51
N ILE D 471 -35.53 -18.44 -50.45
CA ILE D 471 -35.77 -18.07 -51.85
C ILE D 471 -37.06 -17.28 -52.05
N GLU D 472 -38.16 -17.82 -51.55
CA GLU D 472 -39.44 -17.14 -51.71
C GLU D 472 -39.50 -15.84 -50.93
N ALA D 473 -38.82 -15.80 -49.78
CA ALA D 473 -38.79 -14.57 -49.01
C ALA D 473 -38.04 -13.47 -49.77
N MET D 474 -36.95 -13.84 -50.42
CA MET D 474 -36.20 -12.83 -51.18
C MET D 474 -37.08 -12.23 -52.29
N LYS D 475 -37.87 -13.08 -52.94
CA LYS D 475 -38.83 -12.59 -53.93
C LYS D 475 -39.86 -11.69 -53.30
N SER D 476 -40.42 -12.12 -52.17
CA SER D 476 -41.45 -11.33 -51.50
C SER D 476 -40.95 -9.96 -51.09
N PHE D 477 -39.65 -9.89 -50.79
CA PHE D 477 -39.08 -8.65 -50.25
C PHE D 477 -38.64 -7.66 -51.36
N THR D 478 -39.05 -7.92 -52.60
CA THR D 478 -38.66 -7.03 -53.67
C THR D 478 -39.85 -6.66 -54.56
N ASN D 479 -39.66 -5.61 -55.35
CA ASN D 479 -40.60 -5.28 -56.40
C ASN D 479 -39.93 -5.66 -57.71
N VAL D 480 -40.69 -6.21 -58.64
CA VAL D 480 -40.16 -6.48 -59.97
C VAL D 480 -40.37 -5.25 -60.82
N LYS D 481 -39.30 -4.79 -61.46
CA LYS D 481 -39.40 -3.71 -62.44
C LYS D 481 -39.08 -4.28 -63.81
N THR D 482 -39.91 -3.98 -64.81
CA THR D 482 -39.60 -4.35 -66.17
C THR D 482 -39.10 -3.14 -66.93
N PHE D 483 -38.25 -3.36 -67.92
CA PHE D 483 -37.92 -2.32 -68.88
C PHE D 483 -37.84 -2.92 -70.28
N SER D 484 -38.18 -2.13 -71.30
CA SER D 484 -38.09 -2.62 -72.68
C SER D 484 -37.17 -1.75 -73.53
N LEU D 485 -36.44 -2.39 -74.44
CA LEU D 485 -35.55 -1.71 -75.36
C LEU D 485 -35.91 -2.04 -76.79
N PRO D 486 -35.78 -1.06 -77.71
CA PRO D 486 -35.93 -1.35 -79.14
C PRO D 486 -34.95 -2.45 -79.50
N TRP D 487 -35.38 -3.41 -80.31
CA TRP D 487 -34.49 -4.48 -80.72
C TRP D 487 -34.72 -4.82 -82.21
N ARG E 14 -49.93 37.10 -27.86
CA ARG E 14 -48.79 37.16 -28.78
C ARG E 14 -48.41 35.78 -29.30
N HIS E 15 -48.51 35.59 -30.61
CA HIS E 15 -48.06 34.35 -31.23
C HIS E 15 -46.75 34.61 -31.94
N GLU E 16 -45.76 33.77 -31.65
CA GLU E 16 -44.43 33.99 -32.18
C GLU E 16 -43.98 32.74 -32.93
N PRO E 17 -43.54 32.91 -34.17
CA PRO E 17 -43.01 31.75 -34.90
C PRO E 17 -41.58 31.46 -34.46
N MET E 18 -41.08 30.29 -34.83
CA MET E 18 -39.66 30.01 -34.70
C MET E 18 -38.84 30.98 -35.55
N ARG E 19 -37.57 31.12 -35.21
CA ARG E 19 -36.63 31.83 -36.06
C ARG E 19 -35.60 30.85 -36.62
N ILE E 20 -35.77 30.45 -37.88
CA ILE E 20 -34.84 29.53 -38.50
C ILE E 20 -33.98 30.28 -39.51
N ALA E 21 -32.76 30.64 -39.09
CA ALA E 21 -31.84 31.39 -39.94
C ALA E 21 -32.50 32.66 -40.47
N GLY E 22 -33.22 33.37 -39.60
CA GLY E 22 -33.82 34.65 -39.97
C GLY E 22 -35.23 34.53 -40.52
N ARG E 23 -35.64 33.31 -40.86
CA ARG E 23 -36.96 33.08 -41.41
C ARG E 23 -37.96 32.78 -40.31
N LEU E 24 -39.10 33.46 -40.34
CA LEU E 24 -40.20 33.14 -39.43
C LEU E 24 -40.87 31.85 -39.88
N VAL E 25 -40.76 30.80 -39.08
CA VAL E 25 -41.31 29.51 -39.44
C VAL E 25 -42.37 29.08 -38.45
N ASP E 26 -43.56 28.83 -38.97
CA ASP E 26 -44.71 28.55 -38.12
C ASP E 26 -45.13 27.09 -38.20
N THR E 27 -46.07 26.72 -37.35
CA THR E 27 -46.52 25.35 -37.25
C THR E 27 -47.98 25.38 -36.80
N ASP E 28 -48.76 24.38 -37.18
CA ASP E 28 -50.20 24.36 -36.84
C ASP E 28 -50.44 24.23 -35.35
N ASP E 29 -49.94 23.17 -34.75
CA ASP E 29 -50.05 23.00 -33.31
C ASP E 29 -49.22 24.07 -32.59
N ARG E 30 -49.67 24.47 -31.42
CA ARG E 30 -49.01 25.52 -30.69
C ARG E 30 -48.62 25.03 -29.31
N VAL E 31 -47.62 25.68 -28.75
CA VAL E 31 -47.30 25.53 -27.34
C VAL E 31 -47.76 26.80 -26.64
N GLU E 32 -48.56 26.65 -25.60
CA GLU E 32 -49.05 27.80 -24.87
C GLU E 32 -48.06 28.22 -23.80
N VAL E 33 -47.78 29.51 -23.73
CA VAL E 33 -46.89 30.03 -22.71
C VAL E 33 -47.71 30.78 -21.68
N ARG E 34 -47.61 30.37 -20.43
CA ARG E 34 -48.42 30.97 -19.36
C ARG E 34 -47.62 31.79 -18.36
N TYR E 35 -48.27 32.84 -17.89
CA TYR E 35 -47.77 33.72 -16.82
C TYR E 35 -48.10 33.10 -15.48
N PRO E 36 -47.07 32.65 -14.75
CA PRO E 36 -47.34 31.89 -13.52
C PRO E 36 -48.05 32.70 -12.44
N TRP E 37 -48.09 34.01 -12.58
CA TRP E 37 -48.76 34.85 -11.59
C TRP E 37 -50.29 34.56 -11.52
N ASN E 38 -50.90 34.39 -12.68
CA ASN E 38 -52.33 34.14 -12.75
C ASN E 38 -52.69 33.00 -13.70
N ASP E 39 -51.66 32.26 -14.14
CA ASP E 39 -51.84 31.08 -15.00
C ASP E 39 -52.59 31.39 -16.29
N THR E 40 -52.50 32.63 -16.76
CA THR E 40 -53.10 32.99 -18.04
C THR E 40 -52.11 32.87 -19.20
N VAL E 41 -52.63 32.55 -20.38
CA VAL E 41 -51.80 32.41 -21.57
C VAL E 41 -51.37 33.81 -21.98
N VAL E 42 -50.06 34.02 -22.10
CA VAL E 42 -49.58 35.34 -22.55
C VAL E 42 -48.97 35.25 -23.93
N GLY E 43 -48.73 34.03 -24.40
CA GLY E 43 -48.18 33.86 -25.71
C GLY E 43 -48.23 32.45 -26.20
N THR E 44 -47.84 32.28 -27.45
CA THR E 44 -47.81 30.98 -28.06
C THR E 44 -46.61 30.88 -29.02
N VAL E 45 -46.00 29.69 -29.08
CA VAL E 45 -44.93 29.42 -30.03
C VAL E 45 -45.21 28.08 -30.68
N PRO E 46 -44.55 27.82 -31.83
CA PRO E 46 -44.80 26.58 -32.56
C PRO E 46 -44.41 25.31 -31.81
N ALA E 47 -45.24 24.27 -31.95
CA ALA E 47 -44.85 22.95 -31.50
C ALA E 47 -43.95 22.34 -32.56
N GLY E 48 -42.71 22.81 -32.63
CA GLY E 48 -41.76 22.35 -33.62
C GLY E 48 -41.41 20.87 -33.51
N ARG E 49 -40.97 20.30 -34.64
CA ARG E 49 -40.64 18.89 -34.70
C ARG E 49 -39.19 18.67 -35.12
N ALA E 50 -38.75 17.42 -35.00
CA ALA E 50 -37.38 17.06 -35.34
C ALA E 50 -36.92 17.67 -36.66
N GLU E 51 -37.82 17.70 -37.64
CA GLU E 51 -37.49 18.20 -38.96
C GLU E 51 -37.08 19.66 -38.93
N HIS E 52 -37.63 20.43 -37.99
CA HIS E 52 -37.32 21.86 -37.92
C HIS E 52 -35.91 22.08 -37.38
N ALA E 53 -35.57 21.35 -36.32
CA ALA E 53 -34.23 21.37 -35.78
C ALA E 53 -33.26 20.88 -36.86
N ARG E 54 -33.67 19.82 -37.55
CA ARG E 54 -32.86 19.21 -38.59
C ARG E 54 -32.50 20.22 -39.67
N GLU E 55 -33.50 21.00 -40.10
CA GLU E 55 -33.24 22.03 -41.09
C GLU E 55 -32.32 23.11 -40.56
N ALA E 56 -32.54 23.53 -39.32
CA ALA E 56 -31.70 24.56 -38.71
C ALA E 56 -30.24 24.09 -38.66
N PHE E 57 -30.02 22.82 -38.33
CA PHE E 57 -28.68 22.30 -38.23
C PHE E 57 -28.01 22.19 -39.60
N ALA E 58 -28.80 21.90 -40.62
CA ALA E 58 -28.26 21.77 -41.96
C ALA E 58 -27.77 23.13 -42.44
N ILE E 59 -28.59 24.15 -42.20
CA ILE E 59 -28.22 25.51 -42.54
C ILE E 59 -26.96 25.94 -41.77
N ALA E 60 -26.90 25.60 -40.50
CA ALA E 60 -25.76 25.94 -39.67
C ALA E 60 -24.49 25.27 -40.21
N ALA E 61 -24.61 23.98 -40.48
CA ALA E 61 -23.48 23.20 -41.00
C ALA E 61 -22.95 23.78 -42.32
N ALA E 62 -23.86 24.12 -43.22
CA ALA E 62 -23.46 24.57 -44.55
C ALA E 62 -22.81 25.95 -44.56
N TYR E 63 -23.15 26.77 -43.57
CA TYR E 63 -22.67 28.15 -43.54
C TYR E 63 -21.34 28.26 -42.81
N GLN E 64 -20.38 28.96 -43.42
CA GLN E 64 -19.06 29.16 -42.79
C GLN E 64 -18.85 30.64 -42.53
N PRO E 65 -19.11 31.09 -41.29
CA PRO E 65 -18.93 32.50 -40.94
C PRO E 65 -17.53 32.99 -41.29
N LYS E 66 -17.44 34.20 -41.84
CA LYS E 66 -16.18 34.81 -42.22
C LYS E 66 -16.06 36.21 -41.64
N LEU E 67 -16.82 36.49 -40.58
CA LEU E 67 -16.76 37.79 -39.96
C LEU E 67 -15.36 38.08 -39.46
N THR E 68 -14.88 39.29 -39.68
CA THR E 68 -13.65 39.73 -39.03
C THR E 68 -13.88 39.89 -37.55
N ARG E 69 -12.81 39.94 -36.77
CA ARG E 69 -12.94 40.14 -35.35
C ARG E 69 -13.66 41.47 -35.12
N TYR E 70 -13.32 42.49 -35.91
CA TYR E 70 -13.96 43.79 -35.77
C TYR E 70 -15.48 43.70 -36.01
N GLU E 71 -15.88 43.00 -37.07
CA GLU E 71 -17.28 42.84 -37.38
C GLU E 71 -18.05 42.14 -36.25
N ARG E 72 -17.41 41.13 -35.66
CA ARG E 72 -18.05 40.39 -34.58
C ARG E 72 -18.23 41.32 -33.39
N GLN E 73 -17.20 42.12 -33.11
CA GLN E 73 -17.25 43.03 -31.98
C GLN E 73 -18.41 44.00 -32.20
N LYS E 74 -18.56 44.43 -33.44
CA LYS E 74 -19.59 45.41 -33.77
C LYS E 74 -20.98 44.87 -33.53
N ILE E 75 -21.24 43.68 -34.07
CA ILE E 75 -22.50 42.98 -33.80
C ILE E 75 -22.76 42.79 -32.31
N LEU E 76 -21.76 42.31 -31.59
CA LEU E 76 -21.93 42.02 -30.17
C LEU E 76 -22.19 43.28 -29.34
N LEU E 77 -21.48 44.35 -29.67
CA LEU E 77 -21.63 45.60 -28.92
C LEU E 77 -22.96 46.30 -29.27
N ALA E 78 -23.38 46.17 -30.52
CA ALA E 78 -24.68 46.71 -30.93
C ALA E 78 -25.82 45.96 -30.22
N THR E 79 -25.65 44.65 -30.06
CA THR E 79 -26.60 43.83 -29.35
C THR E 79 -26.71 44.28 -27.90
N ALA E 80 -25.57 44.54 -27.27
CA ALA E 80 -25.57 45.06 -25.90
C ALA E 80 -26.35 46.36 -25.84
N GLU E 81 -26.09 47.25 -26.78
CA GLU E 81 -26.76 48.55 -26.82
C GLU E 81 -28.26 48.38 -26.99
N ALA E 82 -28.67 47.42 -27.81
CA ALA E 82 -30.09 47.18 -28.02
C ALA E 82 -30.72 46.65 -26.75
N LEU E 83 -29.99 45.82 -26.01
CA LEU E 83 -30.49 45.26 -24.78
C LEU E 83 -30.75 46.37 -23.78
N ALA E 84 -29.81 47.33 -23.71
CA ALA E 84 -29.95 48.46 -22.79
C ALA E 84 -31.11 49.33 -23.21
N ALA E 85 -31.17 49.65 -24.50
CA ALA E 85 -32.25 50.49 -25.01
C ALA E 85 -33.64 49.85 -24.81
N ARG E 86 -33.72 48.53 -24.89
CA ARG E 86 -35.00 47.84 -24.84
C ARG E 86 -35.22 47.07 -23.55
N LYS E 87 -34.51 47.46 -22.49
CA LYS E 87 -34.55 46.64 -21.27
C LYS E 87 -35.94 46.50 -20.66
N GLU E 88 -36.77 47.54 -20.73
CA GLU E 88 -38.10 47.48 -20.13
C GLU E 88 -38.95 46.47 -20.89
N GLU E 89 -38.90 46.57 -22.20
CA GLU E 89 -39.61 45.65 -23.07
C GLU E 89 -39.17 44.20 -22.87
N ILE E 90 -37.86 43.99 -22.80
CA ILE E 90 -37.34 42.63 -22.68
C ILE E 90 -37.65 42.02 -21.33
N SER E 91 -37.47 42.81 -20.27
CA SER E 91 -37.75 42.33 -18.94
C SER E 91 -39.25 42.05 -18.77
N ASP E 92 -40.11 42.82 -19.46
CA ASP E 92 -41.54 42.51 -19.48
C ASP E 92 -41.77 41.09 -20.00
N VAL E 93 -41.19 40.79 -21.16
CA VAL E 93 -41.31 39.46 -21.76
C VAL E 93 -40.84 38.37 -20.79
N ILE E 94 -39.73 38.63 -20.11
CA ILE E 94 -39.18 37.64 -19.20
C ILE E 94 -40.15 37.41 -18.05
N THR E 95 -40.59 38.51 -17.43
CA THR E 95 -41.46 38.41 -16.26
C THR E 95 -42.78 37.71 -16.60
N LEU E 96 -43.35 38.04 -17.75
CA LEU E 96 -44.61 37.45 -18.20
C LEU E 96 -44.57 35.94 -18.47
N GLU E 97 -43.42 35.41 -18.83
CA GLU E 97 -43.33 33.96 -19.03
C GLU E 97 -42.77 33.21 -17.84
N LEU E 98 -41.96 33.88 -17.02
CA LEU E 98 -41.26 33.20 -15.94
C LEU E 98 -41.90 33.50 -14.60
N GLY E 99 -42.36 34.75 -14.42
CA GLY E 99 -42.99 35.14 -13.18
C GLY E 99 -42.06 35.76 -12.14
N ILE E 100 -40.77 35.88 -12.43
CA ILE E 100 -39.87 36.59 -11.52
C ILE E 100 -40.21 38.08 -11.53
N SER E 101 -39.88 38.77 -10.44
CA SER E 101 -40.21 40.19 -10.36
C SER E 101 -39.50 41.00 -11.43
N LYS E 102 -40.03 42.17 -11.76
CA LYS E 102 -39.39 43.08 -12.70
C LYS E 102 -37.99 43.46 -12.20
N ALA E 103 -37.83 43.58 -10.88
CA ALA E 103 -36.52 43.88 -10.33
C ALA E 103 -35.55 42.80 -10.78
N ASP E 104 -35.97 41.55 -10.65
CA ASP E 104 -35.11 40.42 -11.03
C ASP E 104 -34.91 40.36 -12.54
N SER E 105 -35.94 40.65 -13.33
CA SER E 105 -35.84 40.47 -14.76
C SER E 105 -35.04 41.64 -15.37
N LEU E 106 -35.19 42.83 -14.80
CA LEU E 106 -34.35 43.96 -15.21
C LEU E 106 -32.89 43.65 -14.90
N TYR E 107 -32.65 43.09 -13.72
CA TYR E 107 -31.30 42.67 -13.38
C TYR E 107 -30.77 41.68 -14.43
N GLU E 108 -31.62 40.74 -14.86
CA GLU E 108 -31.19 39.77 -15.84
C GLU E 108 -30.74 40.43 -17.15
N VAL E 109 -31.47 41.45 -17.59
CA VAL E 109 -31.08 42.17 -18.80
C VAL E 109 -29.70 42.78 -18.62
N GLY E 110 -29.43 43.31 -17.42
CA GLY E 110 -28.13 43.88 -17.11
C GLY E 110 -27.02 42.85 -17.26
N ARG E 111 -27.25 41.65 -16.77
CA ARG E 111 -26.25 40.60 -16.91
CA ARG E 111 -26.26 40.60 -16.91
C ARG E 111 -26.04 40.24 -18.38
N ALA E 112 -27.13 40.10 -19.14
CA ALA E 112 -26.99 39.82 -20.57
C ALA E 112 -26.21 40.94 -21.29
N PHE E 113 -26.44 42.17 -20.86
CA PHE E 113 -25.68 43.32 -21.38
C PHE E 113 -24.18 43.13 -21.13
N ASP E 114 -23.83 42.73 -19.92
CA ASP E 114 -22.42 42.43 -19.59
C ASP E 114 -21.86 41.29 -20.45
N VAL E 115 -22.63 40.21 -20.60
CA VAL E 115 -22.22 39.09 -21.43
C VAL E 115 -21.86 39.52 -22.85
N PHE E 116 -22.76 40.24 -23.50
CA PHE E 116 -22.51 40.67 -24.88
C PHE E 116 -21.35 41.66 -24.96
N THR E 117 -21.26 42.57 -24.00
CA THR E 117 -20.16 43.53 -23.96
C THR E 117 -18.82 42.84 -23.80
N LEU E 118 -18.74 41.96 -22.82
CA LEU E 118 -17.47 41.29 -22.57
C LEU E 118 -17.08 40.34 -23.72
N ALA E 119 -18.07 39.69 -24.32
CA ALA E 119 -17.79 38.87 -25.49
C ALA E 119 -17.25 39.72 -26.62
N GLY E 120 -17.84 40.91 -26.79
CA GLY E 120 -17.38 41.83 -27.81
C GLY E 120 -15.95 42.27 -27.59
N GLN E 121 -15.59 42.54 -26.35
CA GLN E 121 -14.23 42.97 -26.02
C GLN E 121 -13.24 41.81 -26.17
N MET E 122 -13.69 40.57 -25.91
CA MET E 122 -12.83 39.39 -26.02
C MET E 122 -12.43 39.06 -27.47
N CYS E 123 -13.19 39.58 -28.43
CA CYS E 123 -12.87 39.47 -29.86
C CYS E 123 -11.47 39.96 -30.25
N ILE E 124 -10.92 40.90 -29.50
CA ILE E 124 -9.62 41.45 -29.86
C ILE E 124 -8.48 40.56 -29.36
N ARG E 125 -8.83 39.54 -28.57
CA ARG E 125 -7.80 38.69 -28.01
C ARG E 125 -7.53 37.46 -28.86
N ASP E 126 -6.24 37.22 -29.08
CA ASP E 126 -5.80 36.01 -29.75
C ASP E 126 -4.90 35.34 -28.74
N ASP E 127 -5.32 34.15 -28.27
CA ASP E 127 -4.55 33.44 -27.27
C ASP E 127 -3.56 32.42 -27.86
N GLY E 128 -3.23 32.58 -29.14
CA GLY E 128 -2.27 31.71 -29.76
C GLY E 128 -0.95 31.63 -29.00
N GLU E 129 -0.30 30.47 -29.06
CA GLU E 129 0.99 30.27 -28.42
C GLU E 129 2.08 29.94 -29.43
N ILE E 130 3.32 30.08 -29.01
CA ILE E 130 4.45 29.74 -29.86
C ILE E 130 5.36 28.81 -29.06
N PHE E 131 5.79 27.72 -29.69
CA PHE E 131 6.75 26.78 -29.09
C PHE E 131 8.02 26.73 -29.92
N SER E 132 9.16 26.79 -29.24
CA SER E 132 10.44 26.54 -29.90
C SER E 132 10.69 25.04 -29.85
N CYS E 133 11.30 24.49 -30.89
CA CYS E 133 11.39 23.03 -30.99
C CYS E 133 12.77 22.40 -30.71
N ASP E 134 13.78 23.22 -30.42
CA ASP E 134 15.14 22.72 -30.23
C ASP E 134 15.37 22.41 -28.75
N LEU E 135 14.50 21.55 -28.22
CA LEU E 135 14.34 21.41 -26.78
C LEU E 135 14.97 20.17 -26.17
N THR E 136 15.21 19.18 -27.01
CA THR E 136 15.71 17.90 -26.55
C THR E 136 16.81 17.49 -27.52
N PRO E 137 17.51 16.39 -27.23
CA PRO E 137 18.69 16.03 -28.04
C PRO E 137 18.30 15.91 -29.48
N HIS E 138 17.00 15.77 -29.68
CA HIS E 138 16.48 15.47 -30.99
C HIS E 138 15.41 16.51 -31.39
N GLY E 139 15.71 17.75 -31.03
CA GLY E 139 14.94 18.91 -31.41
C GLY E 139 15.31 19.37 -32.81
N LYS E 140 14.48 20.27 -33.35
CA LYS E 140 14.67 20.80 -34.70
C LYS E 140 14.70 22.32 -34.60
N ALA E 141 15.39 22.97 -35.52
CA ALA E 141 15.32 24.42 -35.64
C ALA E 141 13.99 24.78 -36.31
N ARG E 142 12.96 24.97 -35.49
CA ARG E 142 11.58 25.00 -35.95
C ARG E 142 10.70 25.66 -34.88
N LYS E 143 9.62 26.30 -35.31
CA LYS E 143 8.66 26.88 -34.36
C LYS E 143 7.28 26.31 -34.62
N ILE E 144 6.55 26.03 -33.55
CA ILE E 144 5.16 25.61 -33.66
C ILE E 144 4.28 26.77 -33.22
N PHE E 145 3.22 27.01 -33.97
CA PHE E 145 2.30 28.10 -33.68
C PHE E 145 0.90 27.53 -33.54
N THR E 146 0.08 28.26 -32.81
CA THR E 146 -1.19 27.75 -32.36
C THR E 146 -2.28 28.74 -32.78
N MET E 147 -3.42 28.23 -33.18
CA MET E 147 -4.48 29.06 -33.73
C MET E 147 -5.84 28.37 -33.52
N ARG E 148 -6.92 29.14 -33.51
CA ARG E 148 -8.24 28.55 -33.26
C ARG E 148 -9.19 28.66 -34.45
N GLU E 149 -9.99 27.62 -34.65
CA GLU E 149 -10.99 27.61 -35.73
C GLU E 149 -12.34 27.20 -35.18
N PRO E 150 -13.41 27.65 -35.82
CA PRO E 150 -14.77 27.34 -35.32
C PRO E 150 -15.20 25.93 -35.67
N LEU E 151 -16.30 25.50 -35.08
CA LEU E 151 -16.84 24.17 -35.30
C LEU E 151 -17.82 24.19 -36.48
N THR E 152 -18.46 23.05 -36.72
CA THR E 152 -19.43 22.95 -37.80
C THR E 152 -20.78 23.51 -37.36
N ALA E 153 -21.23 23.08 -36.18
CA ALA E 153 -22.52 23.54 -35.66
C ALA E 153 -22.57 23.29 -34.16
N ILE E 154 -23.15 24.23 -33.43
CA ILE E 154 -23.31 24.08 -31.99
C ILE E 154 -24.79 23.98 -31.63
N SER E 155 -25.10 23.07 -30.73
CA SER E 155 -26.45 22.89 -30.22
C SER E 155 -26.52 23.45 -28.80
N ALA E 156 -27.45 24.38 -28.58
CA ALA E 156 -27.59 25.01 -27.28
C ALA E 156 -28.98 24.76 -26.70
N ILE E 157 -29.03 24.20 -25.50
CA ILE E 157 -30.28 23.85 -24.85
C ILE E 157 -30.35 24.61 -23.54
N THR E 158 -31.33 25.50 -23.41
CA THR E 158 -31.31 26.52 -22.35
C THR E 158 -32.47 26.37 -21.37
N PRO E 159 -32.22 26.74 -20.10
CA PRO E 159 -33.14 26.51 -18.99
C PRO E 159 -34.14 27.65 -18.80
N PHE E 160 -35.14 27.41 -17.96
CA PHE E 160 -36.23 28.37 -17.79
C PHE E 160 -35.87 29.50 -16.85
N ASN E 161 -34.89 29.27 -15.97
CA ASN E 161 -34.62 30.24 -14.91
C ASN E 161 -33.95 31.56 -15.35
N HIS E 162 -33.26 31.55 -16.49
CA HIS E 162 -32.73 32.81 -17.05
C HIS E 162 -33.01 32.87 -18.54
N PRO E 163 -34.25 33.19 -18.90
CA PRO E 163 -34.71 33.03 -20.28
C PRO E 163 -33.91 33.88 -21.25
N LEU E 164 -33.26 34.93 -20.74
CA LEU E 164 -32.43 35.77 -21.59
C LEU E 164 -30.94 35.46 -21.40
N ASN E 165 -30.46 35.56 -20.16
CA ASN E 165 -29.02 35.49 -19.91
C ASN E 165 -28.38 34.16 -20.25
N MET E 166 -29.10 33.07 -19.99
CA MET E 166 -28.59 31.73 -20.31
C MET E 166 -28.54 31.48 -21.81
N VAL E 167 -29.35 32.21 -22.58
CA VAL E 167 -29.22 32.15 -24.02
C VAL E 167 -27.99 32.97 -24.42
N ALA E 168 -27.87 34.17 -23.84
CA ALA E 168 -26.72 35.03 -24.07
C ALA E 168 -25.39 34.29 -23.84
N HIS E 169 -25.28 33.56 -22.73
CA HIS E 169 -24.04 32.87 -22.37
C HIS E 169 -23.62 31.83 -23.40
N LYS E 170 -24.58 31.32 -24.16
CA LYS E 170 -24.30 30.29 -25.15
C LYS E 170 -24.13 30.90 -26.53
N VAL E 171 -24.86 31.98 -26.81
CA VAL E 171 -24.87 32.53 -28.15
C VAL E 171 -23.79 33.60 -28.38
N ALA E 172 -23.56 34.46 -27.40
CA ALA E 172 -22.52 35.47 -27.54
C ALA E 172 -21.12 34.87 -27.82
N PRO E 173 -20.71 33.83 -27.07
CA PRO E 173 -19.39 33.23 -27.32
C PRO E 173 -19.32 32.52 -28.68
N ALA E 174 -20.46 32.01 -29.15
CA ALA E 174 -20.52 31.40 -30.47
C ALA E 174 -20.31 32.43 -31.57
N ILE E 175 -20.99 33.56 -31.45
CA ILE E 175 -20.82 34.64 -32.40
C ILE E 175 -19.37 35.12 -32.38
N ALA E 176 -18.85 35.38 -31.18
CA ALA E 176 -17.50 35.90 -31.02
C ALA E 176 -16.49 34.99 -31.70
N THR E 177 -16.92 33.78 -32.00
CA THR E 177 -15.97 32.77 -32.39
C THR E 177 -16.29 32.23 -33.79
N ASN E 178 -17.18 32.95 -34.50
CA ASN E 178 -17.57 32.57 -35.86
C ASN E 178 -18.25 31.18 -35.97
N ASN E 179 -19.00 30.83 -34.94
CA ASN E 179 -19.77 29.60 -34.96
C ASN E 179 -21.23 29.83 -35.33
N CYS E 180 -21.87 28.79 -35.88
CA CYS E 180 -23.32 28.84 -36.07
C CYS E 180 -23.94 28.07 -34.93
N VAL E 181 -24.99 28.61 -34.33
CA VAL E 181 -25.61 27.93 -33.21
C VAL E 181 -27.12 27.80 -33.40
N VAL E 182 -27.66 26.68 -32.94
CA VAL E 182 -29.11 26.47 -32.92
C VAL E 182 -29.52 26.34 -31.47
N VAL E 183 -30.48 27.18 -31.05
CA VAL E 183 -30.97 27.21 -29.68
C VAL E 183 -32.37 26.61 -29.57
N LYS E 184 -32.56 25.72 -28.59
CA LYS E 184 -33.88 25.32 -28.16
C LYS E 184 -34.09 25.69 -26.71
N PRO E 185 -34.93 26.70 -26.46
CA PRO E 185 -35.23 27.06 -25.07
C PRO E 185 -36.31 26.11 -24.54
N THR E 186 -36.56 26.17 -23.24
CA THR E 186 -37.59 25.37 -22.62
C THR E 186 -38.95 25.86 -23.14
N GLU E 187 -39.92 24.97 -23.18
CA GLU E 187 -41.26 25.32 -23.61
C GLU E 187 -41.96 26.22 -22.59
N LEU E 188 -41.44 26.26 -21.38
CA LEU E 188 -41.96 27.13 -20.34
C LEU E 188 -41.62 28.62 -20.56
N THR E 189 -40.46 28.92 -21.14
CA THR E 189 -40.02 30.32 -21.30
C THR E 189 -39.30 30.56 -22.62
N PRO E 190 -39.99 30.33 -23.76
CA PRO E 190 -39.30 30.33 -25.04
C PRO E 190 -39.30 31.69 -25.72
N MET E 191 -40.13 32.62 -25.24
CA MET E 191 -40.36 33.85 -25.99
C MET E 191 -39.17 34.82 -25.93
N THR E 192 -38.49 34.82 -24.80
CA THR E 192 -37.34 35.70 -24.64
C THR E 192 -36.26 35.34 -25.67
N ALA E 193 -36.04 34.04 -25.88
CA ALA E 193 -35.03 33.60 -26.86
C ALA E 193 -35.37 34.10 -28.25
N LEU E 194 -36.64 34.04 -28.60
CA LEU E 194 -37.10 34.46 -29.92
C LEU E 194 -36.85 35.95 -30.10
N LEU E 195 -37.12 36.71 -29.04
CA LEU E 195 -36.87 38.14 -29.06
C LEU E 195 -35.37 38.45 -29.22
N LEU E 196 -34.54 37.71 -28.51
CA LEU E 196 -33.09 37.92 -28.63
C LEU E 196 -32.61 37.65 -30.06
N ALA E 197 -33.15 36.61 -30.68
CA ALA E 197 -32.80 36.33 -32.08
C ALA E 197 -33.11 37.53 -32.96
N ASP E 198 -34.28 38.13 -32.79
CA ASP E 198 -34.66 39.30 -33.60
C ASP E 198 -33.69 40.45 -33.38
N ILE E 199 -33.35 40.68 -32.13
CA ILE E 199 -32.39 41.72 -31.78
C ILE E 199 -31.05 41.48 -32.47
N LEU E 200 -30.60 40.22 -32.47
CA LEU E 200 -29.32 39.85 -33.07
C LEU E 200 -29.32 40.07 -34.57
N TYR E 201 -30.36 39.59 -35.25
CA TYR E 201 -30.49 39.84 -36.68
C TYR E 201 -30.43 41.32 -36.96
N GLU E 202 -31.19 42.11 -36.19
CA GLU E 202 -31.16 43.57 -36.38
C GLU E 202 -29.79 44.18 -36.14
N ALA E 203 -29.00 43.58 -35.23
CA ALA E 203 -27.67 44.12 -34.92
C ALA E 203 -26.64 43.75 -35.98
N GLY E 204 -27.08 43.00 -37.00
CA GLY E 204 -26.23 42.71 -38.14
C GLY E 204 -25.74 41.28 -38.24
N LEU E 205 -26.19 40.41 -37.35
CA LEU E 205 -25.74 39.02 -37.39
C LEU E 205 -26.20 38.34 -38.68
N PRO E 206 -25.26 37.74 -39.42
CA PRO E 206 -25.69 36.89 -40.54
C PRO E 206 -26.66 35.85 -40.03
N PRO E 207 -27.85 35.78 -40.64
CA PRO E 207 -28.97 35.01 -40.08
C PRO E 207 -28.63 33.53 -39.95
N GLU E 208 -27.80 33.01 -40.84
CA GLU E 208 -27.46 31.59 -40.81
C GLU E 208 -26.78 31.20 -39.50
N MET E 209 -26.23 32.18 -38.79
CA MET E 209 -25.45 31.89 -37.59
C MET E 209 -26.32 31.62 -36.37
N LEU E 210 -27.62 31.89 -36.48
CA LEU E 210 -28.52 31.67 -35.35
C LEU E 210 -29.89 31.19 -35.76
N SER E 211 -30.30 30.07 -35.18
CA SER E 211 -31.70 29.67 -35.20
C SER E 211 -32.20 29.44 -33.78
N VAL E 212 -33.47 29.77 -33.55
CA VAL E 212 -34.16 29.43 -32.31
C VAL E 212 -35.40 28.59 -32.62
N VAL E 213 -35.37 27.33 -32.23
CA VAL E 213 -36.51 26.46 -32.49
C VAL E 213 -37.22 26.12 -31.18
N THR E 214 -38.51 25.83 -31.27
CA THR E 214 -39.30 25.55 -30.09
C THR E 214 -40.13 24.29 -30.29
N GLY E 215 -40.56 23.70 -29.19
CA GLY E 215 -41.45 22.56 -29.27
C GLY E 215 -41.43 21.76 -28.00
N TRP E 216 -42.18 20.66 -27.98
CA TRP E 216 -42.18 19.76 -26.84
C TRP E 216 -40.91 18.91 -26.86
N PRO E 217 -40.39 18.61 -25.68
CA PRO E 217 -39.19 17.78 -25.54
C PRO E 217 -39.32 16.48 -26.34
N ALA E 218 -40.53 15.93 -26.38
CA ALA E 218 -40.77 14.63 -27.02
C ALA E 218 -40.74 14.72 -28.55
N ASP E 219 -40.94 15.91 -29.08
CA ASP E 219 -40.93 16.11 -30.53
C ASP E 219 -39.56 16.53 -31.07
N ILE E 220 -38.91 17.46 -30.38
CA ILE E 220 -37.76 18.16 -30.96
C ILE E 220 -36.51 18.08 -30.09
N GLY E 221 -36.67 17.67 -28.85
CA GLY E 221 -35.56 17.63 -27.91
C GLY E 221 -34.42 16.72 -28.34
N MET E 222 -34.75 15.53 -28.82
CA MET E 222 -33.73 14.53 -29.12
C MET E 222 -32.87 14.94 -30.33
N GLU E 223 -33.49 15.60 -31.31
CA GLU E 223 -32.76 16.05 -32.48
C GLU E 223 -31.63 17.02 -32.09
N MET E 224 -31.81 17.72 -30.98
CA MET E 224 -30.82 18.67 -30.49
C MET E 224 -29.59 17.95 -29.97
N ILE E 225 -29.77 16.69 -29.55
CA ILE E 225 -28.71 15.91 -28.92
C ILE E 225 -28.01 15.06 -29.96
N THR E 226 -28.70 14.81 -31.07
CA THR E 226 -28.44 13.66 -31.88
C THR E 226 -28.09 14.01 -33.33
N ASN E 227 -28.49 15.20 -33.76
CA ASN E 227 -28.20 15.63 -35.12
C ASN E 227 -26.73 15.42 -35.49
N PRO E 228 -26.48 14.82 -36.66
CA PRO E 228 -25.10 14.44 -37.04
C PRO E 228 -24.16 15.64 -37.31
N HIS E 229 -24.70 16.81 -37.61
CA HIS E 229 -23.86 17.98 -37.87
C HIS E 229 -23.34 18.61 -36.59
N VAL E 230 -23.91 18.26 -35.46
CA VAL E 230 -23.58 18.92 -34.20
C VAL E 230 -22.24 18.43 -33.63
N ASP E 231 -21.30 19.36 -33.47
CA ASP E 231 -19.98 19.04 -32.91
C ASP E 231 -19.97 19.18 -31.40
N LEU E 232 -20.84 20.02 -30.88
CA LEU E 232 -20.85 20.29 -29.45
C LEU E 232 -22.26 20.61 -28.97
N VAL E 233 -22.63 20.03 -27.85
CA VAL E 233 -23.91 20.31 -27.20
C VAL E 233 -23.58 21.05 -25.92
N THR E 234 -24.14 22.24 -25.76
CA THR E 234 -24.00 22.98 -24.50
C THR E 234 -25.35 23.13 -23.86
N PHE E 235 -25.44 22.70 -22.60
CA PHE E 235 -26.73 22.51 -21.93
C PHE E 235 -26.65 23.02 -20.50
N THR E 236 -27.68 23.75 -20.10
CA THR E 236 -27.85 24.07 -18.70
C THR E 236 -29.26 23.63 -18.32
N GLY E 237 -29.40 22.92 -17.21
CA GLY E 237 -30.70 22.38 -16.80
C GLY E 237 -30.61 21.31 -15.71
N SER E 238 -31.63 20.45 -15.65
CA SER E 238 -31.76 19.50 -14.54
C SER E 238 -30.80 18.33 -14.64
N VAL E 239 -30.47 17.73 -13.50
CA VAL E 239 -29.60 16.55 -13.47
C VAL E 239 -30.13 15.41 -14.36
N PRO E 240 -31.42 15.05 -14.21
CA PRO E 240 -31.99 14.00 -15.05
C PRO E 240 -31.79 14.25 -16.54
N VAL E 241 -32.16 15.43 -17.02
CA VAL E 241 -32.04 15.73 -18.44
C VAL E 241 -30.57 15.74 -18.90
N GLY E 242 -29.70 16.28 -18.03
CA GLY E 242 -28.28 16.29 -18.29
C GLY E 242 -27.72 14.88 -18.46
N LYS E 243 -28.07 13.98 -17.54
CA LYS E 243 -27.62 12.60 -17.63
C LYS E 243 -28.15 11.94 -18.89
N LEU E 244 -29.36 12.33 -19.30
CA LEU E 244 -29.96 11.83 -20.53
C LEU E 244 -29.16 12.27 -21.76
N ILE E 245 -28.78 13.55 -21.78
CA ILE E 245 -27.95 14.07 -22.86
C ILE E 245 -26.61 13.34 -22.91
N ALA E 246 -26.02 13.14 -21.74
CA ALA E 246 -24.71 12.50 -21.65
C ALA E 246 -24.78 11.09 -22.21
N ALA E 247 -25.96 10.50 -22.14
CA ALA E 247 -26.15 9.11 -22.57
C ALA E 247 -26.41 8.99 -24.06
N ASN E 248 -26.80 10.09 -24.69
CA ASN E 248 -27.20 10.05 -26.10
C ASN E 248 -26.38 10.91 -27.06
N ALA E 249 -25.62 11.86 -26.53
CA ALA E 249 -24.82 12.75 -27.37
C ALA E 249 -23.48 12.10 -27.69
N HIS E 250 -23.53 10.98 -28.37
CA HIS E 250 -22.42 10.01 -28.34
C HIS E 250 -21.03 10.56 -28.62
N TYR E 251 -20.72 10.84 -29.88
CA TYR E 251 -19.36 11.24 -30.21
C TYR E 251 -19.35 12.75 -30.39
N LYS E 252 -19.75 13.44 -29.34
CA LYS E 252 -19.89 14.90 -29.37
C LYS E 252 -19.30 15.49 -28.11
N ARG E 253 -18.70 16.67 -28.23
CA ARG E 253 -18.30 17.38 -27.02
C ARG E 253 -19.55 17.82 -26.29
N GLN E 254 -19.50 17.75 -24.97
CA GLN E 254 -20.65 18.06 -24.13
C GLN E 254 -20.24 19.04 -23.04
N VAL E 255 -20.95 20.15 -22.95
CA VAL E 255 -20.77 21.06 -21.83
C VAL E 255 -22.08 21.03 -21.05
N LEU E 256 -22.06 20.38 -19.89
CA LEU E 256 -23.27 20.15 -19.14
C LEU E 256 -23.19 20.85 -17.81
N GLU E 257 -24.11 21.80 -17.58
CA GLU E 257 -24.17 22.46 -16.29
C GLU E 257 -25.51 22.09 -15.70
N LEU E 258 -25.46 21.44 -14.53
CA LEU E 258 -26.66 20.92 -13.92
C LEU E 258 -26.91 21.71 -12.63
N GLY E 259 -27.73 21.20 -11.73
CA GLY E 259 -28.06 21.98 -10.56
C GLY E 259 -26.90 22.22 -9.61
N GLY E 260 -27.13 23.06 -8.63
CA GLY E 260 -26.24 23.18 -7.49
C GLY E 260 -27.08 22.94 -6.24
N ASN E 261 -26.41 22.93 -5.10
CA ASN E 261 -27.09 22.88 -3.81
C ASN E 261 -26.18 23.64 -2.87
N ASP E 262 -26.04 24.94 -3.13
CA ASP E 262 -24.90 25.66 -2.62
C ASP E 262 -25.11 26.23 -1.23
N PRO E 263 -24.09 26.07 -0.38
CA PRO E 263 -24.13 26.54 1.01
C PRO E 263 -23.63 27.96 1.14
N LEU E 264 -24.23 28.69 2.07
CA LEU E 264 -23.60 29.86 2.64
C LEU E 264 -23.21 29.48 4.04
N ILE E 265 -21.91 29.50 4.32
CA ILE E 265 -21.41 28.98 5.58
C ILE E 265 -21.05 30.11 6.54
N ILE E 266 -21.61 30.07 7.74
CA ILE E 266 -21.40 31.12 8.73
C ILE E 266 -20.51 30.64 9.89
N LEU E 267 -19.28 31.13 9.96
CA LEU E 267 -18.32 30.63 10.96
C LEU E 267 -18.47 31.36 12.30
N ASN E 268 -18.01 30.71 13.37
CA ASN E 268 -18.30 31.21 14.72
C ASN E 268 -17.34 32.30 15.21
N ASP E 269 -16.46 32.79 14.33
CA ASP E 269 -15.57 33.88 14.73
C ASP E 269 -16.23 35.26 14.54
N LEU E 270 -17.40 35.28 13.90
CA LEU E 270 -18.01 36.57 13.51
C LEU E 270 -18.61 37.37 14.67
N SER E 271 -18.40 38.68 14.62
CA SER E 271 -19.02 39.62 15.53
C SER E 271 -20.51 39.75 15.21
N ASP E 272 -21.26 40.45 16.07
CA ASP E 272 -22.68 40.63 15.80
C ASP E 272 -22.94 41.50 14.57
N ASP E 273 -22.12 42.52 14.38
CA ASP E 273 -22.18 43.32 13.16
C ASP E 273 -21.96 42.44 11.92
N ASP E 274 -20.93 41.60 11.97
CA ASP E 274 -20.66 40.68 10.86
C ASP E 274 -21.83 39.73 10.63
N LEU E 275 -22.48 39.29 11.71
CA LEU E 275 -23.62 38.39 11.57
C LEU E 275 -24.73 39.07 10.81
N ALA E 276 -24.90 40.36 11.05
CA ALA E 276 -25.89 41.13 10.32
C ALA E 276 -25.56 41.20 8.83
N ARG E 277 -24.28 41.41 8.51
CA ARG E 277 -23.85 41.45 7.11
C ARG E 277 -24.08 40.08 6.48
N ALA E 278 -23.72 39.02 7.21
CA ALA E 278 -23.89 37.66 6.71
C ALA E 278 -25.37 37.36 6.49
N ALA E 279 -26.22 37.87 7.37
CA ALA E 279 -27.67 37.67 7.23
C ALA E 279 -28.18 38.36 5.97
N ASP E 280 -27.64 39.52 5.66
CA ASP E 280 -27.98 40.17 4.39
C ASP E 280 -27.66 39.27 3.20
N LEU E 281 -26.47 38.66 3.22
CA LEU E 281 -26.05 37.76 2.13
C LEU E 281 -26.98 36.54 2.08
N ALA E 282 -27.30 36.00 3.25
CA ALA E 282 -28.11 34.79 3.29
C ALA E 282 -29.49 35.01 2.66
N VAL E 283 -30.14 36.10 3.04
CA VAL E 283 -31.47 36.37 2.52
C VAL E 283 -31.47 36.72 1.03
N ALA E 284 -30.56 37.59 0.59
CA ALA E 284 -30.40 37.87 -0.84
C ALA E 284 -30.07 36.61 -1.63
N GLY E 285 -29.08 35.84 -1.16
CA GLY E 285 -28.66 34.65 -1.88
C GLY E 285 -29.75 33.59 -1.99
N ALA E 286 -30.56 33.43 -0.96
CA ALA E 286 -31.58 32.36 -0.95
C ALA E 286 -32.78 32.74 -1.80
N THR E 287 -32.84 34.00 -2.15
CA THR E 287 -34.09 34.59 -2.55
C THR E 287 -34.06 35.26 -3.95
N LYS E 288 -32.90 35.70 -4.40
CA LYS E 288 -32.82 36.32 -5.75
C LYS E 288 -33.30 35.40 -6.87
N ASN E 289 -33.96 36.00 -7.86
CA ASN E 289 -34.56 35.26 -8.96
C ASN E 289 -35.54 34.20 -8.41
N SER E 290 -36.21 34.53 -7.32
CA SER E 290 -37.12 33.60 -6.65
C SER E 290 -36.42 32.32 -6.23
N GLY E 291 -35.13 32.43 -5.91
CA GLY E 291 -34.34 31.29 -5.51
C GLY E 291 -33.98 30.38 -6.67
N GLN E 292 -34.34 30.78 -7.89
CA GLN E 292 -34.12 29.94 -9.06
C GLN E 292 -32.78 30.20 -9.75
N ARG E 293 -31.71 29.87 -9.04
CA ARG E 293 -30.36 29.93 -9.61
C ARG E 293 -29.65 28.64 -9.25
N CYS E 294 -28.86 28.13 -10.19
CA CYS E 294 -28.04 26.98 -9.92
C CYS E 294 -27.16 27.28 -8.71
N THR E 295 -26.76 28.54 -8.59
CA THR E 295 -25.88 28.95 -7.50
C THR E 295 -26.61 29.71 -6.40
N ALA E 296 -27.93 29.57 -6.32
CA ALA E 296 -28.67 30.13 -5.20
C ALA E 296 -28.17 29.57 -3.87
N VAL E 297 -28.27 30.35 -2.81
CA VAL E 297 -28.06 29.80 -1.48
C VAL E 297 -29.22 28.84 -1.19
N LYS E 298 -28.95 27.56 -0.99
CA LYS E 298 -30.00 26.57 -0.71
C LYS E 298 -29.80 25.91 0.67
N ARG E 299 -28.68 26.21 1.30
CA ARG E 299 -28.36 25.67 2.60
C ARG E 299 -27.59 26.75 3.32
N ILE E 300 -28.13 27.25 4.42
CA ILE E 300 -27.35 28.14 5.26
C ILE E 300 -26.77 27.35 6.43
N LEU E 301 -25.47 27.05 6.35
CA LEU E 301 -24.82 26.26 7.40
C LEU E 301 -24.27 27.20 8.44
N CYS E 302 -24.94 27.28 9.59
CA CYS E 302 -24.56 28.21 10.63
C CYS E 302 -23.99 27.46 11.83
N GLN E 303 -22.75 27.77 12.20
CA GLN E 303 -22.14 27.09 13.34
C GLN E 303 -22.93 27.36 14.64
N GLU E 304 -23.16 26.30 15.42
CA GLU E 304 -24.10 26.34 16.55
C GLU E 304 -23.93 27.56 17.47
N SER E 305 -22.69 27.86 17.83
CA SER E 305 -22.46 28.89 18.85
C SER E 305 -22.85 30.31 18.42
N VAL E 306 -23.15 30.53 17.15
CA VAL E 306 -23.59 31.86 16.73
C VAL E 306 -25.01 31.85 16.16
N ALA E 307 -25.61 30.67 16.10
CA ALA E 307 -26.92 30.53 15.49
C ALA E 307 -28.00 31.35 16.19
N ASP E 308 -27.95 31.40 17.51
CA ASP E 308 -28.99 32.10 18.26
C ASP E 308 -28.95 33.61 17.98
N ARG E 309 -27.76 34.12 17.66
CA ARG E 309 -27.65 35.54 17.28
C ARG E 309 -27.91 35.74 15.80
N PHE E 310 -27.52 34.77 14.99
CA PHE E 310 -27.69 34.86 13.53
C PHE E 310 -29.16 34.74 13.09
N VAL E 311 -29.86 33.74 13.58
CA VAL E 311 -31.18 33.45 13.05
C VAL E 311 -32.17 34.65 13.12
N PRO E 312 -32.22 35.35 14.27
CA PRO E 312 -33.12 36.50 14.34
C PRO E 312 -32.79 37.58 13.29
N LEU E 313 -31.51 37.77 12.98
CA LEU E 313 -31.12 38.76 11.98
C LEU E 313 -31.66 38.36 10.62
N VAL E 314 -31.55 37.08 10.30
CA VAL E 314 -32.11 36.57 9.05
C VAL E 314 -33.63 36.75 8.99
N LEU E 315 -34.30 36.40 10.09
CA LEU E 315 -35.75 36.50 10.15
C LEU E 315 -36.23 37.92 9.88
N GLU E 316 -35.62 38.86 10.59
CA GLU E 316 -35.91 40.28 10.41
C GLU E 316 -35.78 40.74 8.95
N ARG E 317 -34.71 40.31 8.28
CA ARG E 317 -34.50 40.74 6.91
C ARG E 317 -35.52 40.06 6.00
N ALA E 318 -35.77 38.78 6.23
CA ALA E 318 -36.72 38.06 5.39
C ALA E 318 -38.09 38.74 5.41
N LYS E 319 -38.49 39.24 6.58
CA LYS E 319 -39.81 39.85 6.72
C LYS E 319 -39.92 41.15 5.96
N ARG E 320 -38.80 41.78 5.65
CA ARG E 320 -38.84 43.04 4.90
C ARG E 320 -39.17 42.82 3.42
N LEU E 321 -38.95 41.60 2.94
CA LEU E 321 -39.12 41.36 1.51
C LEU E 321 -40.56 41.51 1.05
N ARG E 322 -40.75 42.22 -0.04
CA ARG E 322 -42.07 42.39 -0.62
C ARG E 322 -42.23 41.30 -1.67
N PHE E 323 -43.20 40.42 -1.46
CA PHE E 323 -43.47 39.36 -2.42
C PHE E 323 -44.89 39.50 -2.93
N GLY E 324 -45.08 39.36 -4.23
CA GLY E 324 -46.37 39.57 -4.85
C GLY E 324 -46.26 39.80 -6.34
N ASP E 325 -47.12 40.66 -6.85
CA ASP E 325 -47.27 40.92 -8.27
C ASP E 325 -45.92 41.21 -8.92
N PRO E 326 -45.45 40.30 -9.79
CA PRO E 326 -44.15 40.45 -10.44
C PRO E 326 -44.03 41.74 -11.24
N MET E 327 -45.13 42.22 -11.82
CA MET E 327 -45.07 43.41 -12.67
C MET E 327 -45.04 44.69 -11.86
N ASP E 328 -45.28 44.60 -10.56
CA ASP E 328 -45.21 45.76 -9.68
C ASP E 328 -43.72 46.03 -9.41
N ARG E 329 -43.27 47.23 -9.75
CA ARG E 329 -41.87 47.59 -9.57
C ARG E 329 -41.38 47.65 -8.12
N SER E 330 -42.31 47.64 -7.18
CA SER E 330 -41.93 47.65 -5.78
C SER E 330 -41.83 46.21 -5.24
N THR E 331 -42.15 45.23 -6.07
CA THR E 331 -42.06 43.84 -5.66
C THR E 331 -40.60 43.39 -5.67
N ASP E 332 -40.17 42.73 -4.61
CA ASP E 332 -38.82 42.15 -4.56
C ASP E 332 -38.86 40.76 -5.14
N LEU E 333 -39.80 39.97 -4.63
CA LEU E 333 -39.88 38.56 -4.94
C LEU E 333 -41.16 38.22 -5.71
N GLY E 334 -41.01 37.78 -6.95
CA GLY E 334 -42.13 37.33 -7.75
C GLY E 334 -42.48 35.86 -7.47
N THR E 335 -43.09 35.18 -8.44
CA THR E 335 -43.42 33.77 -8.26
C THR E 335 -42.26 32.87 -8.62
N VAL E 336 -42.42 31.57 -8.36
CA VAL E 336 -41.57 30.57 -9.00
C VAL E 336 -42.17 30.13 -10.34
N ILE E 337 -41.53 29.18 -11.02
CA ILE E 337 -41.87 28.87 -12.41
C ILE E 337 -43.32 28.41 -12.62
N HIS E 338 -43.87 27.67 -11.66
CA HIS E 338 -45.29 27.27 -11.72
C HIS E 338 -45.80 26.76 -10.37
N GLU E 339 -47.12 26.57 -10.26
CA GLU E 339 -47.70 26.22 -8.97
C GLU E 339 -47.23 24.87 -8.46
N LYS E 340 -47.06 23.92 -9.39
CA LYS E 340 -46.58 22.60 -9.00
C LYS E 340 -45.22 22.69 -8.31
N ALA E 341 -44.33 23.53 -8.84
CA ALA E 341 -43.01 23.71 -8.23
C ALA E 341 -43.18 24.31 -6.84
N ALA E 342 -44.01 25.36 -6.76
CA ALA E 342 -44.23 26.04 -5.48
C ALA E 342 -44.79 25.09 -4.42
N ALA E 343 -45.77 24.27 -4.80
CA ALA E 343 -46.38 23.34 -3.86
C ALA E 343 -45.36 22.31 -3.38
N LEU E 344 -44.57 21.81 -4.30
CA LEU E 344 -43.51 20.87 -3.92
C LEU E 344 -42.55 21.46 -2.89
N PHE E 345 -42.14 22.71 -3.10
CA PHE E 345 -41.21 23.33 -2.18
C PHE E 345 -41.84 23.50 -0.78
N GLU E 346 -43.12 23.92 -0.75
CA GLU E 346 -43.82 24.11 0.52
C GLU E 346 -43.88 22.77 1.26
N GLU E 347 -44.19 21.73 0.50
CA GLU E 347 -44.22 20.37 1.02
C GLU E 347 -42.93 19.98 1.72
N ARG E 348 -41.80 20.30 1.10
CA ARG E 348 -40.51 19.97 1.69
C ARG E 348 -40.30 20.73 3.00
N VAL E 349 -40.78 21.97 3.04
CA VAL E 349 -40.73 22.74 4.27
C VAL E 349 -41.57 22.06 5.35
N MET E 350 -42.81 21.72 5.01
CA MET E 350 -43.69 21.05 5.96
C MET E 350 -43.05 19.78 6.49
N ARG E 351 -42.50 18.95 5.59
CA ARG E 351 -41.88 17.71 6.03
C ARG E 351 -40.66 17.91 6.91
N ALA E 352 -39.84 18.90 6.56
CA ALA E 352 -38.71 19.24 7.41
C ALA E 352 -39.18 19.61 8.82
N ALA E 353 -40.30 20.33 8.90
CA ALA E 353 -40.83 20.74 10.20
C ALA E 353 -41.24 19.51 11.02
N GLU E 354 -41.87 18.54 10.36
CA GLU E 354 -42.23 17.30 11.03
C GLU E 354 -41.01 16.52 11.49
N GLU E 355 -39.88 16.77 10.84
CA GLU E 355 -38.67 16.04 11.18
C GLU E 355 -37.81 16.80 12.17
N GLY E 356 -38.34 17.90 12.70
CA GLY E 356 -37.66 18.65 13.74
C GLY E 356 -37.31 20.09 13.41
N ALA E 357 -37.60 20.52 12.19
CA ALA E 357 -37.30 21.90 11.80
C ALA E 357 -38.30 22.88 12.39
N ASP E 358 -37.92 24.14 12.43
CA ASP E 358 -38.69 25.19 13.09
C ASP E 358 -39.05 26.27 12.08
N ILE E 359 -40.28 26.26 11.57
CA ILE E 359 -40.73 27.32 10.68
C ILE E 359 -40.91 28.62 11.43
N LEU E 360 -40.17 29.66 11.02
CA LEU E 360 -40.17 30.92 11.74
C LEU E 360 -40.98 31.98 11.04
N TYR E 361 -41.10 31.84 9.72
CA TYR E 361 -41.85 32.82 8.93
C TYR E 361 -42.44 32.10 7.72
N HIS E 362 -43.76 32.14 7.63
CA HIS E 362 -44.44 31.52 6.50
C HIS E 362 -45.85 32.10 6.35
N PRO E 363 -45.94 33.29 5.76
CA PRO E 363 -47.23 33.98 5.61
C PRO E 363 -48.19 33.27 4.67
N GLY E 364 -47.77 32.13 4.13
CA GLY E 364 -48.66 31.36 3.28
C GLY E 364 -48.42 31.48 1.78
N ARG E 365 -48.52 30.33 1.12
CA ARG E 365 -48.38 30.23 -0.32
C ARG E 365 -49.68 30.54 -1.06
N SER E 366 -49.57 31.20 -2.20
CA SER E 366 -50.72 31.42 -3.06
C SER E 366 -50.36 31.12 -4.52
N GLY E 367 -50.76 29.94 -4.98
CA GLY E 367 -50.46 29.50 -6.33
C GLY E 367 -48.97 29.29 -6.50
N ALA E 368 -48.40 29.92 -7.52
CA ALA E 368 -46.97 29.85 -7.77
C ALA E 368 -46.20 30.86 -6.92
N LEU E 369 -46.91 31.68 -6.15
CA LEU E 369 -46.26 32.65 -5.28
C LEU E 369 -45.87 32.08 -3.92
N LEU E 370 -44.58 31.88 -3.73
CA LEU E 370 -44.03 31.44 -2.46
C LEU E 370 -43.41 32.64 -1.75
N PRO E 371 -43.69 32.81 -0.45
CA PRO E 371 -43.02 33.87 0.32
C PRO E 371 -41.62 33.39 0.69
N PRO E 372 -40.75 34.31 1.15
CA PRO E 372 -39.38 33.89 1.49
C PRO E 372 -39.37 33.16 2.83
N ILE E 373 -39.89 31.93 2.83
CA ILE E 373 -40.06 31.14 4.04
C ILE E 373 -38.76 30.93 4.82
N VAL E 374 -38.79 31.24 6.11
CA VAL E 374 -37.62 31.03 6.97
C VAL E 374 -37.79 29.82 7.85
N VAL E 375 -36.84 28.89 7.77
CA VAL E 375 -36.87 27.67 8.57
C VAL E 375 -35.55 27.46 9.27
N ASP E 376 -35.61 27.23 10.59
CA ASP E 376 -34.41 27.05 11.41
C ASP E 376 -34.31 25.57 11.81
N ARG E 377 -33.15 25.18 12.32
CA ARG E 377 -32.92 23.81 12.76
C ARG E 377 -33.30 22.78 11.71
N VAL E 378 -33.01 23.08 10.44
CA VAL E 378 -33.29 22.13 9.37
C VAL E 378 -32.35 20.92 9.46
N PRO E 379 -32.92 19.70 9.51
CA PRO E 379 -32.09 18.51 9.51
C PRO E 379 -31.37 18.40 8.16
N HIS E 380 -30.07 18.18 8.15
CA HIS E 380 -29.33 18.22 6.89
C HIS E 380 -29.74 17.11 5.94
N GLN E 381 -30.38 16.08 6.47
CA GLN E 381 -30.81 14.96 5.63
C GLN E 381 -32.23 15.10 5.10
N SER E 382 -32.93 16.16 5.51
CA SER E 382 -34.28 16.38 4.99
C SER E 382 -34.24 16.72 3.49
N ASP E 383 -35.30 16.35 2.79
CA ASP E 383 -35.38 16.62 1.35
C ASP E 383 -35.15 18.10 1.03
N LEU E 384 -35.62 18.97 1.92
CA LEU E 384 -35.54 20.42 1.70
C LEU E 384 -34.11 20.88 1.34
N VAL E 385 -33.11 20.34 2.05
CA VAL E 385 -31.72 20.76 1.86
C VAL E 385 -30.81 19.67 1.30
N LEU E 386 -31.31 18.45 1.18
CA LEU E 386 -30.50 17.37 0.62
C LEU E 386 -30.70 17.31 -0.88
N GLU E 387 -31.95 17.45 -1.30
CA GLU E 387 -32.28 17.68 -2.70
C GLU E 387 -32.07 19.16 -3.01
N GLU E 388 -31.98 19.50 -4.29
CA GLU E 388 -31.98 20.89 -4.73
C GLU E 388 -33.42 21.43 -4.68
N THR E 389 -33.63 22.46 -3.88
CA THR E 389 -34.94 23.10 -3.78
C THR E 389 -34.90 24.49 -4.44
N PHE E 390 -35.51 24.57 -5.61
CA PHE E 390 -35.30 25.68 -6.53
C PHE E 390 -36.28 26.81 -6.29
N GLY E 391 -36.38 27.25 -5.04
CA GLY E 391 -37.34 28.29 -4.66
C GLY E 391 -36.78 29.17 -3.56
N PRO E 392 -37.52 30.22 -3.18
CA PRO E 392 -36.98 31.24 -2.26
C PRO E 392 -37.06 30.82 -0.79
N ILE E 393 -36.82 29.55 -0.50
CA ILE E 393 -36.72 29.12 0.89
C ILE E 393 -35.40 29.58 1.53
N ILE E 394 -35.47 30.00 2.78
CA ILE E 394 -34.31 30.41 3.55
C ILE E 394 -34.10 29.40 4.68
N PRO E 395 -33.32 28.35 4.43
CA PRO E 395 -33.22 27.26 5.40
C PRO E 395 -31.91 27.24 6.17
N ILE E 396 -31.98 27.39 7.49
CA ILE E 396 -30.78 27.38 8.30
C ILE E 396 -30.54 26.00 8.89
N VAL E 397 -29.36 25.46 8.61
CA VAL E 397 -28.93 24.18 9.15
C VAL E 397 -27.89 24.50 10.20
N ARG E 398 -28.14 24.10 11.43
CA ARG E 398 -27.18 24.35 12.49
C ARG E 398 -26.13 23.26 12.42
N VAL E 399 -24.87 23.65 12.40
CA VAL E 399 -23.80 22.70 12.24
C VAL E 399 -22.82 22.89 13.40
N PRO E 400 -22.00 21.88 13.65
CA PRO E 400 -21.07 21.89 14.79
C PRO E 400 -20.06 23.03 14.71
N ASP E 401 -19.63 23.49 15.87
CA ASP E 401 -18.52 24.42 15.99
C ASP E 401 -17.21 23.67 15.74
N ASP E 402 -17.11 23.07 14.55
CA ASP E 402 -15.93 22.32 14.14
C ASP E 402 -15.87 22.35 12.62
N ASP E 403 -14.76 22.85 12.09
CA ASP E 403 -14.66 23.09 10.65
C ASP E 403 -14.62 21.79 9.84
N ASP E 404 -13.89 20.79 10.35
CA ASP E 404 -13.85 19.49 9.68
C ASP E 404 -15.23 18.90 9.50
N ALA E 405 -16.05 18.99 10.54
CA ALA E 405 -17.40 18.45 10.50
C ALA E 405 -18.28 19.28 9.59
N THR E 406 -18.07 20.59 9.61
CA THR E 406 -18.85 21.51 8.77
C THR E 406 -18.53 21.24 7.30
N ILE E 407 -17.25 21.10 6.99
CA ILE E 407 -16.83 20.83 5.61
C ILE E 407 -17.37 19.48 5.13
N THR E 408 -17.29 18.47 5.99
CA THR E 408 -17.84 17.15 5.67
C THR E 408 -19.34 17.21 5.38
N LEU E 409 -20.05 17.94 6.20
CA LEU E 409 -21.48 18.13 5.99
C LEU E 409 -21.74 18.89 4.68
N SER E 410 -20.94 19.92 4.43
CA SER E 410 -21.12 20.74 3.23
C SER E 410 -20.90 19.90 1.97
N ASN E 411 -19.92 19.01 2.03
CA ASN E 411 -19.61 18.12 0.91
C ASN E 411 -20.50 16.88 0.77
N SER E 412 -21.51 16.75 1.63
CA SER E 412 -22.22 15.49 1.75
C SER E 412 -23.37 15.30 0.75
N THR E 413 -23.64 16.30 -0.08
CA THR E 413 -24.70 16.11 -1.07
C THR E 413 -24.12 15.67 -2.40
N ALA E 414 -25.00 15.44 -3.38
CA ALA E 414 -24.56 14.99 -4.70
C ALA E 414 -23.98 16.13 -5.54
N PHE E 415 -24.10 17.35 -5.02
CA PHE E 415 -23.77 18.52 -5.81
C PHE E 415 -22.43 19.14 -5.43
N GLY E 416 -21.89 19.95 -6.34
CA GLY E 416 -20.66 20.66 -6.06
C GLY E 416 -20.44 21.77 -7.07
N LEU E 417 -21.07 22.91 -6.83
CA LEU E 417 -21.05 23.99 -7.81
C LEU E 417 -20.33 25.16 -7.17
N SER E 418 -21.05 25.94 -6.37
CA SER E 418 -20.39 27.08 -5.74
C SER E 418 -20.61 27.04 -4.25
N SER E 419 -20.13 28.08 -3.56
CA SER E 419 -20.25 28.17 -2.12
C SER E 419 -19.88 29.57 -1.63
N GLY E 420 -20.31 29.91 -0.42
CA GLY E 420 -19.90 31.16 0.21
C GLY E 420 -19.50 30.88 1.64
N VAL E 421 -18.47 31.56 2.12
CA VAL E 421 -18.04 31.34 3.50
C VAL E 421 -17.80 32.69 4.16
N CYS E 422 -18.49 32.93 5.26
CA CYS E 422 -18.30 34.19 6.00
C CYS E 422 -17.45 33.99 7.25
N THR E 423 -16.26 34.60 7.27
CA THR E 423 -15.35 34.48 8.38
C THR E 423 -14.26 35.54 8.20
N ASN E 424 -13.53 35.88 9.28
CA ASN E 424 -12.44 36.84 9.17
C ASN E 424 -11.10 36.20 9.50
N ASP E 425 -11.15 34.90 9.77
CA ASP E 425 -9.97 34.14 10.16
C ASP E 425 -9.33 33.54 8.90
N TYR E 426 -8.15 34.04 8.52
CA TYR E 426 -7.54 33.62 7.27
C TYR E 426 -7.31 32.11 7.22
N ARG E 427 -6.85 31.55 8.34
CA ARG E 427 -6.50 30.14 8.38
C ARG E 427 -7.72 29.30 8.03
N ARG E 428 -8.87 29.72 8.54
CA ARG E 428 -10.11 29.00 8.31
C ARG E 428 -10.60 29.20 6.87
N MET E 429 -10.47 30.43 6.38
CA MET E 429 -10.75 30.75 4.99
C MET E 429 -10.06 29.76 4.06
N GLN E 430 -8.74 29.65 4.22
CA GLN E 430 -7.92 28.83 3.33
C GLN E 430 -8.32 27.36 3.49
N LYS E 431 -8.64 26.96 4.72
CA LYS E 431 -9.08 25.58 4.95
C LYS E 431 -10.33 25.24 4.19
N TYR E 432 -11.31 26.15 4.21
CA TYR E 432 -12.53 25.94 3.43
C TYR E 432 -12.29 26.03 1.92
N ILE E 433 -11.50 27.00 1.49
CA ILE E 433 -11.20 27.09 0.05
C ILE E 433 -10.63 25.76 -0.45
N ALA E 434 -9.68 25.21 0.30
CA ALA E 434 -9.06 23.95 -0.10
C ALA E 434 -9.99 22.74 0.07
N GLY E 435 -10.82 22.76 1.11
CA GLY E 435 -11.58 21.58 1.48
C GLY E 435 -12.97 21.40 0.89
N LEU E 436 -13.62 22.50 0.50
CA LEU E 436 -14.92 22.35 -0.12
C LEU E 436 -14.81 21.75 -1.52
N LYS E 437 -15.62 20.73 -1.79
CA LYS E 437 -15.58 20.08 -3.10
C LYS E 437 -16.56 20.73 -4.05
N VAL E 438 -16.13 21.85 -4.62
CA VAL E 438 -16.99 22.70 -5.44
C VAL E 438 -16.16 23.37 -6.51
N GLY E 439 -16.81 24.03 -7.46
CA GLY E 439 -16.10 24.75 -8.51
C GLY E 439 -15.67 26.13 -8.08
N THR E 440 -16.36 26.69 -7.09
CA THR E 440 -16.08 28.05 -6.64
C THR E 440 -16.29 28.22 -5.15
N VAL E 441 -15.36 28.91 -4.49
CA VAL E 441 -15.54 29.29 -3.08
C VAL E 441 -15.41 30.79 -2.91
N ASN E 442 -16.52 31.46 -2.57
CA ASN E 442 -16.51 32.90 -2.38
C ASN E 442 -16.40 33.27 -0.90
N ILE E 443 -15.35 33.98 -0.53
CA ILE E 443 -15.23 34.47 0.85
C ILE E 443 -16.00 35.78 1.01
N TRP E 444 -16.98 35.77 1.91
CA TRP E 444 -17.81 36.94 2.18
C TRP E 444 -18.64 37.40 0.99
N GLU E 445 -19.12 36.44 0.20
CA GLU E 445 -20.12 36.72 -0.84
C GLU E 445 -21.00 35.49 -0.99
N VAL E 446 -22.14 35.63 -1.66
CA VAL E 446 -23.02 34.50 -1.89
C VAL E 446 -22.38 33.58 -2.90
N PRO E 447 -22.81 32.31 -2.91
CA PRO E 447 -22.24 31.38 -3.90
C PRO E 447 -22.47 31.86 -5.32
N GLY E 448 -23.53 32.64 -5.53
CA GLY E 448 -23.88 33.10 -6.86
C GLY E 448 -22.96 34.18 -7.44
N TYR E 449 -22.06 34.70 -6.62
CA TYR E 449 -21.22 35.79 -7.08
C TYR E 449 -20.12 35.36 -8.05
N ARG E 450 -20.02 36.10 -9.16
CA ARG E 450 -18.96 35.88 -10.14
C ARG E 450 -19.02 37.03 -11.13
N ILE E 451 -18.00 37.19 -11.97
CA ILE E 451 -18.09 38.10 -13.13
C ILE E 451 -18.28 37.28 -14.39
N GLU E 452 -18.75 37.89 -15.49
CA GLU E 452 -19.28 37.10 -16.61
C GLU E 452 -18.15 36.37 -17.33
N MET E 453 -16.91 36.78 -17.03
CA MET E 453 -15.76 36.18 -17.68
C MET E 453 -14.82 35.38 -16.76
N SER E 454 -15.23 35.10 -15.53
CA SER E 454 -14.47 34.17 -14.70
C SER E 454 -14.94 32.75 -15.00
N PRO E 455 -14.05 31.76 -14.84
CA PRO E 455 -14.45 30.38 -15.14
C PRO E 455 -15.59 29.91 -14.25
N PHE E 456 -16.60 29.30 -14.84
CA PHE E 456 -17.78 28.90 -14.09
C PHE E 456 -18.14 27.48 -14.44
N GLY E 457 -18.31 26.65 -13.42
CA GLY E 457 -18.77 25.29 -13.65
C GLY E 457 -18.54 24.46 -12.42
N GLY E 458 -19.30 23.39 -12.27
CA GLY E 458 -19.18 22.57 -11.08
C GLY E 458 -18.66 21.16 -11.34
N ILE E 459 -18.66 20.35 -10.29
CA ILE E 459 -18.20 18.98 -10.36
C ILE E 459 -19.32 18.08 -9.80
N LYS E 460 -19.04 16.80 -9.62
CA LYS E 460 -20.04 15.86 -9.11
C LYS E 460 -21.29 15.93 -9.99
N ASP E 461 -22.47 16.01 -9.39
CA ASP E 461 -23.70 16.07 -10.18
C ASP E 461 -24.01 17.48 -10.71
N SER E 462 -23.16 18.45 -10.38
CA SER E 462 -23.41 19.82 -10.82
C SER E 462 -22.90 20.10 -12.23
N GLY E 463 -22.07 19.22 -12.77
CA GLY E 463 -21.52 19.43 -14.10
C GLY E 463 -20.50 18.40 -14.46
N ASN E 464 -20.33 18.16 -15.76
CA ASN E 464 -19.39 17.15 -16.25
C ASN E 464 -17.93 17.62 -16.27
N GLY E 465 -17.65 18.76 -15.63
CA GLY E 465 -16.29 19.20 -15.38
C GLY E 465 -15.66 20.17 -16.38
N TYR E 466 -16.44 20.69 -17.32
CA TYR E 466 -15.95 21.76 -18.20
C TYR E 466 -16.37 23.13 -17.66
N LYS E 467 -15.52 24.13 -17.84
CA LYS E 467 -15.87 25.48 -17.42
C LYS E 467 -16.63 26.27 -18.49
N GLU E 468 -17.45 27.20 -18.03
CA GLU E 468 -18.27 28.07 -18.87
C GLU E 468 -17.87 29.50 -18.46
N GLY E 469 -18.70 30.46 -18.82
CA GLY E 469 -18.32 31.86 -18.79
C GLY E 469 -17.82 32.19 -20.18
N VAL E 470 -17.82 33.48 -20.52
CA VAL E 470 -17.52 33.90 -21.88
C VAL E 470 -16.16 33.39 -22.38
N ILE E 471 -15.12 33.58 -21.58
CA ILE E 471 -13.77 33.20 -21.99
C ILE E 471 -13.64 31.69 -22.21
N GLU E 472 -14.01 30.90 -21.22
CA GLU E 472 -13.91 29.45 -21.38
C GLU E 472 -14.83 28.91 -22.48
N ALA E 473 -16.01 29.50 -22.63
CA ALA E 473 -16.92 29.07 -23.68
C ALA E 473 -16.32 29.32 -25.04
N MET E 474 -15.65 30.47 -25.21
CA MET E 474 -15.00 30.74 -26.49
C MET E 474 -13.94 29.70 -26.84
N LYS E 475 -13.19 29.25 -25.84
CA LYS E 475 -12.24 28.14 -26.04
C LYS E 475 -12.98 26.84 -26.38
N SER E 476 -14.03 26.54 -25.62
CA SER E 476 -14.78 25.30 -25.84
C SER E 476 -15.35 25.24 -27.24
N PHE E 477 -15.70 26.41 -27.77
CA PHE E 477 -16.39 26.48 -29.07
C PHE E 477 -15.44 26.44 -30.25
N THR E 478 -14.15 26.19 -30.00
CA THR E 478 -13.19 26.17 -31.10
C THR E 478 -12.35 24.89 -31.11
N ASN E 479 -11.73 24.62 -32.25
CA ASN E 479 -10.67 23.62 -32.31
C ASN E 479 -9.36 24.36 -32.40
N VAL E 480 -8.35 23.86 -31.71
CA VAL E 480 -7.01 24.41 -31.83
C VAL E 480 -6.29 23.71 -32.96
N LYS E 481 -5.78 24.50 -33.90
CA LYS E 481 -4.93 23.95 -34.94
C LYS E 481 -3.52 24.44 -34.71
N THR E 482 -2.53 23.56 -34.85
CA THR E 482 -1.14 23.98 -34.75
C THR E 482 -0.53 23.95 -36.15
N PHE E 483 0.48 24.79 -36.39
CA PHE E 483 1.30 24.65 -37.58
C PHE E 483 2.73 24.91 -37.22
N SER E 484 3.66 24.32 -37.99
CA SER E 484 5.07 24.53 -37.68
C SER E 484 5.81 25.00 -38.93
N LEU E 485 6.82 25.83 -38.71
CA LEU E 485 7.61 26.40 -39.79
C LEU E 485 9.07 26.14 -39.52
N PRO E 486 9.84 25.86 -40.57
CA PRO E 486 11.29 25.82 -40.44
C PRO E 486 11.75 27.14 -39.83
N TRP E 487 12.60 27.07 -38.83
CA TRP E 487 13.16 28.29 -38.31
C TRP E 487 14.70 28.18 -38.17
N ARG F 14 15.31 -49.45 35.80
CA ARG F 14 16.73 -49.10 35.86
C ARG F 14 16.92 -47.63 36.20
N HIS F 15 17.58 -47.35 37.32
CA HIS F 15 17.90 -45.97 37.67
C HIS F 15 19.39 -45.76 37.43
N GLU F 16 19.72 -44.70 36.70
CA GLU F 16 21.10 -44.46 36.33
C GLU F 16 21.50 -43.08 36.78
N PRO F 17 22.63 -42.99 37.51
CA PRO F 17 23.14 -41.68 37.91
C PRO F 17 23.87 -41.00 36.75
N MET F 18 24.12 -39.71 36.89
CA MET F 18 24.99 -39.00 35.98
C MET F 18 26.40 -39.57 36.06
N ARG F 19 27.17 -39.37 34.99
CA ARG F 19 28.59 -39.70 35.03
C ARG F 19 29.40 -38.41 34.97
N ILE F 20 29.90 -37.97 36.12
CA ILE F 20 30.71 -36.76 36.14
C ILE F 20 32.16 -37.13 36.38
N ALA F 21 32.94 -37.11 35.31
CA ALA F 21 34.35 -37.49 35.35
C ALA F 21 34.55 -38.85 36.03
N GLY F 22 33.72 -39.82 35.67
CA GLY F 22 33.86 -41.16 36.20
C GLY F 22 33.12 -41.44 37.49
N ARG F 23 32.67 -40.38 38.14
CA ARG F 23 31.92 -40.51 39.37
C ARG F 23 30.43 -40.61 39.10
N LEU F 24 29.78 -41.57 39.75
CA LEU F 24 28.32 -41.69 39.69
C LEU F 24 27.71 -40.63 40.59
N VAL F 25 27.01 -39.69 39.98
CA VAL F 25 26.44 -38.58 40.74
C VAL F 25 24.93 -38.58 40.62
N ASP F 26 24.27 -38.65 41.77
CA ASP F 26 22.82 -38.81 41.82
C ASP F 26 22.13 -37.55 42.28
N THR F 27 20.80 -37.58 42.23
CA THR F 27 20.02 -36.41 42.56
C THR F 27 18.67 -36.93 43.08
N ASP F 28 18.02 -36.18 43.96
CA ASP F 28 16.74 -36.61 44.54
C ASP F 28 15.63 -36.71 43.50
N ASP F 29 15.33 -35.60 42.84
CA ASP F 29 14.34 -35.60 41.77
C ASP F 29 14.85 -36.43 40.60
N ARG F 30 13.92 -37.05 39.88
CA ARG F 30 14.29 -37.93 38.77
C ARG F 30 13.61 -37.48 37.49
N VAL F 31 14.22 -37.84 36.37
CA VAL F 31 13.57 -37.72 35.07
C VAL F 31 13.19 -39.14 34.66
N GLU F 32 11.93 -39.33 34.30
CA GLU F 32 11.46 -40.65 33.91
C GLU F 32 11.70 -40.84 32.44
N VAL F 33 12.24 -41.99 32.08
CA VAL F 33 12.45 -42.32 30.68
C VAL F 33 11.43 -43.37 30.23
N ARG F 34 10.66 -43.03 29.20
CA ARG F 34 9.60 -43.93 28.77
C ARG F 34 9.83 -44.59 27.40
N TYR F 35 9.42 -45.85 27.32
CA TYR F 35 9.39 -46.63 26.10
C TYR F 35 8.15 -46.25 25.31
N PRO F 36 8.32 -45.58 24.16
CA PRO F 36 7.19 -45.04 23.42
C PRO F 36 6.22 -46.11 22.88
N TRP F 37 6.65 -47.37 22.85
CA TRP F 37 5.80 -48.45 22.37
C TRP F 37 4.55 -48.62 23.26
N ASN F 38 4.74 -48.56 24.58
CA ASN F 38 3.64 -48.75 25.51
C ASN F 38 3.59 -47.68 26.60
N ASP F 39 4.41 -46.63 26.43
CA ASP F 39 4.45 -45.51 27.34
C ASP F 39 4.75 -45.91 28.78
N THR F 40 5.49 -46.99 28.97
CA THR F 40 5.90 -47.39 30.30
C THR F 40 7.29 -46.88 30.65
N VAL F 41 7.50 -46.57 31.93
CA VAL F 41 8.80 -46.13 32.39
C VAL F 41 9.77 -47.29 32.33
N VAL F 42 10.90 -47.11 31.65
CA VAL F 42 11.89 -48.17 31.56
C VAL F 42 13.15 -47.78 32.32
N GLY F 43 13.23 -46.52 32.69
CA GLY F 43 14.40 -46.08 33.42
C GLY F 43 14.24 -44.69 33.98
N THR F 44 15.23 -44.30 34.76
CA THR F 44 15.23 -43.01 35.37
C THR F 44 16.66 -42.44 35.44
N VAL F 45 16.78 -41.13 35.25
CA VAL F 45 18.07 -40.46 35.40
C VAL F 45 17.86 -39.22 36.26
N PRO F 46 18.96 -38.67 36.82
CA PRO F 46 18.85 -37.49 37.68
C PRO F 46 18.32 -36.26 36.99
N ALA F 47 17.50 -35.49 37.70
CA ALA F 47 17.11 -34.17 37.24
C ALA F 47 18.24 -33.20 37.62
N GLY F 48 19.35 -33.27 36.88
CA GLY F 48 20.52 -32.48 37.18
C GLY F 48 20.31 -30.99 37.04
N ARG F 49 21.13 -30.21 37.74
CA ARG F 49 21.00 -28.76 37.76
C ARG F 49 22.25 -28.05 37.24
N ALA F 50 22.15 -26.74 37.03
CA ALA F 50 23.27 -25.95 36.51
C ALA F 50 24.57 -26.27 37.24
N GLU F 51 24.47 -26.47 38.55
CA GLU F 51 25.66 -26.75 39.35
C GLU F 51 26.39 -28.02 38.89
N HIS F 52 25.64 -29.01 38.41
CA HIS F 52 26.24 -30.27 38.02
C HIS F 52 27.06 -30.10 36.74
N ALA F 53 26.46 -29.42 35.76
CA ALA F 53 27.17 -29.08 34.53
C ALA F 53 28.37 -28.19 34.85
N ARG F 54 28.17 -27.27 35.78
CA ARG F 54 29.23 -26.34 36.16
C ARG F 54 30.43 -27.10 36.71
N GLU F 55 30.17 -28.09 37.56
CA GLU F 55 31.24 -28.90 38.11
C GLU F 55 31.95 -29.67 37.00
N ALA F 56 31.17 -30.28 36.11
CA ALA F 56 31.72 -31.08 35.02
C ALA F 56 32.63 -30.22 34.16
N PHE F 57 32.20 -29.00 33.89
CA PHE F 57 33.01 -28.08 33.08
C PHE F 57 34.30 -27.64 33.78
N ALA F 58 34.24 -27.52 35.11
CA ALA F 58 35.42 -27.12 35.88
C ALA F 58 36.46 -28.23 35.82
N ILE F 59 36.00 -29.45 36.01
CA ILE F 59 36.89 -30.60 35.91
C ILE F 59 37.49 -30.68 34.50
N ALA F 60 36.66 -30.46 33.49
CA ALA F 60 37.12 -30.51 32.11
C ALA F 60 38.20 -29.44 31.84
N ALA F 61 37.92 -28.23 32.30
CA ALA F 61 38.84 -27.11 32.11
C ALA F 61 40.18 -27.38 32.78
N ALA F 62 40.13 -27.93 33.99
CA ALA F 62 41.36 -28.09 34.78
C ALA F 62 42.25 -29.19 34.25
N TYR F 63 41.66 -30.17 33.58
CA TYR F 63 42.41 -31.34 33.11
C TYR F 63 43.00 -31.10 31.72
N GLN F 64 44.28 -31.41 31.57
CA GLN F 64 44.95 -31.28 30.28
C GLN F 64 45.39 -32.66 29.80
N PRO F 65 44.60 -33.27 28.89
CA PRO F 65 44.93 -34.58 28.35
C PRO F 65 46.34 -34.62 27.75
N LYS F 66 47.07 -35.68 28.02
CA LYS F 66 48.43 -35.86 27.51
C LYS F 66 48.58 -37.21 26.82
N LEU F 67 47.47 -37.79 26.39
CA LEU F 67 47.51 -39.06 25.71
C LEU F 67 48.36 -38.97 24.43
N THR F 68 49.18 -39.99 24.18
CA THR F 68 49.87 -40.05 22.90
C THR F 68 48.86 -40.43 21.85
N ARG F 69 49.21 -40.20 20.59
CA ARG F 69 48.32 -40.58 19.51
C ARG F 69 48.05 -42.08 19.58
N TYR F 70 49.06 -42.85 19.96
CA TYR F 70 48.86 -44.29 20.07
C TYR F 70 47.84 -44.65 21.16
N GLU F 71 47.97 -44.01 22.31
CA GLU F 71 47.05 -44.25 23.41
C GLU F 71 45.62 -43.91 23.01
N ARG F 72 45.45 -42.80 22.27
CA ARG F 72 44.12 -42.40 21.87
C ARG F 72 43.55 -43.44 20.94
N GLN F 73 44.39 -43.93 20.03
CA GLN F 73 43.94 -44.91 19.06
C GLN F 73 43.49 -46.18 19.80
N LYS F 74 44.24 -46.54 20.82
CA LYS F 74 43.94 -47.72 21.60
C LYS F 74 42.58 -47.62 22.29
N ILE F 75 42.35 -46.50 22.97
CA ILE F 75 41.06 -46.26 23.61
C ILE F 75 39.93 -46.33 22.59
N LEU F 76 40.09 -45.64 21.48
CA LEU F 76 39.05 -45.54 20.47
C LEU F 76 38.72 -46.89 19.81
N LEU F 77 39.76 -47.66 19.52
CA LEU F 77 39.57 -48.97 18.91
C LEU F 77 39.00 -49.99 19.92
N ALA F 78 39.42 -49.90 21.18
CA ALA F 78 38.85 -50.73 22.22
C ALA F 78 37.35 -50.43 22.43
N THR F 79 37.00 -49.15 22.30
CA THR F 79 35.61 -48.73 22.41
C THR F 79 34.79 -49.33 21.28
N ALA F 80 35.33 -49.28 20.06
CA ALA F 80 34.68 -49.89 18.92
C ALA F 80 34.45 -51.38 19.19
N GLU F 81 35.47 -52.03 19.73
CA GLU F 81 35.39 -53.47 19.99
C GLU F 81 34.31 -53.76 21.02
N ALA F 82 34.23 -52.91 22.04
CA ALA F 82 33.23 -53.07 23.08
C ALA F 82 31.84 -52.84 22.53
N LEU F 83 31.71 -51.90 21.59
CA LEU F 83 30.42 -51.66 20.95
C LEU F 83 29.98 -52.90 20.18
N ALA F 84 30.91 -53.52 19.46
CA ALA F 84 30.59 -54.71 18.67
C ALA F 84 30.18 -55.85 19.57
N ALA F 85 30.95 -56.05 20.63
CA ALA F 85 30.73 -57.13 21.56
C ALA F 85 29.42 -56.97 22.34
N ARG F 86 29.02 -55.74 22.60
CA ARG F 86 27.82 -55.49 23.40
C ARG F 86 26.64 -54.96 22.59
N LYS F 87 26.66 -55.20 21.28
CA LYS F 87 25.69 -54.55 20.41
C LYS F 87 24.24 -54.87 20.79
N GLU F 88 23.97 -56.10 21.23
CA GLU F 88 22.59 -56.49 21.50
C GLU F 88 22.09 -55.74 22.72
N GLU F 89 22.93 -55.72 23.74
CA GLU F 89 22.66 -54.95 24.96
C GLU F 89 22.48 -53.44 24.72
N ILE F 90 23.35 -52.84 23.92
CA ILE F 90 23.26 -51.41 23.63
C ILE F 90 22.02 -51.08 22.80
N SER F 91 21.79 -51.86 21.75
CA SER F 91 20.64 -51.59 20.91
C SER F 91 19.34 -51.81 21.70
N ASP F 92 19.36 -52.69 22.70
CA ASP F 92 18.18 -52.84 23.58
C ASP F 92 17.88 -51.52 24.27
N VAL F 93 18.92 -50.95 24.88
CA VAL F 93 18.79 -49.67 25.57
C VAL F 93 18.26 -48.58 24.63
N ILE F 94 18.79 -48.55 23.41
CA ILE F 94 18.35 -47.54 22.45
C ILE F 94 16.88 -47.72 22.12
N THR F 95 16.49 -48.95 21.78
CA THR F 95 15.11 -49.21 21.38
C THR F 95 14.12 -48.91 22.53
N LEU F 96 14.50 -49.30 23.75
CA LEU F 96 13.63 -49.10 24.91
C LEU F 96 13.38 -47.64 25.26
N GLU F 97 14.30 -46.74 24.91
CA GLU F 97 14.07 -45.32 25.19
C GLU F 97 13.58 -44.53 23.98
N LEU F 98 13.91 -44.98 22.77
CA LEU F 98 13.56 -44.26 21.57
C LEU F 98 12.37 -44.86 20.87
N GLY F 99 12.29 -46.19 20.88
CA GLY F 99 11.21 -46.88 20.22
C GLY F 99 11.45 -47.29 18.77
N ILE F 100 12.62 -46.97 18.22
CA ILE F 100 12.97 -47.49 16.89
C ILE F 100 13.13 -49.01 16.94
N SER F 101 12.89 -49.67 15.82
CA SER F 101 13.06 -51.14 15.75
C SER F 101 14.49 -51.60 16.11
N LYS F 102 14.61 -52.81 16.61
CA LYS F 102 15.92 -53.41 16.84
C LYS F 102 16.79 -53.41 15.56
N ALA F 103 16.16 -53.64 14.42
CA ALA F 103 16.85 -53.55 13.14
C ALA F 103 17.54 -52.18 13.06
N ASP F 104 16.78 -51.11 13.27
CA ASP F 104 17.33 -49.75 13.26
C ASP F 104 18.36 -49.48 14.36
N SER F 105 18.12 -49.97 15.57
CA SER F 105 19.04 -49.68 16.65
C SER F 105 20.34 -50.51 16.54
N LEU F 106 20.24 -51.72 16.00
CA LEU F 106 21.45 -52.48 15.72
C LEU F 106 22.27 -51.79 14.65
N TYR F 107 21.60 -51.30 13.61
CA TYR F 107 22.27 -50.52 12.59
C TYR F 107 23.01 -49.33 13.23
N GLU F 108 22.36 -48.67 14.19
CA GLU F 108 22.98 -47.50 14.83
C GLU F 108 24.29 -47.87 15.54
N VAL F 109 24.30 -49.04 16.19
CA VAL F 109 25.49 -49.48 16.86
C VAL F 109 26.60 -49.70 15.82
N GLY F 110 26.23 -50.24 14.66
CA GLY F 110 27.13 -50.39 13.54
C GLY F 110 27.76 -49.05 13.13
N ARG F 111 26.94 -48.00 13.01
CA ARG F 111 27.49 -46.66 12.68
C ARG F 111 28.46 -46.20 13.76
N ALA F 112 28.06 -46.33 15.02
CA ALA F 112 28.92 -45.86 16.09
C ALA F 112 30.24 -46.64 16.07
N PHE F 113 30.17 -47.91 15.75
CA PHE F 113 31.37 -48.73 15.60
C PHE F 113 32.32 -48.14 14.54
N ASP F 114 31.77 -47.77 13.38
CA ASP F 114 32.53 -47.07 12.33
C ASP F 114 33.13 -45.74 12.82
N VAL F 115 32.34 -44.95 13.55
CA VAL F 115 32.80 -43.65 14.02
C VAL F 115 34.02 -43.83 14.90
N PHE F 116 33.94 -44.73 15.86
CA PHE F 116 35.06 -44.92 16.77
C PHE F 116 36.27 -45.51 16.05
N THR F 117 36.01 -46.43 15.12
CA THR F 117 37.08 -47.02 14.33
C THR F 117 37.80 -45.96 13.49
N LEU F 118 37.04 -45.16 12.77
CA LEU F 118 37.64 -44.21 11.86
C LEU F 118 38.34 -43.09 12.64
N ALA F 119 37.76 -42.70 13.77
CA ALA F 119 38.41 -41.73 14.64
C ALA F 119 39.74 -42.26 15.13
N GLY F 120 39.76 -43.55 15.49
CA GLY F 120 40.99 -44.16 15.94
C GLY F 120 42.06 -44.17 14.86
N GLN F 121 41.67 -44.47 13.63
CA GLN F 121 42.62 -44.51 12.53
C GLN F 121 43.11 -43.09 12.18
N MET F 122 42.26 -42.08 12.36
CA MET F 122 42.62 -40.69 12.06
C MET F 122 43.68 -40.12 13.02
N CYS F 123 43.83 -40.74 14.19
CA CYS F 123 44.90 -40.42 15.14
C CYS F 123 46.32 -40.43 14.57
N ILE F 124 46.56 -41.21 13.53
CA ILE F 124 47.91 -41.31 13.01
C ILE F 124 48.20 -40.17 12.03
N ARG F 125 47.19 -39.38 11.72
CA ARG F 125 47.35 -38.31 10.75
C ARG F 125 47.71 -36.97 11.38
N ASP F 126 48.72 -36.32 10.82
CA ASP F 126 49.12 -34.99 11.24
C ASP F 126 48.97 -34.15 9.99
N ASP F 127 48.02 -33.21 10.01
CA ASP F 127 47.79 -32.40 8.82
C ASP F 127 48.60 -31.08 8.81
N GLY F 128 49.67 -31.04 9.59
CA GLY F 128 50.51 -29.85 9.64
C GLY F 128 51.04 -29.46 8.28
N GLU F 129 51.21 -28.17 8.07
CA GLU F 129 51.72 -27.64 6.81
C GLU F 129 53.02 -26.89 7.03
N ILE F 130 53.74 -26.68 5.94
CA ILE F 130 54.99 -25.94 5.98
C ILE F 130 54.95 -24.86 4.90
N PHE F 131 55.34 -23.64 5.27
CA PHE F 131 55.41 -22.55 4.32
C PHE F 131 56.82 -22.04 4.24
N SER F 132 57.31 -21.81 3.02
CA SER F 132 58.56 -21.12 2.82
C SER F 132 58.29 -19.61 2.78
N CYS F 133 59.22 -18.82 3.30
CA CYS F 133 58.94 -17.40 3.51
C CYS F 133 59.63 -16.42 2.55
N ASP F 134 60.47 -16.89 1.65
CA ASP F 134 61.20 -16.02 0.71
C ASP F 134 60.39 -15.79 -0.60
N LEU F 135 59.16 -15.29 -0.44
CA LEU F 135 58.11 -15.39 -1.47
C LEU F 135 57.85 -14.07 -2.18
N THR F 136 58.21 -12.99 -1.52
CA THR F 136 57.95 -11.67 -2.04
C THR F 136 59.25 -10.86 -1.89
N PRO F 137 59.26 -9.62 -2.41
CA PRO F 137 60.52 -8.86 -2.43
C PRO F 137 61.05 -8.72 -1.03
N HIS F 138 60.14 -8.95 -0.09
CA HIS F 138 60.45 -8.70 1.31
C HIS F 138 60.20 -9.96 2.15
N GLY F 139 60.60 -11.08 1.57
CA GLY F 139 60.57 -12.37 2.22
C GLY F 139 61.83 -12.59 3.06
N LYS F 140 61.78 -13.62 3.89
CA LYS F 140 62.89 -13.97 4.79
C LYS F 140 63.28 -15.42 4.56
N ALA F 141 64.54 -15.74 4.85
CA ALA F 141 64.99 -17.12 4.77
C ALA F 141 64.52 -17.84 6.03
N ARG F 142 63.30 -18.37 5.98
CA ARG F 142 62.58 -18.78 7.15
C ARG F 142 61.46 -19.74 6.76
N LYS F 143 61.06 -20.63 7.69
CA LYS F 143 59.96 -21.54 7.42
C LYS F 143 58.92 -21.36 8.52
N ILE F 144 57.65 -21.45 8.13
CA ILE F 144 56.54 -21.46 9.07
C ILE F 144 55.95 -22.86 9.08
N PHE F 145 55.70 -23.37 10.27
CA PHE F 145 55.16 -24.71 10.47
C PHE F 145 53.86 -24.58 11.24
N THR F 146 53.02 -25.59 11.06
CA THR F 146 51.67 -25.53 11.52
C THR F 146 51.40 -26.76 12.39
N MET F 147 50.60 -26.61 13.44
CA MET F 147 50.39 -27.67 14.40
C MET F 147 49.05 -27.44 15.10
N ARG F 148 48.42 -28.50 15.62
CA ARG F 148 47.13 -28.35 16.31
C ARG F 148 47.18 -28.63 17.80
N GLU F 149 46.42 -27.86 18.55
CA GLU F 149 46.32 -28.07 20.02
C GLU F 149 44.84 -28.10 20.40
N PRO F 150 44.54 -28.80 21.50
CA PRO F 150 43.15 -28.97 21.94
C PRO F 150 42.61 -27.74 22.65
N LEU F 151 41.30 -27.72 22.90
CA LEU F 151 40.66 -26.59 23.53
C LEU F 151 40.61 -26.81 25.03
N THR F 152 40.00 -25.88 25.74
CA THR F 152 39.89 -25.98 27.20
C THR F 152 38.77 -26.93 27.59
N ALA F 153 37.60 -26.75 26.96
CA ALA F 153 36.45 -27.61 27.23
C ALA F 153 35.43 -27.55 26.11
N ILE F 154 34.83 -28.70 25.79
CA ILE F 154 33.82 -28.77 24.75
C ILE F 154 32.46 -29.15 25.34
N SER F 155 31.43 -28.44 24.89
CA SER F 155 30.07 -28.71 25.31
C SER F 155 29.35 -29.38 24.16
N ALA F 156 28.80 -30.55 24.43
CA ALA F 156 28.10 -31.33 23.41
C ALA F 156 26.64 -31.60 23.78
N ILE F 157 25.73 -31.17 22.93
CA ILE F 157 24.32 -31.28 23.21
C ILE F 157 23.70 -32.15 22.12
N THR F 158 23.16 -33.29 22.52
CA THR F 158 22.82 -34.35 21.55
C THR F 158 21.34 -34.67 21.45
N PRO F 159 20.89 -35.04 20.24
CA PRO F 159 19.46 -35.19 19.91
C PRO F 159 18.92 -36.58 20.24
N PHE F 160 17.60 -36.73 20.22
CA PHE F 160 16.98 -38.00 20.61
C PHE F 160 17.06 -39.06 19.51
N ASN F 161 17.20 -38.65 18.26
CA ASN F 161 17.04 -39.58 17.15
C ASN F 161 18.18 -40.59 16.96
N HIS F 162 19.38 -40.27 17.45
CA HIS F 162 20.48 -41.26 17.45
C HIS F 162 21.16 -41.23 18.80
N PRO F 163 20.55 -41.88 19.80
CA PRO F 163 20.97 -41.76 21.20
C PRO F 163 22.40 -42.23 21.40
N LEU F 164 22.90 -43.08 20.50
CA LEU F 164 24.27 -43.55 20.57
C LEU F 164 25.17 -42.81 19.56
N ASN F 165 24.83 -42.88 18.29
CA ASN F 165 25.73 -42.41 17.24
C ASN F 165 26.02 -40.91 17.28
N MET F 166 25.02 -40.11 17.61
CA MET F 166 25.19 -38.68 17.72
C MET F 166 26.06 -38.28 18.91
N VAL F 167 26.11 -39.13 19.91
CA VAL F 167 27.04 -38.91 21.00
C VAL F 167 28.44 -39.28 20.48
N ALA F 168 28.52 -40.42 19.80
CA ALA F 168 29.78 -40.87 19.23
C ALA F 168 30.44 -39.81 18.35
N HIS F 169 29.65 -39.19 17.47
CA HIS F 169 30.16 -38.19 16.54
C HIS F 169 30.74 -36.97 17.20
N LYS F 170 30.32 -36.72 18.44
CA LYS F 170 30.85 -35.58 19.18
C LYS F 170 31.97 -35.99 20.11
N VAL F 171 31.90 -37.20 20.67
CA VAL F 171 32.86 -37.61 21.68
C VAL F 171 34.13 -38.24 21.09
N ALA F 172 33.97 -39.08 20.07
CA ALA F 172 35.13 -39.71 19.45
C ALA F 172 36.16 -38.69 18.94
N PRO F 173 35.71 -37.67 18.19
CA PRO F 173 36.68 -36.68 17.68
C PRO F 173 37.34 -35.88 18.80
N ALA F 174 36.62 -35.68 19.91
CA ALA F 174 37.17 -34.99 21.06
C ALA F 174 38.31 -35.79 21.69
N ILE F 175 38.04 -37.08 21.90
CA ILE F 175 39.07 -37.99 22.43
C ILE F 175 40.27 -38.01 21.47
N ALA F 176 39.99 -38.16 20.19
CA ALA F 176 41.06 -38.30 19.20
C ALA F 176 41.96 -37.07 19.23
N THR F 177 41.46 -36.02 19.83
CA THR F 177 42.14 -34.75 19.72
C THR F 177 42.57 -34.20 21.10
N ASN F 178 42.51 -35.07 22.11
CA ASN F 178 42.93 -34.72 23.47
C ASN F 178 42.11 -33.59 24.10
N ASN F 179 40.82 -33.55 23.77
CA ASN F 179 39.89 -32.62 24.40
C ASN F 179 39.11 -33.25 25.54
N CYS F 180 38.64 -32.43 26.48
CA CYS F 180 37.65 -32.88 27.48
C CYS F 180 36.27 -32.45 27.03
N VAL F 181 35.31 -33.36 27.08
CA VAL F 181 33.97 -32.99 26.65
C VAL F 181 32.90 -33.28 27.70
N VAL F 182 31.91 -32.41 27.79
CA VAL F 182 30.76 -32.66 28.64
C VAL F 182 29.55 -32.80 27.75
N VAL F 183 28.84 -33.92 27.90
CA VAL F 183 27.68 -34.23 27.07
C VAL F 183 26.37 -34.09 27.88
N LYS F 184 25.39 -33.38 27.32
CA LYS F 184 24.02 -33.43 27.84
C LYS F 184 23.09 -33.96 26.76
N PRO F 185 22.63 -35.20 26.91
CA PRO F 185 21.68 -35.77 25.95
C PRO F 185 20.29 -35.25 26.27
N THR F 186 19.37 -35.41 25.33
CA THR F 186 17.96 -35.09 25.58
C THR F 186 17.40 -35.91 26.74
N GLU F 187 16.42 -35.36 27.46
CA GLU F 187 15.80 -36.06 28.58
C GLU F 187 14.95 -37.23 28.07
N LEU F 188 14.63 -37.22 26.78
CA LEU F 188 13.85 -38.31 26.18
C LEU F 188 14.67 -39.60 26.00
N THR F 189 15.97 -39.47 25.75
CA THR F 189 16.80 -40.65 25.46
C THR F 189 18.20 -40.54 26.06
N PRO F 190 18.30 -40.41 27.39
CA PRO F 190 19.60 -40.10 27.99
C PRO F 190 20.38 -41.33 28.39
N MET F 191 19.72 -42.48 28.42
CA MET F 191 20.37 -43.65 29.01
C MET F 191 21.53 -44.22 28.16
N THR F 192 21.36 -44.16 26.84
CA THR F 192 22.39 -44.67 25.94
C THR F 192 23.71 -43.92 26.17
N ALA F 193 23.63 -42.59 26.32
CA ALA F 193 24.81 -41.77 26.56
C ALA F 193 25.54 -42.17 27.84
N LEU F 194 24.78 -42.50 28.86
CA LEU F 194 25.36 -42.91 30.13
C LEU F 194 26.10 -44.24 29.98
N LEU F 195 25.49 -45.15 29.22
CA LEU F 195 26.12 -46.43 28.93
C LEU F 195 27.42 -46.25 28.13
N LEU F 196 27.40 -45.36 27.15
CA LEU F 196 28.59 -45.13 26.33
C LEU F 196 29.73 -44.60 27.24
N ALA F 197 29.39 -43.72 28.16
CA ALA F 197 30.39 -43.20 29.09
C ALA F 197 31.07 -44.34 29.83
N ASP F 198 30.27 -45.27 30.37
CA ASP F 198 30.81 -46.42 31.08
C ASP F 198 31.74 -47.24 30.19
N ILE F 199 31.33 -47.45 28.95
CA ILE F 199 32.14 -48.21 28.00
C ILE F 199 33.49 -47.51 27.77
N LEU F 200 33.44 -46.18 27.63
CA LEU F 200 34.65 -45.40 27.42
C LEU F 200 35.60 -45.46 28.60
N TYR F 201 35.08 -45.30 29.81
CA TYR F 201 35.91 -45.43 31.00
C TYR F 201 36.58 -46.80 31.02
N GLU F 202 35.79 -47.84 30.76
CA GLU F 202 36.33 -49.20 30.73
C GLU F 202 37.40 -49.39 29.67
N ALA F 203 37.27 -48.66 28.56
CA ALA F 203 38.23 -48.79 27.47
C ALA F 203 39.51 -48.03 27.76
N GLY F 204 39.55 -47.34 28.89
CA GLY F 204 40.78 -46.72 29.34
C GLY F 204 40.81 -45.21 29.27
N LEU F 205 39.68 -44.60 28.93
CA LEU F 205 39.64 -43.14 28.84
C LEU F 205 39.85 -42.51 30.21
N PRO F 206 40.81 -41.58 30.32
CA PRO F 206 40.94 -40.83 31.57
C PRO F 206 39.61 -40.16 31.84
N PRO F 207 39.04 -40.40 33.03
CA PRO F 207 37.64 -40.05 33.33
C PRO F 207 37.39 -38.56 33.19
N GLU F 208 38.39 -37.73 33.50
CA GLU F 208 38.22 -36.30 33.41
C GLU F 208 37.86 -35.84 32.00
N MET F 209 38.12 -36.69 31.00
CA MET F 209 37.88 -36.30 29.61
C MET F 209 36.42 -36.41 29.19
N LEU F 210 35.58 -37.02 30.01
CA LEU F 210 34.18 -37.20 29.66
C LEU F 210 33.27 -37.11 30.86
N SER F 211 32.26 -36.25 30.76
CA SER F 211 31.12 -36.28 31.66
C SER F 211 29.85 -36.33 30.84
N VAL F 212 28.87 -37.07 31.35
CA VAL F 212 27.52 -37.02 30.80
C VAL F 212 26.55 -36.56 31.91
N VAL F 213 25.91 -35.42 31.71
CA VAL F 213 24.97 -34.91 32.70
C VAL F 213 23.59 -34.93 32.12
N THR F 214 22.58 -34.99 32.97
CA THR F 214 21.20 -35.09 32.54
C THR F 214 20.35 -34.11 33.32
N GLY F 215 19.18 -33.76 32.79
CA GLY F 215 18.24 -32.93 33.51
C GLY F 215 17.26 -32.29 32.56
N TRP F 216 16.35 -31.50 33.13
CA TRP F 216 15.40 -30.75 32.30
C TRP F 216 16.11 -29.58 31.64
N PRO F 217 15.70 -29.25 30.42
CA PRO F 217 16.27 -28.10 29.70
C PRO F 217 16.29 -26.84 30.56
N ALA F 218 15.23 -26.67 31.37
CA ALA F 218 15.06 -25.47 32.18
C ALA F 218 16.03 -25.39 33.35
N ASP F 219 16.58 -26.53 33.75
CA ASP F 219 17.48 -26.57 34.90
C ASP F 219 18.96 -26.51 34.49
N ILE F 220 19.31 -27.26 33.44
CA ILE F 220 20.72 -27.53 33.17
C ILE F 220 21.10 -27.16 31.73
N GLY F 221 20.09 -26.94 30.89
CA GLY F 221 20.33 -26.65 29.49
C GLY F 221 21.18 -25.41 29.24
N MET F 222 20.87 -24.34 29.96
CA MET F 222 21.51 -23.06 29.69
C MET F 222 22.99 -23.06 30.09
N GLU F 223 23.33 -23.78 31.14
CA GLU F 223 24.71 -23.88 31.60
C GLU F 223 25.59 -24.50 30.51
N MET F 224 24.99 -25.32 29.65
CA MET F 224 25.72 -25.98 28.58
C MET F 224 26.10 -24.99 27.49
N ILE F 225 25.37 -23.88 27.43
CA ILE F 225 25.57 -22.88 26.39
C ILE F 225 26.48 -21.77 26.89
N THR F 226 26.53 -21.65 28.21
CA THR F 226 26.87 -20.39 28.82
C THR F 226 28.12 -20.49 29.70
N ASN F 227 28.44 -21.70 30.14
CA ASN F 227 29.59 -21.88 31.02
C ASN F 227 30.85 -21.18 30.49
N PRO F 228 31.52 -20.42 31.35
CA PRO F 228 32.67 -19.63 30.89
C PRO F 228 33.89 -20.46 30.42
N HIS F 229 34.01 -21.71 30.85
CA HIS F 229 35.13 -22.55 30.43
C HIS F 229 34.98 -23.10 29.02
N VAL F 230 33.76 -23.03 28.48
CA VAL F 230 33.46 -23.68 27.23
C VAL F 230 33.97 -22.89 26.02
N ASP F 231 34.83 -23.53 25.23
CA ASP F 231 35.39 -22.88 24.05
C ASP F 231 34.54 -23.12 22.83
N LEU F 232 33.83 -24.24 22.82
CA LEU F 232 33.06 -24.62 21.66
C LEU F 232 31.82 -25.39 22.06
N VAL F 233 30.70 -25.04 21.43
CA VAL F 233 29.44 -25.76 21.63
C VAL F 233 29.11 -26.50 20.35
N THR F 234 28.95 -27.81 20.48
CA THR F 234 28.53 -28.58 19.31
C THR F 234 27.16 -29.18 19.58
N PHE F 235 26.22 -28.92 18.68
CA PHE F 235 24.81 -29.19 18.92
C PHE F 235 24.16 -29.79 17.69
N THR F 236 23.37 -30.82 17.88
CA THR F 236 22.49 -31.31 16.83
C THR F 236 21.08 -31.36 17.41
N GLY F 237 20.11 -30.80 16.69
CA GLY F 237 18.73 -30.75 17.17
C GLY F 237 17.86 -29.79 16.38
N SER F 238 16.82 -29.27 17.02
CA SER F 238 15.78 -28.51 16.33
C SER F 238 16.22 -27.10 15.97
N VAL F 239 15.59 -26.53 14.93
CA VAL F 239 15.87 -25.17 14.52
C VAL F 239 15.67 -24.16 15.66
N PRO F 240 14.53 -24.23 16.35
CA PRO F 240 14.30 -23.33 17.48
C PRO F 240 15.42 -23.37 18.52
N VAL F 241 15.78 -24.56 18.98
CA VAL F 241 16.80 -24.68 20.01
C VAL F 241 18.16 -24.22 19.49
N GLY F 242 18.44 -24.54 18.23
CA GLY F 242 19.66 -24.10 17.58
C GLY F 242 19.79 -22.57 17.53
N LYS F 243 18.72 -21.90 17.11
CA LYS F 243 18.69 -20.43 17.08
C LYS F 243 18.84 -19.85 18.49
N LEU F 244 18.33 -20.56 19.49
CA LEU F 244 18.44 -20.13 20.87
C LEU F 244 19.89 -20.20 21.33
N ILE F 245 20.58 -21.28 20.95
CA ILE F 245 21.98 -21.43 21.29
C ILE F 245 22.80 -20.34 20.62
N ALA F 246 22.49 -20.10 19.35
CA ALA F 246 23.22 -19.12 18.57
C ALA F 246 23.11 -17.73 19.20
N ALA F 247 22.01 -17.52 19.92
CA ALA F 247 21.71 -16.24 20.54
C ALA F 247 22.38 -16.06 21.89
N ASN F 248 22.77 -17.16 22.51
CA ASN F 248 23.30 -17.11 23.87
C ASN F 248 24.74 -17.58 24.04
N ALA F 249 25.26 -18.31 23.06
CA ALA F 249 26.62 -18.84 23.18
C ALA F 249 27.62 -17.80 22.70
N HIS F 250 27.64 -16.66 23.39
CA HIS F 250 28.19 -15.44 22.85
C HIS F 250 29.56 -15.51 22.18
N TYR F 251 30.62 -15.56 22.97
CA TYR F 251 31.96 -15.49 22.37
C TYR F 251 32.52 -16.91 22.33
N LYS F 252 31.80 -17.79 21.65
CA LYS F 252 32.13 -19.21 21.61
C LYS F 252 32.00 -19.71 20.19
N ARG F 253 32.83 -20.67 19.81
CA ARG F 253 32.63 -21.32 18.52
C ARG F 253 31.38 -22.17 18.64
N GLN F 254 30.62 -22.23 17.56
CA GLN F 254 29.36 -22.94 17.53
C GLN F 254 29.31 -23.82 16.30
N VAL F 255 29.08 -25.11 16.53
CA VAL F 255 28.79 -26.02 15.43
C VAL F 255 27.34 -26.47 15.60
N LEU F 256 26.47 -25.98 14.72
CA LEU F 256 25.04 -26.18 14.89
C LEU F 256 24.50 -26.96 13.70
N GLU F 257 23.98 -28.15 13.96
CA GLU F 257 23.34 -28.93 12.91
C GLU F 257 21.89 -29.03 13.26
N LEU F 258 21.05 -28.50 12.38
CA LEU F 258 19.63 -28.42 12.67
C LEU F 258 18.92 -29.37 11.72
N GLY F 259 17.63 -29.21 11.52
CA GLY F 259 16.91 -30.15 10.70
C GLY F 259 17.27 -30.09 9.22
N GLY F 260 16.77 -31.08 8.49
CA GLY F 260 16.77 -31.03 7.04
C GLY F 260 15.32 -31.18 6.59
N ASN F 261 15.13 -31.08 5.29
CA ASN F 261 13.85 -31.36 4.68
C ASN F 261 14.20 -31.86 3.30
N ASP F 262 14.85 -33.02 3.27
CA ASP F 262 15.61 -33.41 2.09
C ASP F 262 14.80 -34.15 1.04
N PRO F 263 14.98 -33.75 -0.23
CA PRO F 263 14.29 -34.33 -1.36
C PRO F 263 15.00 -35.55 -1.94
N LEU F 264 14.21 -36.51 -2.40
CA LEU F 264 14.69 -37.50 -3.36
C LEU F 264 14.02 -37.14 -4.67
N ILE F 265 14.82 -36.76 -5.65
CA ILE F 265 14.29 -36.24 -6.90
C ILE F 265 14.35 -37.31 -8.00
N ILE F 266 13.20 -37.58 -8.61
CA ILE F 266 13.10 -38.60 -9.65
C ILE F 266 12.91 -37.97 -11.03
N LEU F 267 13.91 -38.10 -11.90
CA LEU F 267 13.89 -37.40 -13.19
C LEU F 267 13.22 -38.25 -14.28
N ASN F 268 12.71 -37.59 -15.30
CA ASN F 268 11.86 -38.27 -16.28
C ASN F 268 12.61 -39.05 -17.36
N ASP F 269 13.92 -39.20 -17.22
CA ASP F 269 14.66 -40.01 -18.19
C ASP F 269 14.70 -41.50 -17.79
N LEU F 270 14.22 -41.82 -16.60
CA LEU F 270 14.38 -43.18 -16.07
C LEU F 270 13.47 -44.22 -16.71
N SER F 271 14.03 -45.41 -16.93
CA SER F 271 13.28 -46.56 -17.42
C SER F 271 12.42 -47.10 -16.29
N ASP F 272 11.55 -48.06 -16.61
CA ASP F 272 10.70 -48.64 -15.58
C ASP F 272 11.51 -49.42 -14.55
N ASP F 273 12.56 -50.11 -15.01
CA ASP F 273 13.47 -50.80 -14.07
C ASP F 273 14.11 -49.80 -13.10
N ASP F 274 14.55 -48.67 -13.65
CA ASP F 274 15.17 -47.64 -12.83
C ASP F 274 14.18 -47.04 -11.85
N LEU F 275 12.93 -46.88 -12.28
CA LEU F 275 11.89 -46.38 -11.40
C LEU F 275 11.70 -47.30 -10.21
N ALA F 276 11.84 -48.60 -10.43
CA ALA F 276 11.74 -49.56 -9.34
C ALA F 276 12.89 -49.41 -8.34
N ARG F 277 14.09 -49.17 -8.88
CA ARG F 277 15.26 -48.96 -8.02
C ARG F 277 15.07 -47.66 -7.24
N ALA F 278 14.59 -46.63 -7.92
CA ALA F 278 14.32 -45.34 -7.28
C ALA F 278 13.26 -45.46 -6.20
N ALA F 279 12.23 -46.27 -6.46
CA ALA F 279 11.20 -46.53 -5.46
C ALA F 279 11.77 -47.20 -4.23
N ASP F 280 12.75 -48.08 -4.43
CA ASP F 280 13.41 -48.73 -3.30
C ASP F 280 14.11 -47.69 -2.41
N LEU F 281 14.80 -46.75 -3.05
CA LEU F 281 15.49 -45.66 -2.34
C LEU F 281 14.49 -44.80 -1.61
N ALA F 282 13.42 -44.41 -2.31
CA ALA F 282 12.39 -43.57 -1.71
C ALA F 282 11.82 -44.15 -0.42
N VAL F 283 11.40 -45.41 -0.47
CA VAL F 283 10.79 -46.04 0.70
C VAL F 283 11.79 -46.21 1.85
N ALA F 284 12.97 -46.72 1.54
CA ALA F 284 14.02 -46.85 2.57
C ALA F 284 14.36 -45.48 3.17
N GLY F 285 14.55 -44.49 2.29
CA GLY F 285 14.97 -43.16 2.71
C GLY F 285 13.94 -42.44 3.56
N ALA F 286 12.66 -42.64 3.24
CA ALA F 286 11.59 -41.93 3.96
C ALA F 286 11.31 -42.56 5.31
N THR F 287 11.87 -43.75 5.51
CA THR F 287 11.33 -44.66 6.49
C THR F 287 12.37 -45.17 7.52
N LYS F 288 13.65 -45.17 7.15
CA LYS F 288 14.67 -45.64 8.10
C LYS F 288 14.71 -44.81 9.39
N ASN F 289 15.02 -45.47 10.49
CA ASN F 289 15.01 -44.86 11.80
C ASN F 289 13.64 -44.20 12.07
N SER F 290 12.58 -44.80 11.54
CA SER F 290 11.22 -44.25 11.66
C SER F 290 11.13 -42.86 11.04
N GLY F 291 11.92 -42.65 9.99
CA GLY F 291 11.99 -41.35 9.34
C GLY F 291 12.65 -40.26 10.17
N GLN F 292 13.18 -40.65 11.32
CA GLN F 292 13.80 -39.66 12.22
C GLN F 292 15.31 -39.46 11.94
N ARG F 293 15.61 -38.87 10.79
CA ARG F 293 16.96 -38.47 10.45
C ARG F 293 16.88 -37.08 9.89
N CYS F 294 17.89 -36.28 10.20
CA CYS F 294 17.99 -34.96 9.61
C CYS F 294 18.02 -35.08 8.09
N THR F 295 18.63 -36.16 7.61
CA THR F 295 18.76 -36.36 6.18
C THR F 295 17.78 -37.40 5.64
N ALA F 296 16.71 -37.67 6.38
CA ALA F 296 15.66 -38.56 5.87
C ALA F 296 15.05 -38.00 4.60
N VAL F 297 14.56 -38.88 3.74
CA VAL F 297 13.75 -38.43 2.61
C VAL F 297 12.43 -37.89 3.16
N LYS F 298 12.15 -36.60 2.91
CA LYS F 298 10.94 -35.99 3.47
C LYS F 298 10.07 -35.44 2.34
N ARG F 299 10.62 -35.44 1.13
CA ARG F 299 9.93 -34.95 -0.03
C ARG F 299 10.39 -35.78 -1.19
N ILE F 300 9.47 -36.52 -1.83
CA ILE F 300 9.81 -37.22 -3.04
C ILE F 300 9.31 -36.42 -4.23
N LEU F 301 10.23 -35.74 -4.91
CA LEU F 301 9.88 -34.89 -6.03
C LEU F 301 9.94 -35.71 -7.31
N CYS F 302 8.77 -36.11 -7.80
CA CYS F 302 8.72 -36.94 -8.98
C CYS F 302 8.20 -36.16 -10.18
N GLN F 303 8.99 -36.11 -11.24
CA GLN F 303 8.58 -35.39 -12.44
C GLN F 303 7.30 -36.01 -13.04
N GLU F 304 6.36 -35.15 -13.43
CA GLU F 304 5.00 -35.58 -13.76
C GLU F 304 4.94 -36.77 -14.71
N SER F 305 5.68 -36.71 -15.82
CA SER F 305 5.56 -37.75 -16.84
C SER F 305 5.94 -39.17 -16.42
N VAL F 306 6.56 -39.35 -15.25
CA VAL F 306 6.89 -40.71 -14.81
C VAL F 306 6.19 -41.08 -13.51
N ALA F 307 5.43 -40.12 -12.97
CA ALA F 307 4.77 -40.31 -11.69
C ALA F 307 3.77 -41.48 -11.69
N ASP F 308 3.02 -41.61 -12.77
CA ASP F 308 2.03 -42.68 -12.84
C ASP F 308 2.66 -44.07 -12.80
N ARG F 309 3.86 -44.20 -13.34
CA ARG F 309 4.58 -45.47 -13.24
C ARG F 309 5.34 -45.58 -11.93
N PHE F 310 5.82 -44.45 -11.42
CA PHE F 310 6.61 -44.45 -10.18
C PHE F 310 5.80 -44.73 -8.92
N VAL F 311 4.66 -44.06 -8.78
CA VAL F 311 3.89 -44.16 -7.54
C VAL F 311 3.47 -45.59 -7.16
N PRO F 312 2.94 -46.38 -8.11
CA PRO F 312 2.56 -47.76 -7.77
C PRO F 312 3.75 -48.59 -7.25
N LEU F 313 4.94 -48.35 -7.79
CA LEU F 313 6.13 -49.09 -7.33
C LEU F 313 6.42 -48.72 -5.88
N VAL F 314 6.31 -47.43 -5.55
CA VAL F 314 6.48 -47.01 -4.16
C VAL F 314 5.44 -47.64 -3.23
N LEU F 315 4.17 -47.61 -3.66
CA LEU F 315 3.07 -48.15 -2.84
C LEU F 315 3.33 -49.60 -2.52
N GLU F 316 3.66 -50.38 -3.55
CA GLU F 316 3.92 -51.80 -3.39
C GLU F 316 5.03 -52.07 -2.35
N ARG F 317 6.11 -51.30 -2.41
CA ARG F 317 7.21 -51.48 -1.48
C ARG F 317 6.80 -51.04 -0.08
N ALA F 318 6.07 -49.95 0.00
CA ALA F 318 5.65 -49.48 1.32
C ALA F 318 4.81 -50.54 2.04
N LYS F 319 3.97 -51.23 1.29
CA LYS F 319 3.09 -52.23 1.91
C LYS F 319 3.84 -53.43 2.46
N ARG F 320 5.06 -53.68 1.98
CA ARG F 320 5.85 -54.81 2.45
C ARG F 320 6.43 -54.56 3.83
N LEU F 321 6.53 -53.30 4.23
CA LEU F 321 7.17 -52.97 5.50
C LEU F 321 6.39 -53.49 6.70
N ARG F 322 7.10 -54.13 7.62
CA ARG F 322 6.49 -54.62 8.84
C ARG F 322 6.71 -53.55 9.90
N PHE F 323 5.60 -52.99 10.37
CA PHE F 323 5.65 -52.00 11.44
C PHE F 323 4.92 -52.52 12.68
N GLY F 324 5.52 -52.31 13.84
CA GLY F 324 4.99 -52.81 15.09
C GLY F 324 6.01 -52.88 16.20
N ASP F 325 5.92 -53.93 17.01
CA ASP F 325 6.73 -54.09 18.20
C ASP F 325 8.23 -53.93 17.91
N PRO F 326 8.84 -52.84 18.42
CA PRO F 326 10.24 -52.51 18.12
C PRO F 326 11.20 -53.61 18.57
N MET F 327 10.86 -54.34 19.63
CA MET F 327 11.74 -55.40 20.12
C MET F 327 11.64 -56.70 19.32
N ASP F 328 10.65 -56.79 18.44
CA ASP F 328 10.54 -57.94 17.56
C ASP F 328 11.57 -57.78 16.43
N ARG F 329 12.49 -58.73 16.33
CA ARG F 329 13.52 -58.69 15.30
C ARG F 329 13.01 -58.74 13.87
N SER F 330 11.74 -59.08 13.67
CA SER F 330 11.20 -59.11 12.32
C SER F 330 10.52 -57.80 11.99
N THR F 331 10.51 -56.87 12.94
CA THR F 331 9.93 -55.55 12.70
C THR F 331 10.92 -54.71 11.88
N ASP F 332 10.42 -54.05 10.84
CA ASP F 332 11.23 -53.09 10.09
C ASP F 332 11.14 -51.72 10.74
N LEU F 333 9.91 -51.30 10.99
CA LEU F 333 9.61 -49.94 11.41
C LEU F 333 8.98 -49.92 12.79
N GLY F 334 9.70 -49.33 13.75
CA GLY F 334 9.22 -49.17 15.12
C GLY F 334 8.34 -47.94 15.26
N THR F 335 8.27 -47.39 16.46
CA THR F 335 7.52 -46.15 16.68
C THR F 335 8.33 -44.89 16.36
N VAL F 336 7.68 -43.73 16.38
CA VAL F 336 8.41 -42.47 16.49
C VAL F 336 8.63 -42.12 17.97
N ILE F 337 9.22 -40.96 18.24
CA ILE F 337 9.72 -40.65 19.58
C ILE F 337 8.62 -40.64 20.67
N HIS F 338 7.43 -40.16 20.32
CA HIS F 338 6.28 -40.21 21.22
C HIS F 338 4.95 -39.99 20.50
N GLU F 339 3.84 -40.22 21.21
CA GLU F 339 2.52 -40.18 20.59
C GLU F 339 2.17 -38.81 20.06
N LYS F 340 2.59 -37.78 20.79
CA LYS F 340 2.32 -36.43 20.34
C LYS F 340 2.93 -36.16 18.98
N ALA F 341 4.19 -36.59 18.79
CA ALA F 341 4.84 -36.45 17.49
C ALA F 341 4.08 -37.24 16.42
N ALA F 342 3.74 -38.48 16.75
CA ALA F 342 3.00 -39.32 15.79
C ALA F 342 1.66 -38.69 15.40
N ALA F 343 0.92 -38.19 16.37
CA ALA F 343 -0.38 -37.58 16.10
C ALA F 343 -0.22 -36.36 15.21
N LEU F 344 0.79 -35.54 15.52
CA LEU F 344 1.07 -34.37 14.69
C LEU F 344 1.32 -34.73 13.23
N PHE F 345 2.09 -35.79 13.00
CA PHE F 345 2.46 -36.16 11.63
C PHE F 345 1.21 -36.64 10.88
N GLU F 346 0.37 -37.40 11.57
CA GLU F 346 -0.85 -37.91 10.95
C GLU F 346 -1.73 -36.72 10.54
N GLU F 347 -1.81 -35.76 11.45
CA GLU F 347 -2.56 -34.54 11.22
C GLU F 347 -2.13 -33.85 9.93
N ARG F 348 -0.82 -33.75 9.72
CA ARG F 348 -0.33 -33.09 8.51
C ARG F 348 -0.71 -33.89 7.27
N VAL F 349 -0.72 -35.20 7.41
CA VAL F 349 -1.18 -36.05 6.31
C VAL F 349 -2.66 -35.74 6.01
N MET F 350 -3.49 -35.81 7.05
CA MET F 350 -4.90 -35.47 6.89
C MET F 350 -5.09 -34.11 6.20
N ARG F 351 -4.39 -33.08 6.67
CA ARG F 351 -4.54 -31.75 6.10
C ARG F 351 -4.11 -31.66 4.66
N ALA F 352 -3.01 -32.33 4.34
CA ALA F 352 -2.56 -32.41 2.96
C ALA F 352 -3.66 -33.00 2.08
N ALA F 353 -4.33 -34.02 2.60
CA ALA F 353 -5.37 -34.71 1.84
C ALA F 353 -6.53 -33.76 1.55
N GLU F 354 -6.90 -32.97 2.55
CA GLU F 354 -7.94 -31.95 2.37
C GLU F 354 -7.51 -30.88 1.37
N GLU F 355 -6.21 -30.72 1.19
CA GLU F 355 -5.73 -29.69 0.29
C GLU F 355 -5.48 -30.24 -1.11
N GLY F 356 -5.86 -31.49 -1.32
CA GLY F 356 -5.74 -32.09 -2.63
C GLY F 356 -4.87 -33.34 -2.74
N ALA F 357 -4.20 -33.72 -1.65
CA ALA F 357 -3.34 -34.90 -1.68
C ALA F 357 -4.18 -36.19 -1.67
N ASP F 358 -3.52 -37.28 -2.03
CA ASP F 358 -4.18 -38.56 -2.22
C ASP F 358 -3.53 -39.60 -1.32
N ILE F 359 -4.19 -39.93 -0.20
CA ILE F 359 -3.64 -40.97 0.67
C ILE F 359 -3.84 -42.33 0.02
N LEU F 360 -2.74 -43.07 -0.17
CA LEU F 360 -2.79 -44.32 -0.91
C LEU F 360 -2.63 -45.51 0.02
N TYR F 361 -2.04 -45.27 1.18
CA TYR F 361 -1.83 -46.34 2.13
C TYR F 361 -1.75 -45.77 3.52
N HIS F 362 -2.68 -46.19 4.39
CA HIS F 362 -2.71 -45.70 5.75
C HIS F 362 -3.51 -46.66 6.61
N PRO F 363 -2.87 -47.76 7.02
CA PRO F 363 -3.55 -48.78 7.83
C PRO F 363 -3.92 -48.29 9.23
N GLY F 364 -3.60 -47.04 9.53
CA GLY F 364 -3.98 -46.50 10.82
C GLY F 364 -2.87 -46.41 11.87
N ARG F 365 -2.92 -45.31 12.61
CA ARG F 365 -1.99 -45.03 13.68
C ARG F 365 -2.41 -45.65 15.00
N SER F 366 -1.44 -46.14 15.77
CA SER F 366 -1.72 -46.59 17.11
C SER F 366 -0.68 -46.03 18.09
N GLY F 367 -1.07 -44.95 18.78
CA GLY F 367 -0.19 -44.32 19.74
C GLY F 367 1.00 -43.70 19.06
N ALA F 368 2.20 -44.09 19.47
CA ALA F 368 3.41 -43.56 18.84
C ALA F 368 3.77 -44.34 17.56
N LEU F 369 3.00 -45.38 17.26
CA LEU F 369 3.29 -46.22 16.09
C LEU F 369 2.59 -45.72 14.84
N LEU F 370 3.38 -45.18 13.93
CA LEU F 370 2.90 -44.69 12.66
C LEU F 370 3.31 -45.68 11.58
N PRO F 371 2.37 -46.07 10.72
CA PRO F 371 2.73 -46.93 9.58
C PRO F 371 3.43 -46.09 8.51
N PRO F 372 4.08 -46.74 7.54
CA PRO F 372 4.75 -45.97 6.48
C PRO F 372 3.74 -45.41 5.49
N ILE F 373 3.04 -44.35 5.91
CA ILE F 373 1.94 -43.79 5.13
C ILE F 373 2.39 -43.28 3.77
N VAL F 374 1.69 -43.68 2.72
CA VAL F 374 2.01 -43.21 1.37
C VAL F 374 0.97 -42.20 0.90
N VAL F 375 1.44 -41.02 0.51
CA VAL F 375 0.57 -39.96 0.05
C VAL F 375 1.07 -39.45 -1.29
N ASP F 376 0.18 -39.37 -2.29
CA ASP F 376 0.56 -38.90 -3.62
C ASP F 376 -0.03 -37.50 -3.83
N ARG F 377 0.41 -36.83 -4.88
CA ARG F 377 -0.11 -35.50 -5.21
C ARG F 377 -0.08 -34.53 -4.02
N VAL F 378 0.98 -34.61 -3.21
CA VAL F 378 1.13 -33.68 -2.09
C VAL F 378 1.43 -32.28 -2.60
N PRO F 379 0.63 -31.30 -2.17
CA PRO F 379 0.91 -29.89 -2.54
C PRO F 379 2.22 -29.47 -1.88
N HIS F 380 3.12 -28.85 -2.64
CA HIS F 380 4.44 -28.57 -2.06
C HIS F 380 4.38 -27.55 -0.94
N GLN F 381 3.28 -26.80 -0.85
CA GLN F 381 3.15 -25.79 0.19
C GLN F 381 2.46 -26.32 1.44
N SER F 382 2.02 -27.57 1.42
CA SER F 382 1.37 -28.12 2.59
C SER F 382 2.38 -28.28 3.72
N ASP F 383 1.91 -28.20 4.97
CA ASP F 383 2.78 -28.35 6.13
C ASP F 383 3.58 -29.65 6.07
N LEU F 384 2.95 -30.71 5.57
CA LEU F 384 3.57 -32.03 5.50
C LEU F 384 4.97 -31.99 4.90
N VAL F 385 5.14 -31.26 3.82
CA VAL F 385 6.41 -31.23 3.10
C VAL F 385 7.12 -29.88 3.11
N LEU F 386 6.47 -28.85 3.62
CA LEU F 386 7.09 -27.53 3.71
C LEU F 386 7.81 -27.41 5.04
N GLU F 387 7.16 -27.87 6.10
CA GLU F 387 7.83 -28.05 7.38
C GLU F 387 8.57 -29.38 7.34
N GLU F 388 9.54 -29.54 8.24
CA GLU F 388 10.19 -30.83 8.45
C GLU F 388 9.22 -31.76 9.20
N THR F 389 8.88 -32.89 8.57
CA THR F 389 8.04 -33.91 9.20
C THR F 389 8.87 -35.15 9.57
N PHE F 390 9.11 -35.31 10.87
CA PHE F 390 10.17 -36.17 11.36
C PHE F 390 9.65 -37.58 11.64
N GLY F 391 8.97 -38.16 10.64
CA GLY F 391 8.35 -39.46 10.79
C GLY F 391 8.33 -40.24 9.47
N PRO F 392 7.89 -41.50 9.51
CA PRO F 392 8.00 -42.38 8.34
C PRO F 392 6.95 -42.15 7.26
N ILE F 393 6.61 -40.90 6.99
CA ILE F 393 5.70 -40.60 5.90
C ILE F 393 6.43 -40.68 4.58
N ILE F 394 5.75 -41.20 3.56
CA ILE F 394 6.30 -41.31 2.23
C ILE F 394 5.49 -40.42 1.30
N PRO F 395 5.93 -39.16 1.14
CA PRO F 395 5.10 -38.19 0.43
C PRO F 395 5.61 -37.85 -0.95
N ILE F 396 4.80 -38.11 -1.97
CA ILE F 396 5.19 -37.81 -3.34
C ILE F 396 4.61 -36.47 -3.80
N VAL F 397 5.51 -35.59 -4.22
CA VAL F 397 5.12 -34.30 -4.76
C VAL F 397 5.40 -34.40 -6.22
N ARG F 398 4.36 -34.20 -7.03
CA ARG F 398 4.54 -34.23 -8.46
C ARG F 398 5.05 -32.89 -8.91
N VAL F 399 6.11 -32.90 -9.71
CA VAL F 399 6.72 -31.65 -10.11
C VAL F 399 6.81 -31.64 -11.62
N PRO F 400 6.99 -30.45 -12.20
CA PRO F 400 6.99 -30.29 -13.66
C PRO F 400 8.13 -31.07 -14.32
N ASP F 401 7.90 -31.46 -15.56
CA ASP F 401 8.93 -32.02 -16.41
C ASP F 401 9.82 -30.89 -16.90
N ASP F 402 10.44 -30.20 -15.95
CA ASP F 402 11.34 -29.10 -16.25
C ASP F 402 12.30 -28.94 -15.07
N ASP F 403 13.59 -29.06 -15.35
CA ASP F 403 14.58 -29.09 -14.28
C ASP F 403 14.69 -27.78 -13.51
N ASP F 404 14.70 -26.66 -14.23
CA ASP F 404 14.73 -25.35 -13.59
C ASP F 404 13.61 -25.21 -12.56
N ALA F 405 12.41 -25.62 -12.94
CA ALA F 405 11.28 -25.50 -12.06
C ALA F 405 11.42 -26.48 -10.89
N THR F 406 11.94 -27.66 -11.19
CA THR F 406 12.14 -28.66 -10.15
C THR F 406 13.15 -28.17 -9.12
N ILE F 407 14.26 -27.65 -9.62
CA ILE F 407 15.32 -27.15 -8.74
C ILE F 407 14.80 -25.99 -7.87
N THR F 408 14.04 -25.09 -8.48
CA THR F 408 13.45 -23.97 -7.75
C THR F 408 12.56 -24.46 -6.64
N LEU F 409 11.75 -25.45 -6.96
CA LEU F 409 10.83 -26.02 -5.98
C LEU F 409 11.61 -26.73 -4.87
N SER F 410 12.64 -27.47 -5.26
CA SER F 410 13.46 -28.17 -4.28
C SER F 410 14.10 -27.17 -3.32
N ASN F 411 14.55 -26.03 -3.86
CA ASN F 411 15.21 -25.00 -3.06
C ASN F 411 14.27 -24.08 -2.28
N SER F 412 12.98 -24.35 -2.32
CA SER F 412 11.99 -23.37 -1.87
C SER F 412 11.66 -23.46 -0.37
N THR F 413 12.24 -24.42 0.33
CA THR F 413 12.03 -24.46 1.77
C THR F 413 13.12 -23.72 2.53
N ALA F 414 12.96 -23.66 3.85
CA ALA F 414 13.94 -22.99 4.71
C ALA F 414 15.19 -23.83 4.91
N PHE F 415 15.17 -25.08 4.44
CA PHE F 415 16.25 -26.03 4.73
C PHE F 415 17.20 -26.25 3.55
N GLY F 416 18.38 -26.79 3.86
CA GLY F 416 19.38 -27.07 2.85
C GLY F 416 20.47 -27.98 3.40
N LEU F 417 20.16 -29.26 3.52
CA LEU F 417 21.08 -30.19 4.14
C LEU F 417 21.61 -31.13 3.08
N SER F 418 20.83 -32.16 2.76
CA SER F 418 21.25 -33.09 1.74
C SER F 418 20.17 -33.31 0.69
N SER F 419 20.44 -34.19 -0.26
CA SER F 419 19.52 -34.47 -1.34
C SER F 419 19.94 -35.72 -2.09
N GLY F 420 18.98 -36.32 -2.79
CA GLY F 420 19.27 -37.41 -3.71
C GLY F 420 18.64 -37.11 -5.06
N VAL F 421 19.32 -37.46 -6.14
CA VAL F 421 18.77 -37.29 -7.49
C VAL F 421 18.96 -38.56 -8.30
N CYS F 422 17.86 -39.13 -8.81
CA CYS F 422 17.93 -40.31 -9.67
C CYS F 422 17.76 -39.97 -11.16
N THR F 423 18.82 -40.20 -11.93
CA THR F 423 18.80 -39.89 -13.35
C THR F 423 20.03 -40.55 -13.95
N ASN F 424 20.03 -40.74 -15.28
CA ASN F 424 21.18 -41.35 -15.95
C ASN F 424 21.81 -40.36 -16.90
N ASP F 425 21.28 -39.16 -16.92
CA ASP F 425 21.68 -38.13 -17.87
C ASP F 425 22.73 -37.24 -17.22
N TYR F 426 23.97 -37.33 -17.69
CA TYR F 426 25.05 -36.62 -16.99
C TYR F 426 24.80 -35.12 -16.91
N ARG F 427 24.36 -34.56 -18.02
CA ARG F 427 24.14 -33.13 -18.08
C ARG F 427 23.17 -32.67 -16.99
N ARG F 428 22.14 -33.48 -16.75
CA ARG F 428 21.15 -33.11 -15.78
C ARG F 428 21.70 -33.32 -14.37
N MET F 429 22.46 -34.40 -14.19
CA MET F 429 23.15 -34.68 -12.94
C MET F 429 23.91 -33.43 -12.50
N GLN F 430 24.77 -32.94 -13.39
CA GLN F 430 25.67 -31.84 -13.06
C GLN F 430 24.87 -30.57 -12.80
N LYS F 431 23.77 -30.41 -13.52
CA LYS F 431 22.92 -29.26 -13.30
C LYS F 431 22.31 -29.28 -11.91
N TYR F 432 21.85 -30.43 -11.46
CA TYR F 432 21.31 -30.51 -10.10
C TYR F 432 22.42 -30.38 -9.05
N ILE F 433 23.58 -31.01 -9.29
CA ILE F 433 24.67 -30.88 -8.32
C ILE F 433 24.99 -29.40 -8.11
N ALA F 434 25.09 -28.66 -9.22
CA ALA F 434 25.43 -27.24 -9.12
C ALA F 434 24.27 -26.41 -8.57
N GLY F 435 23.05 -26.79 -8.91
CA GLY F 435 21.90 -25.94 -8.66
C GLY F 435 21.16 -26.11 -7.35
N LEU F 436 21.26 -27.28 -6.72
CA LEU F 436 20.56 -27.49 -5.46
C LEU F 436 21.29 -26.76 -4.34
N LYS F 437 20.54 -26.08 -3.49
CA LYS F 437 21.16 -25.29 -2.44
C LYS F 437 21.23 -26.08 -1.14
N VAL F 438 22.21 -26.98 -1.07
CA VAL F 438 22.28 -27.97 -0.01
C VAL F 438 23.76 -28.23 0.27
N GLY F 439 24.05 -28.96 1.34
CA GLY F 439 25.42 -29.34 1.66
C GLY F 439 25.90 -30.54 0.89
N THR F 440 24.98 -31.40 0.46
CA THR F 440 25.33 -32.65 -0.21
C THR F 440 24.32 -32.99 -1.28
N VAL F 441 24.80 -33.46 -2.43
CA VAL F 441 23.94 -33.98 -3.49
C VAL F 441 24.39 -35.38 -3.86
N ASN F 442 23.59 -36.39 -3.51
CA ASN F 442 23.88 -37.79 -3.87
C ASN F 442 23.19 -38.22 -5.16
N ILE F 443 23.96 -38.64 -6.15
CA ILE F 443 23.37 -39.19 -7.37
C ILE F 443 23.08 -40.66 -7.18
N TRP F 444 21.81 -41.03 -7.34
CA TRP F 444 21.37 -42.42 -7.18
C TRP F 444 21.61 -42.97 -5.79
N GLU F 445 21.44 -42.15 -4.78
CA GLU F 445 21.39 -42.64 -3.38
C GLU F 445 20.44 -41.74 -2.61
N VAL F 446 20.05 -42.16 -1.41
CA VAL F 446 19.18 -41.32 -0.59
C VAL F 446 20.00 -40.14 -0.06
N PRO F 447 19.32 -39.06 0.33
CA PRO F 447 20.05 -37.91 0.88
C PRO F 447 20.88 -38.28 2.10
N GLY F 448 20.46 -39.32 2.81
CA GLY F 448 21.11 -39.71 4.06
C GLY F 448 22.43 -40.44 3.84
N TYR F 449 22.76 -40.75 2.58
CA TYR F 449 23.98 -41.50 2.34
C TYR F 449 25.26 -40.67 2.53
N ARG F 450 26.21 -41.22 3.27
CA ARG F 450 27.52 -40.61 3.45
C ARG F 450 28.40 -41.63 4.16
N ILE F 451 29.70 -41.38 4.24
CA ILE F 451 30.60 -42.20 5.09
C ILE F 451 30.97 -41.37 6.31
N GLU F 452 31.45 -42.00 7.38
CA GLU F 452 31.52 -41.29 8.67
C GLU F 452 32.57 -40.19 8.63
N MET F 453 33.44 -40.25 7.64
CA MET F 453 34.52 -39.28 7.54
C MET F 453 34.43 -38.29 6.38
N SER F 454 33.32 -38.28 5.63
CA SER F 454 33.12 -37.23 4.63
C SER F 454 32.54 -35.97 5.30
N PRO F 455 32.80 -34.79 4.71
CA PRO F 455 32.27 -33.57 5.34
C PRO F 455 30.73 -33.55 5.36
N PHE F 456 30.17 -33.26 6.53
CA PHE F 456 28.73 -33.29 6.68
C PHE F 456 28.22 -32.03 7.33
N GLY F 457 27.23 -31.40 6.71
CA GLY F 457 26.64 -30.20 7.30
C GLY F 457 25.84 -29.45 6.27
N GLY F 458 24.88 -28.64 6.73
CA GLY F 458 23.99 -27.97 5.81
C GLY F 458 24.13 -26.46 5.82
N ILE F 459 23.24 -25.80 5.07
CA ILE F 459 23.22 -24.35 5.02
C ILE F 459 21.80 -23.87 5.34
N LYS F 460 21.54 -22.58 5.19
CA LYS F 460 20.22 -22.02 5.47
C LYS F 460 19.82 -22.39 6.90
N ASP F 461 18.59 -22.86 7.09
CA ASP F 461 18.18 -23.24 8.43
C ASP F 461 18.66 -24.63 8.87
N SER F 462 19.42 -25.32 8.02
CA SER F 462 19.90 -26.67 8.38
C SER F 462 21.21 -26.66 9.17
N GLY F 463 21.91 -25.54 9.18
CA GLY F 463 23.15 -25.44 9.92
C GLY F 463 23.81 -24.09 9.72
N ASN F 464 24.65 -23.69 10.68
CA ASN F 464 25.35 -22.41 10.61
C ASN F 464 26.58 -22.42 9.69
N GLY F 465 26.73 -23.50 8.91
CA GLY F 465 27.75 -23.52 7.87
C GLY F 465 29.10 -24.17 8.19
N TYR F 466 29.22 -24.83 9.34
CA TYR F 466 30.42 -25.61 9.62
C TYR F 466 30.18 -27.08 9.33
N LYS F 467 31.21 -27.76 8.86
CA LYS F 467 31.11 -29.18 8.58
C LYS F 467 31.43 -30.06 9.78
N GLU F 468 30.75 -31.19 9.84
CA GLU F 468 30.93 -32.22 10.86
C GLU F 468 31.44 -33.47 10.15
N GLY F 469 31.28 -34.63 10.78
CA GLY F 469 31.96 -35.83 10.35
C GLY F 469 33.29 -35.86 11.10
N VAL F 470 33.87 -37.04 11.23
CA VAL F 470 35.01 -37.23 12.12
C VAL F 470 36.18 -36.31 11.80
N ILE F 471 36.54 -36.24 10.52
CA ILE F 471 37.70 -35.44 10.10
C ILE F 471 37.51 -33.93 10.37
N GLU F 472 36.41 -33.38 9.89
CA GLU F 472 36.13 -31.97 10.09
C GLU F 472 35.88 -31.62 11.56
N ALA F 473 35.27 -32.54 12.31
CA ALA F 473 35.09 -32.34 13.74
C ALA F 473 36.43 -32.25 14.47
N MET F 474 37.38 -33.12 14.08
CA MET F 474 38.70 -33.08 14.70
C MET F 474 39.39 -31.72 14.46
N LYS F 475 39.22 -31.17 13.27
CA LYS F 475 39.74 -29.84 12.98
C LYS F 475 39.01 -28.80 13.84
N SER F 476 37.68 -28.88 13.89
CA SER F 476 36.89 -27.91 14.65
C SER F 476 37.28 -27.91 16.10
N PHE F 477 37.66 -29.08 16.59
CA PHE F 477 37.95 -29.22 18.02
C PHE F 477 39.38 -28.81 18.41
N THR F 478 40.10 -28.18 17.49
CA THR F 478 41.48 -27.77 17.83
C THR F 478 41.73 -26.32 17.44
N ASN F 479 42.78 -25.75 18.03
CA ASN F 479 43.31 -24.49 17.57
C ASN F 479 44.57 -24.79 16.76
N VAL F 480 44.73 -24.12 15.64
CA VAL F 480 45.98 -24.19 14.90
C VAL F 480 47.00 -23.22 15.52
N LYS F 481 48.20 -23.73 15.79
CA LYS F 481 49.30 -22.86 16.20
C LYS F 481 50.36 -22.88 15.13
N THR F 482 50.89 -21.73 14.75
CA THR F 482 51.99 -21.72 13.80
C THR F 482 53.26 -21.40 14.58
N PHE F 483 54.40 -21.85 14.08
CA PHE F 483 55.68 -21.36 14.56
C PHE F 483 56.63 -21.21 13.39
N SER F 484 57.60 -20.29 13.51
CA SER F 484 58.55 -20.10 12.43
C SER F 484 59.96 -20.22 12.97
N LEU F 485 60.84 -20.78 12.16
CA LEU F 485 62.25 -20.92 12.46
C LEU F 485 63.10 -20.23 11.39
N PRO F 486 64.23 -19.62 11.80
CA PRO F 486 65.23 -19.19 10.81
C PRO F 486 65.60 -20.37 9.93
N TRP F 487 65.68 -20.15 8.63
CA TRP F 487 66.12 -21.21 7.74
C TRP F 487 67.12 -20.68 6.69
N ARG G 14 -14.62 -6.50 2.71
CA ARG G 14 -14.31 -6.33 4.13
C ARG G 14 -13.44 -7.46 4.66
N HIS G 15 -12.23 -7.14 5.07
CA HIS G 15 -11.35 -8.11 5.69
C HIS G 15 -11.34 -7.85 7.19
N GLU G 16 -11.59 -8.89 7.96
CA GLU G 16 -11.71 -8.76 9.41
C GLU G 16 -10.72 -9.69 10.07
N PRO G 17 -9.90 -9.16 10.98
CA PRO G 17 -9.01 -10.03 11.76
C PRO G 17 -9.79 -10.73 12.89
N MET G 18 -9.17 -11.75 13.47
CA MET G 18 -9.67 -12.34 14.70
C MET G 18 -9.65 -11.30 15.81
N ARG G 19 -10.48 -11.53 16.83
CA ARG G 19 -10.43 -10.74 18.06
C ARG G 19 -9.93 -11.62 19.19
N ILE G 20 -8.64 -11.51 19.52
CA ILE G 20 -8.11 -12.28 20.62
C ILE G 20 -7.87 -11.37 21.81
N ALA G 21 -8.79 -11.44 22.76
CA ALA G 21 -8.74 -10.62 23.97
C ALA G 21 -8.59 -9.15 23.62
N GLY G 22 -9.39 -8.70 22.65
CA GLY G 22 -9.42 -7.30 22.26
C GLY G 22 -8.38 -6.90 21.22
N ARG G 23 -7.42 -7.78 20.99
CA ARG G 23 -6.38 -7.55 19.99
C ARG G 23 -6.80 -8.05 18.61
N LEU G 24 -6.67 -7.19 17.60
CA LEU G 24 -6.88 -7.61 16.22
C LEU G 24 -5.73 -8.49 15.77
N VAL G 25 -6.00 -9.75 15.49
CA VAL G 25 -4.95 -10.70 15.12
C VAL G 25 -5.22 -11.26 13.74
N ASP G 26 -4.25 -11.07 12.86
CA ASP G 26 -4.42 -11.43 11.47
C ASP G 26 -3.58 -12.64 11.08
N THR G 27 -3.81 -13.12 9.86
CA THR G 27 -3.14 -14.30 9.38
C THR G 27 -3.00 -14.16 7.85
N ASP G 28 -1.98 -14.79 7.28
CA ASP G 28 -1.71 -14.64 5.85
C ASP G 28 -2.82 -15.26 5.00
N ASP G 29 -3.03 -16.56 5.17
CA ASP G 29 -4.13 -17.25 4.49
C ASP G 29 -5.46 -16.71 4.98
N ARG G 30 -6.44 -16.69 4.09
CA ARG G 30 -7.75 -16.13 4.42
C ARG G 30 -8.84 -17.15 4.19
N VAL G 31 -9.94 -17.00 4.91
CA VAL G 31 -11.16 -17.72 4.62
C VAL G 31 -12.10 -16.74 3.95
N GLU G 32 -12.61 -17.12 2.79
CA GLU G 32 -13.51 -16.24 2.05
C GLU G 32 -14.94 -16.44 2.52
N VAL G 33 -15.63 -15.34 2.76
CA VAL G 33 -17.02 -15.41 3.16
C VAL G 33 -17.92 -14.98 1.99
N ARG G 34 -18.83 -15.86 1.59
CA ARG G 34 -19.67 -15.57 0.43
C ARG G 34 -21.13 -15.36 0.75
N TYR G 35 -21.73 -14.43 0.00
CA TYR G 35 -23.15 -14.11 0.03
C TYR G 35 -23.88 -15.13 -0.83
N PRO G 36 -24.70 -15.99 -0.21
CA PRO G 36 -25.31 -17.10 -0.95
C PRO G 36 -26.29 -16.65 -2.04
N TRP G 37 -26.71 -15.41 -1.98
CA TRP G 37 -27.62 -14.87 -2.99
C TRP G 37 -27.00 -14.87 -4.39
N ASN G 38 -25.74 -14.45 -4.49
CA ASN G 38 -25.04 -14.39 -5.77
C ASN G 38 -23.66 -15.03 -5.73
N ASP G 39 -23.37 -15.72 -4.64
CA ASP G 39 -22.10 -16.43 -4.46
C ASP G 39 -20.88 -15.52 -4.57
N THR G 40 -21.04 -14.24 -4.25
CA THR G 40 -19.91 -13.32 -4.29
C THR G 40 -19.24 -13.17 -2.93
N VAL G 41 -17.92 -13.01 -2.93
CA VAL G 41 -17.18 -12.78 -1.71
C VAL G 41 -17.59 -11.44 -1.12
N VAL G 42 -18.06 -11.43 0.12
CA VAL G 42 -18.41 -10.18 0.78
C VAL G 42 -17.44 -9.84 1.90
N GLY G 43 -16.61 -10.81 2.26
CA GLY G 43 -15.69 -10.58 3.34
C GLY G 43 -14.65 -11.69 3.47
N THR G 44 -13.68 -11.43 4.32
CA THR G 44 -12.66 -12.40 4.55
C THR G 44 -12.28 -12.37 6.04
N VAL G 45 -11.91 -13.52 6.58
CA VAL G 45 -11.41 -13.64 7.95
C VAL G 45 -10.21 -14.56 7.95
N PRO G 46 -9.39 -14.48 9.01
CA PRO G 46 -8.17 -15.29 9.04
C PRO G 46 -8.42 -16.79 9.04
N ALA G 47 -7.56 -17.52 8.34
CA ALA G 47 -7.51 -18.98 8.48
C ALA G 47 -6.69 -19.29 9.73
N GLY G 48 -7.30 -19.09 10.90
CA GLY G 48 -6.60 -19.28 12.16
C GLY G 48 -6.18 -20.72 12.38
N ARG G 49 -5.19 -20.91 13.24
CA ARG G 49 -4.66 -22.25 13.54
C ARG G 49 -4.77 -22.57 15.02
N ALA G 50 -4.48 -23.82 15.37
CA ALA G 50 -4.55 -24.30 16.74
C ALA G 50 -3.86 -23.34 17.72
N GLU G 51 -2.73 -22.79 17.29
CA GLU G 51 -1.97 -21.89 18.14
C GLU G 51 -2.75 -20.63 18.53
N HIS G 52 -3.66 -20.17 17.67
CA HIS G 52 -4.44 -18.98 17.97
C HIS G 52 -5.48 -19.25 19.03
N ALA G 53 -6.19 -20.35 18.87
CA ALA G 53 -7.12 -20.80 19.89
C ALA G 53 -6.38 -21.02 21.20
N ARG G 54 -5.22 -21.67 21.10
CA ARG G 54 -4.42 -21.99 22.26
C ARG G 54 -4.08 -20.72 23.05
N GLU G 55 -3.69 -19.67 22.34
CA GLU G 55 -3.36 -18.42 22.99
C GLU G 55 -4.61 -17.82 23.65
N ALA G 56 -5.72 -17.86 22.93
CA ALA G 56 -6.96 -17.30 23.45
C ALA G 56 -7.32 -18.00 24.76
N PHE G 57 -7.17 -19.32 24.78
CA PHE G 57 -7.53 -20.09 25.97
C PHE G 57 -6.59 -19.81 27.14
N ALA G 58 -5.32 -19.55 26.85
CA ALA G 58 -4.34 -19.25 27.89
C ALA G 58 -4.68 -17.92 28.55
N ILE G 59 -5.05 -16.96 27.71
CA ILE G 59 -5.47 -15.67 28.22
C ILE G 59 -6.74 -15.82 29.07
N ALA G 60 -7.68 -16.64 28.58
CA ALA G 60 -8.93 -16.85 29.30
C ALA G 60 -8.64 -17.49 30.65
N ALA G 61 -7.80 -18.51 30.65
CA ALA G 61 -7.50 -19.25 31.87
C ALA G 61 -6.82 -18.34 32.91
N ALA G 62 -5.90 -17.51 32.46
CA ALA G 62 -5.13 -16.68 33.37
C ALA G 62 -5.93 -15.55 34.00
N TYR G 63 -6.96 -15.08 33.29
CA TYR G 63 -7.74 -13.95 33.77
C TYR G 63 -8.88 -14.40 34.69
N GLN G 64 -9.03 -13.72 35.83
CA GLN G 64 -10.13 -13.99 36.76
C GLN G 64 -11.04 -12.77 36.88
N PRO G 65 -12.15 -12.78 36.14
CA PRO G 65 -13.10 -11.66 36.18
C PRO G 65 -13.54 -11.37 37.61
N LYS G 66 -13.66 -10.09 37.94
CA LYS G 66 -14.03 -9.63 39.28
C LYS G 66 -15.15 -8.61 39.18
N LEU G 67 -15.88 -8.62 38.07
CA LEU G 67 -16.97 -7.68 37.89
C LEU G 67 -18.01 -7.87 38.96
N THR G 68 -18.53 -6.79 39.50
CA THR G 68 -19.66 -6.89 40.41
C THR G 68 -20.88 -7.23 39.59
N ARG G 69 -21.93 -7.71 40.24
CA ARG G 69 -23.15 -8.00 39.53
C ARG G 69 -23.65 -6.73 38.80
N TYR G 70 -23.52 -5.58 39.45
CA TYR G 70 -23.94 -4.34 38.83
C TYR G 70 -23.17 -4.05 37.53
N GLU G 71 -21.84 -4.20 37.60
CA GLU G 71 -21.02 -3.95 36.43
C GLU G 71 -21.39 -4.89 35.27
N ARG G 72 -21.67 -6.15 35.59
CA ARG G 72 -22.05 -7.09 34.55
C ARG G 72 -23.36 -6.67 33.93
N GLN G 73 -24.31 -6.28 34.77
CA GLN G 73 -25.60 -5.85 34.29
C GLN G 73 -25.42 -4.66 33.34
N LYS G 74 -24.51 -3.77 33.70
CA LYS G 74 -24.25 -2.56 32.93
C LYS G 74 -23.73 -2.91 31.54
N ILE G 75 -22.68 -3.72 31.50
CA ILE G 75 -22.14 -4.18 30.23
C ILE G 75 -23.22 -4.85 29.39
N LEU G 76 -23.99 -5.74 30.00
CA LEU G 76 -24.97 -6.52 29.27
C LEU G 76 -26.09 -5.64 28.73
N LEU G 77 -26.52 -4.68 29.53
CA LEU G 77 -27.60 -3.82 29.10
C LEU G 77 -27.13 -2.82 28.03
N ALA G 78 -25.88 -2.37 28.16
CA ALA G 78 -25.30 -1.48 27.16
C ALA G 78 -25.21 -2.22 25.82
N THR G 79 -24.84 -3.50 25.88
CA THR G 79 -24.73 -4.33 24.70
C THR G 79 -26.07 -4.43 23.99
N ALA G 80 -27.13 -4.63 24.77
CA ALA G 80 -28.47 -4.65 24.23
C ALA G 80 -28.77 -3.32 23.54
N GLU G 81 -28.43 -2.22 24.20
CA GLU G 81 -28.72 -0.91 23.64
C GLU G 81 -27.98 -0.73 22.34
N ALA G 82 -26.72 -1.19 22.28
CA ALA G 82 -25.94 -1.08 21.06
C ALA G 82 -26.54 -1.95 19.95
N LEU G 83 -27.06 -3.12 20.30
CA LEU G 83 -27.71 -3.98 19.31
C LEU G 83 -28.91 -3.27 18.70
N ALA G 84 -29.70 -2.62 19.55
CA ALA G 84 -30.89 -1.93 19.08
C ALA G 84 -30.49 -0.76 18.18
N ALA G 85 -29.51 0.00 18.62
CA ALA G 85 -29.06 1.17 17.90
C ALA G 85 -28.45 0.80 16.54
N ARG G 86 -27.78 -0.34 16.48
CA ARG G 86 -27.06 -0.72 15.26
C ARG G 86 -27.74 -1.85 14.50
N LYS G 87 -29.02 -2.04 14.73
CA LYS G 87 -29.69 -3.22 14.18
C LYS G 87 -29.65 -3.32 12.65
N GLU G 88 -29.74 -2.19 11.96
CA GLU G 88 -29.75 -2.22 10.50
C GLU G 88 -28.39 -2.69 10.01
N GLU G 89 -27.34 -2.12 10.60
CA GLU G 89 -25.98 -2.48 10.28
C GLU G 89 -25.66 -3.96 10.58
N ILE G 90 -26.11 -4.44 11.74
CA ILE G 90 -25.82 -5.82 12.15
C ILE G 90 -26.60 -6.80 11.27
N SER G 91 -27.88 -6.52 11.06
CA SER G 91 -28.68 -7.41 10.22
C SER G 91 -28.16 -7.45 8.77
N ASP G 92 -27.58 -6.35 8.29
CA ASP G 92 -26.91 -6.36 6.99
C ASP G 92 -25.82 -7.40 6.98
N VAL G 93 -24.96 -7.36 8.00
CA VAL G 93 -23.83 -8.29 8.07
C VAL G 93 -24.36 -9.74 8.10
N ILE G 94 -25.43 -9.96 8.84
CA ILE G 94 -25.99 -11.30 8.95
C ILE G 94 -26.50 -11.77 7.59
N THR G 95 -27.31 -10.94 6.95
CA THR G 95 -27.89 -11.27 5.66
C THR G 95 -26.84 -11.53 4.59
N LEU G 96 -25.83 -10.65 4.53
CA LEU G 96 -24.74 -10.81 3.55
C LEU G 96 -23.93 -12.10 3.69
N GLU G 97 -23.85 -12.69 4.89
CA GLU G 97 -23.07 -13.92 5.01
C GLU G 97 -23.93 -15.17 5.05
N LEU G 98 -25.19 -15.01 5.43
CA LEU G 98 -26.08 -16.16 5.59
C LEU G 98 -27.08 -16.25 4.46
N GLY G 99 -27.62 -15.11 4.05
CA GLY G 99 -28.54 -15.11 2.95
C GLY G 99 -30.00 -15.08 3.38
N ILE G 100 -30.27 -15.12 4.69
CA ILE G 100 -31.67 -14.98 5.12
C ILE G 100 -32.12 -13.58 4.83
N SER G 101 -33.42 -13.40 4.72
CA SER G 101 -33.99 -12.09 4.44
C SER G 101 -33.70 -11.09 5.55
N LYS G 102 -33.70 -9.81 5.19
CA LYS G 102 -33.56 -8.73 6.17
C LYS G 102 -34.64 -8.86 7.24
N ALA G 103 -35.85 -9.22 6.82
CA ALA G 103 -36.91 -9.45 7.80
C ALA G 103 -36.46 -10.44 8.88
N ASP G 104 -35.92 -11.58 8.45
CA ASP G 104 -35.40 -12.60 9.37
C ASP G 104 -34.18 -12.12 10.16
N SER G 105 -33.27 -11.38 9.51
CA SER G 105 -32.05 -10.98 10.19
C SER G 105 -32.33 -9.87 11.20
N LEU G 106 -33.28 -9.00 10.88
CA LEU G 106 -33.68 -7.98 11.85
C LEU G 106 -34.35 -8.65 13.06
N TYR G 107 -35.13 -9.68 12.77
CA TYR G 107 -35.77 -10.43 13.85
C TYR G 107 -34.71 -11.05 14.75
N GLU G 108 -33.63 -11.55 14.15
CA GLU G 108 -32.55 -12.14 14.92
C GLU G 108 -31.90 -11.14 15.86
N VAL G 109 -31.72 -9.92 15.39
CA VAL G 109 -31.14 -8.88 16.24
C VAL G 109 -32.06 -8.64 17.43
N GLY G 110 -33.37 -8.68 17.19
CA GLY G 110 -34.36 -8.57 18.25
C GLY G 110 -34.21 -9.66 19.32
N ARG G 111 -34.04 -10.91 18.88
CA ARG G 111 -33.82 -12.01 19.81
CA ARG G 111 -33.82 -12.00 19.81
C ARG G 111 -32.55 -11.77 20.62
N ALA G 112 -31.45 -11.41 19.95
CA ALA G 112 -30.20 -11.15 20.64
C ALA G 112 -30.35 -10.01 21.65
N PHE G 113 -31.11 -8.99 21.27
CA PHE G 113 -31.43 -7.92 22.21
C PHE G 113 -32.10 -8.48 23.49
N ASP G 114 -33.05 -9.39 23.31
CA ASP G 114 -33.72 -10.03 24.45
C ASP G 114 -32.73 -10.84 25.29
N VAL G 115 -31.87 -11.60 24.63
CA VAL G 115 -30.88 -12.41 25.33
C VAL G 115 -30.01 -11.56 26.24
N PHE G 116 -29.47 -10.45 25.71
CA PHE G 116 -28.58 -9.62 26.50
C PHE G 116 -29.36 -8.91 27.62
N THR G 117 -30.58 -8.51 27.33
CA THR G 117 -31.40 -7.84 28.33
C THR G 117 -31.75 -8.76 29.49
N LEU G 118 -32.22 -9.95 29.16
CA LEU G 118 -32.63 -10.87 30.20
C LEU G 118 -31.40 -11.36 30.98
N ALA G 119 -30.28 -11.53 30.30
CA ALA G 119 -29.06 -11.91 30.99
C ALA G 119 -28.67 -10.82 31.97
N GLY G 120 -28.82 -9.57 31.55
CA GLY G 120 -28.53 -8.43 32.39
C GLY G 120 -29.42 -8.41 33.62
N GLN G 121 -30.70 -8.68 33.42
CA GLN G 121 -31.64 -8.69 34.53
C GLN G 121 -31.38 -9.86 35.49
N MET G 122 -30.93 -11.00 34.95
CA MET G 122 -30.64 -12.18 35.78
C MET G 122 -29.46 -12.01 36.72
N CYS G 123 -28.59 -11.04 36.41
CA CYS G 123 -27.48 -10.66 37.31
C CYS G 123 -27.86 -10.35 38.75
N ILE G 124 -29.08 -9.88 38.97
CA ILE G 124 -29.49 -9.49 40.31
C ILE G 124 -29.96 -10.71 41.12
N ARG G 125 -30.05 -11.86 40.48
CA ARG G 125 -30.52 -13.05 41.16
C ARG G 125 -29.38 -13.89 41.76
N ASP G 126 -29.55 -14.26 43.03
CA ASP G 126 -28.64 -15.19 43.69
C ASP G 126 -29.52 -16.38 44.07
N ASP G 127 -29.29 -17.53 43.44
CA ASP G 127 -30.10 -18.72 43.72
C ASP G 127 -29.55 -19.60 44.85
N GLY G 128 -28.70 -19.02 45.71
CA GLY G 128 -28.14 -19.76 46.81
C GLY G 128 -29.21 -20.35 47.72
N GLU G 129 -28.93 -21.50 48.30
CA GLU G 129 -29.86 -22.17 49.18
C GLU G 129 -29.26 -22.34 50.57
N ILE G 130 -30.12 -22.62 51.55
CA ILE G 130 -29.68 -22.80 52.92
C ILE G 130 -30.31 -24.10 53.41
N PHE G 131 -29.50 -24.94 54.04
CA PHE G 131 -29.98 -26.19 54.66
C PHE G 131 -29.74 -26.15 56.17
N SER G 132 -30.74 -26.57 56.96
CA SER G 132 -30.53 -26.81 58.38
C SER G 132 -30.03 -28.24 58.55
N CYS G 133 -29.15 -28.48 59.52
CA CYS G 133 -28.48 -29.79 59.60
C CYS G 133 -28.96 -30.72 60.72
N ASP G 134 -29.89 -30.26 61.54
CA ASP G 134 -30.34 -31.04 62.70
C ASP G 134 -31.54 -31.90 62.33
N LEU G 135 -31.36 -32.72 61.30
CA LEU G 135 -32.44 -33.34 60.52
C LEU G 135 -32.65 -34.82 60.83
N THR G 136 -31.60 -35.46 61.34
CA THR G 136 -31.61 -36.89 61.58
C THR G 136 -31.06 -37.12 62.98
N PRO G 137 -31.07 -38.37 63.47
CA PRO G 137 -30.64 -38.63 64.85
C PRO G 137 -29.24 -38.13 65.07
N HIS G 138 -28.55 -37.96 63.95
CA HIS G 138 -27.14 -37.62 64.01
C HIS G 138 -26.85 -36.34 63.22
N GLY G 139 -27.79 -35.39 63.38
CA GLY G 139 -27.62 -34.05 62.86
C GLY G 139 -26.84 -33.16 63.81
N LYS G 140 -26.45 -32.00 63.29
CA LYS G 140 -25.64 -31.05 64.04
C LYS G 140 -26.37 -29.71 64.05
N ALA G 141 -26.11 -28.89 65.06
CA ALA G 141 -26.63 -27.53 65.08
C ALA G 141 -25.75 -26.68 64.14
N ARG G 142 -26.13 -26.66 62.87
CA ARG G 142 -25.26 -26.18 61.82
C ARG G 142 -26.12 -25.83 60.59
N LYS G 143 -25.65 -24.87 59.79
CA LYS G 143 -26.28 -24.55 58.52
C LYS G 143 -25.30 -24.73 57.39
N ILE G 144 -25.81 -25.25 56.28
CA ILE G 144 -25.07 -25.29 55.04
C ILE G 144 -25.62 -24.23 54.07
N PHE G 145 -24.72 -23.51 53.41
CA PHE G 145 -25.05 -22.44 52.48
C PHE G 145 -24.42 -22.78 51.16
N THR G 146 -25.03 -22.25 50.11
CA THR G 146 -24.73 -22.64 48.75
C THR G 146 -24.40 -21.35 47.98
N MET G 147 -23.43 -21.43 47.07
CA MET G 147 -22.94 -20.26 46.36
C MET G 147 -22.34 -20.72 45.01
N ARG G 148 -22.25 -19.82 44.03
CA ARG G 148 -21.72 -20.19 42.69
C ARG G 148 -20.43 -19.48 42.31
N GLU G 149 -19.53 -20.22 41.65
CA GLU G 149 -18.28 -19.64 41.19
C GLU G 149 -18.09 -19.94 39.73
N PRO G 150 -17.34 -19.08 39.02
CA PRO G 150 -17.14 -19.28 37.57
C PRO G 150 -16.12 -20.37 37.28
N LEU G 151 -16.03 -20.76 36.01
CA LEU G 151 -15.07 -21.77 35.58
C LEU G 151 -13.76 -21.12 35.14
N THR G 152 -12.83 -21.93 34.68
CA THR G 152 -11.53 -21.42 34.26
C THR G 152 -11.61 -20.83 32.86
N ALA G 153 -12.22 -21.57 31.94
CA ALA G 153 -12.40 -21.12 30.57
C ALA G 153 -13.51 -21.91 29.90
N ILE G 154 -14.31 -21.22 29.08
CA ILE G 154 -15.39 -21.85 28.35
C ILE G 154 -15.11 -21.79 26.85
N SER G 155 -15.32 -22.92 26.17
CA SER G 155 -15.20 -22.98 24.72
C SER G 155 -16.59 -23.01 24.10
N ALA G 156 -16.85 -22.09 23.19
CA ALA G 156 -18.16 -21.96 22.54
C ALA G 156 -18.02 -22.13 21.03
N ILE G 157 -18.75 -23.08 20.48
CA ILE G 157 -18.69 -23.38 19.04
C ILE G 157 -20.09 -23.17 18.47
N THR G 158 -20.21 -22.26 17.50
CA THR G 158 -21.51 -21.72 17.13
C THR G 158 -21.88 -22.01 15.67
N PRO G 159 -23.18 -22.18 15.39
CA PRO G 159 -23.66 -22.66 14.10
C PRO G 159 -23.91 -21.51 13.11
N PHE G 160 -24.07 -21.85 11.83
CA PHE G 160 -24.30 -20.82 10.81
C PHE G 160 -25.71 -20.22 10.82
N ASN G 161 -26.69 -20.94 11.35
CA ASN G 161 -28.08 -20.51 11.20
C ASN G 161 -28.51 -19.28 12.00
N HIS G 162 -27.83 -18.96 13.09
CA HIS G 162 -28.08 -17.71 13.81
C HIS G 162 -26.75 -17.08 14.16
N PRO G 163 -26.12 -16.44 13.18
CA PRO G 163 -24.74 -15.95 13.33
C PRO G 163 -24.59 -14.96 14.48
N LEU G 164 -25.69 -14.34 14.90
CA LEU G 164 -25.65 -13.41 16.03
C LEU G 164 -26.21 -14.02 17.31
N ASN G 165 -27.46 -14.47 17.25
CA ASN G 165 -28.17 -14.91 18.47
C ASN G 165 -27.56 -16.13 19.14
N MET G 166 -27.03 -17.06 18.34
CA MET G 166 -26.41 -18.25 18.91
C MET G 166 -25.07 -17.94 19.56
N VAL G 167 -24.44 -16.85 19.13
CA VAL G 167 -23.27 -16.38 19.85
C VAL G 167 -23.72 -15.72 21.16
N ALA G 168 -24.78 -14.91 21.08
CA ALA G 168 -25.35 -14.26 22.26
C ALA G 168 -25.70 -15.26 23.35
N HIS G 169 -26.38 -16.34 22.98
CA HIS G 169 -26.84 -17.34 23.95
C HIS G 169 -25.69 -17.98 24.70
N LYS G 170 -24.50 -17.96 24.12
CA LYS G 170 -23.35 -18.58 24.75
C LYS G 170 -22.49 -17.54 25.49
N VAL G 171 -22.44 -16.32 24.97
CA VAL G 171 -21.54 -15.32 25.53
C VAL G 171 -22.21 -14.52 26.65
N ALA G 172 -23.47 -14.14 26.47
CA ALA G 172 -24.15 -13.34 27.50
C ALA G 172 -24.17 -14.05 28.87
N PRO G 173 -24.54 -15.35 28.90
CA PRO G 173 -24.53 -16.05 30.19
C PRO G 173 -23.13 -16.17 30.79
N ALA G 174 -22.11 -16.27 29.93
CA ALA G 174 -20.74 -16.32 30.42
C ALA G 174 -20.38 -15.02 31.10
N ILE G 175 -20.72 -13.91 30.46
CA ILE G 175 -20.42 -12.59 31.02
C ILE G 175 -21.16 -12.45 32.34
N ALA G 176 -22.44 -12.78 32.32
CA ALA G 176 -23.29 -12.60 33.50
C ALA G 176 -22.73 -13.39 34.69
N THR G 177 -21.82 -14.30 34.40
CA THR G 177 -21.42 -15.24 35.40
C THR G 177 -19.90 -15.13 35.66
N ASN G 178 -19.30 -14.05 35.17
CA ASN G 178 -17.86 -13.80 35.36
C ASN G 178 -16.95 -14.89 34.76
N ASN G 179 -17.36 -15.45 33.64
CA ASN G 179 -16.55 -16.41 32.93
C ASN G 179 -15.82 -15.78 31.74
N CYS G 180 -14.67 -16.33 31.39
CA CYS G 180 -14.03 -15.99 30.12
C CYS G 180 -14.43 -17.02 29.05
N VAL G 181 -14.80 -16.54 27.88
CA VAL G 181 -15.20 -17.46 26.83
C VAL G 181 -14.43 -17.24 25.53
N VAL G 182 -14.13 -18.33 24.82
CA VAL G 182 -13.55 -18.26 23.50
C VAL G 182 -14.54 -18.83 22.49
N VAL G 183 -14.90 -18.03 21.49
CA VAL G 183 -15.87 -18.41 20.48
C VAL G 183 -15.19 -18.74 19.15
N LYS G 184 -15.52 -19.90 18.59
CA LYS G 184 -15.24 -20.16 17.18
C LYS G 184 -16.51 -20.35 16.38
N PRO G 185 -16.88 -19.34 15.58
CA PRO G 185 -18.07 -19.48 14.72
C PRO G 185 -17.73 -20.35 13.51
N THR G 186 -18.75 -20.76 12.76
CA THR G 186 -18.55 -21.48 11.52
C THR G 186 -17.84 -20.56 10.50
N GLU G 187 -17.07 -21.18 9.61
CA GLU G 187 -16.36 -20.44 8.57
C GLU G 187 -17.33 -19.87 7.53
N LEU G 188 -18.56 -20.38 7.55
CA LEU G 188 -19.59 -19.88 6.66
C LEU G 188 -20.15 -18.53 7.07
N THR G 189 -20.20 -18.25 8.37
CA THR G 189 -20.81 -17.00 8.86
C THR G 189 -20.09 -16.40 10.05
N PRO G 190 -18.80 -16.11 9.90
CA PRO G 190 -17.99 -15.73 11.06
C PRO G 190 -18.00 -14.25 11.36
N MET G 191 -18.48 -13.44 10.43
CA MET G 191 -18.28 -12.00 10.56
C MET G 191 -19.17 -11.38 11.63
N THR G 192 -20.36 -11.91 11.80
CA THR G 192 -21.27 -11.38 12.80
C THR G 192 -20.67 -11.52 14.21
N ALA G 193 -20.02 -12.65 14.47
CA ALA G 193 -19.42 -12.88 15.78
C ALA G 193 -18.30 -11.87 16.05
N LEU G 194 -17.55 -11.54 15.01
CA LEU G 194 -16.45 -10.59 15.15
C LEU G 194 -16.99 -9.23 15.47
N LEU G 195 -18.10 -8.86 14.84
CA LEU G 195 -18.78 -7.60 15.11
C LEU G 195 -19.33 -7.55 16.54
N LEU G 196 -19.88 -8.67 17.02
CA LEU G 196 -20.44 -8.70 18.36
C LEU G 196 -19.33 -8.49 19.39
N ALA G 197 -18.17 -9.08 19.11
CA ALA G 197 -17.04 -8.90 20.01
C ALA G 197 -16.72 -7.42 20.13
N ASP G 198 -16.67 -6.72 19.00
CA ASP G 198 -16.35 -5.30 19.00
C ASP G 198 -17.35 -4.52 19.83
N ILE G 199 -18.62 -4.83 19.64
CA ILE G 199 -19.68 -4.19 20.37
C ILE G 199 -19.52 -4.44 21.88
N LEU G 200 -19.12 -5.67 22.25
CA LEU G 200 -18.95 -6.00 23.66
C LEU G 200 -17.79 -5.23 24.29
N TYR G 201 -16.65 -5.20 23.61
CA TYR G 201 -15.51 -4.43 24.10
C TYR G 201 -15.95 -2.97 24.32
N GLU G 202 -16.64 -2.41 23.34
CA GLU G 202 -17.10 -1.03 23.44
C GLU G 202 -18.05 -0.81 24.61
N ALA G 203 -18.81 -1.85 24.96
CA ALA G 203 -19.79 -1.71 26.02
C ALA G 203 -19.13 -1.87 27.38
N GLY G 204 -17.84 -2.11 27.40
CA GLY G 204 -17.11 -2.11 28.64
C GLY G 204 -16.57 -3.46 29.10
N LEU G 205 -16.77 -4.49 28.30
CA LEU G 205 -16.31 -5.81 28.69
C LEU G 205 -14.80 -5.86 28.77
N PRO G 206 -14.26 -6.30 29.92
CA PRO G 206 -12.82 -6.56 29.98
C PRO G 206 -12.47 -7.52 28.85
N PRO G 207 -11.50 -7.14 28.02
CA PRO G 207 -11.23 -7.83 26.76
C PRO G 207 -10.82 -9.27 26.97
N GLU G 208 -10.13 -9.57 28.06
CA GLU G 208 -9.71 -10.93 28.33
C GLU G 208 -10.88 -11.90 28.41
N MET G 209 -12.09 -11.40 28.65
CA MET G 209 -13.24 -12.26 28.86
C MET G 209 -13.83 -12.81 27.55
N LEU G 210 -13.40 -12.27 26.42
CA LEU G 210 -13.93 -12.74 25.15
C LEU G 210 -12.89 -12.77 24.06
N SER G 211 -12.76 -13.93 23.42
CA SER G 211 -12.05 -14.02 22.14
C SER G 211 -12.94 -14.65 21.09
N VAL G 212 -12.81 -14.20 19.85
CA VAL G 212 -13.46 -14.83 18.72
C VAL G 212 -12.39 -15.21 17.70
N VAL G 213 -12.18 -16.50 17.52
CA VAL G 213 -11.18 -16.98 16.57
C VAL G 213 -11.88 -17.63 15.40
N THR G 214 -11.23 -17.67 14.26
CA THR G 214 -11.81 -18.20 13.03
C THR G 214 -10.79 -19.08 12.32
N GLY G 215 -11.28 -19.95 11.45
CA GLY G 215 -10.40 -20.80 10.67
C GLY G 215 -11.12 -22.03 10.15
N TRP G 216 -10.40 -22.88 9.43
CA TRP G 216 -11.00 -24.11 8.94
C TRP G 216 -11.09 -25.11 10.08
N PRO G 217 -12.16 -25.92 10.07
CA PRO G 217 -12.35 -26.96 11.09
C PRO G 217 -11.09 -27.80 11.28
N ALA G 218 -10.38 -28.06 10.18
CA ALA G 218 -9.22 -28.94 10.19
C ALA G 218 -8.00 -28.31 10.84
N ASP G 219 -7.99 -26.99 10.93
CA ASP G 219 -6.86 -26.28 11.52
C ASP G 219 -7.07 -25.95 13.00
N ILE G 220 -8.27 -25.49 13.34
CA ILE G 220 -8.49 -24.86 14.64
C ILE G 220 -9.65 -25.47 15.42
N GLY G 221 -10.45 -26.30 14.75
CA GLY G 221 -11.62 -26.87 15.39
C GLY G 221 -11.31 -27.78 16.56
N MET G 222 -10.29 -28.61 16.42
CA MET G 222 -9.99 -29.61 17.43
C MET G 222 -9.45 -28.97 18.72
N GLU G 223 -8.70 -27.88 18.58
CA GLU G 223 -8.19 -27.16 19.74
C GLU G 223 -9.33 -26.65 20.62
N MET G 224 -10.49 -26.38 20.02
CA MET G 224 -11.66 -25.89 20.76
C MET G 224 -12.22 -26.99 21.64
N ILE G 225 -11.94 -28.23 21.27
CA ILE G 225 -12.53 -29.38 21.95
C ILE G 225 -11.58 -29.90 22.98
N THR G 226 -10.31 -29.57 22.80
CA THR G 226 -9.25 -30.37 23.36
C THR G 226 -8.33 -29.58 24.29
N ASN G 227 -8.33 -28.26 24.14
CA ASN G 227 -7.50 -27.41 25.00
C ASN G 227 -7.63 -27.75 26.48
N PRO G 228 -6.49 -27.91 27.17
CA PRO G 228 -6.50 -28.36 28.57
C PRO G 228 -7.10 -27.37 29.58
N HIS G 229 -7.15 -26.09 29.25
CA HIS G 229 -7.75 -25.08 30.13
C HIS G 229 -9.27 -25.10 30.11
N VAL G 230 -9.85 -25.75 29.11
CA VAL G 230 -11.29 -25.68 28.91
C VAL G 230 -12.04 -26.57 29.89
N ASP G 231 -12.94 -25.97 30.66
CA ASP G 231 -13.74 -26.72 31.64
C ASP G 231 -15.07 -27.19 31.03
N LEU G 232 -15.54 -26.44 30.05
CA LEU G 232 -16.85 -26.71 29.45
C LEU G 232 -16.87 -26.34 27.97
N VAL G 233 -17.39 -27.24 27.16
CA VAL G 233 -17.59 -26.96 25.74
C VAL G 233 -19.10 -26.83 25.54
N THR G 234 -19.52 -25.70 25.01
CA THR G 234 -20.91 -25.54 24.63
C THR G 234 -20.99 -25.42 23.11
N PHE G 235 -21.83 -26.27 22.51
CA PHE G 235 -21.86 -26.41 21.06
C PHE G 235 -23.28 -26.49 20.55
N THR G 236 -23.54 -25.81 19.45
CA THR G 236 -24.80 -25.97 18.74
C THR G 236 -24.43 -26.25 17.28
N GLY G 237 -25.01 -27.28 16.70
CA GLY G 237 -24.67 -27.69 15.33
C GLY G 237 -25.16 -29.07 14.93
N SER G 238 -24.47 -29.68 13.97
CA SER G 238 -24.91 -30.95 13.37
C SER G 238 -24.69 -32.17 14.28
N VAL G 239 -25.52 -33.19 14.09
CA VAL G 239 -25.37 -34.44 14.83
C VAL G 239 -23.96 -35.03 14.70
N PRO G 240 -23.45 -35.14 13.46
CA PRO G 240 -22.10 -35.67 13.25
C PRO G 240 -21.02 -34.93 14.02
N VAL G 241 -21.04 -33.60 13.96
CA VAL G 241 -20.01 -32.84 14.65
C VAL G 241 -20.17 -32.93 16.17
N GLY G 242 -21.41 -32.91 16.63
CA GLY G 242 -21.72 -33.09 18.03
C GLY G 242 -21.17 -34.41 18.58
N LYS G 243 -21.44 -35.51 17.87
CA LYS G 243 -20.96 -36.83 18.28
C LYS G 243 -19.43 -36.87 18.29
N LEU G 244 -18.83 -36.10 17.39
CA LEU G 244 -17.38 -36.00 17.33
C LEU G 244 -16.84 -35.28 18.57
N ILE G 245 -17.49 -34.19 18.94
CA ILE G 245 -17.09 -33.46 20.15
C ILE G 245 -17.24 -34.38 21.36
N ALA G 246 -18.35 -35.10 21.43
CA ALA G 246 -18.63 -35.97 22.57
C ALA G 246 -17.55 -37.01 22.71
N ALA G 247 -16.91 -37.34 21.60
CA ALA G 247 -15.93 -38.41 21.56
C ALA G 247 -14.54 -37.93 21.94
N ASN G 248 -14.32 -36.63 21.87
CA ASN G 248 -12.99 -36.06 22.08
C ASN G 248 -12.85 -35.06 23.22
N ALA G 249 -13.96 -34.54 23.71
CA ALA G 249 -13.94 -33.58 24.82
C ALA G 249 -13.90 -34.32 26.15
N HIS G 250 -12.85 -35.08 26.37
CA HIS G 250 -12.87 -36.16 27.35
C HIS G 250 -13.37 -35.83 28.76
N TYR G 251 -12.54 -35.17 29.55
CA TYR G 251 -12.92 -34.95 30.94
C TYR G 251 -13.42 -33.52 31.06
N LYS G 252 -14.43 -33.19 30.28
CA LYS G 252 -14.96 -31.82 30.21
C LYS G 252 -16.47 -31.88 30.24
N ARG G 253 -17.11 -30.86 30.81
CA ARG G 253 -18.55 -30.78 30.72
C ARG G 253 -18.87 -30.42 29.28
N GLN G 254 -19.97 -30.95 28.78
CA GLN G 254 -20.37 -30.74 27.40
C GLN G 254 -21.84 -30.36 27.38
N VAL G 255 -22.13 -29.25 26.74
CA VAL G 255 -23.51 -28.90 26.43
C VAL G 255 -23.65 -28.97 24.91
N LEU G 256 -24.33 -30.00 24.44
CA LEU G 256 -24.43 -30.24 23.00
C LEU G 256 -25.86 -30.11 22.55
N GLU G 257 -26.13 -29.15 21.68
CA GLU G 257 -27.46 -29.02 21.09
C GLU G 257 -27.30 -29.34 19.61
N LEU G 258 -27.99 -30.39 19.17
CA LEU G 258 -27.86 -30.84 17.80
C LEU G 258 -29.18 -30.55 17.08
N GLY G 259 -29.42 -31.20 15.95
CA GLY G 259 -30.61 -30.87 15.18
C GLY G 259 -31.92 -31.24 15.85
N GLY G 260 -33.01 -30.77 15.25
CA GLY G 260 -34.34 -31.25 15.59
C GLY G 260 -34.98 -31.78 14.33
N ASN G 261 -36.16 -32.35 14.46
CA ASN G 261 -36.95 -32.74 13.30
C ASN G 261 -38.37 -32.62 13.77
N ASP G 262 -38.77 -31.37 14.02
CA ASP G 262 -39.90 -31.12 14.90
C ASP G 262 -41.21 -31.07 14.15
N PRO G 263 -42.23 -31.72 14.73
CA PRO G 263 -43.56 -31.82 14.14
C PRO G 263 -44.46 -30.69 14.56
N LEU G 264 -45.36 -30.28 13.66
CA LEU G 264 -46.53 -29.53 14.05
C LEU G 264 -47.68 -30.50 13.81
N ILE G 265 -48.37 -30.85 14.87
CA ILE G 265 -49.40 -31.87 14.79
C ILE G 265 -50.78 -31.25 14.75
N ILE G 266 -51.57 -31.62 13.75
CA ILE G 266 -52.92 -31.06 13.57
C ILE G 266 -54.00 -32.12 13.87
N LEU G 267 -54.73 -31.94 14.96
CA LEU G 267 -55.68 -32.95 15.40
C LEU G 267 -57.05 -32.77 14.76
N ASN G 268 -57.81 -33.86 14.69
CA ASN G 268 -59.04 -33.84 13.92
C ASN G 268 -60.26 -33.21 14.61
N ASP G 269 -60.06 -32.57 15.76
CA ASP G 269 -61.19 -31.93 16.44
C ASP G 269 -61.38 -30.49 15.97
N LEU G 270 -60.44 -29.99 15.18
CA LEU G 270 -60.44 -28.57 14.80
C LEU G 270 -61.51 -28.18 13.78
N SER G 271 -62.10 -27.02 14.00
CA SER G 271 -63.02 -26.38 13.07
C SER G 271 -62.25 -25.85 11.89
N ASP G 272 -62.97 -25.39 10.87
CA ASP G 272 -62.34 -24.85 9.68
C ASP G 272 -61.57 -23.55 9.97
N ASP G 273 -62.14 -22.72 10.83
CA ASP G 273 -61.44 -21.50 11.28
C ASP G 273 -60.12 -21.85 11.98
N ASP G 274 -60.18 -22.86 12.85
CA ASP G 274 -58.98 -23.34 13.53
C ASP G 274 -57.96 -23.90 12.57
N LEU G 275 -58.43 -24.61 11.54
CA LEU G 275 -57.51 -25.14 10.52
C LEU G 275 -56.75 -24.03 9.84
N ALA G 276 -57.42 -22.91 9.63
CA ALA G 276 -56.77 -21.76 9.02
C ALA G 276 -55.69 -21.18 9.95
N ARG G 277 -56.00 -21.09 11.25
CA ARG G 277 -54.99 -20.62 12.22
C ARG G 277 -53.82 -21.60 12.26
N ALA G 278 -54.13 -22.89 12.27
CA ALA G 278 -53.09 -23.93 12.24
C ALA G 278 -52.22 -23.83 10.97
N ALA G 279 -52.87 -23.53 9.85
CA ALA G 279 -52.14 -23.38 8.59
C ALA G 279 -51.18 -22.19 8.67
N ASP G 280 -51.63 -21.12 9.32
CA ASP G 280 -50.73 -19.98 9.54
C ASP G 280 -49.47 -20.44 10.30
N LEU G 281 -49.67 -21.21 11.38
CA LEU G 281 -48.54 -21.70 12.17
C LEU G 281 -47.63 -22.59 11.34
N ALA G 282 -48.24 -23.46 10.53
CA ALA G 282 -47.48 -24.40 9.73
C ALA G 282 -46.56 -23.71 8.75
N VAL G 283 -47.10 -22.73 8.03
CA VAL G 283 -46.30 -22.04 7.03
C VAL G 283 -45.20 -21.19 7.67
N ALA G 284 -45.55 -20.44 8.71
CA ALA G 284 -44.54 -19.65 9.42
C ALA G 284 -43.45 -20.54 10.03
N GLY G 285 -43.86 -21.61 10.70
CA GLY G 285 -42.91 -22.52 11.35
C GLY G 285 -41.97 -23.24 10.38
N ALA G 286 -42.48 -23.62 9.21
CA ALA G 286 -41.67 -24.38 8.24
C ALA G 286 -40.68 -23.50 7.52
N THR G 287 -40.88 -22.19 7.65
CA THR G 287 -40.37 -21.26 6.67
C THR G 287 -39.51 -20.13 7.28
N LYS G 288 -39.72 -19.79 8.54
CA LYS G 288 -38.90 -18.74 9.17
C LYS G 288 -37.41 -19.06 9.17
N ASN G 289 -36.59 -18.02 8.99
CA ASN G 289 -35.16 -18.19 8.88
C ASN G 289 -34.81 -19.14 7.74
N SER G 290 -35.67 -19.18 6.73
CA SER G 290 -35.49 -20.06 5.57
C SER G 290 -35.53 -21.52 6.04
N GLY G 291 -36.32 -21.76 7.08
CA GLY G 291 -36.46 -23.11 7.62
C GLY G 291 -35.22 -23.57 8.38
N GLN G 292 -34.25 -22.68 8.53
CA GLN G 292 -33.00 -23.06 9.19
C GLN G 292 -33.05 -22.79 10.70
N ARG G 293 -33.88 -23.55 11.41
CA ARG G 293 -33.91 -23.54 12.87
C ARG G 293 -33.91 -24.98 13.36
N CYS G 294 -33.23 -25.23 14.47
CA CYS G 294 -33.25 -26.55 15.06
C CYS G 294 -34.68 -26.92 15.38
N THR G 295 -35.48 -25.91 15.75
CA THR G 295 -36.88 -26.13 16.09
C THR G 295 -37.87 -25.74 14.97
N ALA G 296 -37.37 -25.62 13.74
CA ALA G 296 -38.25 -25.39 12.58
C ALA G 296 -39.31 -26.47 12.44
N VAL G 297 -40.48 -26.12 11.93
CA VAL G 297 -41.43 -27.16 11.59
C VAL G 297 -40.85 -27.93 10.39
N LYS G 298 -40.57 -29.22 10.57
CA LYS G 298 -40.02 -30.02 9.47
C LYS G 298 -40.95 -31.16 9.06
N ARG G 299 -42.03 -31.34 9.83
CA ARG G 299 -42.99 -32.40 9.59
C ARG G 299 -44.34 -31.86 10.04
N ILE G 300 -45.27 -31.71 9.10
CA ILE G 300 -46.62 -31.35 9.50
C ILE G 300 -47.46 -32.61 9.50
N LEU G 301 -47.80 -33.07 10.70
CA LEU G 301 -48.55 -34.30 10.85
C LEU G 301 -50.02 -33.99 10.96
N CYS G 302 -50.74 -34.21 9.87
CA CYS G 302 -52.13 -33.84 9.83
C CYS G 302 -53.00 -35.08 9.86
N GLN G 303 -53.90 -35.15 10.83
CA GLN G 303 -54.78 -36.31 10.89
C GLN G 303 -55.68 -36.39 9.64
N GLU G 304 -55.80 -37.60 9.09
CA GLU G 304 -56.42 -37.81 7.79
C GLU G 304 -57.73 -37.07 7.58
N SER G 305 -58.64 -37.19 8.54
CA SER G 305 -59.99 -36.69 8.35
C SER G 305 -60.10 -35.18 8.20
N VAL G 306 -59.03 -34.43 8.49
CA VAL G 306 -59.10 -32.98 8.26
C VAL G 306 -58.11 -32.50 7.20
N ALA G 307 -57.33 -33.42 6.66
CA ALA G 307 -56.26 -33.07 5.73
C ALA G 307 -56.78 -32.40 4.46
N ASP G 308 -57.90 -32.90 3.94
CA ASP G 308 -58.48 -32.30 2.72
C ASP G 308 -58.91 -30.85 2.91
N ARG G 309 -59.31 -30.49 4.12
CA ARG G 309 -59.61 -29.09 4.41
C ARG G 309 -58.36 -28.29 4.79
N PHE G 310 -57.40 -28.95 5.45
CA PHE G 310 -56.19 -28.29 5.93
C PHE G 310 -55.21 -27.94 4.81
N VAL G 311 -54.93 -28.90 3.95
CA VAL G 311 -53.92 -28.70 2.91
C VAL G 311 -54.13 -27.47 2.01
N PRO G 312 -55.36 -27.24 1.52
CA PRO G 312 -55.56 -26.05 0.68
C PRO G 312 -55.27 -24.74 1.43
N LEU G 313 -55.57 -24.71 2.72
CA LEU G 313 -55.29 -23.51 3.52
C LEU G 313 -53.77 -23.25 3.58
N VAL G 314 -53.01 -24.32 3.73
CA VAL G 314 -51.57 -24.21 3.77
C VAL G 314 -51.04 -23.73 2.41
N LEU G 315 -51.55 -24.34 1.34
CA LEU G 315 -51.12 -23.99 -0.01
C LEU G 315 -51.33 -22.50 -0.26
N GLU G 316 -52.54 -22.03 0.05
CA GLU G 316 -52.89 -20.62 -0.15
C GLU G 316 -51.91 -19.68 0.56
N ARG G 317 -51.56 -20.01 1.80
CA ARG G 317 -50.66 -19.17 2.58
C ARG G 317 -49.25 -19.28 2.06
N ALA G 318 -48.83 -20.47 1.64
CA ALA G 318 -47.49 -20.62 1.12
C ALA G 318 -47.29 -19.71 -0.10
N LYS G 319 -48.32 -19.61 -0.93
CA LYS G 319 -48.21 -18.87 -2.20
C LYS G 319 -48.08 -17.37 -1.97
N ARG G 320 -48.50 -16.90 -0.79
CA ARG G 320 -48.41 -15.48 -0.49
C ARG G 320 -46.99 -15.04 -0.15
N LEU G 321 -46.13 -15.99 0.20
CA LEU G 321 -44.77 -15.65 0.61
C LEU G 321 -43.95 -15.08 -0.54
N ARG G 322 -43.29 -13.97 -0.26
CA ARG G 322 -42.37 -13.41 -1.23
C ARG G 322 -40.97 -13.98 -0.94
N PHE G 323 -40.42 -14.68 -1.92
CA PHE G 323 -39.07 -15.21 -1.80
C PHE G 323 -38.19 -14.61 -2.88
N GLY G 324 -36.97 -14.24 -2.50
CA GLY G 324 -36.04 -13.62 -3.43
C GLY G 324 -34.94 -12.86 -2.74
N ASP G 325 -34.58 -11.71 -3.33
CA ASP G 325 -33.45 -10.90 -2.87
C ASP G 325 -33.54 -10.65 -1.37
N PRO G 326 -32.60 -11.21 -0.59
CA PRO G 326 -32.59 -11.08 0.87
C PRO G 326 -32.54 -9.63 1.32
N MET G 327 -31.81 -8.78 0.59
CA MET G 327 -31.66 -7.39 0.97
C MET G 327 -32.88 -6.51 0.65
N ASP G 328 -33.83 -7.07 -0.08
CA ASP G 328 -35.08 -6.36 -0.34
C ASP G 328 -36.00 -6.48 0.86
N ARG G 329 -36.38 -5.35 1.43
CA ARG G 329 -37.17 -5.32 2.66
C ARG G 329 -38.56 -5.90 2.52
N SER G 330 -38.99 -6.16 1.29
CA SER G 330 -40.29 -6.76 1.10
C SER G 330 -40.20 -8.28 0.97
N THR G 331 -38.97 -8.79 0.94
CA THR G 331 -38.76 -10.23 0.87
C THR G 331 -39.10 -10.88 2.22
N ASP G 332 -39.87 -11.96 2.19
CA ASP G 332 -40.14 -12.74 3.40
C ASP G 332 -39.06 -13.78 3.55
N LEU G 333 -38.83 -14.52 2.47
CA LEU G 333 -37.95 -15.67 2.48
C LEU G 333 -36.71 -15.45 1.61
N GLY G 334 -35.54 -15.41 2.25
CA GLY G 334 -34.26 -15.34 1.55
C GLY G 334 -33.79 -16.70 1.10
N THR G 335 -32.48 -16.83 0.88
CA THR G 335 -31.89 -18.11 0.47
C THR G 335 -31.67 -19.01 1.68
N VAL G 336 -31.27 -20.27 1.42
CA VAL G 336 -30.63 -21.09 2.44
C VAL G 336 -29.10 -20.85 2.42
N ILE G 337 -28.36 -21.60 3.23
CA ILE G 337 -26.96 -21.27 3.48
C ILE G 337 -26.05 -21.35 2.22
N HIS G 338 -26.31 -22.30 1.34
CA HIS G 338 -25.60 -22.36 0.06
C HIS G 338 -26.33 -23.25 -0.95
N GLU G 339 -25.86 -23.21 -2.20
CA GLU G 339 -26.57 -23.88 -3.28
C GLU G 339 -26.60 -25.40 -3.09
N LYS G 340 -25.51 -25.94 -2.57
CA LYS G 340 -25.44 -27.36 -2.34
C LYS G 340 -26.54 -27.82 -1.39
N ALA G 341 -26.77 -27.05 -0.32
CA ALA G 341 -27.84 -27.36 0.61
C ALA G 341 -29.18 -27.28 -0.11
N ALA G 342 -29.39 -26.19 -0.86
CA ALA G 342 -30.66 -26.00 -1.55
C ALA G 342 -30.92 -27.16 -2.52
N ALA G 343 -29.90 -27.56 -3.27
CA ALA G 343 -30.07 -28.63 -4.25
C ALA G 343 -30.42 -29.93 -3.56
N LEU G 344 -29.76 -30.20 -2.42
CA LEU G 344 -30.04 -31.40 -1.66
C LEU G 344 -31.51 -31.45 -1.21
N PHE G 345 -32.02 -30.32 -0.73
CA PHE G 345 -33.40 -30.30 -0.22
C PHE G 345 -34.39 -30.53 -1.37
N GLU G 346 -34.12 -29.90 -2.52
CA GLU G 346 -35.00 -30.08 -3.69
C GLU G 346 -35.03 -31.55 -4.09
N GLU G 347 -33.85 -32.16 -4.10
CA GLU G 347 -33.69 -33.58 -4.37
C GLU G 347 -34.58 -34.45 -3.49
N ARG G 348 -34.61 -34.17 -2.19
CA ARG G 348 -35.44 -34.95 -1.27
C ARG G 348 -36.92 -34.77 -1.59
N VAL G 349 -37.30 -33.55 -1.97
CA VAL G 349 -38.67 -33.32 -2.43
C VAL G 349 -38.96 -34.17 -3.68
N MET G 350 -38.08 -34.11 -4.67
CA MET G 350 -38.25 -34.92 -5.88
C MET G 350 -38.39 -36.41 -5.55
N ARG G 351 -37.51 -36.93 -4.72
CA ARG G 351 -37.60 -38.35 -4.33
C ARG G 351 -38.88 -38.71 -3.59
N ALA G 352 -39.29 -37.84 -2.66
CA ALA G 352 -40.54 -38.06 -1.95
C ALA G 352 -41.70 -38.17 -2.96
N ALA G 353 -41.68 -37.34 -4.00
CA ALA G 353 -42.73 -37.34 -5.00
C ALA G 353 -42.75 -38.68 -5.75
N GLU G 354 -41.57 -39.17 -6.11
CA GLU G 354 -41.44 -40.49 -6.72
C GLU G 354 -41.93 -41.60 -5.81
N GLU G 355 -41.90 -41.36 -4.51
CA GLU G 355 -42.32 -42.38 -3.55
C GLU G 355 -43.79 -42.22 -3.16
N GLY G 356 -44.49 -41.30 -3.82
CA GLY G 356 -45.92 -41.16 -3.62
C GLY G 356 -46.38 -39.79 -3.16
N ALA G 357 -45.45 -38.89 -2.87
CA ALA G 357 -45.81 -37.56 -2.41
C ALA G 357 -46.36 -36.73 -3.56
N ASP G 358 -47.03 -35.65 -3.20
CA ASP G 358 -47.74 -34.80 -4.15
C ASP G 358 -47.22 -33.37 -4.04
N ILE G 359 -46.37 -32.95 -4.98
CA ILE G 359 -45.91 -31.57 -4.98
C ILE G 359 -47.01 -30.61 -5.42
N LEU G 360 -47.38 -29.67 -4.56
CA LEU G 360 -48.52 -28.79 -4.82
C LEU G 360 -48.06 -27.41 -5.22
N TYR G 361 -46.84 -27.05 -4.84
CA TYR G 361 -46.33 -25.73 -5.16
C TYR G 361 -44.82 -25.79 -5.19
N HIS G 362 -44.27 -25.49 -6.35
CA HIS G 362 -42.84 -25.47 -6.52
C HIS G 362 -42.48 -24.63 -7.74
N PRO G 363 -42.45 -23.30 -7.57
CA PRO G 363 -42.14 -22.39 -8.69
C PRO G 363 -40.70 -22.53 -9.17
N GLY G 364 -39.93 -23.42 -8.54
CA GLY G 364 -38.58 -23.68 -9.01
C GLY G 364 -37.46 -23.03 -8.21
N ARG G 365 -36.36 -23.77 -8.09
CA ARG G 365 -35.18 -23.34 -7.36
C ARG G 365 -34.23 -22.54 -8.24
N SER G 366 -33.59 -21.54 -7.65
CA SER G 366 -32.55 -20.80 -8.34
C SER G 366 -31.33 -20.61 -7.42
N GLY G 367 -30.32 -21.43 -7.63
CA GLY G 367 -29.12 -21.39 -6.82
C GLY G 367 -29.46 -21.78 -5.39
N ALA G 368 -29.11 -20.91 -4.45
CA ALA G 368 -29.38 -21.17 -3.03
C ALA G 368 -30.79 -20.73 -2.65
N LEU G 369 -31.53 -20.18 -3.61
CA LEU G 369 -32.88 -19.70 -3.34
C LEU G 369 -33.91 -20.78 -3.58
N LEU G 370 -34.48 -21.27 -2.47
CA LEU G 370 -35.55 -22.26 -2.52
C LEU G 370 -36.85 -21.54 -2.21
N PRO G 371 -37.89 -21.81 -3.00
CA PRO G 371 -39.22 -21.29 -2.67
C PRO G 371 -39.80 -22.11 -1.52
N PRO G 372 -40.90 -21.64 -0.90
CA PRO G 372 -41.53 -22.41 0.17
C PRO G 372 -42.34 -23.57 -0.39
N ILE G 373 -41.63 -24.61 -0.84
CA ILE G 373 -42.25 -25.74 -1.52
C ILE G 373 -43.28 -26.46 -0.66
N VAL G 374 -44.48 -26.66 -1.21
CA VAL G 374 -45.53 -27.39 -0.47
C VAL G 374 -45.70 -28.79 -1.04
N VAL G 375 -45.58 -29.79 -0.17
CA VAL G 375 -45.69 -31.19 -0.57
C VAL G 375 -46.67 -31.89 0.32
N ASP G 376 -47.65 -32.57 -0.27
CA ASP G 376 -48.69 -33.26 0.48
C ASP G 376 -48.45 -34.77 0.37
N ARG G 377 -49.14 -35.56 1.20
CA ARG G 377 -49.00 -37.00 1.18
C ARG G 377 -47.54 -37.47 1.25
N VAL G 378 -46.73 -36.77 2.03
CA VAL G 378 -45.35 -37.19 2.21
C VAL G 378 -45.27 -38.50 3.00
N PRO G 379 -44.57 -39.51 2.46
CA PRO G 379 -44.37 -40.75 3.21
C PRO G 379 -43.47 -40.48 4.40
N HIS G 380 -43.86 -40.93 5.59
CA HIS G 380 -43.10 -40.56 6.78
C HIS G 380 -41.68 -41.13 6.76
N GLN G 381 -41.45 -42.16 5.95
CA GLN G 381 -40.13 -42.77 5.89
C GLN G 381 -39.23 -42.17 4.82
N SER G 382 -39.74 -41.20 4.06
CA SER G 382 -38.94 -40.57 3.03
C SER G 382 -37.83 -39.72 3.65
N ASP G 383 -36.71 -39.57 2.96
CA ASP G 383 -35.60 -38.79 3.49
C ASP G 383 -36.03 -37.37 3.86
N LEU G 384 -36.97 -36.82 3.09
CA LEU G 384 -37.44 -35.47 3.29
C LEU G 384 -37.84 -35.21 4.75
N VAL G 385 -38.58 -36.15 5.34
CA VAL G 385 -39.11 -35.95 6.70
C VAL G 385 -38.51 -36.89 7.73
N LEU G 386 -37.71 -37.86 7.30
CA LEU G 386 -37.10 -38.77 8.26
C LEU G 386 -35.74 -38.21 8.70
N GLU G 387 -35.00 -37.68 7.75
CA GLU G 387 -33.82 -36.90 8.03
C GLU G 387 -34.27 -35.49 8.36
N GLU G 388 -33.37 -34.72 8.97
CA GLU G 388 -33.59 -33.29 9.18
C GLU G 388 -33.33 -32.54 7.86
N THR G 389 -34.37 -31.88 7.36
CA THR G 389 -34.25 -31.09 6.13
C THR G 389 -34.29 -29.59 6.47
N PHE G 390 -33.11 -28.98 6.42
CA PHE G 390 -32.88 -27.67 7.02
C PHE G 390 -33.16 -26.53 6.04
N GLY G 391 -34.36 -26.55 5.44
CA GLY G 391 -34.77 -25.53 4.47
C GLY G 391 -36.27 -25.29 4.53
N PRO G 392 -36.76 -24.32 3.75
CA PRO G 392 -38.16 -23.87 3.84
C PRO G 392 -39.19 -24.78 3.17
N ILE G 393 -38.98 -26.09 3.24
CA ILE G 393 -39.98 -27.01 2.72
C ILE G 393 -41.17 -27.11 3.68
N ILE G 394 -42.37 -27.18 3.14
CA ILE G 394 -43.61 -27.31 3.91
C ILE G 394 -44.21 -28.68 3.60
N PRO G 395 -43.83 -29.70 4.37
CA PRO G 395 -44.22 -31.07 4.04
C PRO G 395 -45.34 -31.61 4.94
N ILE G 396 -46.48 -31.93 4.36
CA ILE G 396 -47.58 -32.51 5.11
C ILE G 396 -47.56 -34.04 5.04
N VAL G 397 -47.48 -34.65 6.21
CA VAL G 397 -47.60 -36.09 6.35
C VAL G 397 -48.99 -36.39 6.86
N ARG G 398 -49.75 -37.18 6.12
CA ARG G 398 -51.08 -37.53 6.57
C ARG G 398 -50.94 -38.67 7.55
N VAL G 399 -51.57 -38.52 8.71
CA VAL G 399 -51.45 -39.55 9.74
C VAL G 399 -52.84 -40.02 10.17
N PRO G 400 -52.92 -41.20 10.80
CA PRO G 400 -54.21 -41.80 11.14
C PRO G 400 -55.00 -40.93 12.09
N ASP G 401 -56.32 -41.06 12.05
CA ASP G 401 -57.18 -40.43 13.04
C ASP G 401 -57.13 -41.26 14.31
N ASP G 402 -55.94 -41.35 14.89
CA ASP G 402 -55.72 -42.12 16.10
C ASP G 402 -54.48 -41.55 16.79
N ASP G 403 -54.66 -41.07 18.01
CA ASP G 403 -53.58 -40.37 18.72
C ASP G 403 -52.39 -41.28 19.04
N ASP G 404 -52.66 -42.51 19.48
CA ASP G 404 -51.57 -43.45 19.77
C ASP G 404 -50.69 -43.62 18.55
N ALA G 405 -51.30 -43.82 17.39
CA ALA G 405 -50.54 -44.03 16.17
C ALA G 405 -49.79 -42.75 15.79
N THR G 406 -50.45 -41.61 15.99
CA THR G 406 -49.83 -40.34 15.65
C THR G 406 -48.60 -40.05 16.53
N ILE G 407 -48.75 -40.31 17.82
CA ILE G 407 -47.65 -40.14 18.76
C ILE G 407 -46.49 -41.07 18.43
N THR G 408 -46.81 -42.31 18.12
CA THR G 408 -45.78 -43.27 17.74
C THR G 408 -45.03 -42.79 16.51
N LEU G 409 -45.78 -42.31 15.53
CA LEU G 409 -45.18 -41.82 14.31
C LEU G 409 -44.31 -40.60 14.63
N SER G 410 -44.83 -39.71 15.47
CA SER G 410 -44.11 -38.51 15.81
C SER G 410 -42.78 -38.85 16.49
N ASN G 411 -42.80 -39.85 17.35
CA ASN G 411 -41.62 -40.28 18.09
C ASN G 411 -40.64 -41.17 17.30
N SER G 412 -40.95 -41.43 16.03
CA SER G 412 -40.25 -42.49 15.31
C SER G 412 -38.93 -42.07 14.67
N THR G 413 -38.54 -40.81 14.80
CA THR G 413 -37.26 -40.39 14.25
C THR G 413 -36.17 -40.40 15.31
N ALA G 414 -34.96 -40.06 14.90
CA ALA G 414 -33.81 -40.08 15.82
C ALA G 414 -33.79 -38.84 16.71
N PHE G 415 -34.69 -37.89 16.44
CA PHE G 415 -34.67 -36.59 17.07
C PHE G 415 -35.74 -36.44 18.14
N GLY G 416 -35.54 -35.47 19.04
CA GLY G 416 -36.50 -35.17 20.07
C GLY G 416 -36.20 -33.81 20.67
N LEU G 417 -36.62 -32.76 20.00
CA LEU G 417 -36.30 -31.42 20.47
C LEU G 417 -37.58 -30.72 20.92
N SER G 418 -38.32 -30.16 19.98
CA SER G 418 -39.55 -29.51 20.33
C SER G 418 -40.70 -30.04 19.47
N SER G 419 -41.87 -29.44 19.62
CA SER G 419 -43.07 -29.88 18.91
C SER G 419 -44.19 -28.87 19.13
N GLY G 420 -45.18 -28.90 18.25
CA GLY G 420 -46.40 -28.13 18.43
C GLY G 420 -47.62 -29.00 18.18
N VAL G 421 -48.69 -28.77 18.91
CA VAL G 421 -49.89 -29.55 18.75
C VAL G 421 -51.08 -28.62 18.71
N CYS G 422 -51.87 -28.68 17.65
CA CYS G 422 -53.08 -27.86 17.57
C CYS G 422 -54.33 -28.70 17.84
N THR G 423 -55.04 -28.36 18.90
CA THR G 423 -56.25 -29.05 19.30
C THR G 423 -56.93 -28.23 20.37
N ASN G 424 -58.22 -28.45 20.59
CA ASN G 424 -58.93 -27.75 21.67
C ASN G 424 -59.41 -28.71 22.73
N ASP G 425 -59.09 -30.00 22.54
CA ASP G 425 -59.55 -31.05 23.43
C ASP G 425 -58.49 -31.27 24.51
N TYR G 426 -58.82 -30.93 25.77
CA TYR G 426 -57.81 -30.93 26.82
C TYR G 426 -57.23 -32.32 27.02
N ARG G 427 -58.10 -33.32 27.00
CA ARG G 427 -57.66 -34.68 27.25
C ARG G 427 -56.56 -35.07 26.27
N ARG G 428 -56.73 -34.66 25.03
CA ARG G 428 -55.77 -35.02 23.99
C ARG G 428 -54.49 -34.20 24.12
N MET G 429 -54.66 -32.91 24.44
CA MET G 429 -53.54 -32.04 24.77
C MET G 429 -52.62 -32.73 25.77
N GLN G 430 -53.19 -33.11 26.90
CA GLN G 430 -52.39 -33.68 27.98
C GLN G 430 -51.74 -34.99 27.54
N LYS G 431 -52.45 -35.75 26.72
CA LYS G 431 -51.92 -37.01 26.21
C LYS G 431 -50.67 -36.76 25.35
N TYR G 432 -50.73 -35.75 24.49
CA TYR G 432 -49.57 -35.43 23.67
C TYR G 432 -48.44 -34.83 24.51
N ILE G 433 -48.78 -33.99 25.47
CA ILE G 433 -47.74 -33.40 26.29
C ILE G 433 -46.97 -34.52 27.01
N ALA G 434 -47.70 -35.50 27.53
CA ALA G 434 -47.07 -36.61 28.24
C ALA G 434 -46.36 -37.58 27.29
N GLY G 435 -46.94 -37.81 26.12
CA GLY G 435 -46.48 -38.90 25.26
C GLY G 435 -45.38 -38.57 24.24
N LEU G 436 -45.28 -37.31 23.82
CA LEU G 436 -44.24 -36.96 22.86
C LEU G 436 -42.88 -37.00 23.54
N LYS G 437 -41.91 -37.64 22.90
CA LYS G 437 -40.57 -37.76 23.45
C LYS G 437 -39.71 -36.62 22.95
N VAL G 438 -39.89 -35.47 23.58
CA VAL G 438 -39.24 -34.24 23.16
C VAL G 438 -38.91 -33.40 24.41
N GLY G 439 -38.19 -32.30 24.22
CA GLY G 439 -37.86 -31.42 25.31
C GLY G 439 -38.96 -30.42 25.59
N THR G 440 -39.78 -30.15 24.57
CA THR G 440 -40.81 -29.11 24.64
C THR G 440 -42.03 -29.44 23.79
N VAL G 441 -43.22 -29.23 24.36
CA VAL G 441 -44.46 -29.43 23.64
C VAL G 441 -45.26 -28.13 23.73
N ASN G 442 -45.39 -27.43 22.62
CA ASN G 442 -46.19 -26.20 22.60
C ASN G 442 -47.61 -26.45 22.10
N ILE G 443 -48.60 -26.09 22.91
CA ILE G 443 -49.98 -26.22 22.47
C ILE G 443 -50.39 -24.95 21.71
N TRP G 444 -50.79 -25.11 20.45
CA TRP G 444 -51.20 -23.99 19.63
C TRP G 444 -50.09 -22.97 19.34
N GLU G 445 -48.87 -23.47 19.18
CA GLU G 445 -47.76 -22.63 18.73
C GLU G 445 -46.79 -23.50 17.96
N VAL G 446 -45.87 -22.89 17.22
CA VAL G 446 -44.90 -23.70 16.49
C VAL G 446 -43.91 -24.31 17.48
N PRO G 447 -43.25 -25.39 17.08
CA PRO G 447 -42.23 -25.97 17.97
C PRO G 447 -41.15 -24.96 18.35
N GLY G 448 -40.93 -23.98 17.48
CA GLY G 448 -39.90 -22.97 17.70
C GLY G 448 -40.19 -21.96 18.81
N TYR G 449 -41.42 -21.95 19.30
CA TYR G 449 -41.78 -20.94 20.27
C TYR G 449 -41.17 -21.18 21.66
N ARG G 450 -40.62 -20.12 22.24
CA ARG G 450 -40.10 -20.15 23.60
C ARG G 450 -39.73 -18.71 23.98
N ILE G 451 -39.44 -18.47 25.25
CA ILE G 451 -38.86 -17.18 25.65
C ILE G 451 -37.39 -17.40 25.99
N GLU G 452 -36.57 -16.35 25.97
CA GLU G 452 -35.12 -16.56 25.98
C GLU G 452 -34.62 -17.14 27.30
N MET G 453 -35.50 -17.15 28.30
CA MET G 453 -35.14 -17.65 29.60
C MET G 453 -35.87 -18.91 30.08
N SER G 454 -36.64 -19.56 29.20
CA SER G 454 -37.23 -20.84 29.56
C SER G 454 -36.21 -21.93 29.22
N PRO G 455 -36.27 -23.06 29.92
CA PRO G 455 -35.29 -24.12 29.65
C PRO G 455 -35.44 -24.66 28.23
N PHE G 456 -34.32 -24.77 27.52
CA PHE G 456 -34.35 -25.21 26.14
C PHE G 456 -33.32 -26.32 25.91
N GLY G 457 -33.75 -27.40 25.27
CA GLY G 457 -32.84 -28.45 24.91
C GLY G 457 -33.59 -29.74 24.68
N GLY G 458 -32.97 -30.65 23.94
CA GLY G 458 -33.67 -31.85 23.52
C GLY G 458 -33.09 -33.12 24.07
N ILE G 459 -33.63 -34.24 23.61
CA ILE G 459 -33.14 -35.55 23.98
C ILE G 459 -32.82 -36.36 22.72
N LYS G 460 -32.54 -37.64 22.89
CA LYS G 460 -32.19 -38.51 21.76
C LYS G 460 -31.03 -37.88 20.97
N ASP G 461 -31.14 -37.81 19.65
CA ASP G 461 -30.07 -37.21 18.86
C ASP G 461 -30.11 -35.69 18.81
N SER G 462 -31.08 -35.08 19.53
CA SER G 462 -31.19 -33.62 19.51
C SER G 462 -30.31 -32.93 20.54
N GLY G 463 -29.82 -33.68 21.52
CA GLY G 463 -28.99 -33.10 22.54
C GLY G 463 -28.61 -34.10 23.61
N ASN G 464 -27.49 -33.85 24.28
CA ASN G 464 -27.01 -34.77 25.32
C ASN G 464 -27.72 -34.64 26.66
N GLY G 465 -28.82 -33.88 26.68
CA GLY G 465 -29.67 -33.85 27.85
C GLY G 465 -29.48 -32.69 28.82
N TYR G 466 -28.66 -31.71 28.47
CA TYR G 466 -28.57 -30.50 29.30
C TYR G 466 -29.44 -29.38 28.75
N LYS G 467 -30.02 -28.58 29.63
CA LYS G 467 -30.80 -27.44 29.17
C LYS G 467 -29.96 -26.18 28.94
N GLU G 468 -30.43 -25.38 27.98
CA GLU G 468 -29.82 -24.11 27.63
C GLU G 468 -30.89 -23.06 27.88
N GLY G 469 -30.69 -21.87 27.31
CA GLY G 469 -31.49 -20.73 27.66
C GLY G 469 -30.65 -19.97 28.67
N VAL G 470 -30.92 -18.69 28.83
CA VAL G 470 -30.08 -17.84 29.67
C VAL G 470 -29.91 -18.38 31.12
N ILE G 471 -31.03 -18.70 31.76
CA ILE G 471 -31.01 -19.12 33.16
C ILE G 471 -30.24 -20.43 33.33
N GLU G 472 -30.60 -21.45 32.56
CA GLU G 472 -29.92 -22.73 32.69
C GLU G 472 -28.46 -22.65 32.25
N ALA G 473 -28.18 -21.80 31.27
CA ALA G 473 -26.79 -21.62 30.85
C ALA G 473 -25.95 -21.02 31.97
N MET G 474 -26.50 -20.04 32.68
CA MET G 474 -25.78 -19.43 33.79
C MET G 474 -25.45 -20.47 34.86
N LYS G 475 -26.38 -21.39 35.12
CA LYS G 475 -26.11 -22.49 36.05
C LYS G 475 -25.01 -23.40 35.52
N SER G 476 -25.13 -23.79 34.25
CA SER G 476 -24.14 -24.67 33.63
C SER G 476 -22.74 -24.08 33.66
N PHE G 477 -22.66 -22.75 33.60
CA PHE G 477 -21.36 -22.10 33.49
C PHE G 477 -20.71 -21.85 34.87
N THR G 478 -21.26 -22.44 35.93
CA THR G 478 -20.70 -22.24 37.25
C THR G 478 -20.48 -23.56 38.00
N ASN G 479 -19.66 -23.50 39.04
CA ASN G 479 -19.57 -24.59 39.99
C ASN G 479 -20.29 -24.14 41.25
N VAL G 480 -21.06 -25.04 41.85
CA VAL G 480 -21.66 -24.76 43.15
C VAL G 480 -20.67 -25.10 44.27
N LYS G 481 -20.41 -24.13 45.14
CA LYS G 481 -19.63 -24.38 46.35
C LYS G 481 -20.56 -24.29 47.55
N THR G 482 -20.47 -25.28 48.45
CA THR G 482 -21.19 -25.20 49.69
C THR G 482 -20.22 -24.84 50.81
N PHE G 483 -20.73 -24.17 51.84
CA PHE G 483 -19.99 -23.98 53.08
C PHE G 483 -20.92 -24.15 54.26
N SER G 484 -20.40 -24.62 55.38
CA SER G 484 -21.23 -24.80 56.56
C SER G 484 -20.67 -24.06 57.76
N LEU G 485 -21.56 -23.56 58.60
CA LEU G 485 -21.19 -22.79 59.78
C LEU G 485 -21.84 -23.37 61.01
N PRO G 486 -21.09 -23.39 62.13
CA PRO G 486 -21.73 -23.74 63.41
C PRO G 486 -22.95 -22.86 63.62
N TRP G 487 -24.06 -23.46 64.06
CA TRP G 487 -25.23 -22.64 64.30
C TRP G 487 -25.93 -23.06 65.60
N ARG H 14 10.73 0.81 18.44
CA ARG H 14 11.94 0.43 19.16
C ARG H 14 11.67 -0.76 20.05
N HIS H 15 12.31 -1.87 19.76
CA HIS H 15 12.24 -3.02 20.64
C HIS H 15 13.53 -3.12 21.43
N GLU H 16 13.40 -3.27 22.74
CA GLU H 16 14.56 -3.27 23.62
C GLU H 16 14.53 -4.53 24.45
N PRO H 17 15.65 -5.28 24.45
CA PRO H 17 15.73 -6.45 25.31
C PRO H 17 16.04 -6.04 26.74
N MET H 18 15.88 -6.96 27.68
CA MET H 18 16.37 -6.77 29.03
C MET H 18 17.90 -6.65 29.03
N ARG H 19 18.43 -6.07 30.09
CA ARG H 19 19.88 -6.04 30.31
C ARG H 19 20.19 -6.88 31.53
N ILE H 20 20.66 -8.11 31.31
CA ILE H 20 21.01 -8.97 32.42
C ILE H 20 22.53 -9.09 32.51
N ALA H 21 23.10 -8.31 33.43
CA ALA H 21 24.55 -8.27 33.62
C ALA H 21 25.27 -7.95 32.31
N GLY H 22 24.76 -6.96 31.59
CA GLY H 22 25.37 -6.52 30.36
C GLY H 22 24.93 -7.28 29.11
N ARG H 23 24.30 -8.43 29.31
CA ARG H 23 23.80 -9.24 28.21
C ARG H 23 22.40 -8.77 27.77
N LEU H 24 22.21 -8.56 26.47
CA LEU H 24 20.86 -8.32 25.95
C LEU H 24 20.08 -9.63 25.93
N VAL H 25 19.04 -9.71 26.75
CA VAL H 25 18.24 -10.92 26.86
C VAL H 25 16.80 -10.67 26.43
N ASP H 26 16.36 -11.46 25.45
CA ASP H 26 15.06 -11.23 24.82
C ASP H 26 14.06 -12.29 25.18
N THR H 27 12.82 -12.06 24.78
CA THR H 27 11.75 -12.97 25.11
C THR H 27 10.71 -12.90 23.99
N ASP H 28 9.98 -13.99 23.77
CA ASP H 28 9.01 -14.04 22.66
C ASP H 28 7.86 -13.05 22.86
N ASP H 29 7.13 -13.21 23.96
CA ASP H 29 6.07 -12.28 24.29
C ASP H 29 6.64 -10.91 24.60
N ARG H 30 5.90 -9.87 24.26
CA ARG H 30 6.37 -8.51 24.46
C ARG H 30 5.42 -7.72 25.34
N VAL H 31 5.96 -6.68 25.98
CA VAL H 31 5.13 -5.69 26.66
C VAL H 31 5.21 -4.46 25.79
N GLU H 32 4.04 -3.94 25.41
CA GLU H 32 3.99 -2.75 24.58
C GLU H 32 4.05 -1.51 25.44
N VAL H 33 4.87 -0.56 25.01
CA VAL H 33 4.99 0.70 25.72
C VAL H 33 4.36 1.81 24.91
N ARG H 34 3.38 2.50 25.51
CA ARG H 34 2.61 3.49 24.77
C ARG H 34 2.89 4.92 25.23
N TYR H 35 2.83 5.83 24.27
CA TYR H 35 2.93 7.26 24.48
C TYR H 35 1.54 7.81 24.82
N PRO H 36 1.36 8.27 26.06
CA PRO H 36 0.00 8.62 26.52
C PRO H 36 -0.60 9.81 25.76
N TRP H 37 0.22 10.54 25.03
CA TRP H 37 -0.29 11.68 24.27
C TRP H 37 -1.28 11.24 23.17
N ASN H 38 -0.98 10.12 22.50
CA ASN H 38 -1.82 9.65 21.40
C ASN H 38 -2.05 8.14 21.48
N ASP H 39 -1.67 7.55 22.60
CA ASP H 39 -1.89 6.13 22.85
C ASP H 39 -1.26 5.23 21.78
N THR H 40 -0.20 5.70 21.13
CA THR H 40 0.48 4.87 20.15
C THR H 40 1.67 4.12 20.75
N VAL H 41 1.94 2.92 20.24
CA VAL H 41 3.06 2.12 20.70
C VAL H 41 4.34 2.82 20.26
N VAL H 42 5.24 3.10 21.20
CA VAL H 42 6.51 3.72 20.84
C VAL H 42 7.66 2.77 21.07
N GLY H 43 7.38 1.68 21.77
CA GLY H 43 8.43 0.72 22.05
C GLY H 43 7.91 -0.56 22.61
N THR H 44 8.81 -1.51 22.74
CA THR H 44 8.45 -2.80 23.27
C THR H 44 9.61 -3.35 24.11
N VAL H 45 9.28 -4.11 25.15
CA VAL H 45 10.30 -4.73 26.00
C VAL H 45 9.82 -6.13 26.30
N PRO H 46 10.73 -7.00 26.74
CA PRO H 46 10.36 -8.40 26.99
C PRO H 46 9.35 -8.56 28.11
N ALA H 47 8.46 -9.53 27.95
CA ALA H 47 7.59 -9.96 29.04
C ALA H 47 8.38 -10.98 29.88
N GLY H 48 9.32 -10.47 30.68
CA GLY H 48 10.21 -11.32 31.43
C GLY H 48 9.48 -12.15 32.47
N ARG H 49 10.12 -13.26 32.87
CA ARG H 49 9.52 -14.16 33.87
C ARG H 49 10.40 -14.32 35.11
N ALA H 50 9.85 -14.95 36.14
CA ALA H 50 10.57 -15.16 37.39
C ALA H 50 11.98 -15.67 37.16
N GLU H 51 12.15 -16.52 36.15
CA GLU H 51 13.44 -17.13 35.88
C GLU H 51 14.47 -16.08 35.48
N HIS H 52 14.03 -15.00 34.83
CA HIS H 52 14.97 -13.97 34.39
C HIS H 52 15.50 -13.15 35.57
N ALA H 53 14.60 -12.79 36.48
CA ALA H 53 14.97 -12.11 37.70
C ALA H 53 15.89 -13.04 38.48
N ARG H 54 15.49 -14.30 38.56
CA ARG H 54 16.23 -15.31 39.33
C ARG H 54 17.69 -15.40 38.86
N GLU H 55 17.88 -15.38 37.55
CA GLU H 55 19.22 -15.43 37.00
C GLU H 55 19.97 -14.16 37.36
N ALA H 56 19.31 -13.02 37.20
CA ALA H 56 19.94 -11.74 37.51
C ALA H 56 20.42 -11.73 38.97
N PHE H 57 19.61 -12.28 39.86
CA PHE H 57 19.94 -12.24 41.27
C PHE H 57 21.09 -13.20 41.58
N ALA H 58 21.15 -14.31 40.85
CA ALA H 58 22.24 -15.27 41.04
C ALA H 58 23.56 -14.63 40.62
N ILE H 59 23.56 -13.97 39.49
CA ILE H 59 24.75 -13.26 39.05
C ILE H 59 25.16 -12.17 40.04
N ALA H 60 24.18 -11.45 40.57
CA ALA H 60 24.45 -10.39 41.54
C ALA H 60 25.06 -10.97 42.81
N ALA H 61 24.47 -12.05 43.31
CA ALA H 61 24.94 -12.70 44.52
C ALA H 61 26.37 -13.19 44.38
N ALA H 62 26.67 -13.79 43.23
CA ALA H 62 27.97 -14.44 43.03
C ALA H 62 29.10 -13.42 42.87
N TYR H 63 28.78 -12.25 42.35
CA TYR H 63 29.79 -11.24 42.08
C TYR H 63 30.07 -10.35 43.30
N GLN H 64 31.35 -10.15 43.61
CA GLN H 64 31.79 -9.32 44.72
C GLN H 64 32.57 -8.12 44.21
N PRO H 65 31.89 -6.99 44.02
CA PRO H 65 32.57 -5.78 43.54
C PRO H 65 33.80 -5.46 44.38
N LYS H 66 34.87 -4.99 43.74
CA LYS H 66 36.13 -4.68 44.40
C LYS H 66 36.62 -3.33 43.93
N LEU H 67 35.72 -2.52 43.40
CA LEU H 67 36.09 -1.21 42.92
C LEU H 67 36.66 -0.36 44.05
N THR H 68 37.73 0.37 43.78
CA THR H 68 38.22 1.34 44.74
C THR H 68 37.27 2.50 44.80
N ARG H 69 37.36 3.28 45.86
CA ARG H 69 36.51 4.45 45.94
C ARG H 69 36.73 5.36 44.73
N TYR H 70 37.99 5.49 44.31
CA TYR H 70 38.30 6.31 43.14
C TYR H 70 37.60 5.78 41.88
N GLU H 71 37.70 4.48 41.64
CA GLU H 71 37.06 3.87 40.49
C GLU H 71 35.55 4.13 40.49
N ARG H 72 34.91 3.97 41.64
CA ARG H 72 33.48 4.20 41.72
C ARG H 72 33.16 5.65 41.42
N GLN H 73 33.99 6.57 41.93
CA GLN H 73 33.76 7.98 41.68
C GLN H 73 33.84 8.26 40.19
N LYS H 74 34.76 7.55 39.53
CA LYS H 74 35.02 7.75 38.11
C LYS H 74 33.79 7.31 37.32
N ILE H 75 33.35 6.08 37.54
CA ILE H 75 32.13 5.59 36.90
C ILE H 75 30.96 6.55 37.13
N LEU H 76 30.76 6.96 38.38
CA LEU H 76 29.61 7.80 38.72
C LEU H 76 29.67 9.16 38.09
N LEU H 77 30.87 9.73 38.01
CA LEU H 77 31.02 11.05 37.42
C LEU H 77 30.94 11.01 35.89
N ALA H 78 31.37 9.89 35.31
CA ALA H 78 31.29 9.69 33.88
C ALA H 78 29.81 9.54 33.47
N THR H 79 29.08 8.80 34.30
CA THR H 79 27.64 8.61 34.09
C THR H 79 26.94 9.96 34.10
N ALA H 80 27.28 10.80 35.07
CA ALA H 80 26.74 12.13 35.11
C ALA H 80 27.04 12.88 33.81
N GLU H 81 28.28 12.78 33.35
CA GLU H 81 28.68 13.49 32.14
C GLU H 81 27.89 12.99 30.93
N ALA H 82 27.72 11.68 30.84
CA ALA H 82 26.94 11.10 29.75
C ALA H 82 25.47 11.56 29.82
N LEU H 83 24.92 11.73 31.03
CA LEU H 83 23.54 12.21 31.17
C LEU H 83 23.42 13.61 30.65
N ALA H 84 24.41 14.44 30.97
CA ALA H 84 24.40 15.81 30.48
C ALA H 84 24.54 15.87 28.96
N ALA H 85 25.44 15.06 28.43
CA ALA H 85 25.73 15.06 26.99
C ALA H 85 24.54 14.52 26.20
N ARG H 86 23.83 13.55 26.76
CA ARG H 86 22.74 12.91 26.06
C ARG H 86 21.36 13.33 26.55
N LYS H 87 21.26 14.51 27.16
CA LYS H 87 20.02 14.87 27.84
C LYS H 87 18.80 14.95 26.91
N GLU H 88 18.99 15.49 25.70
CA GLU H 88 17.89 15.60 24.75
C GLU H 88 17.35 14.22 24.37
N GLU H 89 18.26 13.32 24.07
CA GLU H 89 17.92 11.95 23.74
C GLU H 89 17.23 11.22 24.90
N ILE H 90 17.74 11.39 26.11
CA ILE H 90 17.18 10.69 27.26
C ILE H 90 15.81 11.25 27.61
N SER H 91 15.67 12.57 27.57
CA SER H 91 14.40 13.18 27.90
C SER H 91 13.34 12.84 26.85
N ASP H 92 13.76 12.65 25.60
CA ASP H 92 12.85 12.16 24.56
C ASP H 92 12.27 10.83 24.98
N VAL H 93 13.14 9.91 25.37
CA VAL H 93 12.69 8.59 25.78
C VAL H 93 11.69 8.70 26.96
N ILE H 94 12.00 9.56 27.92
CA ILE H 94 11.14 9.73 29.08
C ILE H 94 9.75 10.24 28.65
N THR H 95 9.76 11.34 27.92
CA THR H 95 8.52 11.93 27.47
C THR H 95 7.67 10.95 26.65
N LEU H 96 8.30 10.17 25.79
CA LEU H 96 7.56 9.27 24.90
C LEU H 96 6.91 8.11 25.63
N GLU H 97 7.43 7.73 26.79
CA GLU H 97 6.79 6.64 27.52
C GLU H 97 5.90 7.13 28.66
N LEU H 98 6.16 8.34 29.16
CA LEU H 98 5.47 8.84 30.35
C LEU H 98 4.45 9.92 29.97
N GLY H 99 4.85 10.79 29.05
CA GLY H 99 3.93 11.79 28.56
C GLY H 99 4.12 13.14 29.20
N ILE H 100 5.01 13.25 30.20
CA ILE H 100 5.32 14.57 30.77
C ILE H 100 5.99 15.43 29.70
N SER H 101 5.84 16.74 29.84
CA SER H 101 6.46 17.68 28.91
C SER H 101 7.99 17.53 28.86
N LYS H 102 8.57 17.92 27.73
CA LYS H 102 10.03 17.94 27.60
C LYS H 102 10.64 18.83 28.67
N ALA H 103 9.98 19.94 28.99
CA ALA H 103 10.48 20.80 30.05
C ALA H 103 10.65 19.96 31.33
N ASP H 104 9.62 19.19 31.67
CA ASP H 104 9.69 18.34 32.86
C ASP H 104 10.72 17.21 32.72
N SER H 105 10.80 16.60 31.53
CA SER H 105 11.69 15.45 31.39
C SER H 105 13.16 15.90 31.34
N LEU H 106 13.40 17.10 30.80
CA LEU H 106 14.76 17.65 30.80
C LEU H 106 15.14 17.94 32.23
N TYR H 107 14.22 18.53 32.98
CA TYR H 107 14.43 18.76 34.40
C TYR H 107 14.79 17.46 35.13
N GLU H 108 14.11 16.36 34.79
CA GLU H 108 14.41 15.08 35.42
C GLU H 108 15.84 14.62 35.13
N VAL H 109 16.31 14.86 33.91
CA VAL H 109 17.69 14.49 33.57
C VAL H 109 18.65 15.29 34.46
N GLY H 110 18.31 16.55 34.70
CA GLY H 110 19.08 17.42 35.58
C GLY H 110 19.18 16.82 36.97
N ARG H 111 18.04 16.35 37.51
CA ARG H 111 18.04 15.72 38.83
C ARG H 111 18.94 14.52 38.85
N ALA H 112 18.80 13.66 37.86
CA ALA H 112 19.59 12.46 37.81
C ALA H 112 21.09 12.81 37.74
N PHE H 113 21.41 13.90 37.05
CA PHE H 113 22.78 14.35 36.91
C PHE H 113 23.32 14.70 38.30
N ASP H 114 22.53 15.43 39.07
CA ASP H 114 22.84 15.72 40.48
C ASP H 114 23.04 14.48 41.33
N VAL H 115 22.13 13.51 41.21
CA VAL H 115 22.21 12.26 41.94
C VAL H 115 23.54 11.56 41.70
N PHE H 116 23.92 11.41 40.43
CA PHE H 116 25.15 10.70 40.10
C PHE H 116 26.37 11.50 40.52
N THR H 117 26.29 12.81 40.40
CA THR H 117 27.39 13.66 40.81
C THR H 117 27.62 13.62 42.32
N LEU H 118 26.53 13.74 43.08
CA LEU H 118 26.67 13.79 44.52
C LEU H 118 27.06 12.40 45.06
N ALA H 119 26.56 11.35 44.41
CA ALA H 119 26.98 10.01 44.78
C ALA H 119 28.47 9.82 44.54
N GLY H 120 28.97 10.38 43.44
CA GLY H 120 30.37 10.28 43.09
C GLY H 120 31.22 10.99 44.12
N GLN H 121 30.78 12.19 44.53
CA GLN H 121 31.51 12.94 45.53
C GLN H 121 31.47 12.26 46.90
N MET H 122 30.37 11.58 47.22
CA MET H 122 30.22 10.88 48.50
C MET H 122 31.12 9.68 48.69
N CYS H 123 31.62 9.13 47.57
CA CYS H 123 32.65 8.10 47.57
C CYS H 123 33.90 8.39 48.40
N ILE H 124 34.27 9.65 48.53
CA ILE H 124 35.49 9.99 49.25
C ILE H 124 35.26 9.99 50.77
N ARG H 125 34.00 9.85 51.18
CA ARG H 125 33.71 9.93 52.60
C ARG H 125 33.67 8.55 53.28
N ASP H 126 34.40 8.45 54.39
CA ASP H 126 34.38 7.27 55.22
C ASP H 126 33.79 7.76 56.52
N ASP H 127 32.61 7.25 56.89
CA ASP H 127 31.95 7.70 58.12
C ASP H 127 32.24 6.81 59.33
N GLY H 128 33.31 6.03 59.26
CA GLY H 128 33.70 5.19 60.37
C GLY H 128 33.92 5.96 61.66
N GLU H 129 33.61 5.31 62.78
CA GLU H 129 33.79 5.92 64.09
C GLU H 129 34.79 5.16 64.93
N ILE H 130 35.26 5.81 65.99
CA ILE H 130 36.18 5.18 66.91
C ILE H 130 35.62 5.33 68.32
N PHE H 131 35.63 4.24 69.08
CA PHE H 131 35.24 4.29 70.48
C PHE H 131 36.40 3.89 71.37
N SER H 132 36.59 4.63 72.45
CA SER H 132 37.54 4.24 73.50
C SER H 132 36.78 3.36 74.51
N CYS H 133 37.46 2.38 75.09
CA CYS H 133 36.74 1.35 75.85
C CYS H 133 36.93 1.42 77.37
N ASP H 134 37.73 2.36 77.84
CA ASP H 134 38.06 2.44 79.28
C ASP H 134 37.07 3.39 79.97
N LEU H 135 35.79 3.09 79.80
CA LEU H 135 34.69 4.02 80.06
C LEU H 135 33.95 3.79 81.36
N THR H 136 33.98 2.56 81.84
CA THR H 136 33.23 2.17 83.02
C THR H 136 34.19 1.40 83.93
N PRO H 137 33.72 1.01 85.14
CA PRO H 137 34.65 0.41 86.12
C PRO H 137 35.28 -0.82 85.53
N HIS H 138 34.63 -1.30 84.48
CA HIS H 138 35.04 -2.56 83.89
C HIS H 138 35.32 -2.39 82.39
N GLY H 139 35.97 -1.27 82.08
CA GLY H 139 36.47 -0.99 80.74
C GLY H 139 37.83 -1.61 80.53
N LYS H 140 38.27 -1.60 79.28
CA LYS H 140 39.52 -2.21 78.87
C LYS H 140 40.32 -1.17 78.11
N ALA H 141 41.64 -1.34 78.08
CA ALA H 141 42.52 -0.48 77.29
C ALA H 141 42.45 -0.96 75.85
N ARG H 142 41.49 -0.41 75.12
CA ARG H 142 41.08 -0.99 73.85
C ARG H 142 40.31 0.04 73.02
N LYS H 143 40.38 -0.08 71.71
CA LYS H 143 39.61 0.79 70.83
C LYS H 143 38.71 -0.06 69.93
N ILE H 144 37.48 0.40 69.77
CA ILE H 144 36.60 -0.16 68.77
C ILE H 144 36.54 0.75 67.54
N PHE H 145 36.58 0.14 66.36
CA PHE H 145 36.54 0.87 65.10
C PHE H 145 35.40 0.33 64.25
N THR H 146 34.89 1.20 63.40
CA THR H 146 33.67 0.95 62.68
C THR H 146 33.93 1.08 61.18
N MET H 147 33.26 0.26 60.38
CA MET H 147 33.56 0.14 58.96
C MET H 147 32.32 -0.38 58.23
N ARG H 148 32.17 -0.08 56.94
CA ARG H 148 31.02 -0.56 56.19
C ARG H 148 31.35 -1.54 55.07
N GLU H 149 30.46 -2.50 54.86
CA GLU H 149 30.62 -3.53 53.87
C GLU H 149 29.31 -3.65 53.08
N PRO H 150 29.40 -4.04 51.80
CA PRO H 150 28.21 -4.14 50.96
C PRO H 150 27.39 -5.38 51.25
N LEU H 151 26.20 -5.44 50.66
CA LEU H 151 25.31 -6.58 50.82
C LEU H 151 25.54 -7.59 49.70
N THR H 152 24.77 -8.68 49.74
CA THR H 152 24.89 -9.71 48.73
C THR H 152 24.22 -9.28 47.42
N ALA H 153 22.98 -8.80 47.52
CA ALA H 153 22.23 -8.38 46.35
C ALA H 153 21.09 -7.45 46.75
N ILE H 154 20.86 -6.42 45.95
CA ILE H 154 19.80 -5.45 46.21
C ILE H 154 18.74 -5.52 45.11
N SER H 155 17.48 -5.56 45.53
CA SER H 155 16.34 -5.55 44.62
C SER H 155 15.72 -4.15 44.60
N ALA H 156 15.65 -3.55 43.41
CA ALA H 156 15.11 -2.21 43.26
C ALA H 156 13.87 -2.20 42.37
N ILE H 157 12.75 -1.72 42.91
CA ILE H 157 11.49 -1.66 42.17
C ILE H 157 11.05 -0.21 42.02
N THR H 158 11.02 0.26 40.77
CA THR H 158 10.92 1.68 40.51
C THR H 158 9.59 2.11 39.86
N PRO H 159 9.12 3.32 40.19
CA PRO H 159 7.80 3.82 39.80
C PRO H 159 7.81 4.49 38.43
N PHE H 160 6.62 4.75 37.88
CA PHE H 160 6.50 5.34 36.53
C PHE H 160 6.77 6.84 36.50
N ASN H 161 6.56 7.51 37.63
CA ASN H 161 6.59 8.97 37.62
C ASN H 161 7.94 9.65 37.40
N HIS H 162 9.04 8.97 37.70
CA HIS H 162 10.38 9.46 37.34
C HIS H 162 11.18 8.30 36.77
N PRO H 163 10.93 7.97 35.50
CA PRO H 163 11.50 6.79 34.86
C PRO H 163 13.03 6.77 34.88
N LEU H 164 13.64 7.94 35.03
CA LEU H 164 15.10 8.04 35.10
C LEU H 164 15.59 8.28 36.54
N ASN H 165 15.13 9.37 37.15
CA ASN H 165 15.67 9.75 38.46
C ASN H 165 15.45 8.74 39.58
N MET H 166 14.31 8.06 39.56
CA MET H 166 14.03 7.09 40.61
C MET H 166 14.87 5.84 40.45
N VAL H 167 15.32 5.59 39.23
CA VAL H 167 16.25 4.50 39.02
C VAL H 167 17.62 4.97 39.51
N ALA H 168 18.01 6.18 39.14
CA ALA H 168 19.25 6.77 39.63
C ALA H 168 19.38 6.71 41.17
N HIS H 169 18.32 7.08 41.89
CA HIS H 169 18.35 7.16 43.36
C HIS H 169 18.59 5.80 43.99
N LYS H 170 18.27 4.75 43.26
CA LYS H 170 18.46 3.42 43.80
C LYS H 170 19.77 2.81 43.32
N VAL H 171 20.19 3.18 42.11
CA VAL H 171 21.35 2.56 41.50
C VAL H 171 22.67 3.26 41.85
N ALA H 172 22.67 4.58 41.80
CA ALA H 172 23.88 5.33 42.12
C ALA H 172 24.44 4.98 43.53
N PRO H 173 23.58 4.97 44.56
CA PRO H 173 24.09 4.64 45.91
C PRO H 173 24.59 3.21 45.99
N ALA H 174 24.00 2.32 45.20
CA ALA H 174 24.45 0.94 45.19
C ALA H 174 25.85 0.84 44.60
N ILE H 175 26.06 1.49 43.47
CA ILE H 175 27.38 1.55 42.86
C ILE H 175 28.39 2.14 43.83
N ALA H 176 28.04 3.28 44.42
CA ALA H 176 28.96 4.02 45.26
C ALA H 176 29.38 3.14 46.42
N THR H 177 28.68 2.04 46.61
CA THR H 177 28.84 1.29 47.83
C THR H 177 29.24 -0.15 47.53
N ASN H 178 29.64 -0.39 46.28
CA ASN H 178 30.08 -1.72 45.83
C ASN H 178 29.03 -2.81 45.95
N ASN H 179 27.78 -2.44 45.72
CA ASN H 179 26.69 -3.41 45.72
C ASN H 179 26.28 -3.81 44.30
N CYS H 180 25.79 -5.03 44.14
CA CYS H 180 25.12 -5.39 42.89
C CYS H 180 23.61 -5.15 43.01
N VAL H 181 23.02 -4.52 42.00
CA VAL H 181 21.59 -4.26 42.07
C VAL H 181 20.83 -4.79 40.85
N VAL H 182 19.64 -5.33 41.08
CA VAL H 182 18.73 -5.71 40.01
C VAL H 182 17.50 -4.80 40.05
N VAL H 183 17.27 -4.10 38.95
CA VAL H 183 16.14 -3.17 38.83
C VAL H 183 14.99 -3.76 38.01
N LYS H 184 13.76 -3.69 38.53
CA LYS H 184 12.56 -3.90 37.70
C LYS H 184 11.70 -2.64 37.65
N PRO H 185 11.71 -1.91 36.53
CA PRO H 185 10.87 -0.72 36.41
C PRO H 185 9.42 -1.13 36.11
N THR H 186 8.52 -0.16 36.16
CA THR H 186 7.13 -0.43 35.86
C THR H 186 7.04 -0.74 34.35
N GLU H 187 6.07 -1.58 33.99
CA GLU H 187 5.85 -1.93 32.60
C GLU H 187 5.34 -0.71 31.81
N LEU H 188 4.91 0.32 32.51
CA LEU H 188 4.45 1.53 31.85
C LEU H 188 5.59 2.39 31.32
N THR H 189 6.74 2.37 31.99
CA THR H 189 7.85 3.26 31.59
C THR H 189 9.23 2.59 31.77
N PRO H 190 9.44 1.45 31.10
CA PRO H 190 10.63 0.64 31.38
C PRO H 190 11.82 1.00 30.51
N MET H 191 11.62 1.80 29.48
CA MET H 191 12.68 1.99 28.50
C MET H 191 13.78 2.89 29.02
N THR H 192 13.41 3.88 29.82
CA THR H 192 14.43 4.78 30.36
C THR H 192 15.44 4.01 31.21
N ALA H 193 14.99 3.02 31.96
CA ALA H 193 15.87 2.25 32.83
C ALA H 193 16.85 1.42 32.02
N LEU H 194 16.37 0.90 30.89
CA LEU H 194 17.22 0.12 29.97
C LEU H 194 18.30 0.98 29.37
N LEU H 195 17.94 2.21 29.01
CA LEU H 195 18.91 3.15 28.50
C LEU H 195 19.97 3.52 29.56
N LEU H 196 19.52 3.75 30.79
CA LEU H 196 20.46 4.10 31.84
C LEU H 196 21.46 2.95 32.05
N ALA H 197 20.98 1.73 31.98
CA ALA H 197 21.86 0.58 32.13
C ALA H 197 22.97 0.66 31.08
N ASP H 198 22.60 0.92 29.82
CA ASP H 198 23.56 1.02 28.73
C ASP H 198 24.57 2.11 29.02
N ILE H 199 24.07 3.26 29.45
CA ILE H 199 24.95 4.38 29.79
C ILE H 199 25.95 3.97 30.89
N LEU H 200 25.47 3.19 31.86
CA LEU H 200 26.32 2.80 32.98
C LEU H 200 27.40 1.82 32.55
N TYR H 201 27.01 0.79 31.80
CA TYR H 201 28.01 -0.13 31.24
C TYR H 201 29.09 0.67 30.50
N GLU H 202 28.66 1.62 29.68
CA GLU H 202 29.60 2.39 28.86
C GLU H 202 30.52 3.22 29.72
N ALA H 203 30.01 3.65 30.87
CA ALA H 203 30.80 4.50 31.75
C ALA H 203 31.81 3.67 32.57
N GLY H 204 31.78 2.35 32.40
CA GLY H 204 32.78 1.50 32.99
C GLY H 204 32.31 0.60 34.10
N LEU H 205 31.01 0.61 34.37
CA LEU H 205 30.48 -0.24 35.41
C LEU H 205 30.66 -1.70 35.08
N PRO H 206 31.28 -2.47 35.99
CA PRO H 206 31.29 -3.92 35.79
C PRO H 206 29.86 -4.39 35.64
N PRO H 207 29.57 -5.12 34.56
CA PRO H 207 28.20 -5.43 34.16
C PRO H 207 27.47 -6.25 35.20
N GLU H 208 28.17 -7.09 35.95
CA GLU H 208 27.52 -7.92 36.96
C GLU H 208 26.82 -7.09 38.06
N MET H 209 27.19 -5.82 38.16
CA MET H 209 26.68 -4.97 39.24
C MET H 209 25.31 -4.35 38.91
N LEU H 210 24.85 -4.53 37.68
CA LEU H 210 23.54 -4.00 37.29
C LEU H 210 22.80 -4.89 36.30
N SER H 211 21.57 -5.24 36.67
CA SER H 211 20.63 -5.81 35.71
C SER H 211 19.33 -5.01 35.75
N VAL H 212 18.73 -4.83 34.57
CA VAL H 212 17.37 -4.28 34.45
C VAL H 212 16.49 -5.32 33.77
N VAL H 213 15.54 -5.87 34.53
CA VAL H 213 14.61 -6.83 33.96
C VAL H 213 13.22 -6.21 33.85
N THR H 214 12.42 -6.71 32.91
CA THR H 214 11.09 -6.17 32.66
C THR H 214 10.07 -7.30 32.56
N GLY H 215 8.80 -6.96 32.71
CA GLY H 215 7.73 -7.93 32.56
C GLY H 215 6.47 -7.50 33.29
N TRP H 216 5.46 -8.35 33.26
CA TRP H 216 4.22 -8.07 33.95
C TRP H 216 4.41 -8.38 35.42
N PRO H 217 3.74 -7.60 36.28
CA PRO H 217 3.82 -7.82 37.73
C PRO H 217 3.53 -9.28 38.09
N ALA H 218 2.61 -9.88 37.34
CA ALA H 218 2.15 -11.23 37.67
C ALA H 218 3.20 -12.29 37.33
N ASP H 219 4.13 -11.94 36.45
CA ASP H 219 5.15 -12.90 36.01
C ASP H 219 6.45 -12.78 36.81
N ILE H 220 6.89 -11.55 37.03
CA ILE H 220 8.25 -11.32 37.49
C ILE H 220 8.32 -10.47 38.77
N GLY H 221 7.19 -9.88 39.15
CA GLY H 221 7.15 -8.97 40.28
C GLY H 221 7.50 -9.65 41.58
N MET H 222 6.97 -10.85 41.78
CA MET H 222 7.09 -11.50 43.07
C MET H 222 8.51 -11.98 43.31
N GLU H 223 9.18 -12.37 42.26
CA GLU H 223 10.57 -12.83 42.36
C GLU H 223 11.46 -11.70 42.91
N MET H 224 11.07 -10.45 42.66
CA MET H 224 11.82 -9.28 43.11
C MET H 224 11.70 -9.11 44.61
N ILE H 225 10.65 -9.69 45.18
CA ILE H 225 10.36 -9.51 46.60
C ILE H 225 10.91 -10.69 47.37
N THR H 226 11.09 -11.79 46.65
CA THR H 226 11.09 -13.08 47.28
C THR H 226 12.40 -13.86 47.07
N ASN H 227 13.15 -13.49 46.03
CA ASN H 227 14.42 -14.15 45.77
C ASN H 227 15.31 -14.27 47.02
N PRO H 228 15.82 -15.48 47.30
CA PRO H 228 16.56 -15.77 48.52
C PRO H 228 17.92 -15.04 48.62
N HIS H 229 18.50 -14.61 47.51
CA HIS H 229 19.76 -13.85 47.54
C HIS H 229 19.59 -12.39 47.97
N VAL H 230 18.37 -11.88 47.90
CA VAL H 230 18.12 -10.47 48.16
C VAL H 230 18.19 -10.10 49.64
N ASP H 231 19.09 -9.18 49.97
CA ASP H 231 19.25 -8.74 51.35
C ASP H 231 18.36 -7.55 51.65
N LEU H 232 18.10 -6.75 50.62
CA LEU H 232 17.33 -5.53 50.79
C LEU H 232 16.45 -5.26 49.56
N VAL H 233 15.19 -4.92 49.81
CA VAL H 233 14.30 -4.47 48.76
C VAL H 233 14.04 -2.99 48.94
N THR H 234 14.33 -2.22 47.90
CA THR H 234 14.04 -0.80 47.94
C THR H 234 12.99 -0.51 46.87
N PHE H 235 11.90 0.12 47.29
CA PHE H 235 10.72 0.28 46.46
C PHE H 235 10.16 1.68 46.60
N THR H 236 9.77 2.26 45.48
CA THR H 236 8.98 3.48 45.47
C THR H 236 7.72 3.20 44.65
N GLY H 237 6.54 3.54 45.19
CA GLY H 237 5.31 3.26 44.47
C GLY H 237 4.07 3.39 45.34
N SER H 238 3.01 2.69 44.95
CA SER H 238 1.69 2.87 45.56
C SER H 238 1.58 2.20 46.92
N VAL H 239 0.70 2.73 47.77
CA VAL H 239 0.48 2.15 49.09
C VAL H 239 0.11 0.67 49.02
N PRO H 240 -0.87 0.30 48.16
CA PRO H 240 -1.22 -1.10 48.03
C PRO H 240 -0.03 -2.02 47.71
N VAL H 241 0.77 -1.66 46.73
CA VAL H 241 1.90 -2.52 46.35
C VAL H 241 2.96 -2.56 47.46
N GLY H 242 3.19 -1.40 48.08
CA GLY H 242 4.10 -1.33 49.21
C GLY H 242 3.69 -2.25 50.35
N LYS H 243 2.41 -2.24 50.70
CA LYS H 243 1.90 -3.08 51.78
C LYS H 243 2.02 -4.55 51.39
N LEU H 244 1.92 -4.82 50.10
CA LEU H 244 2.10 -6.16 49.57
C LEU H 244 3.54 -6.63 49.74
N ILE H 245 4.49 -5.78 49.39
CA ILE H 245 5.90 -6.09 49.56
C ILE H 245 6.21 -6.32 51.05
N ALA H 246 5.66 -5.46 51.91
CA ALA H 246 5.91 -5.54 53.34
C ALA H 246 5.42 -6.87 53.89
N ALA H 247 4.43 -7.43 53.22
CA ALA H 247 3.81 -8.68 53.66
C ALA H 247 4.54 -9.91 53.16
N ASN H 248 5.36 -9.76 52.12
CA ASN H 248 6.02 -10.90 51.50
C ASN H 248 7.55 -10.90 51.53
N ALA H 249 8.16 -9.74 51.82
CA ALA H 249 9.63 -9.66 51.83
C ALA H 249 10.17 -10.03 53.20
N HIS H 250 9.92 -11.27 53.59
CA HIS H 250 9.92 -11.64 55.01
C HIS H 250 11.13 -11.24 55.84
N TYR H 251 12.24 -11.94 55.67
CA TYR H 251 13.40 -11.66 56.51
C TYR H 251 14.38 -10.81 55.71
N LYS H 252 13.91 -9.66 55.25
CA LYS H 252 14.70 -8.80 54.36
C LYS H 252 14.54 -7.37 54.84
N ARG H 253 15.57 -6.55 54.65
CA ARG H 253 15.43 -5.14 54.94
C ARG H 253 14.54 -4.56 53.84
N GLN H 254 13.73 -3.59 54.23
CA GLN H 254 12.79 -2.99 53.31
C GLN H 254 12.88 -1.49 53.42
N VAL H 255 13.08 -0.82 52.28
CA VAL H 255 12.97 0.62 52.23
C VAL H 255 11.78 0.92 51.32
N LEU H 256 10.68 1.32 51.92
CA LEU H 256 9.44 1.53 51.17
C LEU H 256 9.05 2.99 51.20
N GLU H 257 8.98 3.59 50.02
CA GLU H 257 8.48 4.96 49.91
C GLU H 257 7.18 4.90 49.16
N LEU H 258 6.11 5.31 49.82
CA LEU H 258 4.81 5.23 49.21
C LEU H 258 4.31 6.64 48.92
N GLY H 259 3.03 6.81 48.69
CA GLY H 259 2.56 8.13 48.28
C GLY H 259 2.75 9.22 49.32
N GLY H 260 2.48 10.45 48.91
CA GLY H 260 2.28 11.54 49.83
C GLY H 260 0.90 12.11 49.54
N ASN H 261 0.50 13.08 50.35
CA ASN H 261 -0.70 13.88 50.11
C ASN H 261 -0.36 15.22 50.73
N ASP H 262 0.61 15.90 50.13
CA ASP H 262 1.31 16.97 50.80
C ASP H 262 0.64 18.35 50.64
N PRO H 263 0.51 19.05 51.76
CA PRO H 263 -0.12 20.37 51.81
C PRO H 263 0.87 21.49 51.52
N LEU H 264 0.40 22.54 50.86
CA LEU H 264 1.05 23.82 50.94
C LEU H 264 0.10 24.69 51.78
N ILE H 265 0.60 25.18 52.90
CA ILE H 265 -0.23 25.87 53.88
C ILE H 265 0.04 27.36 53.82
N ILE H 266 -1.03 28.14 53.67
CA ILE H 266 -0.95 29.60 53.51
C ILE H 266 -1.54 30.29 54.74
N LEU H 267 -0.68 30.93 55.52
CA LEU H 267 -1.07 31.51 56.79
C LEU H 267 -1.59 32.93 56.63
N ASN H 268 -2.41 33.36 57.57
CA ASN H 268 -3.13 34.63 57.40
C ASN H 268 -2.33 35.89 57.74
N ASP H 269 -1.04 35.76 58.02
CA ASP H 269 -0.21 36.93 58.27
C ASP H 269 0.33 37.56 56.98
N LEU H 270 0.16 36.87 55.86
CA LEU H 270 0.83 37.29 54.62
C LEU H 270 0.25 38.55 53.97
N SER H 271 1.14 39.37 53.43
CA SER H 271 0.76 40.56 52.67
C SER H 271 0.29 40.10 51.32
N ASP H 272 -0.23 41.04 50.53
CA ASP H 272 -0.70 40.71 49.20
C ASP H 272 0.43 40.30 48.27
N ASP H 273 1.58 40.96 48.40
CA ASP H 273 2.76 40.57 47.64
C ASP H 273 3.16 39.14 47.99
N ASP H 274 3.16 38.82 49.28
CA ASP H 274 3.50 37.48 49.71
C ASP H 274 2.50 36.45 49.20
N LEU H 275 1.21 36.81 49.17
CA LEU H 275 0.20 35.91 48.64
C LEU H 275 0.51 35.57 47.18
N ALA H 276 1.00 36.56 46.45
CA ALA H 276 1.37 36.33 45.07
C ALA H 276 2.53 35.35 44.96
N ARG H 277 3.52 35.50 45.85
CA ARG H 277 4.64 34.56 45.87
C ARG H 277 4.15 33.15 46.23
N ALA H 278 3.28 33.09 47.24
CA ALA H 278 2.72 31.80 47.64
C ALA H 278 1.93 31.17 46.50
N ALA H 279 1.22 31.99 45.74
CA ALA H 279 0.43 31.48 44.64
C ALA H 279 1.34 30.87 43.59
N ASP H 280 2.48 31.51 43.35
CA ASP H 280 3.48 30.94 42.47
C ASP H 280 3.89 29.54 42.92
N LEU H 281 4.14 29.39 44.22
CA LEU H 281 4.55 28.09 44.77
C LEU H 281 3.44 27.07 44.59
N ALA H 282 2.20 27.49 44.87
CA ALA H 282 1.06 26.60 44.81
C ALA H 282 0.90 26.03 43.41
N VAL H 283 0.96 26.89 42.41
CA VAL H 283 0.73 26.45 41.06
C VAL H 283 1.86 25.55 40.56
N ALA H 284 3.09 25.97 40.79
CA ALA H 284 4.24 25.13 40.41
C ALA H 284 4.22 23.78 41.15
N GLY H 285 3.97 23.81 42.46
CA GLY H 285 3.97 22.59 43.23
C GLY H 285 2.84 21.61 42.87
N ALA H 286 1.67 22.14 42.53
CA ALA H 286 0.53 21.27 42.22
C ALA H 286 0.66 20.65 40.85
N THR H 287 1.57 21.21 40.05
CA THR H 287 1.50 21.04 38.62
C THR H 287 2.76 20.41 38.00
N LYS H 288 3.93 20.63 38.61
CA LYS H 288 5.17 20.06 38.06
C LYS H 288 5.11 18.55 37.89
N ASN H 289 5.77 18.05 36.83
CA ASN H 289 5.72 16.66 36.45
C ASN H 289 4.27 16.18 36.31
N SER H 290 3.39 17.08 35.88
CA SER H 290 1.96 16.78 35.69
C SER H 290 1.35 16.36 37.03
N GLY H 291 1.88 16.92 38.12
CA GLY H 291 1.41 16.64 39.45
C GLY H 291 1.80 15.26 39.93
N GLN H 292 2.65 14.59 39.15
CA GLN H 292 3.01 13.22 39.47
C GLN H 292 4.30 13.12 40.29
N ARG H 293 4.24 13.65 41.50
CA ARG H 293 5.33 13.51 42.47
C ARG H 293 4.72 13.06 43.79
N CYS H 294 5.42 12.19 44.49
CA CYS H 294 5.03 11.82 45.85
C CYS H 294 4.89 13.06 46.73
N THR H 295 5.73 14.05 46.48
CA THR H 295 5.70 15.29 47.24
C THR H 295 5.07 16.44 46.49
N ALA H 296 4.25 16.14 45.48
CA ALA H 296 3.49 17.20 44.81
C ALA H 296 2.57 17.91 45.80
N VAL H 297 2.32 19.19 45.57
CA VAL H 297 1.25 19.86 46.30
C VAL H 297 -0.08 19.23 45.88
N LYS H 298 -0.80 18.65 46.82
CA LYS H 298 -2.08 18.01 46.54
C LYS H 298 -3.22 18.62 47.33
N ARG H 299 -2.87 19.51 48.26
CA ARG H 299 -3.85 20.18 49.12
C ARG H 299 -3.28 21.54 49.38
N ILE H 300 -3.97 22.59 48.92
CA ILE H 300 -3.57 23.92 49.30
C ILE H 300 -4.46 24.40 50.43
N LEU H 301 -3.91 24.42 51.64
CA LEU H 301 -4.69 24.80 52.82
C LEU H 301 -4.53 26.30 53.06
N CYS H 302 -5.55 27.06 52.68
CA CYS H 302 -5.49 28.50 52.78
C CYS H 302 -6.38 29.00 53.91
N GLN H 303 -5.81 29.75 54.85
CA GLN H 303 -6.60 30.21 55.98
C GLN H 303 -7.66 31.20 55.46
N GLU H 304 -8.87 31.08 55.99
CA GLU H 304 -10.05 31.76 55.44
C GLU H 304 -9.84 33.25 55.16
N SER H 305 -9.27 33.97 56.11
CA SER H 305 -9.21 35.42 56.01
C SER H 305 -8.33 35.95 54.89
N VAL H 306 -7.54 35.10 54.25
CA VAL H 306 -6.76 35.57 53.11
C VAL H 306 -7.16 34.85 51.81
N ALA H 307 -8.13 33.95 51.90
CA ALA H 307 -8.49 33.13 50.75
C ALA H 307 -9.03 33.97 49.58
N ASP H 308 -9.85 34.95 49.89
CA ASP H 308 -10.44 35.80 48.84
C ASP H 308 -9.38 36.58 48.07
N ARG H 309 -8.27 36.92 48.72
CA ARG H 309 -7.17 37.54 48.00
C ARG H 309 -6.28 36.50 47.33
N PHE H 310 -6.10 35.36 47.98
CA PHE H 310 -5.19 34.33 47.46
C PHE H 310 -5.70 33.62 46.21
N VAL H 311 -6.97 33.21 46.22
CA VAL H 311 -7.49 32.38 45.15
C VAL H 311 -7.36 33.03 43.75
N PRO H 312 -7.70 34.32 43.61
CA PRO H 312 -7.58 34.94 42.28
C PRO H 312 -6.13 34.93 41.78
N LEU H 313 -5.17 35.09 42.68
CA LEU H 313 -3.76 35.06 42.29
C LEU H 313 -3.41 33.69 41.74
N VAL H 314 -3.95 32.65 42.37
CA VAL H 314 -3.70 31.28 41.91
C VAL H 314 -4.35 31.07 40.53
N LEU H 315 -5.60 31.50 40.40
CA LEU H 315 -6.33 31.34 39.15
C LEU H 315 -5.55 31.97 37.98
N GLU H 316 -5.13 33.21 38.19
CA GLU H 316 -4.38 33.94 37.16
C GLU H 316 -3.13 33.18 36.70
N ARG H 317 -2.40 32.60 37.65
CA ARG H 317 -1.17 31.88 37.30
C ARG H 317 -1.50 30.57 36.64
N ALA H 318 -2.52 29.89 37.13
CA ALA H 318 -2.89 28.63 36.51
C ALA H 318 -3.21 28.83 35.02
N LYS H 319 -3.90 29.93 34.70
CA LYS H 319 -4.32 30.17 33.30
C LYS H 319 -3.14 30.42 32.36
N ARG H 320 -2.02 30.82 32.91
CA ARG H 320 -0.83 31.07 32.08
C ARG H 320 -0.15 29.79 31.63
N LEU H 321 -0.41 28.68 32.31
CA LEU H 321 0.25 27.43 31.95
C LEU H 321 -0.16 26.92 30.56
N ARG H 322 0.83 26.53 29.77
CA ARG H 322 0.57 25.94 28.48
C ARG H 322 0.55 24.43 28.65
N PHE H 323 -0.59 23.82 28.37
CA PHE H 323 -0.73 22.37 28.45
C PHE H 323 -1.07 21.81 27.08
N GLY H 324 -0.44 20.70 26.72
CA GLY H 324 -0.64 20.13 25.40
C GLY H 324 0.50 19.21 25.01
N ASP H 325 0.86 19.26 23.73
CA ASP H 325 1.84 18.33 23.15
C ASP H 325 3.12 18.32 24.00
N PRO H 326 3.42 17.18 24.63
CA PRO H 326 4.60 17.04 25.51
C PRO H 326 5.90 17.28 24.74
N MET H 327 5.95 16.95 23.46
CA MET H 327 7.18 17.12 22.69
C MET H 327 7.40 18.55 22.22
N ASP H 328 6.39 19.40 22.38
CA ASP H 328 6.54 20.81 22.08
C ASP H 328 7.30 21.49 23.21
N ARG H 329 8.45 22.08 22.89
CA ARG H 329 9.28 22.73 23.89
C ARG H 329 8.65 23.91 24.59
N SER H 330 7.53 24.40 24.09
CA SER H 330 6.88 25.53 24.74
C SER H 330 5.80 25.05 25.69
N THR H 331 5.56 23.73 25.68
CA THR H 331 4.59 23.13 26.60
C THR H 331 5.13 23.15 28.04
N ASP H 332 4.31 23.58 28.99
CA ASP H 332 4.67 23.49 30.41
C ASP H 332 4.21 22.15 30.96
N LEU H 333 2.95 21.85 30.67
CA LEU H 333 2.28 20.69 31.26
C LEU H 333 1.90 19.68 30.18
N GLY H 334 2.47 18.49 30.28
CA GLY H 334 2.17 17.39 29.39
C GLY H 334 0.98 16.58 29.92
N THR H 335 0.89 15.32 29.55
CA THR H 335 -0.23 14.48 30.01
C THR H 335 0.10 13.86 31.38
N VAL H 336 -0.86 13.14 31.94
CA VAL H 336 -0.58 12.21 33.03
C VAL H 336 -0.31 10.83 32.43
N ILE H 337 -0.10 9.84 33.27
CA ILE H 337 0.43 8.55 32.83
C ILE H 337 -0.46 7.80 31.82
N HIS H 338 -1.78 7.91 31.96
CA HIS H 338 -2.70 7.35 30.98
C HIS H 338 -4.11 7.92 31.16
N GLU H 339 -4.98 7.61 30.19
CA GLU H 339 -6.30 8.24 30.15
C GLU H 339 -7.16 7.82 31.33
N LYS H 340 -7.04 6.56 31.72
CA LYS H 340 -7.76 6.09 32.88
C LYS H 340 -7.46 6.94 34.12
N ALA H 341 -6.17 7.25 34.34
CA ALA H 341 -5.79 8.09 35.47
C ALA H 341 -6.41 9.47 35.33
N ALA H 342 -6.30 10.04 34.13
CA ALA H 342 -6.78 11.38 33.90
C ALA H 342 -8.30 11.45 34.14
N ALA H 343 -9.02 10.43 33.67
CA ALA H 343 -10.48 10.40 33.83
C ALA H 343 -10.86 10.30 35.30
N LEU H 344 -10.14 9.45 36.03
CA LEU H 344 -10.34 9.34 37.47
C LEU H 344 -10.19 10.68 38.20
N PHE H 345 -9.13 11.41 37.88
CA PHE H 345 -8.88 12.68 38.54
C PHE H 345 -9.98 13.69 38.23
N GLU H 346 -10.41 13.74 36.97
CA GLU H 346 -11.49 14.67 36.58
C GLU H 346 -12.77 14.34 37.36
N GLU H 347 -13.05 13.06 37.44
CA GLU H 347 -14.17 12.55 38.22
C GLU H 347 -14.15 13.05 39.66
N ARG H 348 -13.00 13.01 40.30
CA ARG H 348 -12.89 13.49 41.67
C ARG H 348 -13.16 14.99 41.75
N VAL H 349 -12.72 15.73 40.75
CA VAL H 349 -13.02 17.15 40.69
C VAL H 349 -14.55 17.35 40.58
N MET H 350 -15.17 16.63 39.66
CA MET H 350 -16.61 16.74 39.49
C MET H 350 -17.34 16.43 40.79
N ARG H 351 -16.97 15.33 41.45
CA ARG H 351 -17.61 14.99 42.71
C ARG H 351 -17.41 16.01 43.82
N ALA H 352 -16.19 16.51 43.95
CA ALA H 352 -15.93 17.60 44.87
C ALA H 352 -16.86 18.78 44.63
N ALA H 353 -17.10 19.11 43.35
CA ALA H 353 -17.97 20.23 43.00
C ALA H 353 -19.40 19.97 43.48
N GLU H 354 -19.87 18.74 43.28
CA GLU H 354 -21.20 18.34 43.75
C GLU H 354 -21.27 18.39 45.26
N GLU H 355 -20.13 18.34 45.93
CA GLU H 355 -20.12 18.33 47.37
C GLU H 355 -19.84 19.73 47.93
N GLY H 356 -19.85 20.72 47.05
CA GLY H 356 -19.72 22.11 47.49
C GLY H 356 -18.53 22.87 46.97
N ALA H 357 -17.64 22.18 46.25
CA ALA H 357 -16.48 22.85 45.69
C ALA H 357 -16.83 23.74 44.49
N ASP H 358 -15.91 24.63 44.15
CA ASP H 358 -16.14 25.63 43.13
C ASP H 358 -15.08 25.52 42.06
N ILE H 359 -15.42 24.93 40.91
CA ILE H 359 -14.48 24.84 39.81
C ILE H 359 -14.31 26.20 39.16
N LEU H 360 -13.07 26.70 39.15
CA LEU H 360 -12.79 28.07 38.70
C LEU H 360 -12.16 28.08 37.32
N TYR H 361 -11.53 26.97 36.96
CA TYR H 361 -10.84 26.87 35.69
C TYR H 361 -10.79 25.41 35.31
N HIS H 362 -11.36 25.08 34.15
CA HIS H 362 -11.36 23.72 33.64
C HIS H 362 -11.68 23.73 32.15
N PRO H 363 -10.68 24.04 31.33
CA PRO H 363 -10.88 24.14 29.88
C PRO H 363 -11.19 22.79 29.24
N GLY H 364 -11.22 21.74 30.04
CA GLY H 364 -11.63 20.44 29.53
C GLY H 364 -10.50 19.46 29.31
N ARG H 365 -10.80 18.21 29.61
CA ARG H 365 -9.86 17.11 29.48
C ARG H 365 -9.87 16.52 28.06
N SER H 366 -8.71 16.08 27.60
CA SER H 366 -8.65 15.39 26.32
C SER H 366 -7.72 14.18 26.45
N GLY H 367 -8.33 13.01 26.61
CA GLY H 367 -7.58 11.78 26.77
C GLY H 367 -6.80 11.79 28.07
N ALA H 368 -5.49 11.57 27.98
CA ALA H 368 -4.62 11.63 29.16
C ALA H 368 -4.19 13.06 29.50
N LEU H 369 -4.60 14.02 28.67
CA LEU H 369 -4.22 15.41 28.90
C LEU H 369 -5.20 16.15 29.80
N LEU H 370 -4.74 16.45 31.01
CA LEU H 370 -5.53 17.18 31.98
C LEU H 370 -4.98 18.60 32.06
N PRO H 371 -5.85 19.60 31.98
CA PRO H 371 -5.38 20.97 32.21
C PRO H 371 -5.12 21.20 33.70
N PRO H 372 -4.46 22.30 34.05
CA PRO H 372 -4.23 22.57 35.48
C PRO H 372 -5.48 23.08 36.18
N ILE H 373 -6.42 22.17 36.40
CA ILE H 373 -7.74 22.53 36.93
C ILE H 373 -7.65 23.23 38.29
N VAL H 374 -8.31 24.37 38.42
CA VAL H 374 -8.34 25.10 39.68
C VAL H 374 -9.70 24.95 40.35
N VAL H 375 -9.70 24.45 41.58
CA VAL H 375 -10.94 24.25 42.35
C VAL H 375 -10.78 24.89 43.73
N ASP H 376 -11.76 25.70 44.12
CA ASP H 376 -11.77 26.41 45.40
C ASP H 376 -12.81 25.78 46.31
N ARG H 377 -12.77 26.13 47.59
CA ARG H 377 -13.73 25.60 48.55
C ARG H 377 -13.85 24.08 48.52
N VAL H 378 -12.73 23.40 48.27
CA VAL H 378 -12.73 21.94 48.29
C VAL H 378 -12.96 21.42 49.72
N PRO H 379 -13.97 20.54 49.89
CA PRO H 379 -14.21 19.93 51.20
C PRO H 379 -13.05 19.01 51.54
N HIS H 380 -12.52 19.11 52.75
CA HIS H 380 -11.30 18.35 53.04
C HIS H 380 -11.54 16.84 53.06
N GLN H 381 -12.78 16.44 53.23
CA GLN H 381 -13.10 15.02 53.22
C GLN H 381 -13.41 14.47 51.82
N SER H 382 -13.42 15.31 50.80
CA SER H 382 -13.69 14.82 49.45
C SER H 382 -12.56 13.91 48.95
N ASP H 383 -12.89 12.96 48.09
CA ASP H 383 -11.88 12.06 47.56
C ASP H 383 -10.72 12.83 46.93
N LEU H 384 -11.03 13.96 46.29
CA LEU H 384 -10.03 14.77 45.60
C LEU H 384 -8.79 15.03 46.46
N VAL H 385 -9.01 15.40 47.73
CA VAL H 385 -7.93 15.81 48.62
C VAL H 385 -7.69 14.87 49.79
N LEU H 386 -8.57 13.89 49.97
CA LEU H 386 -8.42 12.96 51.08
C LEU H 386 -7.59 11.76 50.61
N GLU H 387 -7.92 11.27 49.43
CA GLU H 387 -7.07 10.35 48.69
C GLU H 387 -5.94 11.13 48.04
N GLU H 388 -4.88 10.42 47.66
CA GLU H 388 -3.82 10.99 46.85
C GLU H 388 -4.31 11.09 45.41
N THR H 389 -4.30 12.31 44.85
CA THR H 389 -4.69 12.54 43.48
C THR H 389 -3.47 12.97 42.67
N PHE H 390 -3.00 12.05 41.86
CA PHE H 390 -1.67 12.11 41.27
C PHE H 390 -1.70 12.80 39.90
N GLY H 391 -2.27 14.01 39.87
CA GLY H 391 -2.38 14.78 38.64
C GLY H 391 -2.29 16.27 38.92
N PRO H 392 -2.34 17.09 37.86
CA PRO H 392 -2.09 18.52 38.00
C PRO H 392 -3.31 19.32 38.48
N ILE H 393 -4.05 18.78 39.43
CA ILE H 393 -5.15 19.54 40.01
C ILE H 393 -4.59 20.55 41.01
N ILE H 394 -5.18 21.73 41.05
CA ILE H 394 -4.80 22.78 41.98
C ILE H 394 -6.00 23.02 42.91
N PRO H 395 -6.03 22.30 44.04
CA PRO H 395 -7.23 22.33 44.89
C PRO H 395 -7.04 23.15 46.16
N ILE H 396 -7.85 24.20 46.32
CA ILE H 396 -7.75 25.04 47.51
C ILE H 396 -8.78 24.62 48.54
N VAL H 397 -8.29 24.26 49.72
CA VAL H 397 -9.12 23.96 50.85
C VAL H 397 -9.05 25.15 51.77
N ARG H 398 -10.19 25.74 52.07
CA ARG H 398 -10.22 26.86 52.98
C ARG H 398 -10.23 26.32 54.39
N VAL H 399 -9.35 26.83 55.23
CA VAL H 399 -9.24 26.32 56.58
C VAL H 399 -9.37 27.47 57.55
N PRO H 400 -9.72 27.16 58.81
CA PRO H 400 -9.94 28.19 59.84
C PRO H 400 -8.70 29.04 60.08
N ASP H 401 -8.94 30.30 60.45
CA ASP H 401 -7.90 31.17 60.93
C ASP H 401 -7.50 30.75 62.34
N ASP H 402 -7.00 29.52 62.46
CA ASP H 402 -6.58 28.96 63.72
C ASP H 402 -5.57 27.85 63.44
N ASP H 403 -4.37 28.02 63.96
CA ASP H 403 -3.27 27.11 63.63
C ASP H 403 -3.48 25.69 64.14
N ASP H 404 -3.97 25.56 65.37
CA ASP H 404 -4.26 24.24 65.91
C ASP H 404 -5.22 23.47 65.02
N ALA H 405 -6.29 24.13 64.58
CA ALA H 405 -7.26 23.49 63.70
C ALA H 405 -6.64 23.17 62.33
N THR H 406 -5.77 24.07 61.85
CA THR H 406 -5.14 23.87 60.56
C THR H 406 -4.19 22.67 60.61
N ILE H 407 -3.40 22.61 61.67
CA ILE H 407 -2.49 21.50 61.86
C ILE H 407 -3.22 20.17 62.00
N THR H 408 -4.33 20.18 62.73
CA THR H 408 -5.14 18.99 62.87
C THR H 408 -5.67 18.52 61.52
N LEU H 409 -6.18 19.47 60.75
CA LEU H 409 -6.69 19.17 59.42
C LEU H 409 -5.55 18.65 58.54
N SER H 410 -4.41 19.32 58.58
CA SER H 410 -3.28 18.90 57.78
C SER H 410 -2.88 17.46 58.10
N ASN H 411 -2.92 17.13 59.39
CA ASN H 411 -2.50 15.81 59.84
C ASN H 411 -3.57 14.73 59.71
N SER H 412 -4.72 15.08 59.14
CA SER H 412 -5.90 14.18 59.18
C SER H 412 -5.95 13.08 58.14
N THR H 413 -5.00 13.05 57.21
CA THR H 413 -5.00 12.01 56.19
C THR H 413 -4.12 10.85 56.60
N ALA H 414 -4.10 9.80 55.79
CA ALA H 414 -3.30 8.62 56.09
C ALA H 414 -1.82 8.86 55.79
N PHE H 415 -1.50 9.97 55.16
CA PHE H 415 -0.15 10.23 54.67
C PHE H 415 0.65 11.19 55.54
N GLY H 416 1.96 11.18 55.36
CA GLY H 416 2.83 12.06 56.09
C GLY H 416 4.23 12.10 55.48
N LEU H 417 4.39 12.84 54.41
CA LEU H 417 5.63 12.81 53.68
C LEU H 417 6.28 14.18 53.81
N SER H 418 5.87 15.12 52.98
CA SER H 418 6.42 16.45 53.11
C SER H 418 5.33 17.51 53.28
N SER H 419 5.74 18.78 53.26
CA SER H 419 4.82 19.88 53.45
C SER H 419 5.53 21.20 53.20
N GLY H 420 4.76 22.23 52.90
CA GLY H 420 5.29 23.58 52.82
C GLY H 420 4.38 24.54 53.58
N VAL H 421 4.96 25.55 54.21
CA VAL H 421 4.20 26.51 54.99
C VAL H 421 4.70 27.90 54.63
N CYS H 422 3.78 28.78 54.23
CA CYS H 422 4.13 30.15 53.89
C CYS H 422 3.65 31.11 54.97
N THR H 423 4.61 31.76 55.64
CA THR H 423 4.31 32.68 56.73
C THR H 423 5.59 33.45 57.02
N ASN H 424 5.49 34.59 57.69
CA ASN H 424 6.69 35.32 58.11
C ASN H 424 6.80 35.40 59.63
N ASP H 425 5.82 34.83 60.31
CA ASP H 425 5.77 34.84 61.77
C ASP H 425 6.56 33.63 62.31
N TYR H 426 7.70 33.88 62.97
CA TYR H 426 8.59 32.78 63.40
C TYR H 426 7.91 31.82 64.36
N ARG H 427 7.15 32.38 65.30
CA ARG H 427 6.47 31.57 66.29
C ARG H 427 5.57 30.53 65.60
N ARG H 428 4.92 30.96 64.53
CA ARG H 428 4.00 30.09 63.84
C ARG H 428 4.74 29.07 62.99
N MET H 429 5.83 29.51 62.36
CA MET H 429 6.76 28.63 61.65
C MET H 429 7.15 27.44 62.52
N GLN H 430 7.68 27.74 63.71
CA GLN H 430 8.17 26.72 64.62
C GLN H 430 7.04 25.81 65.09
N LYS H 431 5.85 26.38 65.28
CA LYS H 431 4.71 25.58 65.67
C LYS H 431 4.35 24.55 64.59
N TYR H 432 4.34 25.00 63.35
CA TYR H 432 4.07 24.08 62.24
C TYR H 432 5.19 23.06 62.07
N ILE H 433 6.44 23.50 62.21
CA ILE H 433 7.56 22.57 62.05
C ILE H 433 7.43 21.46 63.09
N ALA H 434 7.12 21.84 64.32
CA ALA H 434 6.98 20.85 65.39
C ALA H 434 5.71 20.02 65.29
N GLY H 435 4.63 20.63 64.81
CA GLY H 435 3.31 20.03 64.87
C GLY H 435 2.85 19.19 63.68
N LEU H 436 3.41 19.44 62.49
CA LEU H 436 3.02 18.64 61.33
C LEU H 436 3.62 17.24 61.40
N LYS H 437 2.78 16.23 61.20
CA LYS H 437 3.25 14.85 61.25
C LYS H 437 3.72 14.37 59.88
N VAL H 438 4.94 14.73 59.53
CA VAL H 438 5.46 14.53 58.18
C VAL H 438 6.94 14.34 58.33
N GLY H 439 7.62 13.96 57.25
CA GLY H 439 9.07 13.79 57.29
C GLY H 439 9.83 15.08 57.04
N THR H 440 9.16 16.03 56.39
CA THR H 440 9.81 17.27 56.00
C THR H 440 8.83 18.46 56.09
N VAL H 441 9.30 19.58 56.63
CA VAL H 441 8.54 20.82 56.61
C VAL H 441 9.36 21.93 55.99
N ASN H 442 8.97 22.37 54.80
CA ASN H 442 9.65 23.45 54.12
C ASN H 442 8.98 24.81 54.37
N ILE H 443 9.72 25.76 54.91
CA ILE H 443 9.18 27.10 55.10
C ILE H 443 9.38 27.90 53.81
N TRP H 444 8.28 28.38 53.23
CA TRP H 444 8.35 29.18 52.00
C TRP H 444 8.93 28.43 50.79
N GLU H 445 8.67 27.14 50.70
CA GLU H 445 8.98 26.37 49.50
C GLU H 445 7.88 25.31 49.38
N VAL H 446 7.78 24.67 48.22
CA VAL H 446 6.81 23.61 48.03
C VAL H 446 7.28 22.40 48.81
N PRO H 447 6.36 21.48 49.11
CA PRO H 447 6.74 20.27 49.83
C PRO H 447 7.79 19.47 49.07
N GLY H 448 7.82 19.60 47.75
CA GLY H 448 8.73 18.81 46.96
C GLY H 448 10.17 19.27 47.01
N TYR H 449 10.42 20.41 47.65
CA TYR H 449 11.79 20.93 47.65
C TYR H 449 12.73 20.16 48.58
N ARG H 450 13.92 19.83 48.06
CA ARG H 450 14.97 19.17 48.81
C ARG H 450 16.22 19.18 47.95
N ILE H 451 17.38 18.86 48.51
CA ILE H 451 18.57 18.56 47.71
C ILE H 451 18.78 17.05 47.67
N GLU H 452 19.58 16.54 46.74
CA GLU H 452 19.54 15.09 46.48
C GLU H 452 20.21 14.31 47.61
N MET H 453 20.92 15.02 48.46
CA MET H 453 21.59 14.38 49.58
C MET H 453 21.05 14.72 50.97
N SER H 454 19.90 15.37 51.07
CA SER H 454 19.26 15.55 52.36
C SER H 454 18.37 14.33 52.64
N PRO H 455 18.11 14.02 53.92
CA PRO H 455 17.35 12.80 54.22
C PRO H 455 15.93 12.96 53.71
N PHE H 456 15.44 11.93 53.03
CA PHE H 456 14.12 12.00 52.42
C PHE H 456 13.33 10.75 52.77
N GLY H 457 12.11 10.95 53.26
CA GLY H 457 11.24 9.82 53.56
C GLY H 457 10.12 10.20 54.51
N GLY H 458 9.04 9.44 54.49
CA GLY H 458 7.85 9.84 55.20
C GLY H 458 7.50 8.92 56.33
N ILE H 459 6.35 9.17 56.96
CA ILE H 459 5.84 8.28 58.00
C ILE H 459 4.40 7.90 57.67
N LYS H 460 3.70 7.29 58.62
CA LYS H 460 2.33 6.84 58.38
C LYS H 460 2.27 5.99 57.13
N ASP H 461 1.31 6.23 56.23
CA ASP H 461 1.23 5.44 55.00
C ASP H 461 2.22 5.88 53.93
N SER H 462 3.03 6.89 54.21
CA SER H 462 3.93 7.44 53.21
C SER H 462 5.26 6.67 53.14
N GLY H 463 5.53 5.88 54.16
CA GLY H 463 6.75 5.12 54.18
C GLY H 463 6.96 4.38 55.49
N ASN H 464 7.74 3.30 55.43
CA ASN H 464 7.95 2.47 56.60
C ASN H 464 8.99 3.03 57.56
N GLY H 465 9.40 4.27 57.35
CA GLY H 465 10.20 4.97 58.33
C GLY H 465 11.72 4.98 58.13
N TYR H 466 12.19 4.51 57.00
CA TYR H 466 13.60 4.67 56.66
C TYR H 466 13.82 5.86 55.72
N LYS H 467 14.94 6.55 55.88
CA LYS H 467 15.26 7.67 55.02
C LYS H 467 16.01 7.25 53.74
N GLU H 468 15.74 8.00 52.68
CA GLU H 468 16.35 7.79 51.38
C GLU H 468 17.12 9.08 51.07
N GLY H 469 17.50 9.26 49.82
CA GLY H 469 18.46 10.29 49.46
C GLY H 469 19.80 9.58 49.37
N VAL H 470 20.73 10.15 48.62
CA VAL H 470 22.01 9.49 48.36
C VAL H 470 22.73 9.03 49.64
N ILE H 471 22.89 9.95 50.58
CA ILE H 471 23.64 9.68 51.80
C ILE H 471 22.99 8.56 52.62
N GLU H 472 21.69 8.67 52.86
CA GLU H 472 21.01 7.68 53.69
C GLU H 472 20.91 6.36 52.95
N ALA H 473 20.71 6.43 51.64
CA ALA H 473 20.70 5.19 50.85
C ALA H 473 22.03 4.44 50.95
N MET H 474 23.12 5.18 50.91
CA MET H 474 24.42 4.53 51.00
C MET H 474 24.57 3.80 52.32
N LYS H 475 24.06 4.39 53.39
CA LYS H 475 24.09 3.74 54.69
C LYS H 475 23.19 2.49 54.69
N SER H 476 22.00 2.64 54.12
CA SER H 476 21.04 1.54 54.08
C SER H 476 21.59 0.36 53.30
N PHE H 477 22.43 0.67 52.31
CA PHE H 477 22.92 -0.38 51.42
C PHE H 477 24.14 -1.11 51.97
N THR H 478 24.50 -0.86 53.23
CA THR H 478 25.67 -1.52 53.78
C THR H 478 25.39 -2.16 55.13
N ASN H 479 26.26 -3.08 55.54
CA ASN H 479 26.31 -3.53 56.92
C ASN H 479 27.49 -2.86 57.62
N VAL H 480 27.27 -2.41 58.84
CA VAL H 480 28.37 -1.93 59.65
C VAL H 480 29.07 -3.10 60.33
N LYS H 481 30.38 -3.16 60.21
CA LYS H 481 31.20 -4.12 60.94
C LYS H 481 32.05 -3.34 61.92
N THR H 482 32.10 -3.80 63.16
CA THR H 482 33.03 -3.22 64.13
C THR H 482 34.20 -4.18 64.33
N PHE H 483 35.37 -3.63 64.66
CA PHE H 483 36.48 -4.44 65.14
C PHE H 483 37.17 -3.71 66.29
N SER H 484 37.76 -4.46 67.21
CA SER H 484 38.47 -3.85 68.33
C SER H 484 39.91 -4.35 68.41
N LEU H 485 40.81 -3.47 68.83
CA LEU H 485 42.21 -3.78 68.94
C LEU H 485 42.68 -3.45 70.37
N PRO H 486 43.58 -4.27 70.91
CA PRO H 486 44.26 -3.90 72.16
C PRO H 486 44.85 -2.52 72.00
N TRP H 487 44.70 -1.68 73.01
CA TRP H 487 45.29 -0.34 72.94
C TRP H 487 45.89 0.05 74.31
#